data_8TTW
#
_entry.id   8TTW
#
_cell.length_a   1.00
_cell.length_b   1.00
_cell.length_c   1.00
_cell.angle_alpha   90.00
_cell.angle_beta   90.00
_cell.angle_gamma   90.00
#
_symmetry.space_group_name_H-M   'P 1'
#
loop_
_entity.id
_entity.type
_entity.pdbx_description
1 polymer 'Envelope glycoprotein gp160'
2 polymer 'BG505 SOSIP.664 transmembrane protein gp41'
3 polymer 'Antibody 8anc195 heavy chain'
4 polymer 'Antibody 8anc195 light chain'
5 polymer 'Antibody 10-1074 heavy chain'
6 polymer 'Antibody 10-1074 light chain'
7 branched 2-acetamido-2-deoxy-beta-D-glucopyranose-(1-4)-2-acetamido-2-deoxy-beta-D-glucopyranose
8 branched alpha-D-mannopyranose-(1-2)-alpha-D-mannopyranose-(1-2)-alpha-D-mannopyranose-(1-3)-[alpha-D-mannopyranose-(1-2)-alpha-D-mannopyranose-(1-6)-[alpha-D-mannopyranose-(1-3)]alpha-D-mannopyranose-(1-6)]beta-D-mannopyranose-(1-4)-2-acetamido-2-deoxy-beta-D-glucopyranose-(1-4)-2-acetamido-2-deoxy-beta-D-glucopyranose
9 branched alpha-D-mannopyranose-(1-3)-[alpha-D-mannopyranose-(1-6)]beta-D-mannopyranose-(1-4)-2-acetamido-2-deoxy-beta-D-glucopyranose-(1-4)-2-acetamido-2-deoxy-beta-D-glucopyranose
10 branched alpha-D-mannopyranose-(1-2)-alpha-D-mannopyranose-(1-2)-alpha-D-mannopyranose-(1-3)-[alpha-D-mannopyranose-(1-3)-[alpha-D-mannopyranose-(1-6)]alpha-D-mannopyranose-(1-6)]beta-D-mannopyranose-(1-4)-2-acetamido-2-deoxy-beta-D-glucopyranose-(1-4)-2-acetamido-2-deoxy-beta-D-glucopyranose
11 non-polymer 2-acetamido-2-deoxy-beta-D-glucopyranose
12 non-polymer 1-[4-(benzenecarbonyl)piperazin-1-yl]-2-[4-methoxy-7-(3-methyl-1H-1,2,4-triazol-1-yl)-1H-pyrrolo[2,3-c]pyridin-3-yl]ethane-1,2-dione
#
loop_
_entity_poly.entity_id
_entity_poly.type
_entity_poly.pdbx_seq_one_letter_code
_entity_poly.pdbx_strand_id
1 'polypeptide(L)'
;AENLWVTVYYGVPVWKDAETTLFCASDAKAYETEKHNVWATHACVPTDPNPQEIHLENVTEEFNMWKNNMVEQMHTDIIS
LWDQSLKPCVKLTPLCVTLQCTNVTNNITDDMRGELKNCSFNMTTELRDKKQKVYSLFYRLDVVQINENQGNRSNNSNKE
YRLINCNTSAITQACPKVSFEPIPIHYCAPAGFAILKCKDKKFNGTGPCPSVSTVQCTHGIKPVVSTQLLLNGSLAEEEV
MIRSENITNNAKNILVQFNTPVQINCTRPNNNTRKSIRIGPGQAFYATGDIIGDIRQAHCNVSKATWNETLGKVVKQLRK
HFGNNTIIRFANSSGGDLEVTTHSFNCGGEFFYCNTSGLFNSTWISNTSVQGSNSTGSNDSITLPCRIKQIINMWQRIGQ
AMYAPPIQGVIRCVSNITGLILTRDGGSTNSTTETFRPGGGDMRDNWRSELYKYKVVKIEPLGVAPTRCKRRVVGRRRRR
R
;
A,E,I
2 'polypeptide(L)'
;AVGIGAVFLGFLGAAGSTMGAASMTLTVQARNLLSGIVQQQSNLLRAPEAQQHLLKLTVWGIKQLQARVLAVERYLRDQQ
LLGIWGCSGKLICCTNVPWNSSWSNRNLSEIWDNMTWLQWDKEISNYTQIIYGLLEESQNQQEKNEQDLLALD
;
B,F,J
3 'polypeptide(L)'
;QIHLVQSGTEVKKPGSSVTVSCKAYGVNTFGLYAVNWVRQAPGQSLEYIGQIWRWKSSASHHFRGRVLISAVDLTGSSPP
ISSLEIKNLTSDDTAVYFCTTTSTYDRWSGLHHDGVMAFSSWGQGTLISVSAASTKGPSVFPLAPSSKSTSGGTAALGCL
VKDYFPEPVTVSWNSGALTSGVHTFPAVLQSSGLYSLSSVVTVPSSSLGTQTYICNVNHKPSNTKVDKRVEPKSCDKT
;
C,G,K
4 'polypeptide(L)'
;DIQMTQSPSTLSASTGDTVRISCRASQSITGNWVAWYQQRPGKAPRLLIYRGAALLGGVPSRFRGSAAGTDFTLTIGNLQ
AEDFGTFYCQQYDTYPGTFGQGTKVEVKRTVAAPSVFIFPPSDEQLKSGTASVVCLLNNFYPREAKVQWKVDNALQSGNS
QESVTEQDSKDSTYSLSSTLTLSKADYEKHKVYACEVTHQGLSSPVTKSFNRGEC
;
D,H,L
5 'polypeptide(L)'
;QVQLQESGPGLVKPSETLSVTCSVSGDSMNNYYWTWIRQSPGKGLEWIGYISDRESATYNPSLNSRVVISRDTSKNQLSL
KLNSVTPADTAVYYCATARRGQRIYGVVSFGEFFYYYSMDVWGKGTTVTVSSASTKGPSVFPLAPSSKSTSGGTAALGCL
VKDYFPEPVTVSWNSGALTSGVHTFPAVLQSSGLYSLSSVVTVPSSSLGTQTYICNVNHKPSNTKVDKRVEPKSCDKT
;
M,O,Q
6 'polypeptide(L)'
;SYVRPLSVALGETARISCGRQALGSRAVQWYQHRPGQAPILLIYNNQDRPSGIPERFSGTPDINFGTRATLTISGVEAGD
EADYYCHMWDSRSGFSWSFGGATRLTVLGQPKAAPSVTLFPPSSEELQANKATLVCLISDFYPGAVTVAWKADSSPVKAG
VETTTPSKQSNNKYAASSYLSLTPEQWKSHRSYSCQVTHEGSTVEKTVAPTECS
;
N,P,R
#
loop_
_chem_comp.id
_chem_comp.type
_chem_comp.name
_chem_comp.formula
83J non-polymer 1-[4-(benzenecarbonyl)piperazin-1-yl]-2-[4-methoxy-7-(3-methyl-1H-1,2,4-triazol-1-yl)-1H-pyrrolo[2,3-c]pyridin-3-yl]ethane-1,2-dione 'C24 H23 N7 O4'
BMA D-saccharide, beta linking beta-D-mannopyranose 'C6 H12 O6'
MAN D-saccharide, alpha linking alpha-D-mannopyranose 'C6 H12 O6'
NAG D-saccharide, beta linking 2-acetamido-2-deoxy-beta-D-glucopyranose 'C8 H15 N O6'
#
# COMPACT_ATOMS: atom_id res chain seq x y z
N GLU A 2 25.80 38.99 38.90
CA GLU A 2 27.00 38.61 38.17
C GLU A 2 26.94 37.16 37.72
N ASN A 3 26.35 36.31 38.57
CA ASN A 3 26.22 34.89 38.25
C ASN A 3 24.90 34.65 37.52
N LEU A 4 24.97 33.79 36.49
CA LEU A 4 23.84 33.51 35.62
C LEU A 4 23.52 32.03 35.64
N TRP A 5 22.31 31.70 35.21
CA TRP A 5 21.83 30.33 35.22
C TRP A 5 21.15 30.01 33.89
N VAL A 6 21.31 28.76 33.45
CA VAL A 6 20.72 28.34 32.18
C VAL A 6 19.20 28.25 32.33
N THR A 7 18.48 28.92 31.44
CA THR A 7 17.03 28.82 31.39
C THR A 7 16.63 28.44 29.98
N VAL A 8 15.80 27.44 29.87
CA VAL A 8 15.36 26.94 28.57
C VAL A 8 14.08 27.66 28.16
N TYR A 9 14.02 28.04 26.90
CA TYR A 9 12.84 28.63 26.29
C TYR A 9 12.27 27.64 25.29
N TYR A 10 10.95 27.62 25.16
CA TYR A 10 10.29 26.78 24.17
C TYR A 10 9.43 27.65 23.26
N GLY A 11 9.64 27.51 21.96
CA GLY A 11 8.94 28.33 21.00
C GLY A 11 9.73 29.55 20.59
N VAL A 12 11.05 29.39 20.45
CA VAL A 12 11.92 30.48 20.02
C VAL A 12 12.02 30.46 18.50
N PRO A 13 12.01 31.61 17.82
CA PRO A 13 12.05 31.60 16.36
C PRO A 13 13.44 31.35 15.81
N VAL A 14 13.68 30.12 15.35
CA VAL A 14 14.89 29.75 14.63
C VAL A 14 14.54 28.58 13.74
N TRP A 15 15.16 28.53 12.56
CA TRP A 15 14.79 27.53 11.56
C TRP A 15 16.04 27.11 10.79
N LYS A 16 15.95 25.96 10.16
CA LYS A 16 16.96 25.50 9.23
C LYS A 16 16.31 24.98 7.97
N ASP A 17 17.01 25.11 6.85
CA ASP A 17 16.55 24.48 5.63
C ASP A 17 16.49 22.98 5.83
N ALA A 18 15.38 22.38 5.41
CA ALA A 18 15.21 20.94 5.59
C ALA A 18 14.15 20.38 4.65
N GLU A 19 14.57 19.48 3.77
CA GLU A 19 13.64 18.85 2.85
C GLU A 19 12.76 17.85 3.58
N THR A 20 11.47 17.91 3.32
CA THR A 20 10.50 17.02 3.94
C THR A 20 9.45 16.63 2.89
N THR A 21 8.44 15.89 3.33
CA THR A 21 7.39 15.42 2.44
C THR A 21 6.19 16.35 2.54
N LEU A 22 6.11 17.30 1.61
CA LEU A 22 4.95 18.16 1.48
C LEU A 22 3.77 17.36 0.93
N PHE A 23 2.56 17.77 1.32
CA PHE A 23 1.34 17.11 0.90
C PHE A 23 0.46 18.11 0.15
N CYS A 24 -0.82 17.80 0.06
CA CYS A 24 -1.80 18.56 -0.72
C CYS A 24 -2.71 19.45 0.12
N ALA A 25 -3.14 20.53 -0.53
CA ALA A 25 -4.40 21.21 -0.24
C ALA A 25 -4.97 21.65 -1.56
N SER A 26 -6.17 21.18 -1.89
CA SER A 26 -6.83 21.56 -3.13
C SER A 26 -8.12 22.30 -2.82
N ASP A 27 -8.14 23.59 -3.16
CA ASP A 27 -9.35 24.39 -2.93
C ASP A 27 -10.52 23.85 -3.74
N ALA A 28 -10.26 23.49 -5.00
CA ALA A 28 -11.31 22.98 -5.90
C ALA A 28 -11.47 21.48 -5.66
N LYS A 29 -12.05 21.16 -4.51
CA LYS A 29 -12.53 19.80 -4.29
C LYS A 29 -13.70 19.53 -5.22
N ALA A 30 -14.29 18.34 -5.10
CA ALA A 30 -15.36 17.98 -6.02
C ALA A 30 -16.57 18.87 -5.76
N TYR A 31 -16.67 19.97 -6.49
CA TYR A 31 -17.74 20.94 -6.28
C TYR A 31 -19.05 20.42 -6.84
N GLU A 32 -19.48 19.24 -6.39
CA GLU A 32 -20.73 18.65 -6.84
C GLU A 32 -20.70 18.40 -8.35
N THR A 33 -19.52 18.48 -8.96
CA THR A 33 -19.36 18.26 -10.38
C THR A 33 -18.56 17.00 -10.68
N GLU A 34 -17.48 16.77 -9.94
CA GLU A 34 -16.71 15.54 -10.03
C GLU A 34 -16.00 15.40 -11.37
N LYS A 35 -16.10 14.23 -11.99
CA LYS A 35 -15.23 13.89 -13.12
C LYS A 35 -13.77 13.82 -12.70
N HIS A 36 -13.46 12.83 -11.86
CA HIS A 36 -12.10 12.59 -11.37
C HIS A 36 -11.07 12.82 -12.46
N ASN A 37 -9.95 13.44 -12.08
CA ASN A 37 -8.85 13.72 -12.99
C ASN A 37 -7.62 12.91 -12.58
N VAL A 38 -6.50 13.22 -13.21
CA VAL A 38 -5.24 12.48 -13.06
C VAL A 38 -4.50 12.96 -11.82
N TRP A 39 -5.18 13.70 -10.97
CA TRP A 39 -4.54 14.48 -9.91
C TRP A 39 -5.38 14.54 -8.64
N ALA A 40 -5.17 15.62 -7.89
CA ALA A 40 -5.68 15.86 -6.55
C ALA A 40 -7.17 15.58 -6.34
N THR A 41 -8.02 16.42 -6.92
CA THR A 41 -9.46 16.33 -6.70
C THR A 41 -9.82 15.80 -5.31
N HIS A 42 -10.26 14.54 -5.29
CA HIS A 42 -10.80 13.91 -4.09
C HIS A 42 -9.74 13.80 -3.00
N ALA A 43 -8.54 13.33 -3.35
CA ALA A 43 -7.59 12.84 -2.38
C ALA A 43 -6.76 13.93 -1.72
N CYS A 44 -6.86 15.18 -2.15
CA CYS A 44 -5.97 16.23 -1.67
C CYS A 44 -6.71 17.03 -0.60
N VAL A 45 -6.04 17.26 0.52
CA VAL A 45 -6.70 17.75 1.74
C VAL A 45 -7.34 19.11 1.48
N PRO A 46 -8.50 19.40 2.08
CA PRO A 46 -9.16 20.69 1.84
C PRO A 46 -8.27 21.88 2.18
N THR A 47 -8.37 22.96 1.41
CA THR A 47 -7.54 24.12 1.62
C THR A 47 -8.25 25.16 2.48
N ASP A 48 -7.46 26.01 3.11
CA ASP A 48 -8.01 27.05 3.97
C ASP A 48 -8.80 28.06 3.14
N PRO A 49 -9.95 28.54 3.63
CA PRO A 49 -10.65 29.60 2.89
C PRO A 49 -9.82 30.86 2.71
N ASN A 50 -9.00 31.20 3.69
CA ASN A 50 -8.14 32.38 3.63
C ASN A 50 -6.78 32.03 4.22
N PRO A 51 -5.76 31.80 3.38
CA PRO A 51 -4.45 31.43 3.92
C PRO A 51 -3.82 32.58 4.71
N GLN A 52 -2.96 32.20 5.64
CA GLN A 52 -2.24 33.15 6.49
C GLN A 52 -0.86 33.40 5.89
N GLU A 53 -0.50 34.68 5.73
CA GLU A 53 0.83 35.07 5.30
C GLU A 53 1.40 36.05 6.32
N ILE A 54 2.56 35.71 6.88
CA ILE A 54 3.21 36.49 7.92
C ILE A 54 4.50 37.07 7.33
N HIS A 55 4.64 38.39 7.39
CA HIS A 55 5.80 39.05 6.83
C HIS A 55 6.90 39.12 7.89
N LEU A 56 7.94 38.31 7.71
CA LEU A 56 9.08 38.29 8.63
C LEU A 56 9.90 39.55 8.41
N GLU A 57 9.76 40.51 9.30
CA GLU A 57 10.55 41.73 9.21
C GLU A 57 11.96 41.48 9.74
N ASN A 58 12.90 42.30 9.28
CA ASN A 58 14.26 42.37 9.80
C ASN A 58 15.12 41.26 9.21
N VAL A 59 14.51 40.37 8.42
CA VAL A 59 15.09 39.08 8.07
C VAL A 59 15.41 39.08 6.59
N THR A 60 16.63 38.63 6.26
CA THR A 60 17.08 38.51 4.87
C THR A 60 17.56 37.08 4.65
N GLU A 61 16.72 36.26 4.03
CA GLU A 61 17.10 34.90 3.70
C GLU A 61 17.81 34.86 2.35
N GLU A 62 18.36 33.69 2.04
CA GLU A 62 19.07 33.47 0.79
C GLU A 62 18.39 32.34 0.03
N PHE A 63 18.05 32.59 -1.23
CA PHE A 63 17.37 31.63 -2.06
C PHE A 63 18.28 31.18 -3.19
N ASN A 64 18.15 29.91 -3.57
CA ASN A 64 18.82 29.38 -4.74
C ASN A 64 17.80 28.54 -5.51
N MET A 65 17.29 29.10 -6.61
CA MET A 65 16.18 28.49 -7.31
C MET A 65 16.57 27.17 -7.97
N TRP A 66 17.86 26.86 -8.05
CA TRP A 66 18.35 25.71 -8.80
C TRP A 66 18.79 24.56 -7.91
N LYS A 67 18.83 24.74 -6.60
CA LYS A 67 19.05 23.65 -5.66
C LYS A 67 17.81 23.44 -4.79
N ASN A 68 16.64 23.77 -5.33
CA ASN A 68 15.39 23.63 -4.60
C ASN A 68 14.93 22.19 -4.64
N ASN A 69 14.63 21.63 -3.47
CA ASN A 69 14.06 20.29 -3.38
C ASN A 69 12.55 20.30 -3.36
N MET A 70 11.93 21.47 -3.45
CA MET A 70 10.47 21.54 -3.57
C MET A 70 10.03 21.14 -4.98
N VAL A 71 10.92 21.24 -5.96
CA VAL A 71 10.59 20.89 -7.33
C VAL A 71 11.10 19.51 -7.74
N GLU A 72 12.15 19.01 -7.07
CA GLU A 72 12.57 17.64 -7.29
C GLU A 72 11.63 16.64 -6.64
N GLN A 73 10.72 17.12 -5.77
CA GLN A 73 9.70 16.29 -5.15
C GLN A 73 8.34 16.42 -5.83
N MET A 74 8.06 17.59 -6.42
CA MET A 74 6.87 17.73 -7.25
C MET A 74 7.06 17.03 -8.59
N HIS A 75 8.30 16.86 -9.03
CA HIS A 75 8.56 16.17 -10.29
C HIS A 75 8.13 14.71 -10.21
N THR A 76 8.46 14.04 -9.10
CA THR A 76 8.11 12.64 -8.92
C THR A 76 6.72 12.44 -8.35
N ASP A 77 6.07 13.51 -7.88
CA ASP A 77 4.69 13.43 -7.44
C ASP A 77 3.72 13.43 -8.61
N ILE A 78 4.18 13.80 -9.80
CA ILE A 78 3.33 13.87 -10.97
C ILE A 78 3.62 12.76 -11.97
N ILE A 79 4.84 12.20 -11.94
CA ILE A 79 5.09 10.97 -12.70
C ILE A 79 4.33 9.81 -12.09
N SER A 80 4.13 9.84 -10.77
CA SER A 80 3.44 8.77 -10.06
C SER A 80 1.96 9.02 -9.89
N LEU A 81 1.49 10.23 -10.15
CA LEU A 81 0.05 10.49 -10.27
C LEU A 81 -0.47 10.05 -11.62
N TRP A 82 0.40 10.05 -12.63
CA TRP A 82 0.05 9.56 -13.96
C TRP A 82 0.16 8.05 -14.05
N ASP A 83 1.12 7.46 -13.34
CA ASP A 83 1.24 6.01 -13.30
C ASP A 83 0.05 5.39 -12.61
N GLN A 84 -0.36 5.94 -11.48
CA GLN A 84 -1.43 5.36 -10.68
C GLN A 84 -2.80 5.51 -11.33
N SER A 85 -2.92 6.34 -12.36
CA SER A 85 -4.18 6.50 -13.09
C SER A 85 -4.18 5.78 -14.42
N LEU A 86 -3.04 5.24 -14.85
CA LEU A 86 -2.93 4.50 -16.10
C LEU A 86 -2.75 3.01 -15.89
N LYS A 87 -2.69 2.56 -14.64
CA LYS A 87 -2.59 1.14 -14.33
C LYS A 87 -3.95 0.45 -14.39
N PRO A 88 -5.03 1.08 -13.90
CA PRO A 88 -6.36 0.47 -13.94
C PRO A 88 -7.20 0.79 -15.18
N CYS A 89 -6.64 0.55 -16.37
CA CYS A 89 -7.46 0.57 -17.57
C CYS A 89 -6.70 -0.08 -18.72
N VAL A 90 -7.33 -0.06 -19.89
CA VAL A 90 -7.05 -1.03 -20.95
C VAL A 90 -5.61 -0.95 -21.39
N LYS A 91 -5.03 -2.11 -21.71
CA LYS A 91 -3.72 -2.22 -22.33
C LYS A 91 -3.92 -2.66 -23.78
N LEU A 92 -3.45 -1.84 -24.72
CA LEU A 92 -3.73 -2.04 -26.14
C LEU A 92 -2.64 -2.87 -26.81
N THR A 93 -2.35 -4.01 -26.20
CA THR A 93 -1.42 -4.98 -26.79
C THR A 93 -2.05 -5.71 -27.98
N PRO A 94 -3.37 -5.96 -28.01
CA PRO A 94 -3.96 -6.64 -29.17
C PRO A 94 -3.92 -5.84 -30.45
N LEU A 95 -3.52 -4.57 -30.43
CA LEU A 95 -3.53 -3.71 -31.61
C LEU A 95 -2.18 -3.63 -32.29
N CYS A 96 -1.34 -4.66 -32.16
CA CYS A 96 -0.09 -4.74 -32.90
C CYS A 96 -0.25 -5.53 -34.19
N VAL A 97 -1.44 -5.49 -34.77
CA VAL A 97 -1.70 -6.09 -36.08
C VAL A 97 -1.22 -5.14 -37.16
N THR A 98 -1.15 -5.61 -38.40
CA THR A 98 -0.85 -4.76 -39.53
C THR A 98 -2.15 -4.13 -40.03
N LEU A 99 -2.11 -2.82 -40.26
CA LEU A 99 -3.29 -2.05 -40.65
C LEU A 99 -3.24 -1.79 -42.15
N GLN A 100 -4.39 -1.88 -42.81
CA GLN A 100 -4.48 -1.60 -44.25
C GLN A 100 -5.00 -0.18 -44.43
N CYS A 101 -4.11 0.78 -44.19
CA CYS A 101 -4.50 2.19 -44.15
C CYS A 101 -4.67 2.76 -45.55
N THR A 102 -5.68 3.60 -45.72
CA THR A 102 -5.89 4.36 -46.93
C THR A 102 -6.17 5.81 -46.57
N ASN A 103 -5.66 6.73 -47.39
CA ASN A 103 -5.85 8.15 -47.13
C ASN A 103 -7.33 8.49 -47.12
N VAL A 104 -7.75 9.25 -46.11
CA VAL A 104 -9.17 9.59 -45.99
C VAL A 104 -9.61 10.46 -47.17
N THR A 105 -8.73 11.35 -47.63
CA THR A 105 -9.09 12.28 -48.70
C THR A 105 -8.72 11.72 -50.07
N ASN A 106 -7.43 11.45 -50.28
CA ASN A 106 -6.94 11.00 -51.58
C ASN A 106 -7.13 12.08 -52.62
N ASN A 107 -7.98 11.84 -53.60
CA ASN A 107 -8.35 12.86 -54.58
C ASN A 107 -9.58 13.63 -54.12
N ILE A 108 -9.52 14.14 -52.90
CA ILE A 108 -10.63 14.84 -52.26
C ILE A 108 -10.32 16.32 -52.10
N THR A 109 -9.16 16.66 -51.55
CA THR A 109 -8.78 18.05 -51.37
C THR A 109 -7.28 18.10 -51.09
N ASP A 110 -6.74 19.32 -51.11
CA ASP A 110 -5.32 19.54 -50.85
C ASP A 110 -4.45 18.69 -51.77
N ASP A 111 -3.16 18.59 -51.45
CA ASP A 111 -2.18 17.98 -52.34
C ASP A 111 -2.18 16.46 -52.23
N MET A 112 -3.28 15.87 -51.76
CA MET A 112 -3.35 14.43 -51.51
C MET A 112 -2.64 14.07 -50.21
N ARG A 113 -2.52 15.05 -49.31
CA ARG A 113 -1.83 14.85 -48.04
C ARG A 113 -2.53 13.79 -47.20
N GLY A 114 -1.74 12.94 -46.56
CA GLY A 114 -2.24 11.94 -45.65
C GLY A 114 -2.24 12.37 -44.19
N GLU A 115 -2.85 13.51 -43.88
CA GLU A 115 -2.95 13.92 -42.49
C GLU A 115 -3.80 12.94 -41.68
N LEU A 116 -4.72 12.27 -42.34
CA LEU A 116 -5.59 11.27 -41.73
C LEU A 116 -5.54 10.00 -42.56
N LYS A 117 -5.48 8.85 -41.90
CA LYS A 117 -5.53 7.56 -42.56
C LYS A 117 -6.71 6.75 -42.06
N ASN A 118 -7.28 5.97 -42.95
CA ASN A 118 -8.47 5.17 -42.68
C ASN A 118 -8.04 3.70 -42.67
N CYS A 119 -7.74 3.18 -41.48
CA CYS A 119 -7.05 1.90 -41.33
C CYS A 119 -8.02 0.83 -40.88
N SER A 120 -8.06 -0.28 -41.62
CA SER A 120 -8.86 -1.44 -41.28
C SER A 120 -7.95 -2.60 -40.91
N PHE A 121 -8.34 -3.33 -39.86
CA PHE A 121 -7.51 -4.40 -39.36
C PHE A 121 -8.41 -5.51 -38.81
N ASN A 122 -7.80 -6.65 -38.52
CA ASN A 122 -8.49 -7.82 -37.99
C ASN A 122 -8.39 -7.82 -36.47
N MET A 123 -9.51 -8.13 -35.81
CA MET A 123 -9.49 -8.22 -34.37
C MET A 123 -10.49 -9.26 -33.90
N THR A 124 -10.23 -9.80 -32.71
CA THR A 124 -11.04 -10.87 -32.12
C THR A 124 -12.12 -10.23 -31.25
N THR A 125 -13.30 -10.02 -31.82
CA THR A 125 -14.42 -9.47 -31.07
C THR A 125 -15.24 -10.62 -30.49
N GLU A 126 -15.53 -10.52 -29.18
CA GLU A 126 -16.21 -11.59 -28.46
C GLU A 126 -15.34 -12.83 -28.34
N LEU A 127 -15.56 -13.83 -29.19
CA LEU A 127 -14.85 -15.09 -29.09
C LEU A 127 -13.41 -14.95 -29.56
N ARG A 128 -12.52 -15.71 -28.91
CA ARG A 128 -11.10 -15.65 -29.21
C ARG A 128 -10.72 -16.40 -30.47
N ASP A 129 -11.62 -17.21 -31.03
CA ASP A 129 -11.36 -17.85 -32.30
C ASP A 129 -11.71 -16.90 -33.45
N LYS A 130 -12.97 -16.51 -33.54
CA LYS A 130 -13.42 -15.61 -34.59
C LYS A 130 -12.76 -14.26 -34.44
N LYS A 131 -12.34 -13.69 -35.57
CA LYS A 131 -11.87 -12.31 -35.62
C LYS A 131 -12.50 -11.60 -36.81
N GLN A 132 -13.22 -10.52 -36.53
CA GLN A 132 -13.89 -9.74 -37.55
C GLN A 132 -13.05 -8.53 -37.94
N LYS A 133 -13.37 -7.97 -39.10
CA LYS A 133 -12.63 -6.86 -39.68
C LYS A 133 -13.21 -5.54 -39.15
N VAL A 134 -12.40 -4.79 -38.41
CA VAL A 134 -12.81 -3.49 -37.90
C VAL A 134 -11.99 -2.42 -38.60
N TYR A 135 -12.30 -1.16 -38.30
CA TYR A 135 -11.57 -0.05 -38.87
C TYR A 135 -11.67 1.15 -37.95
N SER A 136 -10.76 2.10 -38.14
CA SER A 136 -10.71 3.30 -37.33
C SER A 136 -9.88 4.35 -38.08
N LEU A 137 -9.99 5.59 -37.63
CA LEU A 137 -9.27 6.69 -38.23
C LEU A 137 -8.02 6.98 -37.39
N PHE A 138 -6.86 6.89 -38.03
CA PHE A 138 -5.59 7.14 -37.38
C PHE A 138 -4.93 8.35 -38.01
N TYR A 139 -4.11 9.03 -37.23
CA TYR A 139 -3.32 10.14 -37.75
C TYR A 139 -2.04 9.63 -38.38
N ARG A 140 -1.50 10.42 -39.31
CA ARG A 140 -0.26 10.04 -39.95
C ARG A 140 0.92 10.02 -38.98
N LEU A 141 0.75 10.60 -37.79
CA LEU A 141 1.83 10.64 -36.81
C LEU A 141 1.91 9.36 -35.99
N ASP A 142 0.98 8.43 -36.16
CA ASP A 142 0.92 7.24 -35.32
C ASP A 142 0.96 5.93 -36.08
N VAL A 143 1.14 5.97 -37.39
CA VAL A 143 1.24 4.77 -38.21
C VAL A 143 2.56 4.81 -38.96
N VAL A 144 3.31 3.72 -38.89
CA VAL A 144 4.59 3.58 -39.57
C VAL A 144 4.43 2.57 -40.68
N GLN A 145 4.65 3.00 -41.92
CA GLN A 145 4.62 2.07 -43.03
C GLN A 145 5.68 1.00 -42.84
N ILE A 146 5.32 -0.25 -43.10
CA ILE A 146 6.24 -1.38 -43.01
C ILE A 146 6.42 -1.95 -44.41
N ASN A 147 7.68 -2.04 -44.85
CA ASN A 147 8.01 -2.57 -46.16
C ASN A 147 9.46 -3.01 -46.21
N ASN A 158 -2.41 1.75 -50.82
CA ASN A 158 -3.08 0.98 -49.78
C ASN A 158 -2.10 0.02 -49.12
N LYS A 159 -0.91 0.53 -48.82
CA LYS A 159 0.11 -0.27 -48.17
C LYS A 159 -0.25 -0.53 -46.72
N GLU A 160 0.45 -1.48 -46.11
CA GLU A 160 0.20 -1.84 -44.72
C GLU A 160 1.03 -0.98 -43.78
N TYR A 161 0.45 -0.63 -42.64
CA TYR A 161 1.05 0.23 -41.64
C TYR A 161 1.18 -0.53 -40.34
N ARG A 162 1.53 0.20 -39.29
CA ARG A 162 1.48 -0.31 -37.93
C ARG A 162 1.66 0.86 -36.99
N LEU A 163 1.24 0.67 -35.74
CA LEU A 163 1.30 1.77 -34.79
C LEU A 163 2.74 2.17 -34.53
N ILE A 164 2.96 3.48 -34.40
CA ILE A 164 4.31 4.00 -34.25
C ILE A 164 5.03 3.36 -33.08
N ASN A 165 4.28 3.01 -32.03
CA ASN A 165 4.86 2.65 -30.75
C ASN A 165 5.29 1.20 -30.64
N CYS A 166 4.50 0.26 -31.16
CA CYS A 166 4.61 -1.08 -30.61
C CYS A 166 5.66 -1.92 -31.32
N ASN A 167 6.87 -1.36 -31.41
CA ASN A 167 8.10 -2.13 -31.45
C ASN A 167 9.08 -1.70 -30.37
N THR A 168 8.73 -0.67 -29.58
CA THR A 168 9.60 -0.16 -28.53
C THR A 168 8.90 0.10 -27.20
N SER A 169 7.58 0.30 -27.18
CA SER A 169 6.89 0.69 -25.97
C SER A 169 5.56 -0.04 -25.88
N ALA A 170 4.99 -0.05 -24.68
CA ALA A 170 3.73 -0.75 -24.40
C ALA A 170 2.62 0.27 -24.17
N ILE A 171 1.56 0.16 -24.95
CA ILE A 171 0.49 1.15 -24.95
C ILE A 171 -0.55 0.78 -23.90
N THR A 172 -1.05 1.80 -23.20
CA THR A 172 -2.07 1.64 -22.16
C THR A 172 -3.09 2.74 -22.34
N GLN A 173 -4.22 2.42 -22.97
CA GLN A 173 -5.27 3.40 -23.21
C GLN A 173 -5.67 4.10 -21.92
N ALA A 174 -5.66 5.43 -21.98
CA ALA A 174 -6.14 6.22 -20.86
C ALA A 174 -7.63 6.01 -20.65
N CYS A 175 -7.96 5.85 -19.37
CA CYS A 175 -9.28 5.55 -18.93
C CYS A 175 -10.15 6.73 -19.33
N PRO A 176 -11.20 6.58 -20.17
CA PRO A 176 -11.96 7.74 -20.67
C PRO A 176 -12.83 8.55 -19.71
N LYS A 177 -12.85 8.21 -18.43
CA LYS A 177 -13.68 8.96 -17.47
C LYS A 177 -12.88 9.98 -16.68
N VAL A 178 -11.57 9.80 -16.54
CA VAL A 178 -10.77 10.79 -15.85
C VAL A 178 -10.61 12.01 -16.74
N SER A 179 -10.56 13.18 -16.11
CA SER A 179 -10.40 14.44 -16.81
C SER A 179 -8.94 14.87 -16.82
N PHE A 180 -8.55 15.61 -17.86
CA PHE A 180 -7.18 16.04 -18.05
C PHE A 180 -7.00 17.53 -17.81
N GLU A 181 -8.03 18.20 -17.30
CA GLU A 181 -7.94 19.64 -17.06
C GLU A 181 -7.21 19.91 -15.75
N PRO A 182 -6.07 20.59 -15.77
CA PRO A 182 -5.32 20.80 -14.53
C PRO A 182 -6.13 21.58 -13.51
N ILE A 183 -6.01 21.19 -12.25
CA ILE A 183 -6.68 21.83 -11.14
C ILE A 183 -5.60 22.39 -10.23
N PRO A 184 -5.71 23.63 -9.76
CA PRO A 184 -4.65 24.21 -8.93
C PRO A 184 -4.38 23.35 -7.70
N ILE A 185 -3.10 23.22 -7.37
CA ILE A 185 -2.64 22.41 -6.24
C ILE A 185 -1.84 23.30 -5.31
N HIS A 186 -2.13 23.23 -4.02
CA HIS A 186 -1.33 23.90 -3.00
C HIS A 186 -0.47 22.85 -2.31
N TYR A 187 0.83 23.12 -2.22
CA TYR A 187 1.78 22.20 -1.60
C TYR A 187 2.02 22.67 -0.18
N CYS A 188 1.42 21.97 0.78
CA CYS A 188 1.47 22.38 2.17
C CYS A 188 2.56 21.60 2.90
N ALA A 189 3.02 22.16 4.03
CA ALA A 189 4.08 21.54 4.82
C ALA A 189 3.54 21.07 6.16
N PRO A 190 4.04 19.94 6.67
CA PRO A 190 3.56 19.43 7.96
C PRO A 190 3.76 20.46 9.06
N ALA A 191 3.24 20.12 10.24
CA ALA A 191 3.43 20.95 11.41
C ALA A 191 4.88 20.89 11.88
N GLY A 192 5.41 22.03 12.30
CA GLY A 192 6.82 22.15 12.65
C GLY A 192 7.71 22.58 11.51
N PHE A 193 7.18 22.67 10.29
CA PHE A 193 7.90 23.19 9.15
C PHE A 193 7.15 24.40 8.61
N ALA A 194 7.87 25.26 7.90
CA ALA A 194 7.26 26.42 7.27
C ALA A 194 7.88 26.62 5.90
N ILE A 195 7.15 27.30 5.04
CA ILE A 195 7.60 27.64 3.69
C ILE A 195 7.87 29.13 3.65
N LEU A 196 9.08 29.52 3.26
CA LEU A 196 9.48 30.91 3.20
C LEU A 196 9.27 31.42 1.77
N LYS A 197 8.49 32.48 1.63
CA LYS A 197 8.17 33.06 0.34
C LYS A 197 8.94 34.36 0.15
N CYS A 198 9.65 34.48 -0.96
CA CYS A 198 10.38 35.69 -1.27
C CYS A 198 9.42 36.69 -1.91
N LYS A 199 9.08 37.75 -1.17
CA LYS A 199 8.15 38.77 -1.63
C LYS A 199 8.82 39.83 -2.48
N ASP A 200 10.03 39.55 -2.98
CA ASP A 200 10.70 40.47 -3.90
C ASP A 200 9.99 40.48 -5.24
N LYS A 201 9.87 41.66 -5.84
CA LYS A 201 9.23 41.82 -7.14
C LYS A 201 10.19 41.65 -8.30
N LYS A 202 11.49 41.70 -8.06
CA LYS A 202 12.52 41.55 -9.09
C LYS A 202 13.43 40.38 -8.78
N PHE A 203 12.84 39.26 -8.35
CA PHE A 203 13.62 38.13 -7.90
C PHE A 203 14.01 37.26 -9.08
N ASN A 204 15.29 36.89 -9.13
CA ASN A 204 15.84 35.99 -10.13
C ASN A 204 16.35 34.69 -9.53
N GLY A 205 15.74 34.26 -8.42
CA GLY A 205 15.87 32.92 -7.91
C GLY A 205 17.18 32.60 -7.25
N THR A 206 18.07 33.57 -7.05
CA THR A 206 19.36 33.32 -6.44
C THR A 206 19.82 34.60 -5.76
N GLY A 207 20.42 34.44 -4.58
CA GLY A 207 20.91 35.57 -3.83
C GLY A 207 19.95 35.97 -2.71
N PRO A 208 20.39 36.91 -1.87
CA PRO A 208 19.57 37.30 -0.72
C PRO A 208 18.23 37.90 -1.14
N CYS A 209 17.21 37.59 -0.35
CA CYS A 209 15.87 38.17 -0.48
C CYS A 209 15.60 38.93 0.80
N PRO A 210 15.76 40.26 0.81
CA PRO A 210 15.63 41.03 2.05
C PRO A 210 14.18 41.22 2.50
N SER A 211 13.20 40.82 1.71
CA SER A 211 11.79 40.91 2.07
C SER A 211 11.20 39.51 2.00
N VAL A 212 11.26 38.80 3.12
CA VAL A 212 10.82 37.41 3.19
C VAL A 212 9.43 37.35 3.81
N SER A 213 8.78 36.20 3.73
CA SER A 213 7.45 35.99 4.29
C SER A 213 7.32 34.52 4.65
N THR A 214 6.35 34.23 5.52
CA THR A 214 6.09 32.87 5.96
C THR A 214 4.67 32.48 5.58
N VAL A 215 4.53 31.34 4.90
CA VAL A 215 3.25 30.85 4.45
C VAL A 215 3.12 29.39 4.85
N GLN A 216 1.88 28.94 5.03
CA GLN A 216 1.66 27.53 5.34
C GLN A 216 1.89 26.65 4.13
N CYS A 217 1.35 27.05 2.97
CA CYS A 217 1.67 26.35 1.74
C CYS A 217 1.45 27.27 0.54
N THR A 218 2.04 26.86 -0.57
CA THR A 218 2.17 27.67 -1.77
C THR A 218 0.80 28.02 -2.35
N HIS A 219 0.82 28.93 -3.32
CA HIS A 219 -0.37 29.28 -4.07
C HIS A 219 -0.77 28.12 -4.98
N GLY A 220 -1.87 28.31 -5.70
CA GLY A 220 -2.33 27.29 -6.63
C GLY A 220 -1.36 27.10 -7.77
N ILE A 221 -1.00 25.86 -8.05
CA ILE A 221 -0.05 25.52 -9.11
C ILE A 221 -0.73 24.51 -10.03
N LYS A 222 -1.21 24.98 -11.17
CA LYS A 222 -1.76 24.06 -12.16
C LYS A 222 -0.65 23.16 -12.69
N PRO A 223 -0.81 21.85 -12.62
CA PRO A 223 0.20 20.92 -13.16
C PRO A 223 0.13 20.80 -14.68
N VAL A 224 0.16 21.92 -15.37
CA VAL A 224 0.14 21.95 -16.83
C VAL A 224 1.56 21.81 -17.35
N VAL A 225 1.78 20.82 -18.21
CA VAL A 225 3.09 20.55 -18.80
C VAL A 225 3.03 20.94 -20.27
N SER A 226 4.03 21.70 -20.71
CA SER A 226 4.12 22.17 -22.08
C SER A 226 5.58 22.36 -22.44
N THR A 227 5.84 22.60 -23.72
CA THR A 227 7.19 22.81 -24.20
C THR A 227 7.24 24.08 -25.05
N GLN A 228 8.33 24.83 -24.90
CA GLN A 228 8.68 26.05 -25.61
C GLN A 228 7.88 27.25 -25.12
N LEU A 229 6.86 27.06 -24.30
CA LEU A 229 5.99 28.17 -23.88
C LEU A 229 5.24 27.72 -22.65
N LEU A 230 5.29 28.54 -21.60
CA LEU A 230 4.71 28.20 -20.31
C LEU A 230 3.31 28.79 -20.24
N LEU A 231 2.31 27.95 -20.48
CA LEU A 231 0.91 28.40 -20.55
C LEU A 231 0.28 28.40 -19.17
N ASN A 232 -0.63 29.35 -18.95
CA ASN A 232 -1.46 29.39 -17.75
C ASN A 232 -0.65 29.49 -16.47
N GLY A 233 0.58 29.96 -16.56
CA GLY A 233 1.45 30.07 -15.41
C GLY A 233 1.21 31.35 -14.64
N SER A 234 2.23 31.74 -13.87
CA SER A 234 2.20 32.98 -13.10
C SER A 234 3.08 34.01 -13.77
N LEU A 235 2.68 35.27 -13.67
CA LEU A 235 3.34 36.36 -14.36
C LEU A 235 4.23 37.17 -13.42
N ALA A 236 5.28 37.75 -13.98
CA ALA A 236 6.13 38.64 -13.22
C ALA A 236 5.36 39.90 -12.85
N GLU A 237 5.62 40.41 -11.65
CA GLU A 237 4.86 41.55 -11.15
C GLU A 237 5.21 42.83 -11.89
N GLU A 238 6.49 43.04 -12.21
CA GLU A 238 6.95 44.31 -12.75
C GLU A 238 7.47 44.19 -14.18
N GLU A 239 8.44 43.31 -14.44
CA GLU A 239 9.13 43.28 -15.72
C GLU A 239 9.35 41.83 -16.15
N VAL A 240 9.78 41.67 -17.39
CA VAL A 240 10.18 40.35 -17.88
C VAL A 240 11.41 39.89 -17.12
N MET A 241 11.39 38.66 -16.63
CA MET A 241 12.45 38.13 -15.77
C MET A 241 13.14 36.97 -16.47
N ILE A 242 14.47 37.06 -16.57
CA ILE A 242 15.29 36.04 -17.19
C ILE A 242 16.01 35.27 -16.09
N ARG A 243 15.85 33.95 -16.07
CA ARG A 243 16.45 33.11 -15.04
C ARG A 243 17.10 31.90 -15.70
N SER A 244 18.41 31.77 -15.53
CA SER A 244 19.14 30.61 -16.01
C SER A 244 20.06 30.12 -14.91
N GLU A 245 20.31 28.80 -14.92
CA GLU A 245 21.21 28.22 -13.92
C GLU A 245 22.62 28.76 -14.06
N ASN A 246 23.08 28.90 -15.30
CA ASN A 246 24.43 29.40 -15.59
C ASN A 246 24.31 30.17 -16.90
N ILE A 247 24.11 31.49 -16.81
CA ILE A 247 23.77 32.27 -17.99
C ILE A 247 24.89 32.32 -19.02
N THR A 248 26.06 31.79 -18.72
CA THR A 248 27.15 31.72 -19.67
C THR A 248 27.33 30.33 -20.27
N ASN A 249 26.42 29.40 -19.98
CA ASN A 249 26.48 28.05 -20.52
C ASN A 249 25.40 27.90 -21.58
N ASN A 250 25.78 27.36 -22.75
CA ASN A 250 24.81 27.14 -23.81
C ASN A 250 23.91 25.95 -23.50
N ALA A 251 24.39 24.98 -22.72
CA ALA A 251 23.62 23.80 -22.37
C ALA A 251 22.57 24.08 -21.32
N LYS A 252 22.53 25.28 -20.76
CA LYS A 252 21.57 25.65 -19.73
C LYS A 252 20.38 26.35 -20.36
N ASN A 253 19.17 25.91 -20.00
CA ASN A 253 17.97 26.56 -20.48
C ASN A 253 17.80 27.94 -19.84
N ILE A 254 17.07 28.80 -20.52
CA ILE A 254 16.72 30.13 -20.03
C ILE A 254 15.21 30.18 -19.85
N LEU A 255 14.76 30.62 -18.68
CA LEU A 255 13.35 30.69 -18.36
C LEU A 255 12.93 32.15 -18.32
N VAL A 256 12.16 32.58 -19.31
CA VAL A 256 11.60 33.93 -19.35
C VAL A 256 10.25 33.91 -18.67
N GLN A 257 9.82 35.07 -18.16
CA GLN A 257 8.54 35.18 -17.48
C GLN A 257 7.90 36.51 -17.86
N PHE A 258 6.74 36.45 -18.50
CA PHE A 258 6.07 37.64 -18.99
C PHE A 258 5.38 38.37 -17.85
N ASN A 259 5.47 39.70 -17.86
CA ASN A 259 4.71 40.50 -16.91
C ASN A 259 3.24 40.59 -17.33
N THR A 260 2.95 40.48 -18.62
CA THR A 260 1.59 40.51 -19.14
C THR A 260 1.37 39.28 -20.00
N PRO A 261 0.27 38.56 -19.82
CA PRO A 261 0.04 37.35 -20.59
C PRO A 261 -0.21 37.66 -22.06
N VAL A 262 0.18 36.72 -22.92
CA VAL A 262 -0.15 36.74 -24.33
C VAL A 262 -1.16 35.64 -24.57
N GLN A 263 -2.37 36.01 -24.99
CA GLN A 263 -3.43 35.04 -25.17
C GLN A 263 -3.23 34.24 -26.45
N ILE A 264 -3.43 32.94 -26.36
CA ILE A 264 -3.28 32.02 -27.49
C ILE A 264 -4.54 31.19 -27.60
N ASN A 265 -5.28 31.36 -28.69
CA ASN A 265 -6.49 30.58 -28.96
C ASN A 265 -6.15 29.50 -29.97
N CYS A 266 -6.67 28.31 -29.75
CA CYS A 266 -6.61 27.30 -30.80
C CYS A 266 -7.60 26.17 -30.59
N THR A 267 -7.84 25.46 -31.69
CA THR A 267 -9.00 24.61 -31.87
C THR A 267 -8.60 23.33 -32.58
N ARG A 268 -9.49 22.34 -32.49
CA ARG A 268 -9.50 21.20 -33.40
C ARG A 268 -10.87 21.26 -34.08
N PRO A 269 -10.99 21.97 -35.19
CA PRO A 269 -12.32 22.28 -35.74
C PRO A 269 -13.03 21.08 -36.35
N ASN A 270 -12.45 19.90 -36.29
CA ASN A 270 -13.09 18.71 -36.83
C ASN A 270 -14.04 18.12 -35.80
N ASN A 271 -15.29 17.92 -36.20
CA ASN A 271 -16.31 17.35 -35.32
C ASN A 271 -16.15 15.84 -35.35
N ASN A 272 -15.25 15.34 -34.50
CA ASN A 272 -14.96 13.92 -34.47
C ASN A 272 -16.12 13.14 -33.86
N THR A 273 -15.97 11.82 -33.83
CA THR A 273 -16.97 10.93 -33.25
C THR A 273 -16.26 9.69 -32.74
N ARG A 274 -16.34 9.45 -31.44
CA ARG A 274 -15.71 8.28 -30.85
C ARG A 274 -16.57 7.05 -31.09
N LYS A 275 -15.92 5.93 -31.41
CA LYS A 275 -16.60 4.66 -31.60
C LYS A 275 -15.85 3.59 -30.83
N SER A 276 -16.59 2.58 -30.36
CA SER A 276 -16.05 1.56 -29.47
C SER A 276 -15.77 0.28 -30.25
N ILE A 277 -14.57 -0.26 -30.06
CA ILE A 277 -14.17 -1.55 -30.62
C ILE A 277 -13.83 -2.47 -29.45
N ARG A 278 -14.34 -3.69 -29.50
CA ARG A 278 -14.12 -4.65 -28.42
C ARG A 278 -12.82 -5.41 -28.67
N ILE A 279 -11.77 -5.07 -27.92
CA ILE A 279 -10.50 -5.77 -28.06
C ILE A 279 -10.47 -7.06 -27.26
N GLY A 280 -11.41 -7.24 -26.33
CA GLY A 280 -11.48 -8.45 -25.53
C GLY A 280 -12.78 -8.48 -24.75
N PRO A 281 -12.96 -9.50 -23.91
CA PRO A 281 -14.14 -9.55 -23.04
C PRO A 281 -14.03 -8.52 -21.93
N GLY A 282 -14.98 -7.60 -21.90
CA GLY A 282 -14.94 -6.51 -20.93
C GLY A 282 -13.81 -5.53 -21.15
N GLN A 283 -13.49 -5.22 -22.40
CA GLN A 283 -12.43 -4.29 -22.73
C GLN A 283 -12.76 -3.63 -24.06
N ALA A 284 -12.84 -2.31 -24.07
CA ALA A 284 -13.26 -1.58 -25.26
C ALA A 284 -12.15 -0.63 -25.71
N PHE A 285 -11.91 -0.63 -27.02
CA PHE A 285 -10.97 0.29 -27.65
C PHE A 285 -11.76 1.44 -28.26
N TYR A 286 -11.47 2.66 -27.84
CA TYR A 286 -12.22 3.84 -28.24
C TYR A 286 -11.54 4.48 -29.44
N ALA A 287 -11.93 4.06 -30.64
CA ALA A 287 -11.36 4.56 -31.87
C ALA A 287 -12.17 5.74 -32.38
N THR A 288 -11.79 6.26 -33.55
CA THR A 288 -12.48 7.36 -34.19
C THR A 288 -13.32 6.82 -35.34
N GLY A 289 -14.63 7.03 -35.26
CA GLY A 289 -15.52 6.55 -36.30
C GLY A 289 -15.38 7.32 -37.60
N ASP A 290 -15.77 8.59 -37.59
CA ASP A 290 -15.77 9.40 -38.80
C ASP A 290 -15.72 10.87 -38.38
N ILE A 291 -15.75 11.76 -39.38
CA ILE A 291 -15.76 13.20 -39.17
C ILE A 291 -17.02 13.75 -39.81
N ILE A 292 -17.80 14.51 -39.05
CA ILE A 292 -19.06 15.06 -39.53
C ILE A 292 -18.78 16.48 -40.00
N GLY A 293 -18.62 16.65 -41.32
CA GLY A 293 -18.40 17.96 -41.88
C GLY A 293 -17.11 18.07 -42.66
N ASP A 294 -16.66 19.30 -42.91
CA ASP A 294 -15.41 19.51 -43.60
C ASP A 294 -14.23 19.11 -42.72
N ILE A 295 -13.18 18.61 -43.37
CA ILE A 295 -11.97 18.19 -42.66
C ILE A 295 -11.03 19.39 -42.66
N ARG A 296 -10.92 20.05 -41.52
CA ARG A 296 -10.09 21.23 -41.34
C ARG A 296 -8.84 20.89 -40.54
N GLN A 297 -7.95 21.86 -40.43
CA GLN A 297 -6.67 21.69 -39.76
C GLN A 297 -6.69 22.43 -38.43
N ALA A 298 -6.07 21.82 -37.42
CA ALA A 298 -5.92 22.49 -36.13
C ALA A 298 -4.90 23.61 -36.23
N HIS A 299 -4.97 24.56 -35.31
CA HIS A 299 -4.11 25.72 -35.35
C HIS A 299 -4.32 26.55 -34.10
N CYS A 300 -3.26 27.20 -33.64
CA CYS A 300 -3.32 28.16 -32.54
C CYS A 300 -3.17 29.56 -33.12
N ASN A 301 -3.80 30.54 -32.48
CA ASN A 301 -3.76 31.93 -32.93
C ASN A 301 -3.15 32.80 -31.84
N VAL A 302 -2.20 33.65 -32.23
CA VAL A 302 -1.59 34.62 -31.33
C VAL A 302 -1.64 35.99 -32.00
N SER A 303 -1.95 37.02 -31.22
CA SER A 303 -2.00 38.37 -31.76
C SER A 303 -0.63 38.78 -32.28
N LYS A 304 -0.60 39.35 -33.48
CA LYS A 304 0.67 39.73 -34.10
C LYS A 304 1.30 40.92 -33.38
N ALA A 305 0.49 41.89 -32.97
CA ALA A 305 1.02 43.07 -32.29
C ALA A 305 1.39 42.77 -30.84
N THR A 306 0.54 42.03 -30.12
CA THR A 306 0.83 41.74 -28.72
C THR A 306 2.08 40.88 -28.59
N TRP A 307 2.26 39.90 -29.47
CA TRP A 307 3.49 39.12 -29.46
C TRP A 307 4.68 39.99 -29.82
N ASN A 308 4.52 40.90 -30.78
CA ASN A 308 5.62 41.74 -31.21
C ASN A 308 6.15 42.61 -30.08
N GLU A 309 5.26 43.22 -29.30
CA GLU A 309 5.69 44.09 -28.22
C GLU A 309 6.21 43.29 -27.03
N THR A 310 5.62 42.12 -26.77
CA THR A 310 6.11 41.27 -25.69
C THR A 310 7.46 40.65 -26.00
N LEU A 311 7.79 40.49 -27.29
CA LEU A 311 9.09 39.97 -27.68
C LEU A 311 10.15 41.05 -27.73
N GLY A 312 9.76 42.33 -27.73
CA GLY A 312 10.72 43.40 -27.58
C GLY A 312 11.01 43.76 -26.14
N LYS A 313 10.17 43.31 -25.22
CA LYS A 313 10.49 43.40 -23.79
C LYS A 313 11.49 42.32 -23.39
N VAL A 314 11.41 41.16 -24.03
CA VAL A 314 12.36 40.08 -23.75
C VAL A 314 13.75 40.46 -24.24
N VAL A 315 13.84 41.04 -25.44
CA VAL A 315 15.14 41.42 -25.98
C VAL A 315 15.78 42.56 -25.22
N LYS A 316 14.97 43.38 -24.53
CA LYS A 316 15.53 44.44 -23.71
C LYS A 316 16.21 43.88 -22.47
N GLN A 317 15.61 42.86 -21.86
CA GLN A 317 16.24 42.21 -20.71
C GLN A 317 17.36 41.27 -21.12
N LEU A 318 17.24 40.62 -22.28
CA LEU A 318 18.34 39.81 -22.79
C LEU A 318 19.58 40.66 -23.07
N ARG A 319 19.41 41.96 -23.22
CA ARG A 319 20.54 42.87 -23.40
C ARG A 319 21.21 43.24 -22.09
N LYS A 320 20.59 42.94 -20.95
CA LYS A 320 21.21 43.16 -19.66
C LYS A 320 22.24 42.09 -19.32
N HIS A 321 22.16 40.93 -19.97
CA HIS A 321 23.12 39.85 -19.76
C HIS A 321 24.04 39.62 -20.95
N PHE A 322 23.71 40.15 -22.11
CA PHE A 322 24.44 39.89 -23.35
C PHE A 322 24.92 41.18 -24.00
N GLY A 323 25.22 42.19 -23.18
CA GLY A 323 25.72 43.44 -23.71
C GLY A 323 24.64 44.39 -24.16
N ASN A 324 24.78 45.66 -23.78
CA ASN A 324 23.77 46.66 -24.16
C ASN A 324 23.75 46.88 -25.66
N ASN A 325 24.83 46.56 -26.37
CA ASN A 325 24.94 46.77 -27.80
C ASN A 325 25.26 45.42 -28.46
N THR A 326 24.22 44.67 -28.79
CA THR A 326 24.38 43.39 -29.48
C THR A 326 23.10 43.09 -30.24
N ILE A 327 23.23 42.31 -31.31
CA ILE A 327 22.11 41.93 -32.15
C ILE A 327 21.61 40.58 -31.67
N ILE A 328 20.34 40.53 -31.29
CA ILE A 328 19.72 39.33 -30.73
C ILE A 328 18.65 38.85 -31.70
N ARG A 329 18.79 37.62 -32.18
CA ARG A 329 17.84 37.06 -33.13
C ARG A 329 17.32 35.73 -32.59
N PHE A 330 16.02 35.52 -32.76
CA PHE A 330 15.37 34.28 -32.38
C PHE A 330 15.21 33.39 -33.60
N ALA A 331 15.38 32.09 -33.40
CA ALA A 331 15.22 31.12 -34.47
C ALA A 331 14.44 29.93 -33.95
N ASN A 332 13.87 29.17 -34.88
CA ASN A 332 13.04 28.04 -34.50
C ASN A 332 13.91 26.87 -34.03
N SER A 333 13.28 25.93 -33.34
CA SER A 333 14.00 24.84 -32.71
C SER A 333 14.74 24.00 -33.75
N SER A 334 15.92 23.53 -33.37
CA SER A 334 16.83 22.85 -34.30
C SER A 334 16.41 21.41 -34.55
N GLY A 335 16.38 20.58 -33.51
CA GLY A 335 16.06 19.18 -33.68
C GLY A 335 15.60 18.55 -32.38
N GLY A 336 15.27 17.27 -32.47
CA GLY A 336 14.81 16.50 -31.34
C GLY A 336 13.45 15.88 -31.61
N ASP A 337 12.83 15.41 -30.53
CA ASP A 337 11.49 14.84 -30.65
C ASP A 337 10.50 15.90 -31.11
N LEU A 338 9.28 15.45 -31.44
CA LEU A 338 8.24 16.39 -31.82
C LEU A 338 7.79 17.25 -30.65
N GLU A 339 8.12 16.86 -29.42
CA GLU A 339 7.70 17.65 -28.26
C GLU A 339 8.72 18.71 -27.89
N VAL A 340 9.98 18.55 -28.31
CA VAL A 340 11.00 19.55 -28.02
C VAL A 340 11.14 20.55 -29.16
N THR A 341 10.85 20.15 -30.39
CA THR A 341 10.94 21.02 -31.55
C THR A 341 9.64 21.75 -31.86
N THR A 342 8.54 21.39 -31.20
CA THR A 342 7.25 22.02 -31.43
C THR A 342 6.62 22.36 -30.08
N HIS A 343 5.77 23.38 -30.08
CA HIS A 343 5.07 23.77 -28.87
C HIS A 343 3.95 22.78 -28.63
N SER A 344 4.22 21.76 -27.81
CA SER A 344 3.25 20.72 -27.52
C SER A 344 2.57 21.01 -26.19
N PHE A 345 1.25 20.89 -26.17
CA PHE A 345 0.46 21.05 -24.96
C PHE A 345 -0.68 20.03 -25.01
N ASN A 346 -1.62 20.17 -24.08
CA ASN A 346 -2.74 19.24 -23.96
C ASN A 346 -4.00 20.06 -23.72
N CYS A 347 -4.78 20.27 -24.77
CA CYS A 347 -5.95 21.14 -24.74
C CYS A 347 -7.21 20.28 -24.67
N GLY A 348 -7.72 20.08 -23.47
CA GLY A 348 -8.92 19.29 -23.28
C GLY A 348 -8.80 17.82 -23.63
N GLY A 349 -7.73 17.18 -23.20
CA GLY A 349 -7.52 15.77 -23.48
C GLY A 349 -6.97 15.46 -24.85
N GLU A 350 -6.66 16.49 -25.64
CA GLU A 350 -6.10 16.35 -26.98
C GLU A 350 -4.74 16.99 -27.01
N PHE A 351 -3.74 16.26 -27.52
CA PHE A 351 -2.35 16.70 -27.46
C PHE A 351 -1.95 17.34 -28.78
N PHE A 352 -1.63 18.63 -28.73
CA PHE A 352 -1.25 19.42 -29.89
C PHE A 352 0.25 19.54 -29.97
N TYR A 353 0.77 19.60 -31.20
CA TYR A 353 2.18 19.86 -31.45
C TYR A 353 2.27 20.97 -32.49
N CYS A 354 2.21 22.21 -32.01
CA CYS A 354 2.11 23.36 -32.91
C CYS A 354 3.47 23.74 -33.46
N ASN A 355 3.47 24.21 -34.71
CA ASN A 355 4.69 24.62 -35.40
C ASN A 355 4.95 26.09 -35.05
N THR A 356 5.81 26.31 -34.06
CA THR A 356 6.10 27.65 -33.56
C THR A 356 7.28 28.27 -34.30
N SER A 357 7.17 28.30 -35.64
CA SER A 357 8.21 28.89 -36.47
C SER A 357 7.88 30.31 -36.90
N GLY A 358 6.62 30.72 -36.85
CA GLY A 358 6.28 32.11 -37.11
C GLY A 358 6.44 33.03 -35.94
N LEU A 359 6.57 32.48 -34.74
CA LEU A 359 6.83 33.29 -33.55
C LEU A 359 8.29 33.68 -33.47
N PHE A 360 9.19 32.70 -33.57
CA PHE A 360 10.63 32.92 -33.42
C PHE A 360 11.28 33.04 -34.79
N ASN A 361 11.02 34.19 -35.43
CA ASN A 361 11.54 34.48 -36.76
C ASN A 361 11.96 35.94 -36.86
N SER A 362 12.68 36.43 -35.85
CA SER A 362 12.98 37.85 -35.75
C SER A 362 14.47 38.10 -35.64
N THR A 363 14.85 39.38 -35.70
CA THR A 363 16.22 39.82 -35.52
C THR A 363 16.18 41.25 -35.01
N TRP A 364 16.85 41.49 -33.88
CA TRP A 364 16.76 42.76 -33.18
C TRP A 364 18.13 43.43 -33.13
N ILE A 365 18.20 44.67 -33.60
CA ILE A 365 19.41 45.47 -33.55
C ILE A 365 19.18 46.61 -32.56
N SER A 366 20.27 47.09 -31.98
CA SER A 366 20.19 48.12 -30.94
C SER A 366 20.01 49.48 -31.61
N ASN A 367 18.75 49.92 -31.69
CA ASN A 367 18.42 51.22 -32.28
C ASN A 367 19.16 51.47 -33.58
N ASN A 379 -8.04 42.42 -35.66
CA ASN A 379 -6.64 42.79 -35.86
C ASN A 379 -5.84 41.60 -36.37
N ASP A 380 -4.61 41.85 -36.79
CA ASP A 380 -3.79 40.79 -37.39
C ASP A 380 -3.48 39.71 -36.38
N SER A 381 -3.29 38.50 -36.88
CA SER A 381 -3.04 37.32 -36.05
C SER A 381 -1.97 36.46 -36.71
N ILE A 382 -1.37 35.60 -35.89
CA ILE A 382 -0.41 34.60 -36.36
C ILE A 382 -1.03 33.23 -36.12
N THR A 383 -1.18 32.45 -37.19
CA THR A 383 -1.77 31.12 -37.11
C THR A 383 -0.66 30.08 -37.13
N LEU A 384 -0.65 29.21 -36.13
CA LEU A 384 0.36 28.17 -35.99
C LEU A 384 -0.25 26.82 -36.29
N PRO A 385 0.19 26.12 -37.33
CA PRO A 385 -0.45 24.86 -37.72
C PRO A 385 -0.14 23.70 -36.79
N CYS A 386 -0.91 23.56 -35.71
CA CYS A 386 -0.75 22.41 -34.83
C CYS A 386 -1.20 21.14 -35.53
N ARG A 387 -0.77 20.00 -34.98
CA ARG A 387 -1.23 18.70 -35.42
C ARG A 387 -1.32 17.79 -34.20
N ILE A 388 -2.21 16.81 -34.29
CA ILE A 388 -2.61 16.02 -33.13
C ILE A 388 -1.86 14.70 -33.12
N LYS A 389 -1.58 14.20 -31.93
CA LYS A 389 -1.01 12.89 -31.72
C LYS A 389 -1.89 12.12 -30.75
N GLN A 390 -1.95 10.80 -30.93
CA GLN A 390 -2.78 9.97 -30.07
C GLN A 390 -2.00 9.01 -29.21
N ILE A 391 -0.77 8.66 -29.59
CA ILE A 391 0.10 7.82 -28.78
C ILE A 391 1.21 8.70 -28.22
N ILE A 392 1.27 8.78 -26.90
CA ILE A 392 2.16 9.71 -26.19
C ILE A 392 3.15 8.89 -25.39
N ASN A 393 4.43 9.20 -25.55
CA ASN A 393 5.50 8.56 -24.80
C ASN A 393 5.82 9.37 -23.55
N MET A 394 6.32 8.69 -22.52
CA MET A 394 6.71 9.39 -21.31
C MET A 394 8.09 10.02 -21.49
N TRP A 395 8.30 11.14 -20.80
CA TRP A 395 9.29 12.12 -21.23
C TRP A 395 10.73 11.76 -20.86
N GLN A 396 11.03 11.66 -19.56
CA GLN A 396 12.42 11.39 -19.19
C GLN A 396 12.74 9.95 -19.56
N ARG A 397 11.84 9.34 -20.33
CA ARG A 397 12.06 8.13 -21.10
C ARG A 397 11.79 6.86 -20.30
N ILE A 398 10.96 6.00 -20.88
CA ILE A 398 10.74 4.62 -20.47
C ILE A 398 10.12 3.95 -21.68
N GLY A 399 10.21 2.61 -21.76
CA GLY A 399 9.54 1.91 -22.83
C GLY A 399 8.05 1.86 -22.61
N GLN A 400 7.42 3.03 -22.46
CA GLN A 400 6.01 3.12 -22.12
C GLN A 400 5.35 4.25 -22.90
N ALA A 401 4.05 4.12 -23.13
CA ALA A 401 3.29 5.06 -23.91
C ALA A 401 1.85 5.07 -23.44
N MET A 402 1.12 6.10 -23.83
CA MET A 402 -0.28 6.25 -23.47
C MET A 402 -1.07 6.57 -24.73
N TYR A 403 -2.19 5.88 -24.91
CA TYR A 403 -3.11 6.19 -26.00
C TYR A 403 -4.23 7.07 -25.47
N ALA A 404 -4.43 8.23 -26.08
CA ALA A 404 -5.43 9.17 -25.63
C ALA A 404 -6.69 9.02 -26.46
N PRO A 405 -7.78 8.49 -25.92
CA PRO A 405 -8.96 8.23 -26.74
C PRO A 405 -9.48 9.52 -27.34
N PRO A 406 -10.11 9.44 -28.51
CA PRO A 406 -10.56 10.66 -29.18
C PRO A 406 -11.59 11.41 -28.35
N ILE A 407 -11.63 12.71 -28.53
CA ILE A 407 -12.64 13.58 -27.92
C ILE A 407 -13.75 13.78 -28.94
N GLN A 408 -14.98 13.48 -28.54
CA GLN A 408 -16.14 13.59 -29.43
C GLN A 408 -16.65 15.02 -29.37
N GLY A 409 -16.34 15.81 -30.38
CA GLY A 409 -16.81 17.18 -30.45
C GLY A 409 -15.75 18.06 -31.10
N VAL A 410 -15.91 19.36 -30.89
CA VAL A 410 -15.00 20.37 -31.42
C VAL A 410 -14.24 20.97 -30.25
N ILE A 411 -12.92 20.86 -30.28
CA ILE A 411 -12.07 21.37 -29.20
C ILE A 411 -11.80 22.85 -29.42
N ARG A 412 -11.94 23.64 -28.36
CA ARG A 412 -11.66 25.06 -28.41
C ARG A 412 -11.29 25.60 -27.03
N CYS A 413 -10.00 25.77 -26.78
CA CYS A 413 -9.53 26.30 -25.51
C CYS A 413 -8.60 27.48 -25.76
N VAL A 414 -8.67 28.45 -24.85
CA VAL A 414 -7.83 29.64 -24.89
C VAL A 414 -7.05 29.71 -23.59
N SER A 415 -5.80 30.14 -23.68
CA SER A 415 -4.93 30.16 -22.51
C SER A 415 -3.96 31.34 -22.64
N ASN A 416 -3.17 31.52 -21.59
CA ASN A 416 -2.19 32.59 -21.50
C ASN A 416 -0.79 32.02 -21.68
N ILE A 417 0.01 32.65 -22.54
CA ILE A 417 1.44 32.41 -22.53
C ILE A 417 2.05 33.29 -21.45
N THR A 418 2.74 32.68 -20.49
CA THR A 418 3.34 33.42 -19.39
C THR A 418 4.85 33.27 -19.33
N GLY A 419 5.47 32.78 -20.39
CA GLY A 419 6.91 32.66 -20.41
C GLY A 419 7.39 31.82 -21.57
N LEU A 420 8.71 31.68 -21.65
CA LEU A 420 9.37 30.89 -22.66
C LEU A 420 10.47 30.05 -22.00
N ILE A 421 10.83 28.96 -22.64
CA ILE A 421 12.01 28.19 -22.28
C ILE A 421 12.96 28.27 -23.47
N LEU A 422 13.95 29.13 -23.38
CA LEU A 422 14.86 29.40 -24.49
C LEU A 422 16.14 28.58 -24.35
N THR A 423 16.96 28.63 -25.39
CA THR A 423 18.28 28.03 -25.38
C THR A 423 19.19 28.81 -26.31
N ARG A 424 20.47 28.84 -25.97
CA ARG A 424 21.48 29.49 -26.77
C ARG A 424 22.29 28.45 -27.53
N ASP A 425 22.95 28.89 -28.60
CA ASP A 425 23.78 28.02 -29.42
C ASP A 425 25.21 28.54 -29.43
N GLY A 426 26.16 27.62 -29.51
CA GLY A 426 27.55 27.98 -29.42
C GLY A 426 27.99 28.85 -30.58
N GLY A 427 29.00 29.67 -30.33
CA GLY A 427 29.52 30.58 -31.33
C GLY A 427 29.68 32.00 -30.81
N SER A 428 29.32 32.21 -29.54
CA SER A 428 29.40 33.54 -28.92
C SER A 428 30.76 33.69 -28.23
N THR A 429 31.82 33.55 -29.03
CA THR A 429 33.17 33.79 -28.56
C THR A 429 33.81 34.89 -29.39
N ASN A 430 33.60 34.83 -30.71
CA ASN A 430 34.02 35.87 -31.64
C ASN A 430 32.83 36.58 -32.26
N SER A 431 31.71 35.89 -32.41
CA SER A 431 30.54 36.47 -33.04
C SER A 431 29.96 37.59 -32.18
N THR A 432 29.32 38.56 -32.84
CA THR A 432 28.67 39.68 -32.19
C THR A 432 27.15 39.55 -32.22
N THR A 433 26.66 38.32 -32.29
CA THR A 433 25.22 38.08 -32.40
C THR A 433 24.86 36.88 -31.53
N GLU A 434 23.60 36.85 -31.09
CA GLU A 434 23.09 35.77 -30.27
C GLU A 434 21.83 35.20 -30.91
N THR A 435 21.77 33.87 -31.01
CA THR A 435 20.60 33.16 -31.50
C THR A 435 19.95 32.44 -30.34
N PHE A 436 18.62 32.51 -30.27
CA PHE A 436 17.86 31.95 -29.15
C PHE A 436 16.79 31.01 -29.69
N ARG A 437 17.16 29.76 -29.90
CA ARG A 437 16.18 28.74 -30.24
C ARG A 437 15.33 28.40 -29.02
N PRO A 438 14.04 28.17 -29.19
CA PRO A 438 13.22 27.69 -28.08
C PRO A 438 13.51 26.23 -27.77
N GLY A 439 13.00 25.77 -26.63
CA GLY A 439 13.20 24.39 -26.27
C GLY A 439 12.54 23.95 -24.98
N GLY A 440 12.01 22.74 -24.97
CA GLY A 440 11.46 22.13 -23.76
C GLY A 440 11.87 20.68 -23.64
N GLY A 441 10.95 19.83 -23.20
CA GLY A 441 11.17 18.41 -23.09
C GLY A 441 11.53 17.93 -21.70
N ASP A 442 11.86 18.82 -20.78
CA ASP A 442 12.15 18.49 -19.39
C ASP A 442 11.14 19.22 -18.52
N MET A 443 10.19 18.49 -17.96
CA MET A 443 9.15 19.13 -17.17
C MET A 443 9.58 19.39 -15.73
N ARG A 444 10.87 19.25 -15.43
CA ARG A 444 11.39 19.79 -14.18
C ARG A 444 11.56 21.30 -14.29
N ASP A 445 11.77 21.81 -15.49
CA ASP A 445 11.80 23.24 -15.75
C ASP A 445 10.41 23.83 -15.90
N ASN A 446 9.37 23.00 -15.77
CA ASN A 446 8.00 23.48 -15.69
C ASN A 446 7.61 23.77 -14.25
N TRP A 447 8.13 23.01 -13.30
CA TRP A 447 7.78 23.18 -11.89
C TRP A 447 8.57 24.31 -11.23
N ARG A 448 9.76 24.59 -11.72
CA ARG A 448 10.59 25.63 -11.11
C ARG A 448 10.38 26.99 -11.73
N SER A 449 9.51 27.10 -12.73
CA SER A 449 8.98 28.39 -13.15
C SER A 449 7.78 28.82 -12.31
N GLU A 450 7.35 27.99 -11.37
CA GLU A 450 6.29 28.29 -10.42
C GLU A 450 6.76 28.28 -8.98
N LEU A 451 7.60 27.32 -8.60
CA LEU A 451 8.08 27.16 -7.24
C LEU A 451 9.43 27.82 -7.00
N TYR A 452 9.84 28.74 -7.86
CA TYR A 452 11.18 29.32 -7.74
C TYR A 452 11.35 30.15 -6.47
N LYS A 453 10.27 30.67 -5.90
CA LYS A 453 10.34 31.63 -4.81
C LYS A 453 10.02 31.02 -3.45
N TYR A 454 9.98 29.69 -3.34
CA TYR A 454 9.58 29.02 -2.12
C TYR A 454 10.75 28.22 -1.55
N LYS A 455 11.01 28.40 -0.26
CA LYS A 455 11.99 27.61 0.46
C LYS A 455 11.33 26.99 1.66
N VAL A 456 11.53 25.69 1.85
CA VAL A 456 11.03 24.98 3.01
C VAL A 456 12.08 25.03 4.11
N VAL A 457 11.66 25.42 5.32
CA VAL A 457 12.53 25.45 6.48
C VAL A 457 11.86 24.65 7.58
N LYS A 458 12.67 24.22 8.54
CA LYS A 458 12.20 23.48 9.70
C LYS A 458 12.47 24.31 10.95
N ILE A 459 11.50 24.34 11.86
CA ILE A 459 11.56 25.23 13.01
C ILE A 459 12.13 24.49 14.20
N GLU A 460 13.18 25.04 14.80
CA GLU A 460 13.78 24.48 16.00
C GLU A 460 13.36 25.32 17.20
N PRO A 461 12.48 24.82 18.07
CA PRO A 461 11.84 25.66 19.09
C PRO A 461 12.47 25.65 20.48
N LEU A 462 13.57 24.94 20.70
CA LEU A 462 14.21 24.89 22.01
C LEU A 462 15.44 25.78 22.03
N GLY A 463 15.64 26.49 23.13
CA GLY A 463 16.79 27.36 23.28
C GLY A 463 17.21 27.45 24.73
N VAL A 464 18.46 27.84 24.92
CA VAL A 464 19.01 28.09 26.25
C VAL A 464 19.61 29.48 26.26
N ALA A 465 19.67 30.09 27.44
CA ALA A 465 20.24 31.42 27.54
C ALA A 465 20.42 31.82 28.99
N PRO A 466 21.53 32.47 29.36
CA PRO A 466 21.71 32.90 30.75
C PRO A 466 20.78 34.05 31.08
N THR A 467 20.06 33.92 32.21
CA THR A 467 19.02 34.89 32.54
C THR A 467 19.04 35.34 34.00
N ARG A 468 19.87 34.74 34.85
CA ARG A 468 19.93 35.04 36.27
C ARG A 468 18.63 34.69 37.00
N CYS A 469 17.86 33.76 36.43
CA CYS A 469 16.82 33.08 37.19
C CYS A 469 17.47 32.20 38.25
N LYS A 470 16.62 31.48 38.98
CA LYS A 470 17.09 30.34 39.75
C LYS A 470 15.89 29.55 40.22
N ARG A 471 15.88 28.25 39.92
CA ARG A 471 14.77 27.42 40.35
C ARG A 471 14.73 27.37 41.87
N ARG A 472 13.52 27.52 42.43
CA ARG A 472 13.35 27.51 43.87
C ARG A 472 13.37 26.06 44.38
N VAL A 473 14.23 25.79 45.35
CA VAL A 473 14.39 24.44 45.89
C VAL A 473 13.38 24.19 47.00
N LEU B 9 3.73 40.13 14.90
CA LEU B 9 2.67 39.18 15.19
C LEU B 9 2.63 38.07 14.14
N GLY B 10 2.31 36.86 14.57
CA GLY B 10 2.21 35.72 13.68
C GLY B 10 3.37 34.76 13.84
N PHE B 11 3.13 33.53 13.39
CA PHE B 11 4.12 32.46 13.49
C PHE B 11 5.44 32.89 12.87
N LEU B 12 6.47 33.02 13.71
CA LEU B 12 7.82 33.43 13.31
C LEU B 12 7.93 34.92 13.04
N GLY B 13 6.93 35.71 13.42
CA GLY B 13 6.98 37.14 13.14
C GLY B 13 8.14 37.83 13.82
N ALA B 14 8.43 37.44 15.06
CA ALA B 14 9.59 37.96 15.79
C ALA B 14 10.83 37.09 15.56
N ALA B 15 11.14 36.86 14.28
CA ALA B 15 12.32 36.08 13.92
C ALA B 15 13.56 36.96 13.82
N GLY B 16 13.41 38.19 13.35
CA GLY B 16 14.50 39.14 13.26
C GLY B 16 14.60 40.10 14.44
N SER B 17 13.76 39.94 15.46
CA SER B 17 13.85 40.78 16.64
C SER B 17 14.94 40.26 17.57
N THR B 18 15.51 41.18 18.35
CA THR B 18 16.52 40.80 19.32
C THR B 18 15.97 39.73 20.27
N MET B 19 16.89 39.07 20.97
CA MET B 19 16.49 37.95 21.82
C MET B 19 15.44 38.39 22.83
N GLY B 20 15.58 39.60 23.39
CA GLY B 20 14.67 40.04 24.43
C GLY B 20 13.25 40.24 23.94
N ALA B 21 13.08 40.85 22.77
CA ALA B 21 11.75 41.16 22.26
C ALA B 21 11.02 39.94 21.73
N ALA B 22 11.72 38.88 21.38
CA ALA B 22 11.10 37.66 20.87
C ALA B 22 10.76 36.67 21.97
N SER B 23 11.09 36.97 23.22
CA SER B 23 10.72 36.12 24.35
C SER B 23 9.33 36.44 24.88
N MET B 24 8.71 37.53 24.44
CA MET B 24 7.36 37.85 24.83
C MET B 24 6.31 37.12 23.99
N THR B 25 6.71 36.54 22.87
CA THR B 25 5.80 35.95 21.90
C THR B 25 6.02 34.45 21.74
N LEU B 26 6.37 33.77 22.84
CA LEU B 26 6.67 32.34 22.74
C LEU B 26 5.43 31.53 22.39
N THR B 27 4.28 31.88 22.97
CA THR B 27 3.08 31.07 22.78
C THR B 27 2.58 31.09 21.35
N VAL B 28 3.04 32.03 20.52
CA VAL B 28 2.68 32.03 19.11
C VAL B 28 3.35 30.85 18.40
N GLN B 29 4.63 30.63 18.66
CA GLN B 29 5.34 29.53 18.04
C GLN B 29 5.02 28.19 18.70
N ALA B 30 4.82 28.18 20.02
CA ALA B 30 4.63 26.91 20.72
C ALA B 30 3.30 26.25 20.38
N ARG B 31 2.28 27.05 20.07
CA ARG B 31 0.96 26.51 19.77
C ARG B 31 0.79 26.13 18.30
N ASN B 32 1.86 26.18 17.51
CA ASN B 32 1.81 25.92 16.08
C ASN B 32 2.61 24.69 15.67
N LEU B 33 3.30 24.05 16.61
CA LEU B 33 4.23 22.97 16.30
C LEU B 33 3.57 21.60 16.26
N LEU B 34 2.29 21.51 16.60
CA LEU B 34 1.53 20.27 16.51
C LEU B 34 0.40 20.38 15.49
N SER B 35 -0.45 21.39 15.62
CA SER B 35 -1.56 21.62 14.70
C SER B 35 -2.39 20.36 14.50
N LEU B 57 -5.24 5.17 0.26
CA LEU B 57 -3.78 5.05 0.35
C LEU B 57 -3.12 5.24 -1.01
N THR B 58 -3.51 6.30 -1.69
CA THR B 58 -2.95 6.64 -2.99
C THR B 58 -1.63 7.38 -2.79
N VAL B 59 -1.11 8.00 -3.84
CA VAL B 59 0.13 8.75 -3.71
C VAL B 59 -0.07 9.95 -2.78
N TRP B 60 -1.25 10.57 -2.83
CA TRP B 60 -1.56 11.66 -1.90
C TRP B 60 -1.76 11.15 -0.48
N GLY B 61 -2.45 10.01 -0.34
CA GLY B 61 -2.71 9.48 0.99
C GLY B 61 -1.46 9.02 1.70
N ILE B 62 -0.51 8.44 0.96
CA ILE B 62 0.73 7.97 1.57
C ILE B 62 1.53 9.13 2.12
N LYS B 63 1.64 10.21 1.34
CA LYS B 63 2.46 11.34 1.74
C LYS B 63 1.71 12.30 2.66
N GLN B 64 0.39 12.14 2.77
CA GLN B 64 -0.36 12.88 3.77
C GLN B 64 -0.40 12.14 5.10
N LEU B 65 -0.15 10.83 5.08
CA LEU B 65 -0.12 10.03 6.30
C LEU B 65 1.25 10.02 6.97
N GLN B 66 2.33 10.16 6.21
CA GLN B 66 3.65 10.29 6.81
C GLN B 66 3.94 11.72 7.25
N ALA B 67 3.14 12.69 6.82
CA ALA B 67 3.26 14.04 7.35
C ALA B 67 2.65 14.13 8.74
N ARG B 68 1.58 13.39 9.00
CA ARG B 68 0.99 13.36 10.34
C ARG B 68 1.89 12.61 11.32
N VAL B 69 2.39 11.44 10.91
CA VAL B 69 3.24 10.65 11.79
C VAL B 69 4.52 11.41 12.11
N LEU B 70 5.12 12.03 11.10
CA LEU B 70 6.37 12.74 11.29
C LEU B 70 6.21 13.98 12.16
N ALA B 71 4.97 14.44 12.35
CA ALA B 71 4.72 15.67 13.10
C ALA B 71 4.34 15.42 14.56
N VAL B 72 4.07 14.18 14.95
CA VAL B 72 3.78 13.87 16.35
C VAL B 72 5.03 13.30 16.99
N GLU B 73 5.83 12.57 16.21
CA GLU B 73 7.08 12.04 16.75
C GLU B 73 8.14 13.12 16.89
N ARG B 74 8.08 14.16 16.06
CA ARG B 74 8.98 15.29 16.20
C ARG B 74 8.55 16.22 17.32
N TYR B 75 7.25 16.32 17.57
CA TYR B 75 6.74 17.12 18.69
C TYR B 75 6.95 16.43 20.02
N LEU B 76 6.86 15.11 20.06
CA LEU B 76 7.10 14.36 21.29
C LEU B 76 8.58 14.25 21.62
N ARG B 77 9.47 14.63 20.70
CA ARG B 77 10.89 14.50 20.94
C ARG B 77 11.40 15.57 21.90
N ASP B 78 10.84 16.78 21.82
CA ASP B 78 11.22 17.86 22.73
C ASP B 78 10.27 17.99 23.91
N GLN B 79 9.13 17.32 23.89
CA GLN B 79 8.31 17.20 25.09
C GLN B 79 8.95 16.26 26.10
N GLN B 80 9.51 15.14 25.62
CA GLN B 80 10.26 14.26 26.50
C GLN B 80 11.51 14.95 27.01
N LEU B 81 12.24 15.62 26.12
CA LEU B 81 13.45 16.33 26.54
C LEU B 81 13.13 17.40 27.57
N LEU B 82 12.10 18.21 27.30
CA LEU B 82 11.64 19.25 28.20
C LEU B 82 11.06 18.69 29.50
N GLY B 83 11.03 17.38 29.66
CA GLY B 83 10.46 16.75 30.85
C GLY B 83 11.51 16.12 31.73
N ILE B 84 12.59 15.61 31.14
CA ILE B 84 13.73 15.18 31.93
C ILE B 84 14.50 16.35 32.51
N TRP B 85 14.24 17.56 32.03
CA TRP B 85 14.78 18.78 32.62
C TRP B 85 13.85 19.41 33.64
N GLY B 86 12.63 18.89 33.80
CA GLY B 86 11.70 19.39 34.77
C GLY B 86 10.79 20.50 34.28
N CYS B 87 10.96 20.99 33.06
CA CYS B 87 10.16 22.09 32.53
C CYS B 87 9.00 21.55 31.68
N SER B 88 8.18 20.70 32.31
CA SER B 88 7.18 19.94 31.58
C SER B 88 6.15 20.80 30.88
N GLY B 89 5.37 21.56 31.64
CA GLY B 89 4.31 22.35 31.07
C GLY B 89 4.59 23.84 31.04
N LYS B 90 5.82 24.20 30.67
CA LYS B 90 6.27 25.58 30.74
C LYS B 90 6.86 25.99 29.40
N LEU B 91 6.78 27.29 29.12
CA LEU B 91 7.45 27.88 27.96
C LEU B 91 8.73 28.60 28.34
N ILE B 92 8.88 28.97 29.61
CA ILE B 92 10.13 29.49 30.16
C ILE B 92 10.35 28.79 31.49
N CYS B 93 11.49 28.13 31.63
CA CYS B 93 11.82 27.42 32.86
C CYS B 93 13.23 27.80 33.29
N CYS B 94 13.35 28.21 34.56
CA CYS B 94 14.62 28.59 35.14
C CYS B 94 15.24 27.37 35.84
N THR B 95 16.48 27.06 35.49
CA THR B 95 17.15 25.85 35.93
C THR B 95 18.19 26.15 36.99
N ASN B 96 18.77 25.10 37.57
CA ASN B 96 19.71 25.18 38.67
C ASN B 96 21.16 24.95 38.24
N VAL B 97 21.48 25.24 36.98
CA VAL B 97 22.82 25.03 36.44
C VAL B 97 23.37 26.38 36.02
N PRO B 98 24.58 26.75 36.43
CA PRO B 98 25.14 28.05 36.10
C PRO B 98 25.65 28.08 34.66
N TRP B 99 26.08 29.26 34.21
CA TRP B 99 26.43 29.44 32.81
C TRP B 99 27.88 29.13 32.48
N ASN B 100 28.77 29.10 33.46
CA ASN B 100 30.14 28.63 33.25
C ASN B 100 31.01 29.61 32.46
N SER B 101 30.40 30.62 31.85
CA SER B 101 31.13 31.79 31.35
C SER B 101 32.20 31.43 30.33
N SER B 102 32.40 30.15 30.07
CA SER B 102 33.25 29.67 29.00
C SER B 102 32.43 29.17 27.82
N TRP B 103 31.11 29.20 27.96
CA TRP B 103 30.18 28.94 26.88
C TRP B 103 29.88 30.22 26.10
N SER B 104 29.76 31.35 26.81
CA SER B 104 29.63 32.65 26.18
C SER B 104 29.94 33.70 27.23
N ASN B 105 30.97 34.50 27.01
CA ASN B 105 31.42 35.48 28.01
C ASN B 105 30.83 36.86 27.76
N ARG B 106 29.61 36.92 27.24
CA ARG B 106 28.97 38.19 26.93
C ARG B 106 28.21 38.74 28.14
N ASN B 107 27.86 40.02 28.05
CA ASN B 107 27.03 40.67 29.04
C ASN B 107 25.65 40.01 29.08
N LEU B 108 24.82 40.48 30.00
CA LEU B 108 23.40 40.14 29.99
C LEU B 108 22.57 41.17 29.25
N SER B 109 23.20 42.21 28.70
CA SER B 109 22.52 43.20 27.89
C SER B 109 22.85 43.09 26.41
N GLU B 110 24.09 42.74 26.05
CA GLU B 110 24.43 42.49 24.66
C GLU B 110 23.94 41.14 24.16
N ILE B 111 23.42 40.31 25.06
CA ILE B 111 22.84 39.03 24.66
C ILE B 111 21.33 39.14 24.47
N TRP B 112 20.65 39.89 25.34
CA TRP B 112 19.20 39.92 25.33
C TRP B 112 18.64 41.05 24.49
N ASP B 113 19.41 42.10 24.22
CA ASP B 113 19.01 43.14 23.27
C ASP B 113 20.23 43.48 22.43
N ASN B 114 20.41 42.72 21.35
CA ASN B 114 21.55 42.87 20.45
C ASN B 114 21.65 41.68 19.52
N MET B 115 21.49 40.48 20.08
CA MET B 115 21.61 39.24 19.32
C MET B 115 20.23 38.62 19.16
N THR B 116 19.90 38.23 17.93
CA THR B 116 18.67 37.50 17.68
C THR B 116 18.85 36.05 18.11
N TRP B 117 17.74 35.30 18.13
CA TRP B 117 17.80 33.92 18.59
C TRP B 117 18.65 33.07 17.65
N LEU B 118 18.59 33.32 16.34
CA LEU B 118 19.38 32.56 15.39
C LEU B 118 20.87 32.81 15.57
N GLN B 119 21.26 34.08 15.78
CA GLN B 119 22.66 34.38 16.04
C GLN B 119 23.14 33.70 17.32
N TRP B 120 22.34 33.79 18.38
CA TRP B 120 22.74 33.16 19.64
C TRP B 120 22.89 31.66 19.48
N ASP B 121 21.98 31.04 18.74
CA ASP B 121 22.07 29.60 18.52
C ASP B 121 23.33 29.24 17.76
N LYS B 122 23.64 29.98 16.70
CA LYS B 122 24.86 29.69 15.94
C LYS B 122 26.10 29.87 16.81
N GLU B 123 26.06 30.82 17.75
CA GLU B 123 27.22 31.05 18.60
C GLU B 123 27.37 29.98 19.67
N ILE B 124 26.25 29.49 20.21
CA ILE B 124 26.29 28.57 21.35
C ILE B 124 26.07 27.13 20.91
N SER B 125 26.12 26.88 19.60
CA SER B 125 25.93 25.52 19.11
C SER B 125 27.05 24.55 19.48
N ASN B 126 28.21 25.03 19.92
CA ASN B 126 29.27 24.11 20.32
C ASN B 126 29.00 23.44 21.66
N TYR B 127 28.20 24.07 22.52
CA TYR B 127 28.01 23.61 23.89
C TYR B 127 26.58 23.22 24.21
N THR B 128 25.72 23.04 23.21
CA THR B 128 24.35 22.64 23.50
C THR B 128 24.31 21.20 24.01
N GLN B 129 25.07 20.30 23.38
CA GLN B 129 25.12 18.92 23.85
C GLN B 129 25.78 18.81 25.22
N ILE B 130 26.51 19.84 25.65
CA ILE B 130 27.06 19.85 27.00
C ILE B 130 26.06 20.45 27.98
N ILE B 131 25.41 21.55 27.57
CA ILE B 131 24.39 22.18 28.42
C ILE B 131 23.18 21.27 28.56
N TYR B 132 22.84 20.53 27.50
CA TYR B 132 21.68 19.63 27.56
C TYR B 132 21.93 18.48 28.52
N GLY B 133 23.16 17.97 28.57
CA GLY B 133 23.47 16.88 29.47
C GLY B 133 23.60 17.31 30.91
N LEU B 134 23.95 18.58 31.15
CA LEU B 134 23.96 19.14 32.49
C LEU B 134 22.56 19.45 33.00
N LEU B 135 21.61 19.70 32.08
CA LEU B 135 20.26 20.07 32.49
C LEU B 135 19.49 18.88 33.06
N GLU B 136 19.81 17.67 32.61
CA GLU B 136 19.11 16.48 33.10
C GLU B 136 19.86 15.75 34.19
N GLU B 137 21.19 15.84 34.22
CA GLU B 137 21.93 15.31 35.35
C GLU B 137 21.81 16.18 36.59
N SER B 138 21.40 17.44 36.43
CA SER B 138 21.12 18.32 37.55
C SER B 138 19.67 18.30 37.98
N GLN B 139 18.78 17.68 37.20
CA GLN B 139 17.39 17.55 37.60
C GLN B 139 17.13 16.25 38.34
N ASN B 140 17.75 15.15 37.92
CA ASN B 140 17.77 13.95 38.74
C ASN B 140 18.86 13.98 39.79
N GLN B 141 19.03 15.15 40.39
CA GLN B 141 19.80 15.35 41.60
C GLN B 141 19.06 16.17 42.62
N GLN B 142 18.16 17.06 42.20
CA GLN B 142 17.16 17.66 43.06
C GLN B 142 15.85 16.90 43.03
N GLU B 143 15.81 15.76 42.33
CA GLU B 143 14.69 14.83 42.41
C GLU B 143 14.93 13.75 43.44
N LYS B 144 16.19 13.44 43.74
CA LYS B 144 16.54 12.59 44.87
C LYS B 144 16.76 13.38 46.14
N ASN B 145 17.24 14.62 46.02
CA ASN B 145 17.36 15.49 47.19
C ASN B 145 15.99 15.87 47.73
N GLU B 146 15.03 16.13 46.85
CA GLU B 146 13.66 16.36 47.28
C GLU B 146 12.96 15.07 47.71
N GLN B 147 13.40 13.92 47.19
CA GLN B 147 12.89 12.65 47.65
C GLN B 147 13.44 12.28 49.02
N ASP B 148 14.70 12.66 49.28
CA ASP B 148 15.26 12.45 50.62
C ASP B 148 14.67 13.43 51.62
N LEU B 149 14.38 14.66 51.19
CA LEU B 149 13.81 15.66 52.08
C LEU B 149 12.35 15.37 52.42
N LEU B 150 11.67 14.55 51.61
CA LEU B 150 10.27 14.24 51.87
C LEU B 150 10.10 13.28 53.03
N ALA B 151 11.15 12.56 53.42
CA ALA B 151 11.08 11.63 54.53
C ALA B 151 11.38 12.28 55.87
N LEU B 152 11.80 13.54 55.87
CA LEU B 152 12.16 14.24 57.10
C LEU B 152 11.11 15.28 57.47
N GLN C 1 34.75 23.56 -8.71
CA GLN C 1 35.67 23.99 -9.76
C GLN C 1 35.93 25.49 -9.70
N ILE C 2 35.96 26.03 -8.49
CA ILE C 2 36.18 27.47 -8.33
C ILE C 2 37.65 27.79 -8.62
N HIS C 3 37.88 28.75 -9.52
CA HIS C 3 39.22 29.10 -9.95
C HIS C 3 39.27 30.61 -10.16
N LEU C 4 39.73 31.33 -9.14
CA LEU C 4 39.92 32.77 -9.24
C LEU C 4 41.28 33.03 -9.87
N VAL C 5 41.29 33.75 -10.98
CA VAL C 5 42.52 34.14 -11.67
C VAL C 5 42.56 35.67 -11.72
N GLN C 6 43.71 36.23 -11.35
CA GLN C 6 43.85 37.67 -11.24
C GLN C 6 44.82 38.19 -12.31
N SER C 7 45.08 39.49 -12.28
CA SER C 7 45.95 40.13 -13.24
C SER C 7 47.40 39.73 -12.97
N GLY C 8 48.33 40.33 -13.71
CA GLY C 8 49.74 39.99 -13.61
C GLY C 8 50.54 41.04 -12.85
N THR C 9 51.81 40.72 -12.65
CA THR C 9 52.72 41.62 -11.96
C THR C 9 52.82 42.96 -12.70
N GLU C 10 52.73 44.04 -11.96
CA GLU C 10 52.84 45.38 -12.55
C GLU C 10 53.63 46.28 -11.62
N VAL C 11 54.36 47.21 -12.21
CA VAL C 11 55.13 48.21 -11.48
C VAL C 11 54.51 49.57 -11.73
N LYS C 12 54.22 50.30 -10.66
CA LYS C 12 53.50 51.57 -10.75
C LYS C 12 54.29 52.65 -10.04
N LYS C 13 54.14 53.87 -10.53
CA LYS C 13 54.81 55.00 -9.93
C LYS C 13 54.28 55.26 -8.53
N PRO C 14 55.11 55.78 -7.63
CA PRO C 14 54.64 56.06 -6.26
C PRO C 14 53.74 57.27 -6.21
N GLY C 15 52.45 57.08 -6.46
CA GLY C 15 51.49 58.16 -6.45
C GLY C 15 50.38 57.99 -7.47
N SER C 16 50.52 56.98 -8.33
CA SER C 16 49.50 56.66 -9.32
C SER C 16 48.43 55.79 -8.68
N SER C 17 47.56 55.20 -9.51
CA SER C 17 46.50 54.32 -9.04
C SER C 17 46.61 52.98 -9.74
N VAL C 18 46.04 51.95 -9.11
CA VAL C 18 46.07 50.60 -9.65
C VAL C 18 44.67 50.01 -9.62
N THR C 19 44.47 48.96 -10.41
CA THR C 19 43.20 48.22 -10.42
C THR C 19 43.54 46.75 -10.63
N VAL C 20 43.37 45.96 -9.57
CA VAL C 20 43.55 44.53 -9.65
C VAL C 20 42.23 43.86 -9.96
N SER C 21 42.26 42.84 -10.81
CA SER C 21 41.07 42.11 -11.22
C SER C 21 41.14 40.67 -10.73
N CYS C 22 39.97 40.04 -10.68
CA CYS C 22 39.87 38.66 -10.21
C CYS C 22 38.62 38.05 -10.83
N LYS C 23 38.80 37.20 -11.84
CA LYS C 23 37.69 36.54 -12.51
C LYS C 23 37.37 35.25 -11.78
N ALA C 24 36.11 35.09 -11.36
CA ALA C 24 35.69 33.96 -10.54
C ALA C 24 35.02 32.92 -11.43
N TYR C 25 35.77 31.88 -11.80
CA TYR C 25 35.21 30.77 -12.55
C TYR C 25 34.76 29.68 -11.59
N GLY C 26 33.55 29.18 -11.80
CA GLY C 26 32.94 28.25 -10.88
C GLY C 26 32.10 28.87 -9.80
N VAL C 27 32.00 30.20 -9.77
CA VAL C 27 31.18 30.91 -8.80
C VAL C 27 29.90 31.32 -9.51
N ASN C 28 28.76 30.76 -9.06
CA ASN C 28 27.51 30.98 -9.78
C ASN C 28 27.09 32.44 -9.72
N THR C 29 27.15 33.06 -8.55
CA THR C 29 26.76 34.47 -8.43
C THR C 29 27.47 35.07 -7.23
N PHE C 30 27.50 36.40 -7.18
CA PHE C 30 28.10 37.11 -6.07
C PHE C 30 27.09 37.48 -4.99
N GLY C 31 25.86 37.02 -5.10
CA GLY C 31 24.90 37.16 -4.03
C GLY C 31 24.92 35.96 -3.12
N LEU C 32 25.51 34.87 -3.60
CA LEU C 32 25.71 33.66 -2.82
C LEU C 32 27.16 33.48 -2.37
N TYR C 33 28.06 34.36 -2.78
CA TYR C 33 29.46 34.33 -2.38
C TYR C 33 29.86 35.68 -1.82
N ALA C 34 30.90 35.67 -0.99
CA ALA C 34 31.47 36.87 -0.42
C ALA C 34 32.91 36.99 -0.89
N VAL C 35 33.27 38.15 -1.44
CA VAL C 35 34.59 38.37 -2.01
C VAL C 35 35.37 39.30 -1.10
N ASN C 36 36.41 38.77 -0.46
CA ASN C 36 37.27 39.51 0.45
C ASN C 36 38.65 39.65 -0.17
N TRP C 37 39.24 40.84 -0.03
CA TRP C 37 40.53 41.14 -0.61
C TRP C 37 41.57 41.26 0.49
N VAL C 38 42.54 40.34 0.49
CA VAL C 38 43.60 40.33 1.49
C VAL C 38 44.94 40.49 0.78
N ARG C 39 45.90 41.05 1.51
CA ARG C 39 47.20 41.39 0.95
C ARG C 39 48.31 40.94 1.87
N GLN C 40 49.36 40.36 1.29
CA GLN C 40 50.50 39.82 2.02
C GLN C 40 51.72 40.67 1.71
N ALA C 41 52.25 41.35 2.72
CA ALA C 41 53.44 42.15 2.53
C ALA C 41 54.64 41.25 2.25
N PRO C 42 55.73 41.82 1.70
CA PRO C 42 56.84 40.98 1.24
C PRO C 42 57.27 39.90 2.23
N GLY C 43 57.22 40.21 3.53
CA GLY C 43 57.62 39.25 4.54
C GLY C 43 56.76 39.26 5.79
N GLN C 44 55.55 39.79 5.68
CA GLN C 44 54.65 39.92 6.81
C GLN C 44 53.50 38.93 6.68
N SER C 45 52.56 39.01 7.61
CA SER C 45 51.37 38.18 7.57
C SER C 45 50.28 38.85 6.74
N LEU C 46 49.33 38.04 6.29
CA LEU C 46 48.26 38.55 5.44
C LEU C 46 47.44 39.59 6.17
N GLU C 47 47.05 40.64 5.45
CA GLU C 47 46.28 41.75 5.99
C GLU C 47 45.01 41.92 5.19
N TYR C 48 43.89 42.07 5.87
CA TYR C 48 42.58 42.15 5.22
C TYR C 48 42.28 43.58 4.81
N ILE C 49 41.81 43.75 3.57
CA ILE C 49 41.60 45.09 3.01
C ILE C 49 40.12 45.44 3.02
N GLY C 50 39.31 44.67 2.31
CA GLY C 50 37.90 44.99 2.20
C GLY C 50 37.15 43.82 1.62
N GLN C 51 35.84 44.02 1.44
CA GLN C 51 34.99 42.94 0.97
C GLN C 51 33.75 43.51 0.31
N ILE C 52 33.13 42.66 -0.52
CA ILE C 52 31.78 42.87 -1.00
C ILE C 52 30.99 41.63 -0.63
N TRP C 53 30.01 41.80 0.25
CA TRP C 53 29.33 40.64 0.82
C TRP C 53 27.93 40.43 0.28
N ARG C 54 27.10 41.47 0.26
CA ARG C 54 25.74 41.37 -0.28
C ARG C 54 25.51 42.51 -1.26
N TRP C 55 26.48 42.71 -2.15
CA TRP C 55 26.49 43.84 -3.07
C TRP C 55 26.68 45.16 -2.34
N LYS C 56 27.19 45.12 -1.11
CA LYS C 56 27.56 46.30 -0.37
C LYS C 56 29.02 46.16 0.06
N SER C 57 29.86 47.08 -0.41
CA SER C 57 31.29 46.99 -0.23
C SER C 57 31.74 47.69 1.04
N SER C 58 32.89 47.26 1.56
CA SER C 58 33.47 47.85 2.75
C SER C 58 34.97 47.68 2.73
N ALA C 59 35.66 48.55 3.46
CA ALA C 59 37.10 48.49 3.59
C ALA C 59 37.47 48.68 5.06
N SER C 60 38.61 48.10 5.44
CA SER C 60 39.02 48.15 6.83
C SER C 60 39.37 49.59 7.22
N HIS C 61 39.74 49.77 8.49
CA HIS C 61 39.99 51.11 9.01
C HIS C 61 41.15 51.78 8.28
N HIS C 62 42.23 51.03 8.03
CA HIS C 62 43.39 51.63 7.38
C HIS C 62 43.04 52.16 5.99
N PHE C 63 42.23 51.41 5.24
CA PHE C 63 42.01 51.66 3.82
C PHE C 63 40.73 52.43 3.55
N ARG C 64 39.98 52.83 4.58
CA ARG C 64 38.74 53.54 4.36
C ARG C 64 39.01 54.88 3.66
N GLY C 65 38.22 55.18 2.63
CA GLY C 65 38.41 56.39 1.86
C GLY C 65 39.57 56.36 0.91
N ARG C 66 40.23 55.22 0.74
CA ARG C 66 41.43 55.12 -0.06
C ARG C 66 41.46 53.91 -0.98
N VAL C 67 40.52 52.98 -0.86
CA VAL C 67 40.46 51.78 -1.67
C VAL C 67 39.05 51.67 -2.25
N LEU C 68 38.93 50.94 -3.35
CA LEU C 68 37.63 50.73 -4.00
C LEU C 68 37.48 49.26 -4.36
N ILE C 69 36.37 48.65 -3.93
CA ILE C 69 36.04 47.28 -4.26
C ILE C 69 34.74 47.29 -5.05
N SER C 70 34.73 46.59 -6.18
CA SER C 70 33.56 46.49 -7.03
C SER C 70 33.47 45.07 -7.58
N ALA C 71 32.26 44.68 -7.96
CA ALA C 71 32.04 43.34 -8.50
C ALA C 71 30.83 43.38 -9.41
N VAL C 72 30.87 42.53 -10.45
CA VAL C 72 29.75 42.35 -11.36
C VAL C 72 29.41 40.87 -11.41
N ASP C 73 28.15 40.58 -11.70
CA ASP C 73 27.63 39.23 -11.62
C ASP C 73 27.86 38.48 -12.93
N LEU C 74 27.36 37.23 -12.97
CA LEU C 74 27.48 36.40 -14.15
C LEU C 74 26.78 37.06 -15.33
N THR C 75 27.51 37.30 -16.42
CA THR C 75 26.96 38.04 -17.55
C THR C 75 27.47 37.44 -18.87
N GLY C 76 26.71 36.50 -19.42
CA GLY C 76 26.80 36.17 -20.82
C GLY C 76 28.05 35.44 -21.26
N SER C 77 29.19 36.14 -21.20
CA SER C 77 30.45 35.61 -21.70
C SER C 77 31.52 35.47 -20.64
N SER C 78 31.56 36.34 -19.65
CA SER C 78 32.55 36.30 -18.59
C SER C 78 31.93 35.85 -17.28
N PRO C 79 32.75 35.43 -16.33
CA PRO C 79 32.24 35.04 -15.02
C PRO C 79 32.00 36.26 -14.15
N PRO C 80 31.62 36.07 -12.89
CA PRO C 80 31.63 37.19 -11.96
C PRO C 80 33.06 37.68 -11.75
N ILE C 81 33.28 38.97 -11.96
CA ILE C 81 34.61 39.56 -11.84
C ILE C 81 34.57 40.64 -10.77
N SER C 82 35.53 40.58 -9.86
CA SER C 82 35.71 41.59 -8.83
C SER C 82 37.06 42.26 -9.01
N SER C 83 37.10 43.58 -8.87
CA SER C 83 38.30 44.34 -9.08
C SER C 83 38.55 45.26 -7.88
N LEU C 84 39.82 45.39 -7.50
CA LEU C 84 40.22 46.25 -6.40
C LEU C 84 41.08 47.38 -6.94
N GLU C 85 40.69 48.61 -6.65
CA GLU C 85 41.41 49.80 -7.09
C GLU C 85 42.01 50.51 -5.89
N ILE C 86 43.31 50.74 -5.93
CA ILE C 86 44.04 51.41 -4.86
C ILE C 86 44.52 52.75 -5.40
N LYS C 87 44.13 53.84 -4.75
CA LYS C 87 44.54 55.18 -5.14
C LYS C 87 45.60 55.70 -4.19
N ASN C 88 46.47 56.55 -4.72
CA ASN C 88 47.56 57.15 -3.94
C ASN C 88 48.48 56.07 -3.38
N LEU C 89 49.12 55.34 -4.28
CA LEU C 89 50.04 54.29 -3.87
C LEU C 89 51.18 54.89 -3.04
N THR C 90 51.63 54.13 -2.06
CA THR C 90 52.77 54.50 -1.22
C THR C 90 53.86 53.44 -1.38
N SER C 91 55.01 53.72 -0.75
CA SER C 91 56.12 52.78 -0.80
C SER C 91 55.81 51.46 -0.09
N ASP C 92 54.83 51.45 0.80
CA ASP C 92 54.49 50.25 1.57
C ASP C 92 53.30 49.50 0.99
N ASP C 93 52.83 49.88 -0.19
CA ASP C 93 51.69 49.22 -0.82
C ASP C 93 52.09 48.10 -1.75
N THR C 94 53.38 47.76 -1.84
CA THR C 94 53.85 46.69 -2.70
C THR C 94 53.71 45.37 -1.97
N ALA C 95 52.74 44.56 -2.35
CA ALA C 95 52.51 43.27 -1.72
C ALA C 95 51.71 42.40 -2.67
N VAL C 96 51.70 41.09 -2.37
CA VAL C 96 50.98 40.11 -3.19
C VAL C 96 49.51 40.16 -2.78
N TYR C 97 48.71 40.90 -3.54
CA TYR C 97 47.29 41.00 -3.27
C TYR C 97 46.59 39.70 -3.63
N PHE C 98 45.63 39.30 -2.79
CA PHE C 98 44.91 38.05 -2.96
C PHE C 98 43.41 38.32 -3.09
N CYS C 99 42.78 37.57 -3.99
CA CYS C 99 41.33 37.55 -4.13
C CYS C 99 40.82 36.29 -3.46
N THR C 100 39.78 36.45 -2.63
CA THR C 100 39.23 35.35 -1.86
C THR C 100 37.73 35.28 -2.05
N THR C 101 37.15 34.14 -1.68
CA THR C 101 35.73 33.90 -1.85
C THR C 101 35.27 32.84 -0.85
N THR C 102 34.15 33.10 -0.20
CA THR C 102 33.54 32.16 0.72
C THR C 102 32.08 31.97 0.33
N SER C 103 31.57 30.76 0.49
CA SER C 103 30.17 30.47 0.15
C SER C 103 29.30 30.85 1.34
N THR C 104 28.42 31.83 1.14
CA THR C 104 27.57 32.35 2.20
C THR C 104 26.15 31.79 2.16
N TYR C 105 25.87 30.86 1.24
CA TYR C 105 24.51 30.34 1.10
C TYR C 105 24.04 29.65 2.38
N ASP C 106 24.91 28.83 2.98
CA ASP C 106 24.53 28.13 4.20
C ASP C 106 24.52 29.09 5.39
N ARG C 107 23.46 29.04 6.17
CA ARG C 107 23.30 29.97 7.30
C ARG C 107 23.92 29.46 8.59
N TRP C 108 24.16 28.16 8.70
CA TRP C 108 24.76 27.54 9.87
C TRP C 108 26.16 27.05 9.56
N SER C 109 26.92 27.83 8.78
CA SER C 109 28.15 27.31 8.20
C SER C 109 29.29 27.27 9.20
N GLY C 110 29.68 28.42 9.73
CA GLY C 110 30.88 28.52 10.52
C GLY C 110 32.11 28.95 9.75
N LEU C 111 32.07 28.88 8.42
CA LEU C 111 33.06 29.57 7.60
C LEU C 111 32.88 31.07 7.68
N HIS C 112 31.69 31.54 8.04
CA HIS C 112 31.38 32.95 8.20
C HIS C 112 30.65 33.16 9.52
N HIS C 113 30.98 34.25 10.20
CA HIS C 113 30.34 34.60 11.47
C HIS C 113 29.68 35.96 11.30
N ASP C 114 28.46 35.95 10.78
CA ASP C 114 27.60 37.13 10.68
C ASP C 114 28.41 38.38 10.32
N GLY C 115 29.05 38.32 9.16
CA GLY C 115 29.75 39.46 8.58
C GLY C 115 31.23 39.21 8.35
N VAL C 116 31.87 38.39 9.18
CA VAL C 116 33.29 38.09 9.10
C VAL C 116 33.44 36.64 8.68
N MET C 117 34.34 36.39 7.71
CA MET C 117 34.42 35.09 7.06
C MET C 117 35.80 34.47 7.20
N ALA C 118 35.82 33.15 7.07
CA ALA C 118 37.03 32.40 6.76
C ALA C 118 37.14 32.25 5.24
N PHE C 119 38.36 32.33 4.74
CA PHE C 119 38.64 32.42 3.31
C PHE C 119 38.85 31.01 2.77
N SER C 120 37.80 30.46 2.13
CA SER C 120 37.85 29.08 1.67
C SER C 120 38.52 28.92 0.31
N SER C 121 38.42 29.91 -0.56
CA SER C 121 39.03 29.83 -1.88
C SER C 121 39.87 31.07 -2.12
N TRP C 122 41.10 30.86 -2.61
CA TRP C 122 42.07 31.92 -2.80
C TRP C 122 42.42 32.07 -4.27
N GLY C 123 42.88 33.26 -4.63
CA GLY C 123 43.27 33.52 -5.99
C GLY C 123 44.63 32.89 -6.20
N GLN C 124 45.56 33.60 -6.82
CA GLN C 124 46.92 33.10 -6.96
C GLN C 124 48.00 34.10 -6.59
N GLY C 125 47.72 35.40 -6.65
CA GLY C 125 48.75 36.40 -6.37
C GLY C 125 48.78 37.42 -7.50
N THR C 126 48.80 38.69 -7.11
CA THR C 126 48.85 39.80 -8.05
C THR C 126 49.89 40.82 -7.58
N LEU C 127 51.10 40.33 -7.25
CA LEU C 127 52.15 41.13 -6.67
C LEU C 127 52.29 42.48 -7.35
N ILE C 128 52.06 43.55 -6.58
CA ILE C 128 52.17 44.92 -7.05
C ILE C 128 53.48 45.49 -6.55
N SER C 129 54.29 46.03 -7.46
CA SER C 129 55.58 46.61 -7.13
C SER C 129 55.50 48.12 -7.29
N VAL C 130 55.39 48.83 -6.18
CA VAL C 130 55.36 50.29 -6.18
C VAL C 130 56.78 50.78 -5.91
N SER C 131 57.41 51.33 -6.94
CA SER C 131 58.80 51.77 -6.85
C SER C 131 59.02 52.90 -7.85
N ALA C 132 60.10 53.64 -7.63
CA ALA C 132 60.48 54.76 -8.48
C ALA C 132 61.64 54.35 -9.39
N ALA C 133 62.16 55.32 -10.14
CA ALA C 133 63.27 55.08 -11.05
C ALA C 133 62.83 54.29 -12.28
N SER C 134 63.52 54.48 -13.39
CA SER C 134 63.18 53.79 -14.63
C SER C 134 63.86 52.43 -14.70
N THR C 135 63.39 51.60 -15.63
CA THR C 135 63.97 50.29 -15.82
C THR C 135 65.45 50.42 -16.21
N LYS C 136 66.28 49.59 -15.59
CA LYS C 136 67.72 49.62 -15.80
C LYS C 136 68.21 48.27 -16.28
N GLY C 137 69.20 48.30 -17.18
CA GLY C 137 69.77 47.09 -17.72
C GLY C 137 70.53 46.30 -16.67
N PRO C 138 70.61 44.98 -16.87
CA PRO C 138 71.29 44.10 -15.90
C PRO C 138 72.79 44.00 -16.11
N SER C 139 73.51 45.03 -15.69
CA SER C 139 74.97 44.98 -15.73
C SER C 139 75.49 43.84 -14.87
N VAL C 140 76.43 43.08 -15.42
CA VAL C 140 76.94 41.87 -14.78
C VAL C 140 78.42 42.05 -14.47
N PHE C 141 78.83 41.59 -13.30
CA PHE C 141 80.22 41.58 -12.88
C PHE C 141 80.62 40.18 -12.45
N PRO C 142 81.89 39.82 -12.63
CA PRO C 142 82.30 38.42 -12.38
C PRO C 142 82.77 38.17 -10.97
N LEU C 143 82.41 37.00 -10.44
CA LEU C 143 82.96 36.50 -9.19
C LEU C 143 84.08 35.53 -9.52
N ALA C 144 85.21 36.08 -9.92
CA ALA C 144 86.34 35.28 -10.37
C ALA C 144 86.96 34.54 -9.19
N PRO C 145 87.11 33.22 -9.24
CA PRO C 145 87.76 32.51 -8.13
C PRO C 145 89.20 32.93 -7.97
N SER C 146 89.65 32.94 -6.72
CA SER C 146 91.03 33.32 -6.40
C SER C 146 91.47 32.53 -5.18
N SER C 147 92.33 31.54 -5.40
CA SER C 147 92.86 30.72 -4.31
C SER C 147 91.73 29.95 -3.60
N THR C 154 88.29 22.24 -2.87
CA THR C 154 87.17 22.62 -3.73
C THR C 154 86.67 24.03 -3.39
N ALA C 155 86.53 24.86 -4.41
CA ALA C 155 86.06 26.22 -4.27
C ALA C 155 84.71 26.37 -4.98
N ALA C 156 84.15 27.58 -4.90
CA ALA C 156 82.86 27.89 -5.51
C ALA C 156 82.91 29.30 -6.08
N LEU C 157 82.63 29.43 -7.36
CA LEU C 157 82.60 30.71 -8.04
C LEU C 157 81.16 31.07 -8.40
N GLY C 158 81.00 32.20 -9.09
CA GLY C 158 79.66 32.63 -9.47
C GLY C 158 79.73 33.94 -10.23
N CYS C 159 78.54 34.50 -10.45
CA CYS C 159 78.38 35.76 -11.18
C CYS C 159 77.58 36.73 -10.33
N LEU C 160 77.86 38.03 -10.52
CA LEU C 160 77.20 39.09 -9.78
C LEU C 160 76.45 39.99 -10.75
N VAL C 161 75.17 40.23 -10.47
CA VAL C 161 74.33 41.15 -11.23
C VAL C 161 73.74 42.16 -10.26
N LYS C 162 73.81 43.44 -10.61
CA LYS C 162 73.34 44.49 -9.73
C LYS C 162 72.85 45.67 -10.55
N ASP C 163 72.12 46.56 -9.88
CA ASP C 163 71.58 47.77 -10.52
C ASP C 163 70.71 47.41 -11.72
N TYR C 164 69.84 46.42 -11.54
CA TYR C 164 68.85 46.05 -12.55
C TYR C 164 67.46 46.16 -11.95
N PHE C 165 66.50 46.58 -12.77
CA PHE C 165 65.14 46.79 -12.29
C PHE C 165 64.21 46.94 -13.48
N PRO C 166 62.96 46.45 -13.38
CA PRO C 166 62.43 45.66 -12.25
C PRO C 166 62.89 44.22 -12.34
N GLU C 167 62.28 43.34 -11.56
CA GLU C 167 62.52 41.91 -11.71
C GLU C 167 61.80 41.40 -12.94
N PRO C 168 62.02 40.13 -13.31
CA PRO C 168 62.96 39.17 -12.73
C PRO C 168 64.14 38.92 -13.66
N VAL C 169 65.16 38.19 -13.19
CA VAL C 169 66.28 37.80 -14.02
C VAL C 169 66.55 36.32 -13.82
N THR C 170 66.68 35.59 -14.92
CA THR C 170 66.99 34.16 -14.88
C THR C 170 68.47 33.97 -15.20
N VAL C 171 69.14 33.15 -14.41
CA VAL C 171 70.57 32.92 -14.55
C VAL C 171 70.79 31.47 -14.98
N SER C 172 71.48 31.29 -16.09
CA SER C 172 71.85 29.97 -16.60
C SER C 172 73.34 29.93 -16.85
N TRP C 173 73.98 28.84 -16.45
CA TRP C 173 75.42 28.67 -16.57
C TRP C 173 75.72 27.71 -17.72
N ASN C 174 76.65 28.11 -18.58
CA ASN C 174 77.01 27.31 -19.75
C ASN C 174 75.78 26.99 -20.59
N SER C 175 74.99 28.04 -20.86
CA SER C 175 73.74 27.91 -21.60
C SER C 175 72.79 26.94 -20.90
N GLY C 176 72.78 26.98 -19.57
CA GLY C 176 71.91 26.13 -18.80
C GLY C 176 72.27 24.66 -18.81
N ALA C 177 73.53 24.33 -19.11
CA ALA C 177 73.95 22.94 -19.12
C ALA C 177 74.16 22.41 -17.70
N LEU C 178 75.09 23.01 -16.97
CA LEU C 178 75.34 22.62 -15.59
C LEU C 178 74.25 23.18 -14.68
N THR C 179 73.68 22.32 -13.84
CA THR C 179 72.65 22.74 -12.91
C THR C 179 73.02 22.36 -11.48
N SER C 180 73.72 21.23 -11.32
CA SER C 180 74.13 20.79 -10.00
C SER C 180 75.11 21.78 -9.38
N GLY C 181 74.89 22.11 -8.11
CA GLY C 181 75.74 23.06 -7.41
C GLY C 181 75.40 24.51 -7.65
N VAL C 182 74.36 24.81 -8.42
CA VAL C 182 73.97 26.19 -8.70
C VAL C 182 73.08 26.68 -7.57
N HIS C 183 73.46 27.81 -6.96
CA HIS C 183 72.72 28.41 -5.85
C HIS C 183 72.52 29.88 -6.18
N THR C 184 71.42 30.18 -6.89
CA THR C 184 71.08 31.55 -7.25
C THR C 184 70.36 32.20 -6.08
N PHE C 185 71.06 33.07 -5.36
CA PHE C 185 70.46 33.71 -4.19
C PHE C 185 69.36 34.68 -4.64
N PRO C 186 68.29 34.81 -3.87
CA PRO C 186 67.22 35.74 -4.25
C PRO C 186 67.71 37.18 -4.25
N ALA C 187 67.11 37.99 -5.11
CA ALA C 187 67.51 39.39 -5.23
C ALA C 187 67.22 40.15 -3.94
N VAL C 188 68.06 41.15 -3.67
CA VAL C 188 67.93 41.99 -2.49
C VAL C 188 67.82 43.44 -2.95
N LEU C 189 66.75 44.11 -2.53
CA LEU C 189 66.54 45.50 -2.91
C LEU C 189 67.57 46.40 -2.23
N GLN C 190 68.15 47.30 -3.01
CA GLN C 190 69.17 48.21 -2.50
C GLN C 190 68.52 49.45 -1.91
N SER C 191 69.34 50.42 -1.51
CA SER C 191 68.85 51.67 -0.96
C SER C 191 68.59 52.72 -2.03
N SER C 192 68.95 52.45 -3.28
CA SER C 192 68.74 53.38 -4.39
C SER C 192 67.59 52.97 -5.29
N GLY C 193 66.66 52.17 -4.77
CA GLY C 193 65.52 51.73 -5.56
C GLY C 193 65.87 50.81 -6.70
N LEU C 194 66.85 49.94 -6.51
CA LEU C 194 67.26 48.98 -7.52
C LEU C 194 67.37 47.60 -6.87
N TYR C 195 67.78 46.61 -7.65
CA TYR C 195 67.91 45.24 -7.18
C TYR C 195 69.27 44.68 -7.57
N SER C 196 69.70 43.66 -6.83
CA SER C 196 70.95 42.97 -7.10
C SER C 196 70.84 41.55 -6.60
N LEU C 197 71.68 40.68 -7.16
CA LEU C 197 71.70 39.28 -6.76
C LEU C 197 73.04 38.68 -7.13
N SER C 198 73.34 37.54 -6.53
CA SER C 198 74.55 36.78 -6.80
C SER C 198 74.19 35.33 -7.06
N SER C 199 74.65 34.80 -8.19
CA SER C 199 74.47 33.40 -8.54
C SER C 199 75.85 32.75 -8.61
N VAL C 200 76.03 31.66 -7.87
CA VAL C 200 77.32 30.99 -7.78
C VAL C 200 77.14 29.51 -8.02
N VAL C 201 78.23 28.85 -8.42
CA VAL C 201 78.26 27.41 -8.62
C VAL C 201 79.50 26.85 -7.96
N THR C 202 79.37 25.65 -7.40
CA THR C 202 80.49 24.96 -6.76
C THR C 202 81.02 23.87 -7.67
N VAL C 203 82.31 23.91 -7.95
CA VAL C 203 82.94 22.93 -8.83
C VAL C 203 84.28 22.51 -8.26
N PRO C 204 84.73 21.31 -8.60
CA PRO C 204 86.02 20.84 -8.11
C PRO C 204 87.15 21.76 -8.56
N SER C 205 88.14 21.92 -7.68
CA SER C 205 89.25 22.83 -7.97
C SER C 205 90.05 22.39 -9.18
N SER C 206 90.30 21.09 -9.32
CA SER C 206 91.14 20.61 -10.42
C SER C 206 90.57 20.96 -11.79
N SER C 207 89.25 21.10 -11.89
CA SER C 207 88.59 21.34 -13.17
C SER C 207 88.41 22.82 -13.46
N LEU C 208 88.94 23.71 -12.62
CA LEU C 208 88.72 25.14 -12.82
C LEU C 208 89.29 25.61 -14.16
N GLY C 209 90.51 25.19 -14.49
CA GLY C 209 91.12 25.58 -15.74
C GLY C 209 90.75 24.69 -16.90
N THR C 210 90.30 23.48 -16.61
CA THR C 210 89.96 22.53 -17.66
C THR C 210 88.65 22.90 -18.35
N GLN C 211 87.67 23.37 -17.57
CA GLN C 211 86.34 23.70 -18.09
C GLN C 211 86.07 25.18 -17.86
N THR C 212 85.53 25.85 -18.87
CA THR C 212 85.12 27.24 -18.76
C THR C 212 83.67 27.32 -18.32
N TYR C 213 83.38 28.31 -17.48
CA TYR C 213 82.05 28.53 -16.94
C TYR C 213 81.56 29.91 -17.35
N ILE C 214 80.38 29.96 -17.96
CA ILE C 214 79.77 31.20 -18.43
C ILE C 214 78.35 31.28 -17.91
N CYS C 215 77.97 32.46 -17.42
CA CYS C 215 76.64 32.69 -16.85
C CYS C 215 75.84 33.57 -17.81
N ASN C 216 74.58 33.20 -18.03
CA ASN C 216 73.68 33.95 -18.90
C ASN C 216 72.78 34.82 -18.04
N VAL C 217 72.79 36.13 -18.30
CA VAL C 217 71.97 37.09 -17.57
C VAL C 217 70.85 37.52 -18.49
N ASN C 218 69.64 37.08 -18.19
CA ASN C 218 68.45 37.40 -18.99
C ASN C 218 67.63 38.46 -18.28
N HIS C 219 67.01 39.34 -19.06
CA HIS C 219 66.20 40.42 -18.53
C HIS C 219 65.07 40.72 -19.50
N LYS C 220 63.84 40.47 -19.05
CA LYS C 220 62.66 40.63 -19.91
C LYS C 220 62.28 42.10 -20.08
N PRO C 221 62.07 42.83 -18.99
CA PRO C 221 61.58 44.22 -19.14
C PRO C 221 62.48 45.08 -20.00
N SER C 222 63.80 44.92 -19.89
CA SER C 222 64.74 45.69 -20.68
C SER C 222 65.10 45.03 -22.00
N ASN C 223 64.69 43.77 -22.22
CA ASN C 223 65.02 43.03 -23.44
C ASN C 223 66.53 42.87 -23.62
N THR C 224 67.30 43.07 -22.56
CA THR C 224 68.75 43.01 -22.63
C THR C 224 69.22 41.67 -22.08
N LYS C 225 69.87 40.88 -22.93
CA LYS C 225 70.45 39.59 -22.54
C LYS C 225 71.96 39.72 -22.62
N VAL C 226 72.65 39.47 -21.51
CA VAL C 226 74.09 39.62 -21.41
C VAL C 226 74.68 38.27 -21.03
N ASP C 227 75.66 37.82 -21.82
CA ASP C 227 76.40 36.61 -21.53
C ASP C 227 77.84 36.97 -21.19
N LYS C 228 78.31 36.48 -20.04
CA LYS C 228 79.64 36.78 -19.56
C LYS C 228 80.39 35.50 -19.25
N ARG C 229 81.72 35.57 -19.36
CA ARG C 229 82.59 34.44 -19.06
C ARG C 229 83.45 34.77 -17.85
N VAL C 230 83.56 33.82 -16.93
CA VAL C 230 84.34 34.00 -15.71
C VAL C 230 85.66 33.25 -15.85
N GLU C 231 86.72 33.87 -15.35
CA GLU C 231 88.06 33.31 -15.43
C GLU C 231 88.64 33.20 -14.03
N PRO C 232 89.05 32.01 -13.59
CA PRO C 232 89.64 31.87 -12.25
C PRO C 232 90.90 32.71 -12.12
N LYS C 233 91.10 33.27 -10.94
CA LYS C 233 92.27 34.09 -10.66
C LYS C 233 93.30 33.27 -9.87
N ILE D 2 41.01 41.98 18.54
CA ILE D 2 41.80 40.83 18.95
C ILE D 2 43.05 40.72 18.09
N GLN D 3 44.08 40.07 18.63
CA GLN D 3 45.32 39.82 17.90
C GLN D 3 45.86 38.46 18.31
N MET D 4 46.10 37.60 17.33
CA MET D 4 46.60 36.26 17.60
C MET D 4 48.12 36.27 17.69
N THR D 5 48.66 35.37 18.50
CA THR D 5 50.09 35.27 18.75
C THR D 5 50.51 33.82 18.65
N GLN D 6 51.09 33.43 17.52
CA GLN D 6 51.52 32.07 17.29
C GLN D 6 52.88 31.82 17.93
N SER D 7 53.18 30.55 18.18
CA SER D 7 54.45 30.18 18.79
C SER D 7 54.66 28.68 18.62
N PRO D 8 55.87 28.24 18.25
CA PRO D 8 57.07 29.02 17.96
C PRO D 8 57.09 29.55 16.52
N SER D 9 57.89 30.57 16.23
CA SER D 9 57.96 31.10 14.87
C SER D 9 58.62 30.12 13.92
N THR D 10 59.52 29.27 14.40
CA THR D 10 60.13 28.22 13.59
C THR D 10 60.06 26.92 14.36
N LEU D 11 59.58 25.87 13.72
CA LEU D 11 59.28 24.60 14.39
C LEU D 11 59.81 23.43 13.58
N SER D 12 61.07 23.51 13.18
CA SER D 12 61.67 22.46 12.35
C SER D 12 61.44 21.08 12.97
N ALA D 13 60.97 20.15 12.14
CA ALA D 13 60.71 18.79 12.58
C ALA D 13 60.89 17.83 11.42
N SER D 14 61.11 16.57 11.75
CA SER D 14 61.35 15.54 10.76
C SER D 14 60.04 14.86 10.36
N THR D 15 60.03 14.30 9.15
CA THR D 15 58.85 13.62 8.65
C THR D 15 58.56 12.38 9.48
N GLY D 16 57.27 12.00 9.52
CA GLY D 16 56.84 10.80 10.21
C GLY D 16 56.45 10.99 11.66
N ASP D 17 56.66 12.17 12.23
CA ASP D 17 56.31 12.45 13.61
C ASP D 17 55.05 13.31 13.66
N THR D 18 54.70 13.77 14.86
CA THR D 18 53.53 14.61 15.09
C THR D 18 54.01 16.01 15.48
N VAL D 19 53.31 17.02 14.97
CA VAL D 19 53.68 18.42 15.17
C VAL D 19 52.49 19.14 15.81
N ARG D 20 52.79 20.27 16.48
CA ARG D 20 51.77 20.99 17.23
C ARG D 20 52.09 22.48 17.18
N ILE D 21 51.22 23.25 16.52
CA ILE D 21 51.31 24.71 16.52
C ILE D 21 50.33 25.24 17.56
N SER D 22 50.71 26.33 18.21
CA SER D 22 49.88 26.94 19.24
C SER D 22 49.56 28.38 18.84
N CYS D 23 48.42 28.87 19.32
CA CYS D 23 47.89 30.14 18.87
C CYS D 23 47.02 30.71 19.99
N ARG D 24 47.51 31.75 20.66
CA ARG D 24 46.81 32.35 21.79
C ARG D 24 46.29 33.72 21.40
N ALA D 25 45.00 33.92 21.54
CA ALA D 25 44.36 35.19 21.21
C ALA D 25 44.37 36.13 22.41
N SER D 26 44.21 37.42 22.14
CA SER D 26 44.23 38.42 23.20
C SER D 26 43.11 38.15 24.22
N GLN D 27 41.88 38.01 23.74
CA GLN D 27 40.75 37.72 24.60
C GLN D 27 40.16 36.36 24.25
N SER D 28 39.26 35.90 25.11
CA SER D 28 38.66 34.58 24.94
C SER D 28 37.75 34.56 23.73
N ILE D 29 37.94 33.55 22.87
CA ILE D 29 37.07 33.33 21.73
C ILE D 29 36.26 32.08 22.09
N THR D 30 35.07 32.29 22.67
CA THR D 30 34.26 31.18 23.13
C THR D 30 33.42 30.54 22.03
N GLY D 31 33.27 31.21 20.89
CA GLY D 31 32.56 30.64 19.77
C GLY D 31 33.40 29.74 18.88
N ASN D 32 34.71 29.69 19.09
CA ASN D 32 35.61 28.89 18.27
C ASN D 32 35.68 29.43 16.85
N TRP D 33 35.73 30.77 16.73
CA TRP D 33 35.89 31.42 15.44
C TRP D 33 37.38 31.56 15.13
N VAL D 34 37.97 30.46 14.69
CA VAL D 34 39.39 30.42 14.38
C VAL D 34 39.65 29.38 13.30
N ALA D 35 40.29 29.79 12.22
CA ALA D 35 40.64 28.91 11.11
C ALA D 35 42.14 28.92 10.89
N TRP D 36 42.64 27.84 10.30
CA TRP D 36 44.07 27.62 10.12
C TRP D 36 44.39 27.52 8.63
N TYR D 37 45.36 28.30 8.19
CA TYR D 37 45.77 28.33 6.79
C TYR D 37 47.21 27.87 6.66
N GLN D 38 47.49 27.12 5.60
CA GLN D 38 48.83 26.65 5.30
C GLN D 38 49.29 27.26 3.98
N GLN D 39 50.45 27.89 4.01
CA GLN D 39 51.05 28.50 2.82
C GLN D 39 52.36 27.79 2.52
N ARG D 40 52.58 27.46 1.26
CA ARG D 40 53.83 26.88 0.81
C ARG D 40 54.62 27.90 0.00
N PRO D 41 55.94 27.74 -0.08
CA PRO D 41 56.75 28.73 -0.79
C PRO D 41 56.27 28.99 -2.20
N GLY D 42 56.00 30.26 -2.52
CA GLY D 42 55.51 30.61 -3.84
C GLY D 42 54.13 30.09 -4.17
N LYS D 43 53.19 30.18 -3.24
CA LYS D 43 51.82 29.75 -3.47
C LYS D 43 50.88 30.61 -2.62
N ALA D 44 49.59 30.42 -2.82
CA ALA D 44 48.57 31.14 -2.06
C ALA D 44 48.18 30.35 -0.83
N PRO D 45 47.73 31.01 0.24
CA PRO D 45 47.35 30.28 1.45
C PRO D 45 46.31 29.20 1.17
N ARG D 46 46.02 28.39 2.17
CA ARG D 46 45.15 27.23 1.98
C ARG D 46 44.47 26.93 3.32
N LEU D 47 43.14 26.94 3.32
CA LEU D 47 42.40 26.67 4.54
C LEU D 47 42.48 25.20 4.90
N LEU D 48 42.79 24.92 6.17
CA LEU D 48 42.77 23.56 6.69
C LEU D 48 41.63 23.35 7.67
N ILE D 49 41.55 24.21 8.69
CA ILE D 49 40.62 24.07 9.80
C ILE D 49 39.84 25.36 9.94
N TYR D 50 38.54 25.24 10.19
CA TYR D 50 37.69 26.39 10.51
C TYR D 50 36.78 26.01 11.68
N ARG D 51 36.23 27.03 12.35
CA ARG D 51 35.40 26.81 13.52
C ARG D 51 36.16 26.09 14.60
N GLY D 52 37.44 26.43 14.75
CA GLY D 52 38.27 25.82 15.77
C GLY D 52 38.96 24.56 15.31
N ALA D 53 38.19 23.47 15.16
CA ALA D 53 38.77 22.17 14.82
C ALA D 53 37.91 21.42 13.81
N ALA D 54 37.37 22.13 12.83
CA ALA D 54 36.55 21.52 11.78
C ALA D 54 37.39 21.37 10.52
N LEU D 55 37.42 20.16 9.97
CA LEU D 55 38.28 19.86 8.82
C LEU D 55 37.58 20.26 7.54
N LEU D 56 38.19 21.16 6.78
CA LEU D 56 37.65 21.55 5.49
C LEU D 56 37.70 20.38 4.52
N GLY D 57 36.66 20.25 3.70
CA GLY D 57 36.57 19.14 2.78
C GLY D 57 37.75 19.02 1.84
N GLY D 58 38.36 17.84 1.80
CA GLY D 58 39.50 17.57 0.97
C GLY D 58 40.83 17.59 1.71
N VAL D 59 40.87 18.22 2.88
CA VAL D 59 42.12 18.29 3.66
C VAL D 59 42.45 16.90 4.18
N PRO D 60 43.72 16.53 4.28
CA PRO D 60 44.07 15.22 4.87
C PRO D 60 43.60 15.14 6.31
N SER D 61 43.14 13.96 6.70
CA SER D 61 42.68 13.78 8.07
C SER D 61 43.81 13.76 9.08
N ARG D 62 45.05 14.06 8.65
CA ARG D 62 46.16 14.12 9.58
C ARG D 62 46.12 15.37 10.44
N PHE D 63 45.59 16.47 9.91
CA PHE D 63 45.42 17.68 10.69
C PHE D 63 44.33 17.49 11.73
N ARG D 64 44.51 18.12 12.88
CA ARG D 64 43.54 18.01 13.98
C ARG D 64 43.65 19.24 14.86
N GLY D 65 42.71 20.18 14.66
CA GLY D 65 42.69 21.39 15.47
C GLY D 65 42.04 21.18 16.82
N SER D 66 42.12 22.22 17.65
CA SER D 66 41.55 22.16 18.99
C SER D 66 41.36 23.58 19.50
N ALA D 67 40.24 23.83 20.15
CA ALA D 67 39.91 25.14 20.69
C ALA D 67 39.80 25.08 22.21
N ALA D 68 40.35 26.09 22.88
CA ALA D 68 40.31 26.15 24.34
C ALA D 68 40.00 27.56 24.84
N GLY D 69 39.09 28.27 24.17
CA GLY D 69 38.68 29.58 24.63
C GLY D 69 39.66 30.69 24.32
N THR D 70 40.91 30.51 24.76
CA THR D 70 41.97 31.45 24.45
C THR D 70 43.21 30.79 23.86
N ASP D 71 43.30 29.46 23.88
CA ASP D 71 44.47 28.74 23.38
C ASP D 71 44.00 27.73 22.34
N PHE D 72 44.16 28.09 21.07
CA PHE D 72 43.80 27.23 19.95
C PHE D 72 45.06 26.59 19.38
N THR D 73 44.96 25.32 19.01
CA THR D 73 46.12 24.55 18.58
C THR D 73 45.85 23.87 17.26
N LEU D 74 46.93 23.44 16.61
CA LEU D 74 46.88 22.64 15.40
C LEU D 74 47.90 21.51 15.54
N THR D 75 47.47 20.29 15.22
CA THR D 75 48.30 19.10 15.32
C THR D 75 48.46 18.49 13.93
N ILE D 76 49.68 18.53 13.41
CA ILE D 76 50.01 17.84 12.16
C ILE D 76 50.60 16.50 12.57
N GLY D 77 49.73 15.51 12.75
CA GLY D 77 50.18 14.18 13.14
C GLY D 77 50.61 13.37 11.92
N ASN D 78 51.68 12.60 12.10
CA ASN D 78 52.24 11.80 11.01
C ASN D 78 52.63 12.71 9.84
N LEU D 79 53.64 13.54 10.08
CA LEU D 79 54.06 14.53 9.10
C LEU D 79 54.57 13.87 7.82
N GLN D 80 54.11 14.38 6.68
CA GLN D 80 54.68 14.10 5.37
C GLN D 80 55.55 15.27 4.92
N ALA D 81 56.03 15.19 3.68
CA ALA D 81 56.84 16.25 3.09
C ALA D 81 56.01 17.36 2.46
N GLU D 82 54.70 17.17 2.30
CA GLU D 82 53.84 18.19 1.73
C GLU D 82 53.29 19.15 2.78
N ASP D 83 53.57 18.90 4.06
CA ASP D 83 53.09 19.75 5.15
C ASP D 83 54.17 20.64 5.71
N PHE D 84 55.05 21.17 4.87
CA PHE D 84 56.11 22.08 5.29
C PHE D 84 55.82 23.46 4.73
N GLY D 85 55.63 24.43 5.61
CA GLY D 85 55.35 25.78 5.20
C GLY D 85 54.69 26.56 6.31
N THR D 86 54.50 27.84 6.05
CA THR D 86 53.91 28.73 7.03
C THR D 86 52.50 28.28 7.38
N PHE D 87 52.16 28.34 8.67
CA PHE D 87 50.82 28.06 9.16
C PHE D 87 50.27 29.32 9.81
N TYR D 88 49.18 29.84 9.27
CA TYR D 88 48.63 31.10 9.72
C TYR D 88 47.40 30.86 10.59
N CYS D 89 47.20 31.78 11.53
CA CYS D 89 46.08 31.74 12.46
C CYS D 89 45.18 32.93 12.18
N GLN D 90 43.90 32.64 11.92
CA GLN D 90 42.91 33.68 11.68
C GLN D 90 41.81 33.57 12.72
N GLN D 91 41.20 34.71 13.04
CA GLN D 91 40.06 34.77 13.94
C GLN D 91 38.98 35.62 13.30
N TYR D 92 37.79 35.06 13.12
CA TYR D 92 36.65 35.79 12.59
C TYR D 92 35.56 35.93 13.64
N ASP D 93 35.97 36.26 14.86
CA ASP D 93 35.05 36.53 15.95
C ASP D 93 34.62 37.99 15.99
N THR D 94 35.52 38.91 15.64
CA THR D 94 35.20 40.34 15.65
C THR D 94 35.79 40.99 14.42
N TYR D 95 35.17 42.08 13.98
CA TYR D 95 35.63 42.80 12.80
C TYR D 95 36.87 43.62 13.13
N PRO D 96 37.94 43.52 12.33
CA PRO D 96 38.08 42.71 11.12
C PRO D 96 38.82 41.41 11.41
N GLY D 97 38.76 40.44 10.51
CA GLY D 97 39.52 39.22 10.68
C GLY D 97 41.00 39.53 10.82
N THR D 98 41.69 38.77 11.66
CA THR D 98 43.10 39.02 11.94
C THR D 98 43.89 37.73 11.79
N PHE D 99 45.11 37.85 11.30
CA PHE D 99 46.01 36.72 11.13
C PHE D 99 47.09 36.73 12.20
N GLY D 100 47.73 35.59 12.37
CA GLY D 100 48.82 35.48 13.30
C GLY D 100 50.07 36.10 12.71
N GLN D 101 51.20 35.43 12.84
CA GLN D 101 52.42 35.89 12.19
C GLN D 101 53.14 34.84 11.37
N GLY D 102 52.90 33.55 11.60
CA GLY D 102 53.53 32.50 10.82
C GLY D 102 54.26 31.51 11.69
N THR D 103 54.36 30.28 11.21
CA THR D 103 55.08 29.21 11.89
C THR D 103 55.72 28.33 10.82
N LYS D 104 57.01 28.53 10.58
CA LYS D 104 57.72 27.84 9.50
C LYS D 104 58.13 26.46 10.00
N VAL D 105 57.66 25.42 9.31
CA VAL D 105 58.01 24.04 9.65
C VAL D 105 59.07 23.56 8.67
N GLU D 106 60.20 23.12 9.21
CA GLU D 106 61.36 22.72 8.41
C GLU D 106 61.66 21.25 8.66
N VAL D 107 62.75 20.76 8.06
CA VAL D 107 63.17 19.38 8.24
C VAL D 107 64.35 19.34 9.21
N LYS D 108 64.58 18.15 9.76
CA LYS D 108 65.57 17.98 10.82
C LYS D 108 66.94 17.57 10.28
N ARG D 109 67.00 16.43 9.59
CA ARG D 109 68.27 15.91 9.07
C ARG D 109 69.33 15.88 10.16
N THR D 110 70.43 16.61 9.95
CA THR D 110 71.51 16.65 10.93
C THR D 110 72.30 17.94 10.74
N VAL D 111 72.99 18.36 11.80
CA VAL D 111 73.75 19.60 11.76
C VAL D 111 74.90 19.47 10.79
N ALA D 112 75.08 20.49 9.95
CA ALA D 112 76.18 20.56 8.99
C ALA D 112 76.98 21.84 9.23
N ALA D 113 78.03 22.01 8.43
CA ALA D 113 78.90 23.17 8.53
C ALA D 113 79.09 23.82 7.17
N PRO D 114 79.21 25.14 7.12
CA PRO D 114 79.34 25.83 5.83
C PRO D 114 80.78 25.84 5.33
N SER D 115 80.91 26.23 4.06
CA SER D 115 82.21 26.37 3.40
C SER D 115 82.31 27.79 2.86
N VAL D 116 82.88 28.69 3.64
CA VAL D 116 82.93 30.10 3.28
C VAL D 116 83.85 30.30 2.08
N PHE D 117 83.51 31.28 1.24
CA PHE D 117 84.34 31.67 0.11
C PHE D 117 84.23 33.20 -0.04
N ILE D 118 85.37 33.87 0.07
CA ILE D 118 85.45 35.32 -0.12
C ILE D 118 85.99 35.61 -1.51
N PHE D 119 85.50 36.70 -2.08
CA PHE D 119 85.92 37.12 -3.42
C PHE D 119 86.32 38.59 -3.40
N PRO D 120 87.20 39.01 -4.31
CA PRO D 120 87.63 40.42 -4.32
C PRO D 120 86.68 41.25 -5.17
N PRO D 121 86.70 42.58 -5.00
CA PRO D 121 85.93 43.44 -5.92
C PRO D 121 86.39 43.26 -7.35
N SER D 122 85.46 42.90 -8.24
CA SER D 122 85.80 42.60 -9.62
C SER D 122 86.52 43.78 -10.27
N ASP D 123 87.57 43.47 -11.02
CA ASP D 123 88.30 44.52 -11.73
C ASP D 123 87.40 45.25 -12.72
N GLU D 124 86.58 44.50 -13.46
CA GLU D 124 85.59 45.14 -14.33
C GLU D 124 84.59 45.94 -13.52
N GLN D 125 84.15 45.38 -12.38
CA GLN D 125 83.23 46.12 -11.52
C GLN D 125 83.88 47.36 -10.92
N LEU D 126 85.20 47.32 -10.70
CA LEU D 126 85.89 48.48 -10.15
C LEU D 126 85.80 49.68 -11.09
N LYS D 127 85.94 49.43 -12.41
CA LYS D 127 85.90 50.52 -13.36
C LYS D 127 84.55 51.23 -13.37
N SER D 128 83.49 50.58 -12.87
CA SER D 128 82.19 51.21 -12.78
C SER D 128 82.12 52.26 -11.67
N GLY D 129 83.13 52.35 -10.82
CA GLY D 129 83.13 53.27 -9.71
C GLY D 129 82.67 52.69 -8.39
N THR D 130 82.46 51.38 -8.30
CA THR D 130 82.02 50.72 -7.09
C THR D 130 82.94 49.55 -6.78
N ALA D 131 83.08 49.23 -5.51
CA ALA D 131 84.00 48.18 -5.04
C ALA D 131 83.29 47.25 -4.06
N SER D 132 82.09 46.80 -4.44
CA SER D 132 81.32 45.92 -3.57
C SER D 132 82.05 44.59 -3.36
N VAL D 133 81.98 44.09 -2.13
CA VAL D 133 82.61 42.83 -1.74
C VAL D 133 81.54 41.91 -1.17
N VAL D 134 81.77 40.61 -1.28
CA VAL D 134 80.78 39.61 -0.92
C VAL D 134 81.41 38.53 -0.03
N CYS D 135 80.55 37.94 0.81
CA CYS D 135 80.88 36.75 1.60
C CYS D 135 79.83 35.69 1.27
N LEU D 136 80.28 34.45 1.07
CA LEU D 136 79.40 33.40 0.57
C LEU D 136 79.62 32.13 1.39
N LEU D 137 78.59 31.71 2.12
CA LEU D 137 78.57 30.41 2.78
C LEU D 137 77.78 29.42 1.92
N ASN D 138 78.02 28.13 2.15
CA ASN D 138 77.42 27.11 1.31
C ASN D 138 77.14 25.85 2.11
N ASN D 139 75.88 25.39 2.08
CA ASN D 139 75.52 24.06 2.55
C ASN D 139 75.61 23.93 4.07
N PHE D 140 75.17 24.97 4.77
CA PHE D 140 75.14 24.93 6.23
C PHE D 140 73.75 24.59 6.76
N TYR D 141 73.58 24.64 8.08
CA TYR D 141 72.25 24.23 8.60
C TYR D 141 71.89 25.31 9.59
N PRO D 142 71.19 24.94 10.69
CA PRO D 142 70.66 25.84 11.69
C PRO D 142 70.87 27.30 11.32
N ARG D 143 70.72 27.64 10.04
CA ARG D 143 70.87 29.06 9.74
C ARG D 143 71.71 29.74 10.80
N GLU D 144 71.06 30.58 11.61
CA GLU D 144 71.67 31.18 12.80
C GLU D 144 73.10 31.63 12.50
N ALA D 145 73.31 32.20 11.32
CA ALA D 145 74.64 32.58 10.86
C ALA D 145 74.70 34.10 10.70
N LYS D 146 75.77 34.69 11.23
CA LYS D 146 76.03 36.11 11.10
C LYS D 146 77.42 36.31 10.49
N VAL D 147 77.56 37.35 9.68
CA VAL D 147 78.81 37.65 9.00
C VAL D 147 79.40 38.89 9.64
N GLN D 148 80.63 38.77 10.13
CA GLN D 148 81.35 39.88 10.73
C GLN D 148 82.31 40.45 9.69
N TRP D 149 82.10 41.70 9.31
CA TRP D 149 82.90 42.36 8.29
C TRP D 149 83.96 43.22 8.97
N LYS D 150 85.20 42.77 8.91
CA LYS D 150 86.32 43.47 9.53
C LYS D 150 87.21 44.01 8.42
N VAL D 151 87.24 45.34 8.29
CA VAL D 151 88.06 46.01 7.29
C VAL D 151 89.22 46.70 7.99
N ASP D 152 90.44 46.40 7.57
CA ASP D 152 91.63 46.92 8.23
C ASP D 152 91.62 46.61 9.72
N ASN D 153 91.18 45.40 10.05
CA ASN D 153 91.03 44.97 11.44
C ASN D 153 90.03 45.84 12.19
N ALA D 154 89.06 46.41 11.48
CA ALA D 154 88.05 47.27 12.07
C ALA D 154 86.66 46.72 11.74
N LEU D 155 85.77 46.77 12.72
CA LEU D 155 84.40 46.33 12.52
C LEU D 155 83.69 47.26 11.55
N GLN D 156 82.83 46.68 10.71
CA GLN D 156 82.04 47.43 9.75
C GLN D 156 80.58 47.04 9.88
N SER D 157 79.69 48.04 9.83
CA SER D 157 78.27 47.80 9.95
C SER D 157 77.51 48.92 9.23
N GLY D 158 76.24 48.64 8.94
CA GLY D 158 75.39 49.60 8.27
C GLY D 158 75.49 49.62 6.76
N ASN D 159 76.31 48.74 6.17
CA ASN D 159 76.44 48.68 4.72
C ASN D 159 76.52 47.24 4.22
N SER D 160 75.86 46.31 4.91
CA SER D 160 75.87 44.90 4.54
C SER D 160 74.45 44.44 4.25
N GLN D 161 74.29 43.71 3.16
CA GLN D 161 73.01 43.13 2.78
C GLN D 161 73.15 41.61 2.69
N GLU D 162 72.18 40.90 3.25
CA GLU D 162 72.21 39.44 3.30
C GLU D 162 71.06 38.87 2.49
N SER D 163 71.27 37.66 1.98
CA SER D 163 70.24 36.93 1.25
C SER D 163 70.43 35.45 1.51
N VAL D 164 69.37 34.79 2.00
CA VAL D 164 69.39 33.38 2.33
C VAL D 164 68.41 32.66 1.42
N THR D 165 68.88 31.60 0.77
CA THR D 165 68.04 30.82 -0.13
C THR D 165 67.17 29.84 0.65
N GLU D 166 66.20 29.27 -0.04
CA GLU D 166 65.29 28.32 0.58
C GLU D 166 66.02 27.03 0.94
N GLN D 167 65.39 26.26 1.82
CA GLN D 167 65.93 24.95 2.19
C GLN D 167 66.01 24.04 0.97
N ASP D 168 67.10 23.30 0.86
CA ASP D 168 67.28 22.39 -0.26
C ASP D 168 66.30 21.21 -0.16
N SER D 169 65.84 20.75 -1.31
CA SER D 169 64.93 19.60 -1.35
C SER D 169 65.66 18.29 -1.12
N LYS D 170 66.88 18.17 -1.65
CA LYS D 170 67.62 16.91 -1.54
C LYS D 170 68.32 16.80 -0.19
N ASP D 171 69.22 17.73 0.11
CA ASP D 171 70.02 17.68 1.33
C ASP D 171 69.47 18.57 2.45
N SER D 172 68.37 19.28 2.21
CA SER D 172 67.77 20.15 3.21
C SER D 172 68.80 21.10 3.81
N THR D 173 69.61 21.71 2.95
CA THR D 173 70.68 22.60 3.39
C THR D 173 70.40 24.03 2.95
N TYR D 174 70.97 24.97 3.69
CA TYR D 174 70.73 26.39 3.48
C TYR D 174 71.89 27.02 2.72
N SER D 175 71.82 28.35 2.58
CA SER D 175 72.90 29.12 1.98
C SER D 175 72.71 30.58 2.41
N LEU D 176 73.80 31.34 2.33
CA LEU D 176 73.75 32.75 2.73
C LEU D 176 74.87 33.51 2.02
N SER D 177 74.60 34.77 1.72
CA SER D 177 75.58 35.64 1.08
C SER D 177 75.48 37.04 1.66
N SER D 178 76.62 37.63 2.00
CA SER D 178 76.69 38.98 2.53
C SER D 178 77.55 39.84 1.61
N THR D 179 77.10 41.07 1.36
CA THR D 179 77.78 41.97 0.45
C THR D 179 77.93 43.33 1.10
N LEU D 180 79.12 43.92 0.97
CA LEU D 180 79.38 45.28 1.42
C LEU D 180 79.42 46.21 0.21
N THR D 181 78.48 47.14 0.16
CA THR D 181 78.43 48.14 -0.90
C THR D 181 79.11 49.40 -0.40
N LEU D 182 80.16 49.83 -1.10
CA LEU D 182 80.96 50.95 -0.67
C LEU D 182 81.52 51.67 -1.89
N SER D 183 81.92 52.92 -1.69
CA SER D 183 82.47 53.72 -2.77
C SER D 183 83.80 53.14 -3.24
N LYS D 184 84.10 53.36 -4.52
CA LYS D 184 85.34 52.85 -5.09
C LYS D 184 86.55 53.49 -4.42
N ALA D 185 86.49 54.79 -4.14
CA ALA D 185 87.64 55.48 -3.55
C ALA D 185 87.99 54.90 -2.19
N ASP D 186 86.98 54.63 -1.36
CA ASP D 186 87.26 54.08 -0.04
C ASP D 186 87.87 52.68 -0.12
N TYR D 187 87.59 51.95 -1.19
CA TYR D 187 88.15 50.61 -1.33
C TYR D 187 89.68 50.66 -1.39
N GLU D 188 90.23 51.60 -2.15
CA GLU D 188 91.68 51.72 -2.23
C GLU D 188 92.29 52.14 -0.90
N LYS D 189 91.63 53.04 -0.17
CA LYS D 189 92.18 53.53 1.09
C LYS D 189 92.38 52.39 2.08
N HIS D 190 91.40 51.50 2.18
CA HIS D 190 91.51 50.37 3.11
C HIS D 190 92.61 49.42 2.65
N LYS D 191 93.18 48.70 3.62
CA LYS D 191 94.33 47.83 3.34
C LYS D 191 93.89 46.37 3.21
N VAL D 192 93.26 45.82 4.25
CA VAL D 192 92.95 44.40 4.31
C VAL D 192 91.46 44.22 4.57
N TYR D 193 90.87 43.24 3.90
CA TYR D 193 89.46 42.93 4.02
C TYR D 193 89.29 41.53 4.60
N ALA D 194 88.38 41.38 5.56
CA ALA D 194 88.14 40.11 6.22
C ALA D 194 86.64 39.91 6.43
N CYS D 195 86.19 38.67 6.28
CA CYS D 195 84.82 38.29 6.59
C CYS D 195 84.86 37.24 7.70
N GLU D 196 84.12 37.49 8.77
CA GLU D 196 84.05 36.60 9.92
C GLU D 196 82.64 36.02 10.02
N VAL D 197 82.56 34.71 10.24
CA VAL D 197 81.29 34.00 10.32
C VAL D 197 81.23 33.25 11.65
N THR D 198 80.07 33.31 12.29
CA THR D 198 79.82 32.63 13.56
C THR D 198 78.64 31.69 13.39
N HIS D 199 78.87 30.39 13.49
CA HIS D 199 77.83 29.39 13.35
C HIS D 199 78.00 28.32 14.42
N GLN D 200 76.87 27.72 14.82
CA GLN D 200 76.90 26.65 15.81
C GLN D 200 77.61 25.41 15.30
N GLY D 201 77.66 25.21 13.99
CA GLY D 201 78.29 24.03 13.42
C GLY D 201 79.81 24.06 13.38
N LEU D 202 80.41 25.17 13.81
CA LEU D 202 81.85 25.34 13.83
C LEU D 202 82.32 25.48 15.27
N SER D 203 83.45 24.84 15.58
CA SER D 203 84.00 24.93 16.94
C SER D 203 84.34 26.37 17.30
N SER D 204 84.95 27.10 16.38
CA SER D 204 85.33 28.49 16.59
C SER D 204 85.00 29.30 15.35
N PRO D 205 84.78 30.60 15.50
CA PRO D 205 84.50 31.44 14.32
C PRO D 205 85.62 31.40 13.29
N VAL D 206 85.33 30.87 12.11
CA VAL D 206 86.32 30.81 11.04
C VAL D 206 86.30 32.11 10.26
N THR D 207 87.48 32.65 9.99
CA THR D 207 87.62 33.92 9.27
C THR D 207 88.47 33.70 8.04
N LYS D 208 87.93 34.04 6.86
CA LYS D 208 88.66 34.02 5.61
C LYS D 208 88.74 35.45 5.09
N SER D 209 89.96 35.91 4.81
CA SER D 209 90.22 37.28 4.39
C SER D 209 91.06 37.27 3.12
N PHE D 210 91.34 38.46 2.62
CA PHE D 210 92.17 38.61 1.42
C PHE D 210 92.82 39.98 1.44
N ASN D 211 93.91 40.11 0.69
CA ASN D 211 94.66 41.36 0.61
C ASN D 211 94.36 42.07 -0.70
N ARG D 212 94.26 43.40 -0.61
CA ARG D 212 93.98 44.21 -1.78
C ARG D 212 95.02 43.98 -2.86
N GLY D 213 94.60 43.40 -3.97
CA GLY D 213 95.51 43.10 -5.07
C GLY D 213 95.97 41.66 -5.08
N GLU E 2 8.06 3.23 60.25
CA GLU E 2 7.38 1.94 60.19
C GLU E 2 6.36 1.92 59.06
N ASN E 3 5.72 3.06 58.82
CA ASN E 3 4.72 3.16 57.77
C ASN E 3 5.38 3.57 56.45
N LEU E 4 4.90 2.98 55.36
CA LEU E 4 5.47 3.17 54.04
C LEU E 4 4.40 3.62 53.07
N TRP E 5 4.82 4.22 51.97
CA TRP E 5 3.91 4.77 50.97
C TRP E 5 4.37 4.35 49.58
N VAL E 6 3.41 4.14 48.69
CA VAL E 6 3.74 3.73 47.33
C VAL E 6 4.37 4.89 46.59
N THR E 7 5.55 4.67 46.01
CA THR E 7 6.20 5.65 45.17
C THR E 7 6.52 5.01 43.83
N VAL E 8 6.10 5.63 42.77
CA VAL E 8 6.27 5.10 41.43
C VAL E 8 7.61 5.59 40.87
N TYR E 9 8.28 4.69 40.16
CA TYR E 9 9.53 5.00 39.47
C TYR E 9 9.30 4.85 37.97
N TYR E 10 9.98 5.69 37.19
CA TYR E 10 9.95 5.59 35.74
C TYR E 10 11.36 5.40 35.22
N GLY E 11 11.55 4.36 34.41
CA GLY E 11 12.87 4.05 33.89
C GLY E 11 13.56 2.98 34.70
N VAL E 12 12.80 2.02 35.21
CA VAL E 12 13.33 0.91 35.97
C VAL E 12 13.72 -0.21 35.02
N PRO E 13 14.88 -0.86 35.19
CA PRO E 13 15.29 -1.90 34.26
C PRO E 13 14.59 -3.23 34.50
N VAL E 14 13.60 -3.52 33.66
CA VAL E 14 12.92 -4.82 33.63
C VAL E 14 12.40 -5.01 32.22
N TRP E 15 12.37 -6.26 31.77
CA TRP E 15 12.02 -6.55 30.38
C TRP E 15 11.28 -7.88 30.32
N LYS E 16 10.57 -8.08 29.21
CA LYS E 16 9.94 -9.35 28.91
C LYS E 16 10.23 -9.71 27.46
N ASP E 17 10.34 -11.01 27.20
CA ASP E 17 10.42 -11.45 25.82
C ASP E 17 9.16 -11.02 25.07
N ALA E 18 9.35 -10.45 23.89
CA ALA E 18 8.21 -9.96 23.12
C ALA E 18 8.54 -9.83 21.64
N GLU E 19 7.84 -10.58 20.81
CA GLU E 19 8.01 -10.49 19.37
C GLU E 19 7.41 -9.19 18.85
N THR E 20 8.17 -8.48 18.02
CA THR E 20 7.71 -7.23 17.43
C THR E 20 8.16 -7.19 15.98
N THR E 21 7.91 -6.06 15.32
CA THR E 21 8.28 -5.88 13.92
C THR E 21 9.61 -5.14 13.86
N LEU E 22 10.69 -5.90 13.82
CA LEU E 22 12.01 -5.31 13.59
C LEU E 22 12.09 -4.76 12.17
N PHE E 23 12.80 -3.65 12.02
CA PHE E 23 13.09 -3.11 10.71
C PHE E 23 14.56 -3.35 10.38
N CYS E 24 15.02 -2.79 9.28
CA CYS E 24 16.37 -3.01 8.78
C CYS E 24 17.15 -1.70 8.68
N ALA E 25 18.44 -1.78 8.96
CA ALA E 25 19.37 -0.69 8.76
C ALA E 25 20.57 -1.22 7.98
N SER E 26 20.90 -0.56 6.88
CA SER E 26 21.99 -1.00 6.03
C SER E 26 23.11 0.05 6.03
N ASP E 27 24.29 -0.37 6.49
CA ASP E 27 25.45 0.51 6.45
C ASP E 27 25.83 0.84 5.01
N ALA E 28 25.81 -0.17 4.14
CA ALA E 28 26.17 0.00 2.73
C ALA E 28 24.96 0.53 1.97
N LYS E 29 24.67 1.81 2.20
CA LYS E 29 23.71 2.50 1.35
C LYS E 29 24.32 2.70 -0.04
N ALA E 30 23.61 3.43 -0.88
CA ALA E 30 24.08 3.59 -2.25
C ALA E 30 25.33 4.45 -2.27
N TYR E 31 26.50 3.81 -2.17
CA TYR E 31 27.76 4.54 -2.07
C TYR E 31 28.14 5.13 -3.42
N GLU E 32 27.28 5.95 -4.00
CA GLU E 32 27.55 6.56 -5.29
C GLU E 32 27.73 5.50 -6.38
N THR E 33 27.38 4.25 -6.06
CA THR E 33 27.53 3.16 -7.01
C THR E 33 26.18 2.59 -7.46
N GLU E 34 25.26 2.41 -6.52
CA GLU E 34 23.89 2.02 -6.86
C GLU E 34 23.80 0.60 -7.42
N LYS E 35 23.08 0.44 -8.53
CA LYS E 35 22.69 -0.88 -9.00
C LYS E 35 21.78 -1.59 -7.99
N HIS E 36 20.57 -1.06 -7.83
CA HIS E 36 19.56 -1.62 -6.94
C HIS E 36 19.56 -3.14 -6.96
N ASN E 37 19.39 -3.73 -5.79
CA ASN E 37 19.37 -5.17 -5.61
C ASN E 37 17.98 -5.64 -5.17
N VAL E 38 17.90 -6.91 -4.80
CA VAL E 38 16.66 -7.58 -4.44
C VAL E 38 16.32 -7.30 -2.98
N TRP E 39 17.01 -6.32 -2.38
CA TRP E 39 17.02 -6.12 -0.95
C TRP E 39 17.08 -4.64 -0.57
N ALA E 40 17.60 -4.38 0.63
CA ALA E 40 17.52 -3.09 1.28
C ALA E 40 18.07 -1.92 0.48
N THR E 41 19.39 -1.87 0.31
CA THR E 41 20.05 -0.69 -0.26
C THR E 41 19.29 0.60 0.04
N HIS E 42 18.52 1.09 -0.94
CA HIS E 42 17.90 2.40 -0.83
C HIS E 42 16.94 2.46 0.37
N ALA E 43 16.14 1.42 0.55
CA ALA E 43 14.95 1.49 1.39
C ALA E 43 15.23 1.31 2.87
N CYS E 44 16.46 1.00 3.28
CA CYS E 44 16.75 0.70 4.68
C CYS E 44 17.38 1.90 5.36
N VAL E 45 16.93 2.16 6.59
CA VAL E 45 17.35 3.36 7.33
C VAL E 45 18.85 3.31 7.56
N PRO E 46 19.56 4.44 7.47
CA PRO E 46 21.02 4.43 7.65
C PRO E 46 21.43 3.85 9.00
N THR E 47 22.54 3.12 9.02
CA THR E 47 23.01 2.50 10.25
C THR E 47 23.99 3.42 10.98
N ASP E 48 24.12 3.19 12.28
CA ASP E 48 24.98 4.02 13.10
C ASP E 48 26.44 3.81 12.69
N PRO E 49 27.26 4.86 12.66
CA PRO E 49 28.69 4.66 12.40
C PRO E 49 29.36 3.75 13.40
N ASN E 50 28.95 3.83 14.67
CA ASN E 50 29.52 3.00 15.74
C ASN E 50 28.39 2.53 16.65
N PRO E 51 27.95 1.28 16.53
CA PRO E 51 26.85 0.81 17.38
C PRO E 51 27.25 0.72 18.84
N GLN E 52 26.25 0.83 19.70
CA GLN E 52 26.44 0.77 21.15
C GLN E 52 26.15 -0.65 21.63
N GLU E 53 27.07 -1.20 22.41
CA GLU E 53 26.88 -2.50 23.05
C GLU E 53 27.09 -2.34 24.55
N ILE E 54 26.06 -2.68 25.32
CA ILE E 54 26.08 -2.53 26.77
C ILE E 54 26.12 -3.92 27.39
N HIS E 55 27.11 -4.17 28.23
CA HIS E 55 27.27 -5.47 28.87
C HIS E 55 26.51 -5.47 30.18
N LEU E 56 25.44 -6.26 30.25
CA LEU E 56 24.64 -6.38 31.46
C LEU E 56 25.37 -7.31 32.42
N GLU E 57 25.96 -6.73 33.46
CA GLU E 57 26.69 -7.53 34.45
C GLU E 57 25.73 -8.13 35.47
N ASN E 58 26.07 -9.32 35.94
CA ASN E 58 25.31 -9.99 36.98
C ASN E 58 23.91 -10.39 36.52
N VAL E 59 23.69 -10.42 35.22
CA VAL E 59 22.42 -10.84 34.61
C VAL E 59 22.68 -12.12 33.82
N THR E 60 21.82 -13.10 34.00
CA THR E 60 21.92 -14.39 33.30
C THR E 60 20.59 -14.70 32.64
N GLU E 61 20.53 -14.55 31.32
CA GLU E 61 19.32 -14.85 30.58
C GLU E 61 19.34 -16.28 30.06
N GLU E 62 18.21 -16.70 29.50
CA GLU E 62 18.05 -18.03 28.94
C GLU E 62 17.66 -17.90 27.47
N PHE E 63 18.38 -18.61 26.61
CA PHE E 63 18.16 -18.56 25.18
C PHE E 63 17.67 -19.91 24.68
N ASN E 64 16.82 -19.87 23.67
CA ASN E 64 16.37 -21.08 22.98
C ASN E 64 16.40 -20.77 21.49
N MET E 65 17.43 -21.26 20.80
CA MET E 65 17.67 -20.89 19.41
C MET E 65 16.60 -21.43 18.47
N TRP E 66 15.75 -22.34 18.94
CA TRP E 66 14.79 -23.02 18.08
C TRP E 66 13.36 -22.51 18.25
N LYS E 67 13.11 -21.65 19.23
CA LYS E 67 11.83 -20.96 19.36
C LYS E 67 12.01 -19.46 19.16
N ASN E 68 13.03 -19.09 18.38
CA ASN E 68 13.29 -17.68 18.10
C ASN E 68 12.34 -17.16 17.04
N ASN E 69 11.66 -16.06 17.35
CA ASN E 69 10.81 -15.40 16.37
C ASN E 69 11.56 -14.34 15.58
N MET E 70 12.84 -14.14 15.85
CA MET E 70 13.65 -13.23 15.04
C MET E 70 13.95 -13.82 13.68
N VAL E 71 13.92 -15.15 13.56
CA VAL E 71 14.19 -15.81 12.29
C VAL E 71 12.93 -16.22 11.54
N GLU E 72 11.81 -16.42 12.25
CA GLU E 72 10.54 -16.65 11.58
C GLU E 72 9.98 -15.37 10.96
N GLN E 73 10.54 -14.21 11.32
CA GLN E 73 10.20 -12.93 10.72
C GLN E 73 11.16 -12.51 9.63
N MET E 74 12.43 -12.89 9.75
CA MET E 74 13.39 -12.68 8.67
C MET E 74 13.13 -13.64 7.51
N HIS E 75 12.47 -14.77 7.78
CA HIS E 75 12.16 -15.72 6.73
C HIS E 75 11.16 -15.15 5.75
N THR E 76 10.10 -14.52 6.26
CA THR E 76 9.07 -13.93 5.42
C THR E 76 9.45 -12.54 4.93
N ASP E 77 10.48 -11.92 5.51
CA ASP E 77 10.98 -10.64 5.02
C ASP E 77 11.77 -10.79 3.74
N ILE E 78 12.30 -11.99 3.47
CA ILE E 78 13.10 -12.23 2.28
C ILE E 78 12.32 -12.96 1.19
N ILE E 79 11.28 -13.71 1.56
CA ILE E 79 10.38 -14.26 0.56
C ILE E 79 9.61 -13.13 -0.13
N SER E 80 9.34 -12.06 0.61
CA SER E 80 8.57 -10.93 0.09
C SER E 80 9.45 -9.81 -0.44
N LEU E 81 10.76 -9.86 -0.21
CA LEU E 81 11.69 -8.99 -0.91
C LEU E 81 11.96 -9.48 -2.32
N TRP E 82 11.90 -10.81 -2.51
CA TRP E 82 12.02 -11.40 -3.84
C TRP E 82 10.72 -11.26 -4.62
N ASP E 83 9.58 -11.35 -3.95
CA ASP E 83 8.30 -11.18 -4.62
C ASP E 83 8.15 -9.78 -5.17
N GLN E 84 8.50 -8.77 -4.38
CA GLN E 84 8.32 -7.38 -4.77
C GLN E 84 9.32 -6.93 -5.83
N SER E 85 10.35 -7.72 -6.10
CA SER E 85 11.31 -7.40 -7.15
C SER E 85 11.10 -8.23 -8.41
N LEU E 86 10.14 -9.17 -8.40
CA LEU E 86 9.84 -10.01 -9.55
C LEU E 86 8.46 -9.75 -10.11
N LYS E 87 7.70 -8.83 -9.53
CA LYS E 87 6.40 -8.44 -10.05
C LYS E 87 6.53 -7.44 -11.20
N PRO E 88 7.43 -6.44 -11.09
CA PRO E 88 7.60 -5.44 -12.14
C PRO E 88 8.61 -5.80 -13.23
N CYS E 89 8.50 -7.00 -13.80
CA CYS E 89 9.29 -7.32 -14.98
C CYS E 89 8.70 -8.54 -15.68
N VAL E 90 9.36 -8.94 -16.77
CA VAL E 90 8.72 -9.70 -17.82
C VAL E 90 8.24 -11.05 -17.32
N LYS E 91 7.13 -11.52 -17.87
CA LYS E 91 6.60 -12.85 -17.63
C LYS E 91 6.74 -13.65 -18.92
N LEU E 92 7.45 -14.77 -18.84
CA LEU E 92 7.83 -15.54 -20.02
C LEU E 92 6.80 -16.62 -20.34
N THR E 93 5.55 -16.20 -20.42
CA THR E 93 4.48 -17.10 -20.85
C THR E 93 4.52 -17.35 -22.35
N PRO E 94 4.95 -16.39 -23.19
CA PRO E 94 5.03 -16.66 -24.63
C PRO E 94 6.08 -17.69 -25.03
N LEU E 95 6.90 -18.17 -24.09
CA LEU E 95 7.99 -19.10 -24.39
C LEU E 95 7.65 -20.55 -24.08
N CYS E 96 6.36 -20.90 -24.08
CA CYS E 96 5.95 -22.28 -23.90
C CYS E 96 5.67 -22.96 -25.22
N VAL E 97 6.42 -22.58 -26.26
CA VAL E 97 6.40 -23.23 -27.56
C VAL E 97 7.29 -24.47 -27.50
N THR E 98 7.22 -25.31 -28.52
CA THR E 98 8.12 -26.45 -28.65
C THR E 98 9.42 -25.99 -29.30
N LEU E 99 10.54 -26.37 -28.71
CA LEU E 99 11.86 -25.97 -29.18
C LEU E 99 12.46 -27.12 -30.00
N GLN E 100 13.16 -26.77 -31.07
CA GLN E 100 13.85 -27.77 -31.89
C GLN E 100 15.34 -27.76 -31.51
N CYS E 101 15.63 -28.36 -30.37
CA CYS E 101 16.96 -28.29 -29.79
C CYS E 101 17.93 -29.24 -30.47
N THR E 102 19.17 -28.78 -30.67
CA THR E 102 20.24 -29.61 -31.16
C THR E 102 21.47 -29.40 -30.30
N ASN E 103 22.21 -30.47 -30.04
CA ASN E 103 23.39 -30.38 -29.19
C ASN E 103 24.39 -29.41 -29.78
N VAL E 104 24.94 -28.54 -28.94
CA VAL E 104 25.90 -27.53 -29.42
C VAL E 104 27.16 -28.21 -29.93
N THR E 105 27.61 -29.26 -29.25
CA THR E 105 28.86 -29.93 -29.62
C THR E 105 28.61 -31.07 -30.59
N ASN E 106 27.84 -32.06 -30.17
CA ASN E 106 27.59 -33.24 -30.99
C ASN E 106 28.89 -34.01 -31.21
N ASN E 107 29.36 -34.07 -32.45
CA ASN E 107 30.67 -34.65 -32.76
C ASN E 107 31.75 -33.60 -32.70
N ILE E 108 31.81 -32.87 -31.59
CA ILE E 108 32.75 -31.77 -31.40
C ILE E 108 33.77 -32.12 -30.32
N THR E 109 33.30 -32.58 -29.16
CA THR E 109 34.20 -32.95 -28.07
C THR E 109 33.42 -33.79 -27.07
N ASP E 110 34.15 -34.39 -26.14
CA ASP E 110 33.56 -35.24 -25.10
C ASP E 110 32.73 -36.36 -25.70
N ASP E 111 31.91 -37.01 -24.87
CA ASP E 111 31.19 -38.21 -25.26
C ASP E 111 29.91 -37.85 -26.02
N MET E 112 29.87 -36.65 -26.60
CA MET E 112 28.68 -36.15 -27.29
C MET E 112 27.62 -35.70 -26.28
N ARG E 113 28.09 -35.33 -25.09
CA ARG E 113 27.21 -34.89 -24.01
C ARG E 113 26.43 -33.65 -24.40
N GLY E 114 25.16 -33.62 -24.02
CA GLY E 114 24.31 -32.46 -24.24
C GLY E 114 24.23 -31.51 -23.06
N GLU E 115 25.38 -31.04 -22.56
CA GLU E 115 25.36 -30.06 -21.48
C GLU E 115 24.73 -28.76 -21.94
N LEU E 116 24.84 -28.44 -23.23
CA LEU E 116 24.24 -27.27 -23.83
C LEU E 116 23.42 -27.69 -25.04
N LYS E 117 22.25 -27.08 -25.21
CA LYS E 117 21.41 -27.32 -26.38
C LYS E 117 21.19 -26.01 -27.12
N ASN E 118 21.07 -26.12 -28.43
CA ASN E 118 20.91 -24.97 -29.32
C ASN E 118 19.50 -25.02 -29.88
N CYS E 119 18.57 -24.34 -29.20
CA CYS E 119 17.14 -24.50 -29.44
C CYS E 119 16.61 -23.33 -30.25
N SER E 120 15.96 -23.65 -31.37
CA SER E 120 15.31 -22.67 -32.22
C SER E 120 13.81 -22.84 -32.13
N PHE E 121 13.09 -21.72 -32.08
CA PHE E 121 11.64 -21.77 -31.91
C PHE E 121 11.01 -20.58 -32.64
N ASN E 122 9.69 -20.61 -32.71
CA ASN E 122 8.90 -19.56 -33.36
C ASN E 122 8.39 -18.58 -32.33
N MET E 123 8.49 -17.30 -32.63
CA MET E 123 7.91 -16.29 -31.75
C MET E 123 7.45 -15.09 -32.55
N THR E 124 6.51 -14.35 -31.98
CA THR E 124 5.88 -13.20 -32.63
C THR E 124 6.69 -11.96 -32.27
N THR E 125 7.56 -11.54 -33.17
CA THR E 125 8.35 -10.34 -32.98
C THR E 125 7.65 -9.17 -33.66
N GLU E 126 7.50 -8.06 -32.93
CA GLU E 126 6.75 -6.91 -33.41
C GLU E 126 5.26 -7.22 -33.53
N LEU E 127 4.80 -7.51 -34.74
CA LEU E 127 3.39 -7.74 -34.99
C LEU E 127 2.94 -9.09 -34.44
N ARG E 128 1.69 -9.13 -33.97
CA ARG E 128 1.15 -10.34 -33.37
C ARG E 128 0.74 -11.38 -34.40
N ASP E 129 0.65 -11.01 -35.68
CA ASP E 129 0.36 -11.99 -36.72
C ASP E 129 1.65 -12.70 -37.14
N LYS E 130 2.60 -11.95 -37.67
CA LYS E 130 3.87 -12.51 -38.09
C LYS E 130 4.64 -13.08 -36.91
N LYS E 131 5.24 -14.25 -37.10
CA LYS E 131 6.16 -14.83 -36.13
C LYS E 131 7.39 -15.33 -36.85
N GLN E 132 8.56 -14.85 -36.43
CA GLN E 132 9.83 -15.23 -37.02
C GLN E 132 10.53 -16.28 -36.16
N LYS E 133 11.49 -16.95 -36.77
CA LYS E 133 12.21 -18.05 -36.13
C LYS E 133 13.42 -17.48 -35.39
N VAL E 134 13.42 -17.65 -34.06
CA VAL E 134 14.53 -17.22 -33.23
C VAL E 134 15.21 -18.46 -32.67
N TYR E 135 16.31 -18.24 -31.96
CA TYR E 135 17.03 -19.34 -31.33
C TYR E 135 17.78 -18.80 -30.13
N SER E 136 18.17 -19.72 -29.25
CA SER E 136 18.92 -19.36 -28.04
C SER E 136 19.61 -20.62 -27.53
N LEU E 137 20.58 -20.42 -26.65
CA LEU E 137 21.34 -21.50 -26.05
C LEU E 137 20.72 -21.84 -24.71
N PHE E 138 20.28 -23.09 -24.56
CA PHE E 138 19.65 -23.56 -23.34
C PHE E 138 20.50 -24.64 -22.70
N TYR E 139 20.35 -24.78 -21.40
CA TYR E 139 21.03 -25.84 -20.67
C TYR E 139 20.17 -27.10 -20.66
N ARG E 140 20.82 -28.25 -20.55
CA ARG E 140 20.09 -29.51 -20.52
C ARG E 140 19.24 -29.65 -19.28
N LEU E 141 19.45 -28.80 -18.27
CA LEU E 141 18.66 -28.86 -17.05
C LEU E 141 17.34 -28.12 -17.16
N ASP E 142 17.06 -27.46 -18.28
CA ASP E 142 15.89 -26.63 -18.41
C ASP E 142 15.00 -26.98 -19.60
N VAL E 143 15.32 -28.03 -20.34
CA VAL E 143 14.51 -28.49 -21.46
C VAL E 143 14.14 -29.94 -21.23
N VAL E 144 12.85 -30.24 -21.38
CA VAL E 144 12.32 -31.60 -21.21
C VAL E 144 11.88 -32.11 -22.57
N GLN E 145 12.46 -33.22 -23.00
CA GLN E 145 12.04 -33.83 -24.25
C GLN E 145 10.58 -34.24 -24.18
N ILE E 146 9.82 -33.95 -25.23
CA ILE E 146 8.43 -34.32 -25.32
C ILE E 146 8.28 -35.35 -26.44
N ASN E 147 7.73 -36.51 -26.09
CA ASN E 147 7.52 -37.57 -27.07
C ASN E 147 6.48 -38.57 -26.56
N ASN E 158 17.51 -34.47 -33.56
CA ASN E 158 16.90 -33.15 -33.46
C ASN E 158 15.45 -33.35 -33.07
N LYS E 159 15.23 -33.61 -31.78
CA LYS E 159 13.88 -33.78 -31.26
C LYS E 159 13.36 -32.47 -30.70
N GLU E 160 12.06 -32.43 -30.44
CA GLU E 160 11.45 -31.25 -29.87
C GLU E 160 11.48 -31.31 -28.35
N TYR E 161 11.79 -30.19 -27.73
CA TYR E 161 11.94 -30.05 -26.29
C TYR E 161 10.87 -29.09 -25.78
N ARG E 162 11.01 -28.71 -24.51
CA ARG E 162 10.20 -27.64 -23.95
C ARG E 162 10.78 -27.31 -22.59
N LEU E 163 10.49 -26.11 -22.11
CA LEU E 163 11.09 -25.64 -20.86
C LEU E 163 10.64 -26.52 -19.71
N ILE E 164 11.55 -26.73 -18.75
CA ILE E 164 11.27 -27.63 -17.64
C ILE E 164 10.02 -27.20 -16.89
N ASN E 165 9.79 -25.89 -16.77
CA ASN E 165 8.81 -25.37 -15.85
C ASN E 165 7.37 -25.44 -16.34
N CYS E 166 7.20 -25.03 -17.58
CA CYS E 166 5.99 -24.85 -18.41
C CYS E 166 4.87 -25.90 -18.40
N ASN E 167 4.70 -26.69 -17.36
CA ASN E 167 3.46 -27.41 -17.16
C ASN E 167 2.98 -27.34 -15.72
N THR E 168 3.77 -26.75 -14.82
CA THR E 168 3.42 -26.62 -13.41
C THR E 168 3.65 -25.24 -12.82
N SER E 169 4.49 -24.39 -13.41
CA SER E 169 4.83 -23.11 -12.80
C SER E 169 4.84 -22.02 -13.87
N ALA E 170 4.78 -20.77 -13.41
CA ALA E 170 4.74 -19.61 -14.28
C ALA E 170 6.05 -18.85 -14.16
N ILE E 171 6.74 -18.69 -15.28
CA ILE E 171 8.07 -18.09 -15.31
C ILE E 171 7.95 -16.57 -15.34
N THR E 172 8.82 -15.90 -14.60
CA THR E 172 8.87 -14.45 -14.54
C THR E 172 10.33 -14.03 -14.60
N GLN E 173 10.77 -13.62 -15.78
CA GLN E 173 12.17 -13.26 -15.97
C GLN E 173 12.60 -12.21 -14.96
N ALA E 174 13.70 -12.49 -14.26
CA ALA E 174 14.23 -11.55 -13.29
C ALA E 174 14.69 -10.28 -13.98
N CYS E 175 14.26 -9.14 -13.45
CA CYS E 175 14.59 -7.87 -14.07
C CYS E 175 16.11 -7.67 -14.10
N PRO E 176 16.71 -7.40 -15.26
CA PRO E 176 18.17 -7.54 -15.39
C PRO E 176 18.97 -6.38 -14.83
N LYS E 177 18.35 -5.35 -14.25
CA LYS E 177 19.09 -4.23 -13.68
C LYS E 177 19.33 -4.37 -12.19
N VAL E 178 18.55 -5.21 -11.50
CA VAL E 178 18.77 -5.45 -10.08
C VAL E 178 19.94 -6.40 -9.90
N SER E 179 20.70 -6.18 -8.84
CA SER E 179 21.87 -6.99 -8.52
C SER E 179 21.53 -8.05 -7.50
N PHE E 180 22.22 -9.18 -7.58
CA PHE E 180 21.97 -10.33 -6.71
C PHE E 180 23.06 -10.50 -5.66
N GLU E 181 23.96 -9.52 -5.52
CA GLU E 181 25.04 -9.63 -4.54
C GLU E 181 24.52 -9.24 -3.17
N PRO E 182 24.51 -10.15 -2.19
CA PRO E 182 23.95 -9.83 -0.88
C PRO E 182 24.71 -8.70 -0.21
N ILE E 183 23.96 -7.80 0.43
CA ILE E 183 24.51 -6.67 1.16
C ILE E 183 24.16 -6.88 2.62
N PRO E 184 25.10 -6.70 3.56
CA PRO E 184 24.79 -6.96 4.97
C PRO E 184 23.61 -6.11 5.44
N ILE E 185 22.75 -6.74 6.25
CA ILE E 185 21.55 -6.13 6.78
C ILE E 185 21.60 -6.19 8.29
N HIS E 186 21.31 -5.08 8.95
CA HIS E 186 21.16 -5.03 10.39
C HIS E 186 19.69 -4.98 10.74
N TYR E 187 19.25 -5.87 11.63
CA TYR E 187 17.85 -5.95 12.04
C TYR E 187 17.71 -5.19 13.35
N CYS E 188 17.14 -3.99 13.28
CA CYS E 188 17.02 -3.12 14.44
C CYS E 188 15.64 -3.26 15.07
N ALA E 189 15.53 -2.81 16.31
CA ALA E 189 14.28 -2.88 17.04
C ALA E 189 13.78 -1.48 17.38
N PRO E 190 12.47 -1.27 17.37
CA PRO E 190 11.93 0.07 17.66
C PRO E 190 12.34 0.54 19.04
N ALA E 191 11.97 1.78 19.35
CA ALA E 191 12.21 2.33 20.67
C ALA E 191 11.31 1.64 21.70
N GLY E 192 11.86 1.39 22.89
CA GLY E 192 11.18 0.65 23.91
C GLY E 192 11.42 -0.85 23.88
N PHE E 193 12.12 -1.34 22.86
CA PHE E 193 12.54 -2.73 22.77
C PHE E 193 14.05 -2.79 22.70
N ALA E 194 14.60 -3.93 23.10
CA ALA E 194 16.04 -4.14 23.01
C ALA E 194 16.30 -5.57 22.55
N ILE E 195 17.47 -5.78 21.96
CA ILE E 195 17.92 -7.08 21.51
C ILE E 195 19.03 -7.54 22.44
N LEU E 196 18.86 -8.70 23.04
CA LEU E 196 19.83 -9.25 23.98
C LEU E 196 20.76 -10.20 23.23
N LYS E 197 22.06 -9.97 23.35
CA LYS E 197 23.07 -10.74 22.66
C LYS E 197 23.81 -11.63 23.65
N CYS E 198 23.94 -12.91 23.32
CA CYS E 198 24.67 -13.84 24.18
C CYS E 198 26.15 -13.78 23.81
N LYS E 199 26.95 -13.18 24.68
CA LYS E 199 28.38 -13.02 24.46
C LYS E 199 29.18 -14.25 24.83
N ASP E 200 28.51 -15.40 25.02
CA ASP E 200 29.21 -16.64 25.28
C ASP E 200 29.95 -17.11 24.03
N LYS E 201 31.15 -17.64 24.23
CA LYS E 201 31.96 -18.13 23.12
C LYS E 201 31.72 -19.60 22.79
N LYS E 202 30.97 -20.32 23.63
CA LYS E 202 30.67 -21.73 23.42
C LYS E 202 29.17 -21.98 23.53
N PHE E 203 28.38 -21.14 22.88
CA PHE E 203 26.93 -21.21 22.98
C PHE E 203 26.38 -22.18 21.94
N ASN E 204 25.45 -23.03 22.37
CA ASN E 204 24.72 -23.91 21.47
C ASN E 204 23.28 -23.44 21.27
N GLY E 205 23.01 -22.18 21.56
CA GLY E 205 21.71 -21.60 21.32
C GLY E 205 20.60 -22.08 22.23
N THR E 206 20.92 -22.77 23.32
CA THR E 206 19.91 -23.24 24.25
C THR E 206 20.51 -23.29 25.65
N GLY E 207 19.75 -22.83 26.63
CA GLY E 207 20.21 -22.82 28.00
C GLY E 207 20.68 -21.46 28.46
N PRO E 208 20.98 -21.34 29.75
CA PRO E 208 21.35 -20.03 30.29
C PRO E 208 22.60 -19.47 29.65
N CYS E 209 22.61 -18.15 29.46
CA CYS E 209 23.77 -17.41 28.97
C CYS E 209 24.17 -16.43 30.07
N PRO E 210 25.20 -16.76 30.86
CA PRO E 210 25.54 -15.93 32.03
C PRO E 210 26.26 -14.64 31.68
N SER E 211 26.67 -14.45 30.42
CA SER E 211 27.31 -13.23 29.95
C SER E 211 26.46 -12.67 28.83
N VAL E 212 25.50 -11.82 29.19
CA VAL E 212 24.56 -11.23 28.24
C VAL E 212 25.02 -9.83 27.87
N SER E 213 24.42 -9.26 26.83
CA SER E 213 24.73 -7.92 26.38
C SER E 213 23.49 -7.33 25.76
N THR E 214 23.47 -6.01 25.64
CA THR E 214 22.34 -5.29 25.06
C THR E 214 22.81 -4.51 23.84
N VAL E 215 22.13 -4.71 22.72
CA VAL E 215 22.47 -4.06 21.46
C VAL E 215 21.21 -3.45 20.87
N GLN E 216 21.39 -2.40 20.07
CA GLN E 216 20.24 -1.81 19.39
C GLN E 216 19.77 -2.69 18.24
N CYS E 217 20.70 -3.22 17.45
CA CYS E 217 20.34 -4.19 16.43
C CYS E 217 21.55 -5.02 16.03
N THR E 218 21.26 -6.14 15.37
CA THR E 218 22.22 -7.20 15.11
C THR E 218 23.36 -6.72 14.23
N HIS E 219 24.37 -7.59 14.09
CA HIS E 219 25.46 -7.34 13.18
C HIS E 219 24.99 -7.52 11.74
N GLY E 220 25.90 -7.31 10.79
CA GLY E 220 25.57 -7.46 9.39
C GLY E 220 25.28 -8.91 9.06
N ILE E 221 24.13 -9.15 8.43
CA ILE E 221 23.69 -10.50 8.05
C ILE E 221 23.46 -10.49 6.53
N LYS E 222 24.40 -11.05 5.79
CA LYS E 222 24.19 -11.20 4.35
C LYS E 222 23.06 -12.18 4.11
N PRO E 223 22.05 -11.82 3.34
CA PRO E 223 20.95 -12.74 3.03
C PRO E 223 21.31 -13.75 1.94
N VAL E 224 22.43 -14.44 2.12
CA VAL E 224 22.87 -15.45 1.17
C VAL E 224 22.22 -16.78 1.52
N VAL E 225 21.59 -17.41 0.53
CA VAL E 225 20.90 -18.68 0.68
C VAL E 225 21.67 -19.75 -0.08
N SER E 226 21.94 -20.87 0.59
CA SER E 226 22.68 -21.97 -0.01
C SER E 226 22.21 -23.27 0.63
N THR E 227 22.67 -24.38 0.08
CA THR E 227 22.33 -25.70 0.61
C THR E 227 23.60 -26.51 0.79
N GLN E 228 23.63 -27.30 1.87
CA GLN E 228 24.68 -28.24 2.27
C GLN E 228 25.92 -27.53 2.81
N LEU E 229 26.04 -26.21 2.68
CA LEU E 229 27.23 -25.51 3.10
C LEU E 229 26.88 -24.04 3.26
N LEU E 230 27.25 -23.46 4.39
CA LEU E 230 26.89 -22.09 4.73
C LEU E 230 28.05 -21.19 4.35
N LEU E 231 27.91 -20.48 3.23
CA LEU E 231 28.97 -19.64 2.70
C LEU E 231 28.87 -18.23 3.26
N ASN E 232 30.03 -17.59 3.42
CA ASN E 232 30.11 -16.18 3.76
C ASN E 232 29.42 -15.86 5.08
N GLY E 233 29.27 -16.85 5.95
CA GLY E 233 28.59 -16.66 7.21
C GLY E 233 29.52 -16.16 8.30
N SER E 234 29.12 -16.42 9.54
CA SER E 234 29.92 -16.06 10.71
C SER E 234 30.54 -17.31 11.32
N LEU E 235 31.77 -17.16 11.82
CA LEU E 235 32.55 -18.27 12.33
C LEU E 235 32.49 -18.33 13.84
N ALA E 236 32.56 -19.54 14.37
CA ALA E 236 32.65 -19.73 15.81
C ALA E 236 33.96 -19.14 16.33
N GLU E 237 33.90 -18.55 17.52
CA GLU E 237 35.06 -17.85 18.05
C GLU E 237 36.15 -18.82 18.49
N GLU E 238 35.78 -19.96 19.07
CA GLU E 238 36.74 -20.87 19.67
C GLU E 238 36.84 -22.21 18.95
N GLU E 239 35.72 -22.92 18.79
CA GLU E 239 35.76 -24.29 18.30
C GLU E 239 34.60 -24.52 17.34
N VAL E 240 34.61 -25.68 16.68
CA VAL E 240 33.48 -26.07 15.85
C VAL E 240 32.28 -26.33 16.75
N MET E 241 31.14 -25.74 16.38
CA MET E 241 29.93 -25.78 17.19
C MET E 241 28.85 -26.57 16.49
N ILE E 242 28.30 -27.56 17.19
CA ILE E 242 27.23 -28.41 16.67
C ILE E 242 25.93 -27.99 17.35
N ARG E 243 24.89 -27.76 16.56
CA ARG E 243 23.61 -27.29 17.08
C ARG E 243 22.47 -27.98 16.34
N SER E 244 21.69 -28.77 17.07
CA SER E 244 20.53 -29.44 16.50
C SER E 244 19.34 -29.22 17.43
N GLU E 245 18.14 -29.18 16.83
CA GLU E 245 16.94 -29.01 17.63
C GLU E 245 16.75 -30.17 18.60
N ASN E 246 16.97 -31.39 18.12
CA ASN E 246 16.81 -32.60 18.92
C ASN E 246 17.88 -33.57 18.44
N ILE E 247 19.03 -33.59 19.12
CA ILE E 247 20.18 -34.32 18.59
C ILE E 247 19.99 -35.82 18.56
N THR E 248 18.87 -36.33 19.09
CA THR E 248 18.56 -37.74 19.02
C THR E 248 17.51 -38.06 17.97
N ASN E 249 17.14 -37.08 17.15
CA ASN E 249 16.16 -37.28 16.08
C ASN E 249 16.87 -37.24 14.74
N ASN E 250 16.60 -38.24 13.90
CA ASN E 250 17.21 -38.26 12.58
C ASN E 250 16.58 -37.25 11.64
N ALA E 251 15.33 -36.88 11.88
CA ALA E 251 14.63 -35.91 11.05
C ALA E 251 15.05 -34.47 11.32
N LYS E 252 15.90 -34.24 12.32
CA LYS E 252 16.36 -32.92 12.68
C LYS E 252 17.71 -32.65 12.02
N ASN E 253 17.83 -31.49 11.38
CA ASN E 253 19.09 -31.10 10.78
C ASN E 253 20.11 -30.74 11.85
N ILE E 254 21.38 -30.88 11.51
CA ILE E 254 22.50 -30.50 12.37
C ILE E 254 23.22 -29.34 11.71
N LEU E 255 23.46 -28.27 12.46
CA LEU E 255 24.12 -27.07 11.96
C LEU E 255 25.52 -27.00 12.56
N VAL E 256 26.52 -27.27 11.75
CA VAL E 256 27.92 -27.12 12.16
C VAL E 256 28.35 -25.68 11.89
N GLN E 257 29.36 -25.23 12.62
CA GLN E 257 29.89 -23.88 12.43
C GLN E 257 31.41 -23.92 12.59
N PHE E 258 32.11 -23.59 11.51
CA PHE E 258 33.56 -23.66 11.50
C PHE E 258 34.14 -22.48 12.29
N ASN E 259 35.22 -22.75 13.03
CA ASN E 259 35.96 -21.69 13.67
C ASN E 259 36.86 -20.95 12.67
N THR E 260 37.33 -21.64 11.64
CA THR E 260 38.15 -21.05 10.60
C THR E 260 37.51 -21.33 9.24
N PRO E 261 37.34 -20.33 8.39
CA PRO E 261 36.68 -20.54 7.11
C PRO E 261 37.51 -21.42 6.19
N VAL E 262 36.81 -22.17 5.34
CA VAL E 262 37.41 -22.91 4.24
C VAL E 262 37.06 -22.18 2.96
N GLN E 263 38.08 -21.72 2.24
CA GLN E 263 37.86 -20.95 1.03
C GLN E 263 37.48 -21.86 -0.12
N ILE E 264 36.48 -21.44 -0.89
CA ILE E 264 35.98 -22.18 -2.04
C ILE E 264 35.95 -21.25 -3.23
N ASN E 265 36.82 -21.51 -4.20
CA ASN E 265 36.85 -20.75 -5.45
C ASN E 265 36.09 -21.53 -6.52
N CYS E 266 35.26 -20.84 -7.29
CA CYS E 266 34.71 -21.45 -8.49
C CYS E 266 34.24 -20.42 -9.49
N THR E 267 34.11 -20.89 -10.73
CA THR E 267 34.02 -20.06 -11.91
C THR E 267 33.06 -20.68 -12.91
N ARG E 268 32.58 -19.86 -13.83
CA ARG E 268 31.92 -20.31 -15.05
C ARG E 268 32.82 -19.84 -16.17
N PRO E 269 33.76 -20.68 -16.62
CA PRO E 269 34.82 -20.20 -17.51
C PRO E 269 34.37 -19.92 -18.92
N ASN E 270 33.09 -20.11 -19.23
CA ASN E 270 32.59 -19.83 -20.57
C ASN E 270 32.29 -18.34 -20.71
N ASN E 271 32.78 -17.74 -21.78
CA ASN E 271 32.56 -16.33 -22.06
C ASN E 271 31.24 -16.20 -22.81
N ASN E 272 30.15 -16.15 -22.07
CA ASN E 272 28.82 -16.09 -22.66
C ASN E 272 28.58 -14.72 -23.29
N THR E 273 27.44 -14.60 -23.95
CA THR E 273 27.03 -13.35 -24.58
C THR E 273 25.51 -13.28 -24.54
N ARG E 274 24.98 -12.25 -23.91
CA ARG E 274 23.53 -12.08 -23.83
C ARG E 274 23.02 -11.45 -25.12
N LYS E 275 21.88 -11.95 -25.59
CA LYS E 275 21.21 -11.42 -26.76
C LYS E 275 19.73 -11.24 -26.45
N SER E 276 19.13 -10.23 -27.07
CA SER E 276 17.76 -9.83 -26.76
C SER E 276 16.80 -10.37 -27.81
N ILE E 277 15.71 -10.96 -27.36
CA ILE E 277 14.62 -11.44 -28.22
C ILE E 277 13.36 -10.72 -27.78
N ARG E 278 12.62 -10.17 -28.74
CA ARG E 278 11.41 -9.42 -28.44
C ARG E 278 10.22 -10.39 -28.36
N ILE E 279 9.71 -10.61 -27.15
CA ILE E 279 8.55 -11.48 -26.98
C ILE E 279 7.24 -10.73 -27.11
N GLY E 280 7.28 -9.40 -27.11
CA GLY E 280 6.10 -8.58 -27.25
C GLY E 280 6.47 -7.13 -27.47
N PRO E 281 5.48 -6.25 -27.58
CA PRO E 281 5.77 -4.81 -27.68
C PRO E 281 6.27 -4.28 -26.35
N GLY E 282 7.51 -3.80 -26.34
CA GLY E 282 8.12 -3.32 -25.11
C GLY E 282 8.41 -4.41 -24.10
N GLN E 283 8.90 -5.56 -24.56
CA GLN E 283 9.21 -6.69 -23.68
C GLN E 283 10.29 -7.53 -24.34
N ALA E 284 11.45 -7.63 -23.70
CA ALA E 284 12.60 -8.32 -24.26
C ALA E 284 12.94 -9.56 -23.46
N PHE E 285 13.24 -10.65 -24.17
CA PHE E 285 13.71 -11.88 -23.57
C PHE E 285 15.22 -11.95 -23.76
N TYR E 286 15.96 -12.03 -22.66
CA TYR E 286 17.42 -11.98 -22.69
C TYR E 286 17.96 -13.40 -22.77
N ALA E 287 18.17 -13.87 -23.99
CA ALA E 287 18.66 -15.23 -24.23
C ALA E 287 20.18 -15.21 -24.32
N THR E 288 20.74 -16.38 -24.64
CA THR E 288 22.18 -16.53 -24.81
C THR E 288 22.48 -16.68 -26.29
N GLY E 289 23.29 -15.78 -26.82
CA GLY E 289 23.65 -15.83 -28.22
C GLY E 289 24.59 -16.98 -28.55
N ASP E 290 25.81 -16.90 -28.05
CA ASP E 290 26.85 -17.88 -28.37
C ASP E 290 27.90 -17.85 -27.27
N ILE E 291 28.92 -18.70 -27.42
CA ILE E 291 30.03 -18.78 -26.50
C ILE E 291 31.30 -18.44 -27.28
N ILE E 292 32.07 -17.47 -26.76
CA ILE E 292 33.26 -16.99 -27.43
C ILE E 292 34.45 -17.75 -26.86
N GLY E 293 34.84 -18.82 -27.51
CA GLY E 293 36.01 -19.58 -27.08
C GLY E 293 35.70 -21.04 -26.84
N ASP E 294 36.57 -21.72 -26.09
CA ASP E 294 36.34 -23.12 -25.76
C ASP E 294 35.19 -23.25 -24.78
N ILE E 295 34.46 -24.36 -24.91
CA ILE E 295 33.32 -24.65 -24.05
C ILE E 295 33.84 -25.49 -22.89
N ARG E 296 33.98 -24.86 -21.72
CA ARG E 296 34.48 -25.51 -20.52
C ARG E 296 33.34 -25.75 -19.54
N GLN E 297 33.67 -26.45 -18.46
CA GLN E 297 32.70 -26.82 -17.44
C GLN E 297 32.94 -26.00 -16.19
N ALA E 298 31.86 -25.63 -15.51
CA ALA E 298 31.97 -24.94 -14.24
C ALA E 298 32.42 -25.90 -13.14
N HIS E 299 33.02 -25.34 -12.09
CA HIS E 299 33.56 -26.16 -11.02
C HIS E 299 33.96 -25.25 -9.88
N CYS E 300 33.87 -25.79 -8.66
CA CYS E 300 34.36 -25.12 -7.46
C CYS E 300 35.61 -25.84 -6.98
N ASN E 301 36.54 -25.09 -6.39
CA ASN E 301 37.79 -25.65 -5.88
C ASN E 301 37.86 -25.45 -4.37
N VAL E 302 38.23 -26.51 -3.66
CA VAL E 302 38.46 -26.47 -2.22
C VAL E 302 39.80 -27.12 -1.94
N SER E 303 40.56 -26.54 -1.01
CA SER E 303 41.86 -27.10 -0.65
C SER E 303 41.68 -28.48 -0.05
N LYS E 304 42.52 -29.43 -0.49
CA LYS E 304 42.39 -30.81 -0.01
C LYS E 304 42.83 -30.93 1.44
N ALA E 305 43.92 -30.25 1.82
CA ALA E 305 44.40 -30.32 3.19
C ALA E 305 43.55 -29.51 4.14
N THR E 306 43.15 -28.30 3.75
CA THR E 306 42.35 -27.46 4.63
C THR E 306 41.00 -28.09 4.91
N TRP E 307 40.37 -28.68 3.89
CA TRP E 307 39.13 -29.40 4.13
C TRP E 307 39.36 -30.61 5.02
N ASN E 308 40.47 -31.32 4.81
CA ASN E 308 40.73 -32.53 5.57
C ASN E 308 40.86 -32.24 7.06
N GLU E 309 41.57 -31.17 7.42
CA GLU E 309 41.74 -30.85 8.83
C GLU E 309 40.49 -30.22 9.43
N THR E 310 39.76 -29.42 8.65
CA THR E 310 38.50 -28.85 9.13
C THR E 310 37.41 -29.91 9.29
N LEU E 311 37.52 -31.04 8.60
CA LEU E 311 36.57 -32.13 8.75
C LEU E 311 36.93 -33.09 9.86
N GLY E 312 38.18 -33.05 10.34
CA GLY E 312 38.55 -33.79 11.54
C GLY E 312 38.29 -33.03 12.82
N LYS E 313 38.07 -31.72 12.73
CA LYS E 313 37.58 -30.95 13.86
C LYS E 313 36.09 -31.18 14.07
N VAL E 314 35.35 -31.38 12.98
CA VAL E 314 33.93 -31.68 13.07
C VAL E 314 33.69 -33.03 13.71
N VAL E 315 34.47 -34.05 13.30
CA VAL E 315 34.30 -35.39 13.83
C VAL E 315 34.70 -35.48 15.29
N LYS E 316 35.56 -34.59 15.76
CA LYS E 316 35.93 -34.58 17.17
C LYS E 316 34.79 -34.08 18.04
N GLN E 317 34.06 -33.07 17.56
CA GLN E 317 32.88 -32.60 18.28
C GLN E 317 31.68 -33.52 18.10
N LEU E 318 31.52 -34.13 16.92
CA LEU E 318 30.47 -35.11 16.73
C LEU E 318 30.64 -36.31 17.66
N ARG E 319 31.85 -36.52 18.20
CA ARG E 319 32.08 -37.57 19.18
C ARG E 319 31.65 -37.17 20.59
N LYS E 320 31.40 -35.89 20.83
CA LYS E 320 30.89 -35.46 22.12
C LYS E 320 29.41 -35.74 22.29
N HIS E 321 28.68 -35.96 21.19
CA HIS E 321 27.27 -36.28 21.24
C HIS E 321 26.96 -37.72 20.83
N PHE E 322 27.90 -38.40 20.20
CA PHE E 322 27.68 -39.74 19.65
C PHE E 322 28.70 -40.73 20.19
N GLY E 323 29.16 -40.53 21.41
CA GLY E 323 30.09 -41.45 22.02
C GLY E 323 31.53 -41.18 21.68
N ASN E 324 32.40 -41.20 22.69
CA ASN E 324 33.82 -40.93 22.46
C ASN E 324 34.46 -42.00 21.59
N ASN E 325 33.89 -43.19 21.55
CA ASN E 325 34.45 -44.31 20.79
C ASN E 325 33.38 -44.79 19.80
N THR E 326 33.36 -44.19 18.61
CA THR E 326 32.45 -44.57 17.55
C THR E 326 33.07 -44.21 16.22
N ILE E 327 32.65 -44.91 15.17
CA ILE E 327 33.15 -44.68 13.81
C ILE E 327 32.13 -43.78 13.10
N ILE E 328 32.59 -42.60 12.70
CA ILE E 328 31.74 -41.59 12.09
C ILE E 328 32.15 -41.46 10.63
N ARG E 329 31.22 -41.74 9.72
CA ARG E 329 31.50 -41.65 8.29
C ARG E 329 30.50 -40.72 7.63
N PHE E 330 31.01 -39.90 6.73
CA PHE E 330 30.19 -38.98 5.94
C PHE E 330 29.87 -39.61 4.59
N ALA E 331 28.67 -39.34 4.09
CA ALA E 331 28.26 -39.81 2.78
C ALA E 331 27.56 -38.69 2.04
N ASN E 332 27.41 -38.86 0.74
CA ASN E 332 26.78 -37.83 -0.07
C ASN E 332 25.27 -37.91 0.04
N SER E 333 24.61 -36.82 -0.37
CA SER E 333 23.16 -36.70 -0.18
C SER E 333 22.43 -37.81 -0.92
N SER E 334 21.35 -38.30 -0.29
CA SER E 334 20.63 -39.46 -0.80
C SER E 334 19.73 -39.12 -1.97
N GLY E 335 18.76 -38.23 -1.77
CA GLY E 335 17.83 -37.91 -2.83
C GLY E 335 17.14 -36.58 -2.56
N GLY E 336 16.28 -36.20 -3.49
CA GLY E 336 15.53 -34.96 -3.43
C GLY E 336 15.76 -34.10 -4.64
N ASP E 337 15.35 -32.84 -4.54
CA ASP E 337 15.56 -31.90 -5.62
C ASP E 337 17.06 -31.71 -5.87
N LEU E 338 17.38 -31.02 -6.96
CA LEU E 338 18.76 -30.68 -7.24
C LEU E 338 19.32 -29.68 -6.24
N GLU E 339 18.45 -28.98 -5.51
CA GLU E 339 18.92 -28.05 -4.48
C GLU E 339 19.31 -28.77 -3.20
N VAL E 340 18.61 -29.85 -2.85
CA VAL E 340 18.88 -30.53 -1.59
C VAL E 340 20.01 -31.54 -1.72
N THR E 341 20.19 -32.14 -2.90
CA THR E 341 21.23 -33.13 -3.12
C THR E 341 22.53 -32.56 -3.66
N THR E 342 22.55 -31.27 -4.01
CA THR E 342 23.76 -30.62 -4.49
C THR E 342 23.95 -29.31 -3.75
N HIS E 343 25.19 -28.87 -3.66
CA HIS E 343 25.51 -27.59 -3.03
C HIS E 343 25.16 -26.48 -4.01
N SER E 344 23.94 -25.96 -3.90
CA SER E 344 23.48 -24.90 -4.79
C SER E 344 23.66 -23.56 -4.13
N PHE E 345 24.20 -22.60 -4.88
CA PHE E 345 24.35 -21.24 -4.43
C PHE E 345 24.10 -20.32 -5.62
N ASN E 346 24.44 -19.05 -5.47
CA ASN E 346 24.19 -18.03 -6.49
C ASN E 346 25.42 -17.12 -6.54
N CYS E 347 26.31 -17.38 -7.50
CA CYS E 347 27.57 -16.68 -7.61
C CYS E 347 27.45 -15.63 -8.71
N GLY E 348 27.21 -14.38 -8.31
CA GLY E 348 27.11 -13.29 -9.26
C GLY E 348 25.94 -13.37 -10.22
N GLY E 349 24.76 -13.71 -9.73
CA GLY E 349 23.58 -13.81 -10.57
C GLY E 349 23.46 -15.11 -11.33
N GLU E 350 24.39 -16.04 -11.14
CA GLU E 350 24.36 -17.34 -11.80
C GLU E 350 24.22 -18.41 -10.73
N PHE E 351 23.29 -19.35 -10.94
CA PHE E 351 22.95 -20.34 -9.93
C PHE E 351 23.68 -21.65 -10.22
N PHE E 352 24.54 -22.04 -9.30
CA PHE E 352 25.36 -23.25 -9.42
C PHE E 352 24.75 -24.37 -8.60
N TYR E 353 24.91 -25.60 -9.10
CA TYR E 353 24.49 -26.80 -8.38
C TYR E 353 25.66 -27.76 -8.39
N CYS E 354 26.57 -27.59 -7.44
CA CYS E 354 27.82 -28.35 -7.43
C CYS E 354 27.62 -29.74 -6.85
N ASN E 355 28.42 -30.68 -7.35
CA ASN E 355 28.36 -32.08 -6.94
C ASN E 355 29.33 -32.27 -5.79
N THR E 356 28.84 -32.17 -4.56
CA THR E 356 29.68 -32.26 -3.36
C THR E 356 29.81 -33.72 -2.91
N SER E 357 30.22 -34.57 -3.83
CA SER E 357 30.45 -35.97 -3.53
C SER E 357 31.89 -36.28 -3.19
N GLY E 358 32.83 -35.43 -3.58
CA GLY E 358 34.22 -35.57 -3.18
C GLY E 358 34.54 -35.01 -1.81
N LEU E 359 33.67 -34.16 -1.27
CA LEU E 359 33.85 -33.64 0.07
C LEU E 359 33.44 -34.66 1.12
N PHE E 360 32.23 -35.20 0.99
CA PHE E 360 31.67 -36.14 1.96
C PHE E 360 31.87 -37.56 1.47
N ASN E 361 33.12 -38.01 1.53
CA ASN E 361 33.50 -39.35 1.11
C ASN E 361 34.52 -39.95 2.07
N SER E 362 34.28 -39.79 3.37
CA SER E 362 35.25 -40.16 4.38
C SER E 362 34.67 -41.17 5.37
N THR E 363 35.52 -41.63 6.28
CA THR E 363 35.11 -42.52 7.36
C THR E 363 36.19 -42.47 8.43
N TRP E 364 35.79 -42.10 9.66
CA TRP E 364 36.72 -41.79 10.73
C TRP E 364 36.59 -42.80 11.85
N ILE E 365 37.71 -43.38 12.26
CA ILE E 365 37.75 -44.31 13.38
C ILE E 365 38.51 -43.64 14.52
N SER E 366 38.19 -44.06 15.75
CA SER E 366 38.76 -43.44 16.94
C SER E 366 40.16 -44.01 17.17
N ASN E 367 41.16 -43.29 16.70
CA ASN E 367 42.56 -43.68 16.86
C ASN E 367 42.77 -45.17 16.56
N ASN E 379 49.29 -26.31 -4.20
CA ASN E 379 48.97 -27.48 -3.39
C ASN E 379 47.74 -28.20 -3.95
N ASP E 380 47.44 -29.37 -3.42
CA ASP E 380 46.36 -30.18 -3.96
C ASP E 380 45.01 -29.50 -3.72
N SER E 381 44.05 -29.80 -4.60
CA SER E 381 42.72 -29.22 -4.56
C SER E 381 41.69 -30.29 -4.88
N ILE E 382 40.44 -30.01 -4.51
CA ILE E 382 39.30 -30.84 -4.85
C ILE E 382 38.40 -30.03 -5.78
N THR E 383 38.19 -30.52 -6.99
CA THR E 383 37.37 -29.85 -7.97
C THR E 383 35.98 -30.47 -7.97
N LEU E 384 34.96 -29.65 -7.78
CA LEU E 384 33.59 -30.10 -7.72
C LEU E 384 32.86 -29.69 -8.99
N PRO E 385 32.38 -30.63 -9.80
CA PRO E 385 31.79 -30.27 -11.09
C PRO E 385 30.40 -29.63 -10.95
N CYS E 386 30.37 -28.32 -10.75
CA CYS E 386 29.10 -27.61 -10.70
C CYS E 386 28.46 -27.58 -12.09
N ARG E 387 27.16 -27.29 -12.10
CA ARG E 387 26.42 -27.07 -13.34
C ARG E 387 25.39 -25.99 -13.09
N ILE E 388 24.98 -25.32 -14.15
CA ILE E 388 24.21 -24.09 -14.06
C ILE E 388 22.75 -24.37 -14.39
N LYS E 389 21.86 -23.58 -13.80
CA LYS E 389 20.43 -23.62 -14.08
C LYS E 389 19.93 -22.22 -14.35
N GLN E 390 18.94 -22.11 -15.22
CA GLN E 390 18.36 -20.82 -15.56
C GLN E 390 16.96 -20.61 -15.05
N ILE E 391 16.18 -21.67 -14.86
CA ILE E 391 14.83 -21.58 -14.32
C ILE E 391 14.88 -22.06 -12.88
N ILE E 392 14.46 -21.20 -11.96
CA ILE E 392 14.58 -21.44 -10.52
C ILE E 392 13.18 -21.43 -9.93
N ASN E 393 12.87 -22.46 -9.15
CA ASN E 393 11.60 -22.57 -8.46
C ASN E 393 11.74 -22.06 -7.02
N MET E 394 10.64 -21.57 -6.47
CA MET E 394 10.68 -21.12 -5.08
C MET E 394 10.61 -22.33 -4.15
N TRP E 395 11.22 -22.16 -2.97
CA TRP E 395 11.68 -23.30 -2.19
C TRP E 395 10.60 -23.98 -1.38
N GLN E 396 9.95 -23.26 -0.46
CA GLN E 396 8.94 -23.91 0.38
C GLN E 396 7.71 -24.17 -0.48
N ARG E 397 7.88 -24.04 -1.79
CA ARG E 397 6.96 -24.52 -2.80
C ARG E 397 5.88 -23.50 -3.13
N ILE E 398 5.71 -23.26 -4.43
CA ILE E 398 4.58 -22.56 -5.04
C ILE E 398 4.68 -22.88 -6.52
N GLY E 399 3.57 -22.81 -7.24
CA GLY E 399 3.62 -22.99 -8.67
C GLY E 399 4.23 -21.78 -9.36
N GLN E 400 5.44 -21.41 -8.95
CA GLN E 400 6.09 -20.20 -9.44
C GLN E 400 7.57 -20.47 -9.66
N ALA E 401 8.16 -19.71 -10.57
CA ALA E 401 9.55 -19.89 -10.95
C ALA E 401 10.12 -18.56 -11.43
N MET E 402 11.44 -18.51 -11.50
CA MET E 402 12.16 -17.32 -11.93
C MET E 402 13.17 -17.71 -13.00
N TYR E 403 13.24 -16.93 -14.07
CA TYR E 403 14.25 -17.14 -15.10
C TYR E 403 15.35 -16.10 -14.88
N ALA E 404 16.59 -16.57 -14.73
CA ALA E 404 17.71 -15.70 -14.47
C ALA E 404 18.43 -15.38 -15.77
N PRO E 405 18.37 -14.16 -16.27
CA PRO E 405 18.97 -13.88 -17.57
C PRO E 405 20.46 -14.15 -17.53
N PRO E 406 21.05 -14.54 -18.66
CA PRO E 406 22.47 -14.89 -18.67
C PRO E 406 23.34 -13.70 -18.29
N ILE E 407 24.50 -14.01 -17.74
CA ILE E 407 25.52 -13.01 -17.42
C ILE E 407 26.53 -12.99 -18.56
N GLN E 408 26.79 -11.80 -19.09
CA GLN E 408 27.72 -11.64 -20.20
C GLN E 408 29.12 -11.49 -19.63
N GLY E 409 29.90 -12.55 -19.72
CA GLY E 409 31.27 -12.53 -19.27
C GLY E 409 31.66 -13.85 -18.63
N VAL E 410 32.76 -13.82 -17.90
CA VAL E 410 33.29 -14.98 -17.20
C VAL E 410 33.07 -14.77 -15.71
N ILE E 411 32.33 -15.68 -15.09
CA ILE E 411 32.02 -15.58 -13.67
C ILE E 411 33.18 -16.16 -12.86
N ARG E 412 33.58 -15.44 -11.82
CA ARG E 412 34.64 -15.91 -10.95
C ARG E 412 34.52 -15.28 -9.57
N CYS E 413 33.96 -16.02 -8.61
CA CYS E 413 33.81 -15.54 -7.24
C CYS E 413 34.41 -16.55 -6.28
N VAL E 414 34.93 -16.02 -5.17
CA VAL E 414 35.51 -16.83 -4.10
C VAL E 414 34.81 -16.45 -2.81
N SER E 415 34.56 -17.47 -1.97
CA SER E 415 33.82 -17.25 -0.74
C SER E 415 34.36 -18.18 0.33
N ASN E 416 33.81 -18.02 1.53
CA ASN E 416 34.20 -18.81 2.69
C ASN E 416 33.10 -19.80 3.01
N ILE E 417 33.47 -21.06 3.24
CA ILE E 417 32.57 -22.02 3.85
C ILE E 417 32.67 -21.84 5.37
N THR E 418 31.55 -21.53 6.01
CA THR E 418 31.54 -21.28 7.44
C THR E 418 30.65 -22.26 8.21
N GLY E 419 30.26 -23.37 7.59
CA GLY E 419 29.44 -24.34 8.27
C GLY E 419 28.87 -25.35 7.32
N LEU E 420 28.15 -26.31 7.90
CA LEU E 420 27.47 -27.36 7.16
C LEU E 420 26.06 -27.52 7.72
N ILE E 421 25.18 -28.08 6.90
CA ILE E 421 23.86 -28.50 7.34
C ILE E 421 23.80 -30.00 7.12
N LEU E 422 24.01 -30.78 8.18
CA LEU E 422 24.10 -32.22 8.09
C LEU E 422 22.77 -32.88 8.41
N THR E 423 22.72 -34.19 8.19
CA THR E 423 21.58 -35.00 8.57
C THR E 423 22.07 -36.41 8.90
N ARG E 424 21.33 -37.08 9.78
CA ARG E 424 21.61 -38.44 10.15
C ARG E 424 20.58 -39.39 9.53
N ASP E 425 20.94 -40.65 9.44
CA ASP E 425 20.07 -41.68 8.88
C ASP E 425 19.80 -42.75 9.92
N GLY E 426 18.60 -43.31 9.86
CA GLY E 426 18.19 -44.28 10.86
C GLY E 426 19.04 -45.54 10.82
N GLY E 427 19.11 -46.20 11.97
CA GLY E 427 19.91 -47.41 12.10
C GLY E 427 20.84 -47.38 13.29
N SER E 428 20.83 -46.27 14.03
CA SER E 428 21.68 -46.09 15.20
C SER E 428 20.96 -46.56 16.46
N THR E 429 20.55 -47.83 16.42
CA THR E 429 19.96 -48.48 17.58
C THR E 429 20.80 -49.69 17.98
N ASN E 430 21.25 -50.45 16.98
CA ASN E 430 22.17 -51.56 17.16
C ASN E 430 23.52 -51.28 16.52
N SER E 431 23.53 -50.49 15.45
CA SER E 431 24.76 -50.21 14.73
C SER E 431 25.72 -49.38 15.59
N THR E 432 27.02 -49.57 15.35
CA THR E 432 28.07 -48.83 16.04
C THR E 432 28.71 -47.78 15.15
N THR E 433 27.97 -47.31 14.14
CA THR E 433 28.49 -46.35 13.19
C THR E 433 27.43 -45.30 12.91
N GLU E 434 27.88 -44.11 12.52
CA GLU E 434 27.01 -43.00 12.19
C GLU E 434 27.35 -42.48 10.81
N THR E 435 26.32 -42.31 9.97
CA THR E 435 26.48 -41.72 8.65
C THR E 435 25.85 -40.34 8.65
N PHE E 436 26.54 -39.37 8.06
CA PHE E 436 26.12 -37.97 8.07
C PHE E 436 26.03 -37.46 6.64
N ARG E 437 24.89 -37.67 6.01
CA ARG E 437 24.65 -37.06 4.71
C ARG E 437 24.42 -35.57 4.87
N PRO E 438 24.89 -34.75 3.93
CA PRO E 438 24.57 -33.33 3.96
C PRO E 438 23.14 -33.07 3.52
N GLY E 439 22.69 -31.84 3.73
CA GLY E 439 21.34 -31.51 3.31
C GLY E 439 20.91 -30.08 3.58
N GLY E 440 20.21 -29.48 2.62
CA GLY E 440 19.62 -28.17 2.79
C GLY E 440 18.19 -28.13 2.26
N GLY E 441 17.81 -27.03 1.62
CA GLY E 441 16.51 -26.89 1.02
C GLY E 441 15.51 -26.11 1.84
N ASP E 442 15.80 -25.88 3.12
CA ASP E 442 14.97 -25.05 3.99
C ASP E 442 15.80 -23.85 4.41
N MET E 443 15.52 -22.68 3.83
CA MET E 443 16.30 -21.50 4.13
C MET E 443 15.86 -20.81 5.41
N ARG E 444 15.09 -21.49 6.26
CA ARG E 444 14.91 -21.05 7.63
C ARG E 444 16.07 -21.47 8.50
N ASP E 445 16.75 -22.56 8.12
CA ASP E 445 17.98 -22.98 8.76
C ASP E 445 19.19 -22.21 8.24
N ASN E 446 18.96 -21.25 7.34
CA ASN E 446 19.99 -20.31 6.92
C ASN E 446 19.98 -19.06 7.79
N TRP E 447 18.81 -18.66 8.27
CA TRP E 447 18.70 -17.45 9.09
C TRP E 447 19.04 -17.70 10.54
N ARG E 448 18.87 -18.94 11.01
CA ARG E 448 19.15 -19.25 12.41
C ARG E 448 20.56 -19.75 12.64
N SER E 449 21.38 -19.84 11.59
CA SER E 449 22.82 -20.00 11.74
C SER E 449 23.51 -18.66 11.88
N GLU E 450 22.78 -17.56 11.79
CA GLU E 450 23.27 -16.21 12.02
C GLU E 450 22.61 -15.53 13.22
N LEU E 451 21.29 -15.67 13.36
CA LEU E 451 20.53 -15.02 14.43
C LEU E 451 20.34 -15.91 15.65
N TYR E 452 21.17 -16.93 15.83
CA TYR E 452 20.94 -17.86 16.92
C TYR E 452 21.16 -17.23 18.30
N LYS E 453 21.92 -16.14 18.38
CA LYS E 453 22.33 -15.57 19.65
C LYS E 453 21.62 -14.28 20.00
N TYR E 454 20.49 -13.99 19.37
CA TYR E 454 19.76 -12.74 19.57
C TYR E 454 18.38 -13.03 20.13
N LYS E 455 18.01 -12.33 21.19
CA LYS E 455 16.67 -12.40 21.75
C LYS E 455 16.12 -10.99 21.85
N VAL E 456 14.90 -10.80 21.37
CA VAL E 456 14.23 -9.51 21.46
C VAL E 456 13.44 -9.48 22.76
N VAL E 457 13.62 -8.40 23.53
CA VAL E 457 12.90 -8.19 24.77
C VAL E 457 12.22 -6.82 24.70
N LYS E 458 11.19 -6.66 25.52
CA LYS E 458 10.46 -5.41 25.63
C LYS E 458 10.65 -4.84 27.02
N ILE E 459 11.00 -3.56 27.09
CA ILE E 459 11.35 -2.93 28.35
C ILE E 459 10.10 -2.36 29.01
N GLU E 460 9.88 -2.73 30.26
CA GLU E 460 8.77 -2.20 31.05
C GLU E 460 9.32 -1.20 32.06
N PRO E 461 9.09 0.10 31.88
CA PRO E 461 9.79 1.12 32.68
C PRO E 461 9.07 1.65 33.91
N LEU E 462 7.90 1.12 34.26
CA LEU E 462 7.15 1.60 35.41
C LEU E 462 7.25 0.62 36.56
N GLY E 463 7.44 1.14 37.76
CA GLY E 463 7.52 0.30 38.94
C GLY E 463 7.00 1.03 40.15
N VAL E 464 6.62 0.25 41.17
CA VAL E 464 6.16 0.77 42.45
C VAL E 464 6.98 0.12 43.54
N ALA E 465 7.11 0.82 44.67
CA ALA E 465 7.86 0.26 45.78
C ALA E 465 7.70 1.14 47.01
N PRO E 466 7.62 0.55 48.21
CA PRO E 466 7.46 1.36 49.44
C PRO E 466 8.78 2.03 49.80
N THR E 467 8.73 3.34 50.03
CA THR E 467 9.94 4.11 50.25
C THR E 467 9.85 5.09 51.42
N ARG E 468 8.69 5.18 52.08
CA ARG E 468 8.45 6.11 53.20
C ARG E 468 8.58 7.57 52.78
N CYS E 469 8.38 7.86 51.50
CA CYS E 469 8.06 9.22 51.08
C CYS E 469 6.71 9.65 51.67
N LYS E 470 6.32 10.86 51.32
CA LYS E 470 4.92 11.26 51.47
C LYS E 470 4.72 12.54 50.70
N ARG E 471 3.77 12.56 49.77
CA ARG E 471 3.50 13.76 49.01
C ARG E 471 3.02 14.87 49.94
N ARG E 472 3.57 16.06 49.76
CA ARG E 472 3.21 17.20 50.60
C ARG E 472 1.87 17.77 50.13
N VAL E 473 0.93 17.89 51.05
CA VAL E 473 -0.41 18.37 50.71
C VAL E 473 -0.45 19.89 50.75
N LEU F 9 26.82 1.44 33.55
CA LEU F 9 26.46 2.54 32.65
C LEU F 9 25.88 2.02 31.35
N GLY F 10 24.91 2.73 30.81
CA GLY F 10 24.27 2.37 29.55
C GLY F 10 22.87 1.83 29.75
N PHE F 11 22.11 1.88 28.66
CA PHE F 11 20.72 1.44 28.67
C PHE F 11 20.62 0.02 29.20
N LEU F 12 19.96 -0.13 30.35
CA LEU F 12 19.75 -1.41 31.03
C LEU F 12 21.00 -1.93 31.73
N GLY F 13 22.04 -1.10 31.88
CA GLY F 13 23.26 -1.57 32.49
C GLY F 13 23.07 -2.01 33.93
N ALA F 14 22.25 -1.29 34.67
CA ALA F 14 21.90 -1.66 36.05
C ALA F 14 20.66 -2.55 36.09
N ALA F 15 20.70 -3.65 35.33
CA ALA F 15 19.61 -4.60 35.33
C ALA F 15 19.78 -5.67 36.41
N GLY F 16 21.02 -6.08 36.67
CA GLY F 16 21.33 -7.01 37.73
C GLY F 16 21.68 -6.39 39.06
N SER F 17 21.60 -5.07 39.18
CA SER F 17 21.86 -4.41 40.44
C SER F 17 20.63 -4.45 41.33
N THR F 18 20.86 -4.44 42.64
CA THR F 18 19.76 -4.40 43.59
C THR F 18 18.90 -3.16 43.33
N MET F 19 17.69 -3.18 43.89
CA MET F 19 16.75 -2.10 43.62
C MET F 19 17.36 -0.74 43.97
N GLY F 20 18.12 -0.67 45.06
CA GLY F 20 18.65 0.61 45.50
C GLY F 20 19.65 1.21 44.53
N ALA F 21 20.57 0.39 44.02
CA ALA F 21 21.63 0.89 43.15
C ALA F 21 21.14 1.22 41.74
N ALA F 22 20.01 0.66 41.31
CA ALA F 22 19.45 0.93 40.00
C ALA F 22 18.48 2.10 39.98
N SER F 23 18.21 2.71 41.14
CA SER F 23 17.35 3.88 41.21
C SER F 23 18.11 5.19 40.98
N MET F 24 19.44 5.14 40.95
CA MET F 24 20.25 6.31 40.66
C MET F 24 20.39 6.57 39.17
N THR F 25 20.06 5.59 38.33
CA THR F 25 20.32 5.63 36.90
C THR F 25 19.02 5.61 36.10
N LEU F 26 17.96 6.22 36.63
CA LEU F 26 16.67 6.17 35.94
C LEU F 26 16.71 6.92 34.62
N THR F 27 17.39 8.07 34.57
CA THR F 27 17.36 8.89 33.37
C THR F 27 18.04 8.23 32.19
N VAL F 28 18.82 7.17 32.41
CA VAL F 28 19.40 6.43 31.29
C VAL F 28 18.32 5.67 30.55
N GLN F 29 17.42 5.00 31.28
CA GLN F 29 16.34 4.25 30.64
C GLN F 29 15.23 5.17 30.14
N ALA F 30 14.91 6.21 30.91
CA ALA F 30 13.77 7.05 30.57
C ALA F 30 14.00 7.87 29.31
N ARG F 31 15.25 8.20 28.99
CA ARG F 31 15.57 8.99 27.81
C ARG F 31 15.78 8.13 26.58
N ASN F 32 15.47 6.85 26.63
CA ASN F 32 15.71 5.92 25.53
C ASN F 32 14.44 5.25 25.02
N LEU F 33 13.29 5.55 25.62
CA LEU F 33 12.06 4.85 25.31
C LEU F 33 11.26 5.51 24.19
N LEU F 34 11.70 6.67 23.70
CA LEU F 34 11.09 7.33 22.56
C LEU F 34 12.03 7.38 21.36
N SER F 35 13.23 7.92 21.54
CA SER F 35 14.23 7.97 20.48
C SER F 35 13.67 8.57 19.20
N LEU F 57 6.63 2.95 0.24
CA LEU F 57 5.82 2.01 1.01
C LEU F 57 6.06 0.57 0.57
N THR F 58 7.34 0.19 0.53
CA THR F 58 7.74 -1.16 0.17
C THR F 58 7.67 -2.05 1.40
N VAL F 59 8.27 -3.23 1.34
CA VAL F 59 8.26 -4.12 2.50
C VAL F 59 9.09 -3.52 3.62
N TRP F 60 10.21 -2.87 3.30
CA TRP F 60 10.99 -2.17 4.33
C TRP F 60 10.26 -0.93 4.83
N GLY F 61 9.60 -0.20 3.92
CA GLY F 61 8.92 1.02 4.33
C GLY F 61 7.70 0.76 5.20
N ILE F 62 6.96 -0.30 4.90
CA ILE F 62 5.78 -0.63 5.70
C ILE F 62 6.18 -0.97 7.12
N LYS F 63 7.22 -1.80 7.28
CA LYS F 63 7.63 -2.26 8.59
C LYS F 63 8.51 -1.26 9.32
N GLN F 64 9.01 -0.24 8.62
CA GLN F 64 9.67 0.88 9.28
C GLN F 64 8.66 1.92 9.73
N LEU F 65 7.47 1.94 9.12
CA LEU F 65 6.44 2.89 9.48
C LEU F 65 5.58 2.43 10.65
N GLN F 66 5.41 1.11 10.83
CA GLN F 66 4.70 0.60 12.00
C GLN F 66 5.61 0.48 13.21
N ALA F 67 6.93 0.57 13.03
CA ALA F 67 7.82 0.66 14.18
C ALA F 67 7.78 2.04 14.81
N ARG F 68 7.62 3.08 13.99
CA ARG F 68 7.48 4.44 14.53
C ARG F 68 6.14 4.62 15.22
N VAL F 69 5.06 4.20 14.58
CA VAL F 69 3.73 4.36 15.17
C VAL F 69 3.63 3.57 16.46
N LEU F 70 4.11 2.32 16.45
CA LEU F 70 4.01 1.48 17.63
C LEU F 70 4.87 2.00 18.78
N ALA F 71 5.83 2.88 18.48
CA ALA F 71 6.74 3.37 19.52
C ALA F 71 6.32 4.71 20.10
N VAL F 72 5.37 5.41 19.49
CA VAL F 72 4.88 6.67 20.05
C VAL F 72 3.63 6.38 20.87
N GLU F 73 2.83 5.40 20.43
CA GLU F 73 1.67 5.05 21.22
C GLU F 73 2.07 4.30 22.49
N ARG F 74 3.02 3.37 22.39
CA ARG F 74 3.47 2.66 23.58
C ARG F 74 4.11 3.60 24.60
N TYR F 75 4.69 4.71 24.13
CA TYR F 75 5.26 5.71 25.03
C TYR F 75 4.19 6.59 25.65
N LEU F 76 3.08 6.84 24.95
CA LEU F 76 2.00 7.66 25.47
C LEU F 76 1.09 6.91 26.41
N ARG F 77 1.20 5.57 26.47
CA ARG F 77 0.35 4.80 27.38
C ARG F 77 0.77 4.97 28.83
N ASP F 78 2.07 5.11 29.09
CA ASP F 78 2.56 5.30 30.45
C ASP F 78 2.79 6.76 30.79
N GLN F 79 2.80 7.66 29.80
CA GLN F 79 2.75 9.09 30.09
C GLN F 79 1.36 9.49 30.58
N GLN F 80 0.31 8.94 29.96
CA GLN F 80 -1.04 9.19 30.44
C GLN F 80 -1.26 8.56 31.81
N LEU F 81 -0.80 7.32 31.99
CA LEU F 81 -0.93 6.66 33.28
C LEU F 81 -0.18 7.44 34.36
N LEU F 82 1.04 7.85 34.06
CA LEU F 82 1.87 8.63 34.97
C LEU F 82 1.34 10.04 35.18
N GLY F 83 0.22 10.39 34.56
CA GLY F 83 -0.34 11.73 34.68
C GLY F 83 -1.63 11.75 35.45
N ILE F 84 -2.42 10.67 35.36
CA ILE F 84 -3.58 10.53 36.25
C ILE F 84 -3.16 10.24 37.68
N TRP F 85 -1.91 9.87 37.90
CA TRP F 85 -1.35 9.71 39.23
C TRP F 85 -0.66 10.97 39.74
N GLY F 86 -0.55 12.00 38.91
CA GLY F 86 0.05 13.26 39.31
C GLY F 86 1.54 13.38 39.09
N CYS F 87 2.21 12.31 38.66
CA CYS F 87 3.66 12.31 38.49
C CYS F 87 4.04 12.62 37.04
N SER F 88 3.57 13.77 36.56
CA SER F 88 3.64 14.07 35.13
C SER F 88 5.07 14.16 34.60
N GLY F 89 5.85 15.11 35.10
CA GLY F 89 7.19 15.33 34.60
C GLY F 89 8.27 14.87 35.55
N LYS F 90 8.08 13.70 36.16
CA LYS F 90 8.97 13.21 37.20
C LYS F 90 9.41 11.79 36.88
N LEU F 91 10.59 11.43 37.37
CA LEU F 91 11.08 10.06 37.30
C LEU F 91 10.93 9.31 38.61
N ILE F 92 10.83 10.03 39.73
CA ILE F 92 10.46 9.47 41.02
C ILE F 92 9.39 10.36 41.63
N CYS F 93 8.23 9.79 41.90
CA CYS F 93 7.13 10.53 42.49
C CYS F 93 6.63 9.81 43.72
N CYS F 94 6.55 10.55 44.83
CA CYS F 94 6.07 10.00 46.09
C CYS F 94 4.58 10.29 46.22
N THR F 95 3.82 9.24 46.52
CA THR F 95 2.36 9.28 46.50
C THR F 95 1.80 9.25 47.91
N ASN F 96 0.47 9.39 48.00
CA ASN F 96 -0.24 9.51 49.27
C ASN F 96 -1.00 8.23 49.64
N VAL F 97 -0.56 7.08 49.14
CA VAL F 97 -1.22 5.81 49.38
C VAL F 97 -0.26 4.91 50.14
N PRO F 98 -0.67 4.30 51.25
CA PRO F 98 0.24 3.47 52.05
C PRO F 98 0.42 2.10 51.41
N TRP F 99 1.27 1.29 52.02
CA TRP F 99 1.68 0.03 51.41
C TRP F 99 0.78 -1.16 51.77
N ASN F 100 0.04 -1.09 52.86
CA ASN F 100 -0.95 -2.11 53.19
C ASN F 100 -0.34 -3.43 53.68
N SER F 101 0.97 -3.59 53.52
CA SER F 101 1.73 -4.63 54.23
C SER F 101 1.22 -6.04 53.92
N SER F 102 0.15 -6.15 53.13
CA SER F 102 -0.34 -7.42 52.63
C SER F 102 0.02 -7.60 51.17
N TRP F 103 0.61 -6.58 50.56
CA TRP F 103 1.19 -6.64 49.24
C TRP F 103 2.61 -7.17 49.28
N SER F 104 3.37 -6.78 50.30
CA SER F 104 4.70 -7.36 50.55
C SER F 104 5.10 -6.98 51.97
N ASN F 105 5.27 -7.98 52.83
CA ASN F 105 5.58 -7.72 54.24
C ASN F 105 7.07 -7.70 54.52
N ARG F 106 7.88 -7.33 53.54
CA ARG F 106 9.33 -7.28 53.68
C ARG F 106 9.79 -5.99 54.36
N ASN F 107 11.04 -6.02 54.81
CA ASN F 107 11.69 -4.85 55.38
C ASN F 107 11.81 -3.75 54.32
N LEU F 108 12.34 -2.60 54.73
CA LEU F 108 12.75 -1.58 53.78
C LEU F 108 14.23 -1.69 53.41
N SER F 109 14.94 -2.69 53.95
CA SER F 109 16.33 -2.94 53.60
C SER F 109 16.52 -4.19 52.76
N GLU F 110 15.73 -5.24 53.01
CA GLU F 110 15.77 -6.42 52.15
C GLU F 110 15.06 -6.20 50.82
N ILE F 111 14.36 -5.08 50.67
CA ILE F 111 13.71 -4.74 49.41
C ILE F 111 14.60 -3.85 48.56
N TRP F 112 15.28 -2.89 49.18
CA TRP F 112 16.02 -1.89 48.42
C TRP F 112 17.48 -2.27 48.19
N ASP F 113 18.04 -3.15 49.00
CA ASP F 113 19.36 -3.72 48.75
C ASP F 113 19.29 -5.22 49.01
N ASN F 114 18.89 -5.97 47.99
CA ASN F 114 18.73 -7.42 48.10
C ASN F 114 17.97 -7.95 46.89
N MET F 115 16.91 -7.26 46.51
CA MET F 115 16.05 -7.67 45.41
C MET F 115 16.25 -6.73 44.23
N THR F 116 16.49 -7.29 43.06
CA THR F 116 16.56 -6.51 41.85
C THR F 116 15.15 -6.10 41.42
N TRP F 117 15.07 -5.21 40.44
CA TRP F 117 13.76 -4.71 40.02
C TRP F 117 12.92 -5.81 39.40
N LEU F 118 13.54 -6.73 38.67
CA LEU F 118 12.79 -7.82 38.05
C LEU F 118 12.22 -8.77 39.10
N GLN F 119 12.99 -9.09 40.13
CA GLN F 119 12.48 -9.92 41.22
C GLN F 119 11.32 -9.25 41.94
N TRP F 120 11.46 -7.96 42.25
CA TRP F 120 10.39 -7.25 42.92
C TRP F 120 9.13 -7.22 42.07
N ASP F 121 9.29 -7.01 40.76
CA ASP F 121 8.12 -7.00 39.88
C ASP F 121 7.44 -8.35 39.86
N LYS F 122 8.21 -9.44 39.76
CA LYS F 122 7.60 -10.76 39.76
C LYS F 122 6.88 -11.03 41.07
N GLU F 123 7.43 -10.55 42.19
CA GLU F 123 6.81 -10.79 43.48
C GLU F 123 5.53 -9.96 43.67
N ILE F 124 5.51 -8.74 43.15
CA ILE F 124 4.40 -7.83 43.41
C ILE F 124 3.44 -7.74 42.23
N SER F 125 3.60 -8.65 41.25
CA SER F 125 2.72 -8.66 40.09
C SER F 125 1.28 -9.01 40.41
N ASN F 126 0.98 -9.55 41.58
CA ASN F 126 -0.41 -9.88 41.89
C ASN F 126 -1.23 -8.65 42.26
N TYR F 127 -0.58 -7.58 42.72
CA TYR F 127 -1.28 -6.41 43.25
C TYR F 127 -0.98 -5.13 42.49
N THR F 128 -0.43 -5.22 41.28
CA THR F 128 -0.16 -4.00 40.53
C THR F 128 -1.47 -3.36 40.05
N GLN F 129 -2.40 -4.17 39.54
CA GLN F 129 -3.68 -3.65 39.13
C GLN F 129 -4.51 -3.14 40.30
N ILE F 130 -4.16 -3.53 41.52
CA ILE F 130 -4.81 -2.97 42.71
C ILE F 130 -4.13 -1.69 43.12
N ILE F 131 -2.79 -1.67 43.14
CA ILE F 131 -2.04 -0.47 43.48
C ILE F 131 -2.24 0.60 42.43
N TYR F 132 -2.37 0.21 41.16
CA TYR F 132 -2.54 1.18 40.09
C TYR F 132 -3.88 1.89 40.19
N GLY F 133 -4.92 1.17 40.62
CA GLY F 133 -6.23 1.79 40.74
C GLY F 133 -6.38 2.62 42.00
N LEU F 134 -5.55 2.36 43.01
CA LEU F 134 -5.51 3.20 44.20
C LEU F 134 -4.71 4.47 43.98
N LEU F 135 -3.80 4.46 43.02
CA LEU F 135 -2.94 5.61 42.76
C LEU F 135 -3.69 6.74 42.06
N GLU F 136 -4.73 6.40 41.29
CA GLU F 136 -5.51 7.42 40.59
C GLU F 136 -6.80 7.78 41.29
N GLU F 137 -7.38 6.87 42.07
CA GLU F 137 -8.51 7.24 42.90
C GLU F 137 -8.09 8.08 44.11
N SER F 138 -6.82 8.03 44.48
CA SER F 138 -6.27 8.86 45.54
C SER F 138 -5.67 10.16 45.03
N GLN F 139 -5.52 10.31 43.72
CA GLN F 139 -5.06 11.58 43.16
C GLN F 139 -6.21 12.49 42.78
N ASN F 140 -7.30 11.93 42.26
CA ASN F 140 -8.54 12.70 42.13
C ASN F 140 -9.36 12.65 43.41
N GLN F 141 -8.66 12.81 44.53
CA GLN F 141 -9.25 13.08 45.83
C GLN F 141 -8.50 14.17 46.56
N GLN F 142 -7.22 14.37 46.27
CA GLN F 142 -6.49 15.57 46.64
C GLN F 142 -6.47 16.58 45.51
N GLU F 143 -7.16 16.30 44.41
CA GLU F 143 -7.40 17.28 43.36
C GLU F 143 -8.72 18.01 43.56
N LYS F 144 -9.67 17.40 44.25
CA LYS F 144 -10.87 18.08 44.69
C LYS F 144 -10.71 18.69 46.08
N ASN F 145 -9.91 18.07 46.94
CA ASN F 145 -9.59 18.68 48.22
C ASN F 145 -8.77 19.95 48.05
N GLU F 146 -7.81 19.95 47.13
CA GLU F 146 -7.08 21.17 46.81
C GLU F 146 -7.93 22.15 46.02
N GLN F 147 -8.93 21.66 45.29
CA GLN F 147 -9.87 22.54 44.61
C GLN F 147 -10.84 23.19 45.59
N ASP F 148 -11.21 22.46 46.64
CA ASP F 148 -12.06 23.05 47.68
C ASP F 148 -11.27 23.99 48.57
N LEU F 149 -9.99 23.69 48.80
CA LEU F 149 -9.15 24.55 49.61
C LEU F 149 -8.77 25.84 48.91
N LEU F 150 -8.88 25.89 47.57
CA LEU F 150 -8.53 27.09 46.83
C LEU F 150 -9.58 28.18 46.97
N ALA F 151 -10.79 27.84 47.38
CA ALA F 151 -11.86 28.81 47.55
C ALA F 151 -11.86 29.44 48.95
N LEU F 152 -11.04 28.94 49.86
CA LEU F 152 -11.01 29.44 51.22
C LEU F 152 -9.73 30.25 51.48
N GLN G 1 4.94 -33.98 25.66
CA GLN G 1 5.14 -35.42 25.71
C GLN G 1 6.21 -35.81 26.72
N ILE G 2 6.32 -35.05 27.80
CA ILE G 2 7.35 -35.32 28.80
C ILE G 2 6.98 -36.59 29.55
N HIS G 3 7.93 -37.52 29.64
CA HIS G 3 7.69 -38.82 30.27
C HIS G 3 8.97 -39.24 30.99
N LEU G 4 9.04 -38.96 32.29
CA LEU G 4 10.15 -39.41 33.11
C LEU G 4 9.90 -40.84 33.55
N VAL G 5 10.82 -41.73 33.23
CA VAL G 5 10.76 -43.13 33.63
C VAL G 5 11.99 -43.44 34.46
N GLN G 6 11.79 -44.07 35.61
CA GLN G 6 12.88 -44.33 36.54
C GLN G 6 13.12 -45.83 36.66
N SER G 7 14.05 -46.19 37.53
CA SER G 7 14.44 -47.57 37.73
C SER G 7 13.32 -48.32 38.46
N GLY G 8 13.56 -49.58 38.81
CA GLY G 8 12.57 -50.41 39.44
C GLY G 8 12.83 -50.62 40.94
N THR G 9 11.90 -51.32 41.57
CA THR G 9 11.99 -51.61 42.98
C THR G 9 13.27 -52.40 43.27
N GLU G 10 14.01 -51.98 44.30
CA GLU G 10 15.22 -52.67 44.70
C GLU G 10 15.29 -52.74 46.22
N VAL G 11 15.89 -53.80 46.73
CA VAL G 11 16.09 -54.00 48.16
C VAL G 11 17.60 -53.99 48.42
N LYS G 12 18.03 -53.14 49.35
CA LYS G 12 19.43 -52.92 49.61
C LYS G 12 19.74 -53.14 51.08
N LYS G 13 20.96 -53.57 51.36
CA LYS G 13 21.38 -53.80 52.72
C LYS G 13 21.45 -52.48 53.48
N PRO G 14 21.20 -52.50 54.79
CA PRO G 14 21.27 -51.25 55.58
C PRO G 14 22.69 -50.79 55.80
N GLY G 15 23.22 -50.04 54.84
CA GLY G 15 24.58 -49.54 54.92
C GLY G 15 25.27 -49.46 53.57
N SER G 16 24.62 -50.00 52.55
CA SER G 16 25.15 -49.94 51.19
C SER G 16 24.77 -48.60 50.56
N SER G 17 24.96 -48.49 49.25
CA SER G 17 24.61 -47.29 48.50
C SER G 17 23.66 -47.65 47.37
N VAL G 18 22.89 -46.66 46.93
CA VAL G 18 21.92 -46.83 45.86
C VAL G 18 22.12 -45.75 44.83
N THR G 19 21.60 -46.00 43.62
CA THR G 19 21.63 -45.02 42.53
C THR G 19 20.31 -45.15 41.77
N VAL G 20 19.43 -44.17 41.96
CA VAL G 20 18.18 -44.12 41.22
C VAL G 20 18.39 -43.32 39.93
N SER G 21 17.86 -43.84 38.83
CA SER G 21 17.98 -43.21 37.54
C SER G 21 16.63 -42.68 37.09
N CYS G 22 16.67 -41.75 36.14
CA CYS G 22 15.44 -41.09 35.67
C CYS G 22 15.72 -40.54 34.27
N LYS G 23 15.15 -41.16 33.26
CA LYS G 23 15.34 -40.75 31.87
C LYS G 23 14.21 -39.82 31.47
N ALA G 24 14.56 -38.61 31.00
CA ALA G 24 13.58 -37.58 30.69
C ALA G 24 13.32 -37.59 29.19
N TYR G 25 12.23 -38.22 28.78
CA TYR G 25 11.80 -38.20 27.38
C TYR G 25 10.86 -37.03 27.15
N GLY G 26 11.14 -36.26 26.12
CA GLY G 26 10.40 -35.04 25.86
C GLY G 26 11.00 -33.80 26.48
N VAL G 27 12.10 -33.92 27.20
CA VAL G 27 12.80 -32.78 27.78
C VAL G 27 13.96 -32.44 26.86
N ASN G 28 13.92 -31.26 26.26
CA ASN G 28 14.90 -30.92 25.23
C ASN G 28 16.30 -30.79 25.81
N THR G 29 16.46 -30.09 26.93
CA THR G 29 17.76 -30.00 27.58
C THR G 29 17.55 -29.73 29.06
N PHE G 30 18.59 -29.96 29.84
CA PHE G 30 18.55 -29.72 31.27
C PHE G 30 19.04 -28.32 31.65
N GLY G 31 19.32 -27.47 30.67
CA GLY G 31 19.60 -26.08 30.93
C GLY G 31 18.34 -25.25 30.87
N LEU G 32 17.29 -25.80 30.26
CA LEU G 32 15.98 -25.18 30.21
C LEU G 32 14.99 -25.83 31.17
N TYR G 33 15.40 -26.88 31.88
CA TYR G 33 14.56 -27.56 32.85
C TYR G 33 15.32 -27.67 34.17
N ALA G 34 14.55 -27.82 35.26
CA ALA G 34 15.09 -28.01 36.59
C ALA G 34 14.63 -29.36 37.11
N VAL G 35 15.57 -30.16 37.59
CA VAL G 35 15.27 -31.52 38.03
C VAL G 35 15.39 -31.58 39.55
N ASN G 36 14.27 -31.79 40.23
CA ASN G 36 14.20 -31.90 41.68
C ASN G 36 13.84 -33.33 42.06
N TRP G 37 14.44 -33.81 43.15
CA TRP G 37 14.23 -35.17 43.62
C TRP G 37 13.50 -35.14 44.95
N VAL G 38 12.27 -35.66 44.97
CA VAL G 38 11.45 -35.68 46.17
C VAL G 38 11.09 -37.12 46.51
N ARG G 39 10.95 -37.39 47.80
CA ARG G 39 10.73 -38.74 48.30
C ARG G 39 9.53 -38.77 49.24
N GLN G 40 8.73 -39.82 49.11
CA GLN G 40 7.52 -39.99 49.90
C GLN G 40 7.70 -41.19 50.82
N ALA G 41 7.69 -40.94 52.13
CA ALA G 41 7.81 -42.03 53.09
C ALA G 41 6.56 -42.91 53.02
N PRO G 42 6.65 -44.13 53.54
CA PRO G 42 5.56 -45.10 53.38
C PRO G 42 4.18 -44.52 53.65
N GLY G 43 4.08 -43.60 54.61
CA GLY G 43 2.80 -43.01 54.95
C GLY G 43 2.87 -41.54 55.31
N GLN G 44 3.93 -40.87 54.89
CA GLN G 44 4.16 -39.47 55.23
C GLN G 44 3.95 -38.59 53.99
N SER G 45 4.20 -37.31 54.15
CA SER G 45 4.12 -36.37 53.03
C SER G 45 5.44 -36.33 52.27
N LEU G 46 5.38 -35.85 51.04
CA LEU G 46 6.57 -35.82 50.20
C LEU G 46 7.62 -34.91 50.81
N GLU G 47 8.89 -35.32 50.68
CA GLU G 47 10.02 -34.57 51.22
C GLU G 47 10.98 -34.26 50.08
N TYR G 48 11.48 -33.03 50.06
CA TYR G 48 12.37 -32.58 48.99
C TYR G 48 13.81 -32.90 49.35
N ILE G 49 14.54 -33.50 48.41
CA ILE G 49 15.91 -33.96 48.66
C ILE G 49 16.91 -32.98 48.09
N GLY G 50 16.88 -32.77 46.78
CA GLY G 50 17.85 -31.92 46.13
C GLY G 50 17.43 -31.63 44.71
N GLN G 51 18.27 -30.86 44.02
CA GLN G 51 17.94 -30.43 42.67
C GLN G 51 19.21 -30.13 41.90
N ILE G 52 19.06 -30.11 40.58
CA ILE G 52 20.05 -29.57 39.66
C ILE G 52 19.32 -28.55 38.81
N TRP G 53 19.70 -27.29 38.93
CA TRP G 53 18.91 -26.24 38.30
C TRP G 53 19.58 -25.63 37.08
N ARG G 54 20.83 -25.19 37.20
CA ARG G 54 21.57 -24.62 36.07
C ARG G 54 22.90 -25.34 35.95
N TRP G 55 22.85 -26.66 36.03
CA TRP G 55 24.05 -27.51 36.07
C TRP G 55 24.82 -27.33 37.37
N LYS G 56 24.18 -26.79 38.40
CA LYS G 56 24.75 -26.70 39.74
C LYS G 56 23.81 -27.39 40.71
N SER G 57 24.26 -28.50 41.29
CA SER G 57 23.43 -29.35 42.11
C SER G 57 23.40 -28.86 43.55
N SER G 58 22.34 -29.26 44.26
CA SER G 58 22.19 -28.91 45.67
C SER G 58 21.34 -29.97 46.36
N ALA G 59 21.48 -30.03 47.68
CA ALA G 59 20.69 -30.93 48.50
C ALA G 59 20.23 -30.19 49.75
N SER G 60 19.10 -30.61 50.30
CA SER G 60 18.54 -29.95 51.46
C SER G 60 19.44 -30.14 52.67
N HIS G 61 19.04 -29.54 53.79
CA HIS G 61 19.87 -29.57 54.99
C HIS G 61 20.07 -30.99 55.50
N HIS G 62 19.00 -31.79 55.50
CA HIS G 62 19.11 -33.16 56.02
C HIS G 62 20.13 -33.97 55.22
N PHE G 63 20.12 -33.82 53.90
CA PHE G 63 20.86 -34.69 53.00
C PHE G 63 22.20 -34.13 52.55
N ARG G 64 22.60 -32.95 53.06
CA ARG G 64 23.85 -32.36 52.64
C ARG G 64 25.02 -33.25 53.05
N GLY G 65 25.96 -33.46 52.12
CA GLY G 65 27.10 -34.31 52.37
C GLY G 65 26.81 -35.79 52.34
N ARG G 66 25.60 -36.19 51.97
CA ARG G 66 25.19 -37.58 52.00
C ARG G 66 24.43 -38.04 50.76
N VAL G 67 24.04 -37.13 49.88
CA VAL G 67 23.31 -37.45 48.66
C VAL G 67 24.05 -36.85 47.48
N LEU G 68 23.88 -37.45 46.30
CA LEU G 68 24.52 -36.98 45.09
C LEU G 68 23.48 -36.87 43.97
N ILE G 69 23.41 -35.71 43.35
CA ILE G 69 22.52 -35.47 42.21
C ILE G 69 23.39 -35.14 41.01
N SER G 70 23.13 -35.79 39.89
CA SER G 70 23.87 -35.55 38.66
C SER G 70 22.91 -35.66 37.49
N ALA G 71 23.30 -35.07 36.36
CA ALA G 71 22.48 -35.09 35.17
C ALA G 71 23.36 -34.88 33.95
N VAL G 72 22.97 -35.51 32.84
CA VAL G 72 23.64 -35.34 31.56
C VAL G 72 22.60 -34.92 30.53
N ASP G 73 23.07 -34.21 29.51
CA ASP G 73 22.19 -33.57 28.54
C ASP G 73 21.84 -34.52 27.41
N LEU G 74 21.08 -34.01 26.44
CA LEU G 74 20.69 -34.79 25.28
C LEU G 74 21.92 -35.24 24.52
N THR G 75 22.07 -36.56 24.34
CA THR G 75 23.29 -37.10 23.72
C THR G 75 22.93 -38.28 22.82
N GLY G 76 22.70 -37.99 21.54
CA GLY G 76 22.79 -39.00 20.49
C GLY G 76 21.71 -40.05 20.48
N SER G 77 21.71 -40.91 21.50
CA SER G 77 20.82 -42.07 21.55
C SER G 77 19.85 -42.05 22.72
N SER G 78 20.24 -41.51 23.86
CA SER G 78 19.42 -41.46 25.05
C SER G 78 18.94 -40.05 25.33
N PRO G 79 17.94 -39.89 26.18
CA PRO G 79 17.47 -38.56 26.53
C PRO G 79 18.33 -37.96 27.61
N PRO G 80 17.97 -36.79 28.14
CA PRO G 80 18.62 -36.30 29.36
C PRO G 80 18.27 -37.23 30.52
N ILE G 81 19.29 -37.73 31.20
CA ILE G 81 19.11 -38.67 32.30
C ILE G 81 19.70 -38.06 33.55
N SER G 82 18.92 -38.07 34.64
CA SER G 82 19.37 -37.62 35.94
C SER G 82 19.30 -38.78 36.92
N SER G 83 20.32 -38.90 37.76
CA SER G 83 20.44 -40.00 38.70
C SER G 83 20.73 -39.47 40.09
N LEU G 84 20.11 -40.10 41.09
CA LEU G 84 20.31 -39.75 42.49
C LEU G 84 20.98 -40.91 43.20
N GLU G 85 22.10 -40.64 43.86
CA GLU G 85 22.85 -41.64 44.60
C GLU G 85 22.79 -41.34 46.08
N ILE G 86 22.33 -42.31 46.86
CA ILE G 86 22.22 -42.18 48.32
C ILE G 86 23.24 -43.11 48.94
N LYS G 87 24.13 -42.55 49.76
CA LYS G 87 25.15 -43.32 50.45
C LYS G 87 24.77 -43.49 51.92
N ASN G 88 25.20 -44.61 52.50
CA ASN G 88 24.93 -44.92 53.89
C ASN G 88 23.43 -44.98 54.17
N LEU G 89 22.77 -45.93 53.52
CA LEU G 89 21.34 -46.10 53.72
C LEU G 89 21.03 -46.41 55.17
N THR G 90 19.89 -45.90 55.63
CA THR G 90 19.40 -46.16 56.98
C THR G 90 18.05 -46.86 56.90
N SER G 91 17.53 -47.24 58.06
CA SER G 91 16.23 -47.90 58.12
C SER G 91 15.10 -46.99 57.68
N ASP G 92 15.30 -45.67 57.72
CA ASP G 92 14.25 -44.71 57.39
C ASP G 92 14.38 -44.18 55.96
N ASP G 93 15.28 -44.74 55.16
CA ASP G 93 15.47 -44.30 53.79
C ASP G 93 14.62 -45.06 52.78
N THR G 94 13.78 -45.98 53.24
CA THR G 94 12.92 -46.74 52.35
C THR G 94 11.68 -45.91 52.03
N ALA G 95 11.64 -45.36 50.82
CA ALA G 95 10.52 -44.52 50.40
C ALA G 95 10.46 -44.51 48.88
N VAL G 96 9.32 -44.06 48.36
CA VAL G 96 9.08 -43.99 46.92
C VAL G 96 9.71 -42.69 46.42
N TYR G 97 10.93 -42.78 45.90
CA TYR G 97 11.61 -41.62 45.37
C TYR G 97 11.00 -41.20 44.05
N PHE G 98 10.89 -39.89 43.85
CA PHE G 98 10.24 -39.33 42.68
C PHE G 98 11.20 -38.42 41.91
N CYS G 99 11.12 -38.51 40.59
CA CYS G 99 11.79 -37.58 39.69
C CYS G 99 10.79 -36.49 39.29
N THR G 100 11.23 -35.25 39.31
CA THR G 100 10.39 -34.12 38.94
C THR G 100 11.15 -33.22 37.98
N THR G 101 10.39 -32.35 37.30
CA THR G 101 10.95 -31.47 36.29
C THR G 101 10.03 -30.28 36.10
N THR G 102 10.60 -29.09 36.09
CA THR G 102 9.87 -27.84 35.86
C THR G 102 10.53 -27.11 34.71
N SER G 103 9.73 -26.47 33.87
CA SER G 103 10.26 -25.69 32.75
C SER G 103 10.65 -24.31 33.26
N THR G 104 11.94 -24.01 33.20
CA THR G 104 12.48 -22.76 33.74
C THR G 104 12.74 -21.72 32.65
N TYR G 105 12.37 -22.01 31.41
CA TYR G 105 12.65 -21.07 30.32
C TYR G 105 11.94 -19.74 30.51
N ASP G 106 10.67 -19.78 30.92
CA ASP G 106 9.92 -18.54 31.12
C ASP G 106 10.39 -17.85 32.40
N ARG G 107 10.64 -16.55 32.31
CA ARG G 107 11.16 -15.80 33.45
C ARG G 107 10.06 -15.23 34.34
N TRP G 108 8.82 -15.17 33.86
CA TRP G 108 7.69 -14.66 34.60
C TRP G 108 6.68 -15.77 34.89
N SER G 109 7.18 -16.96 35.21
CA SER G 109 6.32 -18.14 35.20
C SER G 109 5.43 -18.22 36.43
N GLY G 110 6.03 -18.29 37.61
CA GLY G 110 5.30 -18.59 38.82
C GLY G 110 5.29 -20.05 39.20
N LEU G 111 5.63 -20.95 38.27
CA LEU G 111 5.97 -22.31 38.65
C LEU G 111 7.28 -22.36 39.41
N HIS G 112 8.13 -21.35 39.25
CA HIS G 112 9.40 -21.26 39.95
C HIS G 112 9.54 -19.86 40.52
N HIS G 113 10.05 -19.77 41.75
CA HIS G 113 10.28 -18.50 42.43
C HIS G 113 11.78 -18.40 42.71
N ASP G 114 12.52 -17.93 41.72
CA ASP G 114 13.95 -17.61 41.86
C ASP G 114 14.67 -18.65 42.71
N GLY G 115 14.63 -19.90 42.22
CA GLY G 115 15.38 -21.01 42.82
C GLY G 115 14.50 -22.13 43.33
N VAL G 116 13.35 -21.80 43.89
CA VAL G 116 12.42 -22.79 44.43
C VAL G 116 11.26 -22.91 43.44
N MET G 117 10.91 -24.16 43.10
CA MET G 117 9.99 -24.42 42.00
C MET G 117 8.79 -25.25 42.44
N ALA G 118 7.72 -25.13 41.67
CA ALA G 118 6.61 -26.07 41.70
C ALA G 118 6.86 -27.19 40.71
N PHE G 119 6.49 -28.40 41.10
CA PHE G 119 6.83 -29.62 40.37
C PHE G 119 5.75 -29.91 39.35
N SER G 120 6.01 -29.55 38.09
CA SER G 120 4.99 -29.69 37.06
C SER G 120 4.93 -31.09 36.45
N SER G 121 6.03 -31.80 36.39
CA SER G 121 6.05 -33.14 35.81
C SER G 121 6.74 -34.09 36.76
N TRP G 122 6.12 -35.25 36.99
CA TRP G 122 6.57 -36.23 37.97
C TRP G 122 6.95 -37.52 37.28
N GLY G 123 7.81 -38.28 37.93
CA GLY G 123 8.22 -39.57 37.40
C GLY G 123 7.10 -40.54 37.63
N GLN G 124 7.40 -41.74 38.12
CA GLN G 124 6.36 -42.68 38.49
C GLN G 124 6.56 -43.35 39.84
N GLY G 125 7.78 -43.43 40.35
CA GLY G 125 8.03 -44.10 41.62
C GLY G 125 9.18 -45.07 41.46
N THR G 126 10.09 -45.03 42.45
CA THR G 126 11.25 -45.91 42.49
C THR G 126 11.43 -46.47 43.90
N LEU G 127 10.33 -46.98 44.47
CA LEU G 127 10.31 -47.43 45.85
C LEU G 127 11.55 -48.23 46.22
N ILE G 128 12.31 -47.70 47.18
CA ILE G 128 13.52 -48.33 47.67
C ILE G 128 13.20 -48.98 49.02
N SER G 129 13.51 -50.27 49.15
CA SER G 129 13.25 -51.03 50.37
C SER G 129 14.59 -51.31 51.02
N VAL G 130 14.92 -50.56 52.06
CA VAL G 130 16.13 -50.78 52.85
C VAL G 130 15.77 -51.65 54.03
N SER G 131 16.22 -52.90 54.00
CA SER G 131 15.88 -53.86 55.04
C SER G 131 16.99 -54.89 55.14
N ALA G 132 17.02 -55.59 56.27
CA ALA G 132 18.00 -56.64 56.53
C ALA G 132 17.36 -58.01 56.31
N ALA G 133 18.12 -59.06 56.63
CA ALA G 133 17.65 -60.43 56.51
C ALA G 133 17.57 -60.86 55.05
N SER G 134 17.72 -62.15 54.79
CA SER G 134 17.67 -62.67 53.43
C SER G 134 16.24 -62.97 53.01
N THR G 135 16.07 -63.19 51.71
CA THR G 135 14.77 -63.53 51.17
C THR G 135 14.26 -64.84 51.79
N LYS G 136 12.99 -64.84 52.17
CA LYS G 136 12.37 -65.99 52.81
C LYS G 136 11.16 -66.46 52.02
N GLY G 137 10.95 -67.77 52.00
CA GLY G 137 9.84 -68.35 51.30
C GLY G 137 8.52 -68.00 51.93
N PRO G 138 7.46 -67.98 51.12
CA PRO G 138 6.12 -67.62 51.63
C PRO G 138 5.35 -68.80 52.22
N SER G 139 5.72 -69.16 53.46
CA SER G 139 4.99 -70.20 54.17
C SER G 139 3.55 -69.78 54.37
N VAL G 140 2.62 -70.69 54.11
CA VAL G 140 1.19 -70.41 54.14
C VAL G 140 0.53 -71.23 55.23
N PHE G 141 -0.39 -70.61 55.95
CA PHE G 141 -1.19 -71.27 56.96
C PHE G 141 -2.66 -71.00 56.71
N PRO G 142 -3.54 -71.96 57.02
CA PRO G 142 -4.95 -71.82 56.67
C PRO G 142 -5.80 -71.18 57.77
N LEU G 143 -6.74 -70.34 57.35
CA LEU G 143 -7.78 -69.84 58.24
C LEU G 143 -9.04 -70.66 58.01
N ALA G 144 -9.03 -71.87 58.55
CA ALA G 144 -10.14 -72.79 58.37
C ALA G 144 -11.38 -72.28 59.07
N PRO G 145 -12.53 -72.19 58.39
CA PRO G 145 -13.74 -71.73 59.06
C PRO G 145 -14.17 -72.69 60.16
N SER G 146 -14.75 -72.12 61.22
CA SER G 146 -15.20 -72.91 62.37
C SER G 146 -16.42 -72.23 62.95
N SER G 147 -17.59 -72.84 62.76
CA SER G 147 -18.83 -72.31 63.30
C SER G 147 -19.13 -70.92 62.72
N THR G 154 -23.95 -66.78 57.15
CA THR G 154 -22.84 -66.64 56.21
C THR G 154 -21.55 -66.28 56.93
N ALA G 155 -20.48 -67.02 56.63
CA ALA G 155 -19.17 -66.79 57.22
C ALA G 155 -18.18 -66.38 56.13
N ALA G 156 -16.94 -66.16 56.55
CA ALA G 156 -15.87 -65.73 55.63
C ALA G 156 -14.57 -66.40 56.05
N LEU G 157 -13.94 -67.09 55.12
CA LEU G 157 -12.66 -67.76 55.35
C LEU G 157 -11.57 -67.10 54.51
N GLY G 158 -10.36 -67.63 54.62
CA GLY G 158 -9.25 -67.08 53.87
C GLY G 158 -7.97 -67.85 54.15
N CYS G 159 -6.86 -67.30 53.64
CA CYS G 159 -5.55 -67.91 53.77
C CYS G 159 -4.60 -66.91 54.41
N LEU G 160 -3.63 -67.45 55.16
CA LEU G 160 -2.65 -66.62 55.88
C LEU G 160 -1.26 -66.93 55.38
N VAL G 161 -0.50 -65.88 55.06
CA VAL G 161 0.89 -65.98 54.65
C VAL G 161 1.71 -65.04 55.53
N LYS G 162 2.83 -65.54 56.03
CA LYS G 162 3.65 -64.75 56.95
C LYS G 162 5.11 -65.17 56.82
N ASP G 163 5.99 -64.34 57.38
CA ASP G 163 7.43 -64.59 57.37
C ASP G 163 7.95 -64.77 55.95
N TYR G 164 7.48 -63.92 55.04
CA TYR G 164 7.96 -63.89 53.66
C TYR G 164 8.56 -62.54 53.35
N PHE G 165 9.60 -62.53 52.53
CA PHE G 165 10.30 -61.30 52.21
C PHE G 165 11.19 -61.52 51.00
N PRO G 166 11.34 -60.52 50.13
CA PRO G 166 10.63 -59.23 50.14
C PRO G 166 9.25 -59.37 49.51
N GLU G 167 8.59 -58.24 49.25
CA GLU G 167 7.36 -58.27 48.49
C GLU G 167 7.65 -58.53 47.02
N PRO G 168 6.62 -58.74 46.20
CA PRO G 168 5.21 -58.84 46.55
C PRO G 168 4.69 -60.28 46.45
N VAL G 169 3.46 -60.52 46.88
CA VAL G 169 2.83 -61.84 46.74
C VAL G 169 1.42 -61.64 46.20
N THR G 170 1.08 -62.40 45.17
CA THR G 170 -0.25 -62.36 44.57
C THR G 170 -1.04 -63.57 45.03
N VAL G 171 -2.28 -63.35 45.46
CA VAL G 171 -3.14 -64.40 46.01
C VAL G 171 -4.30 -64.61 45.04
N SER G 172 -4.46 -65.85 44.59
CA SER G 172 -5.57 -66.24 43.74
C SER G 172 -6.26 -67.45 44.36
N TRP G 173 -7.59 -67.43 44.36
CA TRP G 173 -8.40 -68.48 44.95
C TRP G 173 -9.00 -69.35 43.84
N ASN G 174 -8.88 -70.66 44.00
CA ASN G 174 -9.36 -71.61 43.00
C ASN G 174 -8.77 -71.30 41.62
N SER G 175 -7.46 -71.11 41.60
CA SER G 175 -6.73 -70.74 40.39
C SER G 175 -7.27 -69.43 39.80
N GLY G 176 -7.62 -68.50 40.68
CA GLY G 176 -8.12 -67.21 40.24
C GLY G 176 -9.50 -67.25 39.62
N ALA G 177 -10.30 -68.26 39.92
CA ALA G 177 -11.65 -68.35 39.38
C ALA G 177 -12.60 -67.41 40.12
N LEU G 178 -12.76 -67.63 41.42
CA LEU G 178 -13.62 -66.78 42.24
C LEU G 178 -12.90 -65.48 42.57
N THR G 179 -13.57 -64.36 42.34
CA THR G 179 -12.99 -63.04 42.63
C THR G 179 -13.91 -62.25 43.54
N SER G 180 -15.22 -62.44 43.40
CA SER G 180 -16.18 -61.73 44.23
C SER G 180 -16.01 -62.13 45.69
N GLY G 181 -16.01 -61.14 46.59
CA GLY G 181 -15.85 -61.39 48.00
C GLY G 181 -14.41 -61.56 48.47
N VAL G 182 -13.43 -61.41 47.57
CA VAL G 182 -12.03 -61.55 47.94
C VAL G 182 -11.52 -60.22 48.48
N HIS G 183 -10.96 -60.24 49.68
CA HIS G 183 -10.43 -59.04 50.33
C HIS G 183 -9.02 -59.37 50.82
N THR G 184 -8.04 -59.15 49.94
CA THR G 184 -6.64 -59.40 50.27
C THR G 184 -6.08 -58.19 51.01
N PHE G 185 -5.95 -58.31 52.32
CA PHE G 185 -5.46 -57.18 53.10
C PHE G 185 -4.00 -56.90 52.76
N PRO G 186 -3.59 -55.63 52.76
CA PRO G 186 -2.19 -55.30 52.46
C PRO G 186 -1.25 -55.88 53.51
N ALA G 187 -0.04 -56.21 53.08
CA ALA G 187 0.94 -56.79 53.97
C ALA G 187 1.35 -55.80 55.05
N VAL G 188 1.65 -56.35 56.23
CA VAL G 188 2.08 -55.55 57.39
C VAL G 188 3.46 -56.03 57.80
N LEU G 189 4.41 -55.10 57.87
CA LEU G 189 5.76 -55.45 58.27
C LEU G 189 5.79 -55.83 59.74
N GLN G 190 6.50 -56.92 60.04
CA GLN G 190 6.59 -57.43 61.41
C GLN G 190 7.76 -56.75 62.13
N SER G 191 8.04 -57.19 63.35
CA SER G 191 9.16 -56.66 64.12
C SER G 191 10.46 -57.40 63.87
N SER G 192 10.43 -58.49 63.10
CA SER G 192 11.62 -59.27 62.81
C SER G 192 12.10 -59.08 61.37
N GLY G 193 11.75 -57.95 60.75
CA GLY G 193 12.17 -57.69 59.38
C GLY G 193 11.55 -58.61 58.35
N LEU G 194 10.28 -58.99 58.54
CA LEU G 194 9.56 -59.83 57.59
C LEU G 194 8.21 -59.19 57.32
N TYR G 195 7.43 -59.84 56.46
CA TYR G 195 6.11 -59.35 56.09
C TYR G 195 5.08 -60.47 56.25
N SER G 196 3.83 -60.07 56.41
CA SER G 196 2.73 -61.02 56.53
C SER G 196 1.46 -60.37 56.01
N LEU G 197 0.51 -61.21 55.61
CA LEU G 197 -0.76 -60.71 55.11
C LEU G 197 -1.80 -61.82 55.25
N SER G 198 -3.07 -61.42 55.17
CA SER G 198 -4.19 -62.35 55.22
C SER G 198 -5.14 -62.05 54.08
N SER G 199 -5.45 -63.07 53.29
CA SER G 199 -6.42 -62.97 52.20
C SER G 199 -7.60 -63.87 52.54
N VAL G 200 -8.80 -63.29 52.54
CA VAL G 200 -10.01 -64.00 52.94
C VAL G 200 -11.07 -63.80 51.87
N VAL G 201 -12.03 -64.73 51.84
CA VAL G 201 -13.16 -64.67 50.92
C VAL G 201 -14.43 -64.99 51.70
N THR G 202 -15.52 -64.31 51.35
CA THR G 202 -16.82 -64.51 51.98
C THR G 202 -17.69 -65.37 51.07
N VAL G 203 -18.22 -66.46 51.62
CA VAL G 203 -19.05 -67.39 50.85
C VAL G 203 -20.22 -67.82 51.70
N PRO G 204 -21.35 -68.14 51.05
CA PRO G 204 -22.51 -68.61 51.80
C PRO G 204 -22.19 -69.88 52.60
N SER G 205 -22.78 -69.98 53.78
CA SER G 205 -22.47 -71.09 54.68
C SER G 205 -22.87 -72.44 54.08
N SER G 206 -24.02 -72.50 53.40
CA SER G 206 -24.50 -73.77 52.89
C SER G 206 -23.54 -74.40 51.89
N SER G 207 -22.75 -73.58 51.19
CA SER G 207 -21.86 -74.07 50.16
C SER G 207 -20.45 -74.38 50.67
N LEU G 208 -20.24 -74.29 51.99
CA LEU G 208 -18.90 -74.52 52.52
C LEU G 208 -18.40 -75.92 52.21
N GLY G 209 -19.24 -76.93 52.40
CA GLY G 209 -18.85 -78.30 52.14
C GLY G 209 -19.05 -78.71 50.70
N THR G 210 -19.92 -77.99 49.99
CA THR G 210 -20.22 -78.35 48.60
C THR G 210 -19.08 -77.97 47.67
N GLN G 211 -18.45 -76.82 47.90
CA GLN G 211 -17.38 -76.32 47.05
C GLN G 211 -16.10 -76.19 47.86
N THR G 212 -14.99 -76.66 47.29
CA THR G 212 -13.68 -76.52 47.90
C THR G 212 -13.02 -75.22 47.46
N TYR G 213 -12.31 -74.59 48.39
CA TYR G 213 -11.64 -73.32 48.14
C TYR G 213 -10.15 -73.49 48.37
N ILE G 214 -9.35 -73.12 47.36
CA ILE G 214 -7.90 -73.24 47.40
C ILE G 214 -7.29 -71.91 47.03
N CYS G 215 -6.26 -71.50 47.76
CA CYS G 215 -5.58 -70.23 47.56
C CYS G 215 -4.19 -70.49 46.98
N ASN G 216 -3.81 -69.68 46.00
CA ASN G 216 -2.50 -69.77 45.37
C ASN G 216 -1.59 -68.69 45.94
N VAL G 217 -0.46 -69.11 46.50
CA VAL G 217 0.52 -68.19 47.08
C VAL G 217 1.71 -68.12 46.12
N ASN G 218 1.84 -66.99 45.43
CA ASN G 218 2.90 -66.77 44.46
C ASN G 218 3.97 -65.88 45.06
N HIS G 219 5.23 -66.15 44.71
CA HIS G 219 6.36 -65.39 45.22
C HIS G 219 7.44 -65.33 44.15
N LYS G 220 7.71 -64.13 43.64
CA LYS G 220 8.65 -63.93 42.55
C LYS G 220 10.09 -64.02 43.04
N PRO G 221 10.49 -63.22 44.03
CA PRO G 221 11.91 -63.21 44.44
C PRO G 221 12.42 -64.59 44.83
N SER G 222 11.61 -65.39 45.51
CA SER G 222 12.03 -66.73 45.92
C SER G 222 11.68 -67.80 44.90
N ASN G 223 10.92 -67.46 43.85
CA ASN G 223 10.50 -68.42 42.84
C ASN G 223 9.69 -69.57 43.43
N THR G 224 9.17 -69.39 44.64
CA THR G 224 8.42 -70.44 45.33
C THR G 224 6.93 -70.16 45.20
N LYS G 225 6.21 -71.09 44.56
CA LYS G 225 4.76 -71.00 44.43
C LYS G 225 4.15 -72.13 45.23
N VAL G 226 3.29 -71.78 46.18
CA VAL G 226 2.68 -72.73 47.09
C VAL G 226 1.17 -72.67 46.93
N ASP G 227 0.55 -73.82 46.69
CA ASP G 227 -0.90 -73.94 46.60
C ASP G 227 -1.40 -74.75 47.78
N LYS G 228 -2.37 -74.20 48.51
CA LYS G 228 -2.90 -74.83 49.70
C LYS G 228 -4.42 -74.92 49.59
N ARG G 229 -4.98 -75.93 50.27
CA ARG G 229 -6.42 -76.14 50.30
C ARG G 229 -6.92 -75.94 51.73
N VAL G 230 -8.04 -75.21 51.85
CA VAL G 230 -8.63 -74.91 53.14
C VAL G 230 -9.85 -75.80 53.35
N GLU G 231 -10.00 -76.30 54.58
CA GLU G 231 -11.10 -77.19 54.93
C GLU G 231 -11.88 -76.58 56.09
N PRO G 232 -13.18 -76.37 55.94
CA PRO G 232 -13.97 -75.81 57.04
C PRO G 232 -13.95 -76.73 58.25
N LYS G 233 -13.91 -76.12 59.43
CA LYS G 233 -13.92 -76.87 60.68
C LYS G 233 -15.32 -76.90 61.30
N ILE H 2 9.06 -22.13 56.76
CA ILE H 2 7.61 -22.20 56.79
C ILE H 2 7.16 -23.66 56.82
N GLN H 3 5.99 -23.91 57.40
CA GLN H 3 5.39 -25.23 57.42
C GLN H 3 3.89 -25.09 57.25
N MET H 4 3.34 -25.79 56.26
CA MET H 4 1.92 -25.72 55.97
C MET H 4 1.15 -26.70 56.83
N THR H 5 -0.10 -26.34 57.14
CA THR H 5 -0.95 -27.15 58.00
C THR H 5 -2.32 -27.26 57.35
N GLN H 6 -2.59 -28.41 56.73
CA GLN H 6 -3.85 -28.66 56.06
C GLN H 6 -4.92 -29.11 57.04
N SER H 7 -6.19 -28.95 56.65
CA SER H 7 -7.30 -29.36 57.49
C SER H 7 -8.56 -29.39 56.67
N PRO H 8 -9.41 -30.40 56.82
CA PRO H 8 -9.29 -31.57 57.70
C PRO H 8 -8.39 -32.66 57.10
N SER H 9 -7.90 -33.59 57.92
CA SER H 9 -7.10 -34.69 57.40
C SER H 9 -7.92 -35.69 56.61
N THR H 10 -9.19 -35.91 57.00
CA THR H 10 -10.11 -36.74 56.23
C THR H 10 -11.37 -35.94 56.00
N LEU H 11 -11.79 -35.85 54.74
CA LEU H 11 -12.86 -34.94 54.33
C LEU H 11 -13.84 -35.64 53.40
N SER H 12 -14.31 -36.81 53.82
CA SER H 12 -15.20 -37.61 52.98
C SER H 12 -16.40 -36.80 52.52
N ALA H 13 -16.71 -36.92 51.23
CA ALA H 13 -17.84 -36.21 50.64
C ALA H 13 -18.38 -37.01 49.46
N SER H 14 -19.62 -36.74 49.11
CA SER H 14 -20.30 -37.44 48.03
C SER H 14 -20.12 -36.71 46.71
N THR H 15 -20.23 -37.45 45.62
CA THR H 15 -20.07 -36.86 44.30
C THR H 15 -21.19 -35.89 43.99
N GLY H 16 -20.90 -34.91 43.13
CA GLY H 16 -21.88 -33.94 42.68
C GLY H 16 -21.96 -32.68 43.51
N ASP H 17 -21.25 -32.61 44.63
CA ASP H 17 -21.26 -31.42 45.49
C ASP H 17 -19.95 -30.66 45.31
N THR H 18 -19.78 -29.62 46.14
CA THR H 18 -18.59 -28.78 46.11
C THR H 18 -17.79 -29.04 47.39
N VAL H 19 -16.46 -29.01 47.26
CA VAL H 19 -15.56 -29.35 48.34
C VAL H 19 -14.54 -28.23 48.52
N ARG H 20 -13.97 -28.16 49.72
CA ARG H 20 -13.07 -27.05 50.06
C ARG H 20 -12.03 -27.56 51.05
N ILE H 21 -10.78 -27.59 50.62
CA ILE H 21 -9.65 -27.89 51.51
C ILE H 21 -8.98 -26.58 51.90
N SER H 22 -8.48 -26.53 53.13
CA SER H 22 -7.84 -25.34 53.66
C SER H 22 -6.38 -25.64 54.00
N CYS H 23 -5.57 -24.60 53.97
CA CYS H 23 -4.12 -24.74 54.09
C CYS H 23 -3.57 -23.44 54.68
N ARG H 24 -3.17 -23.48 55.94
CA ARG H 24 -2.67 -22.30 56.63
C ARG H 24 -1.17 -22.44 56.87
N ALA H 25 -0.40 -21.49 56.35
CA ALA H 25 1.04 -21.51 56.52
C ALA H 25 1.44 -20.82 57.82
N SER H 26 2.67 -21.07 58.25
CA SER H 26 3.17 -20.46 59.48
C SER H 26 3.15 -18.94 59.38
N GLN H 27 3.89 -18.39 58.43
CA GLN H 27 3.95 -16.96 58.20
C GLN H 27 3.21 -16.59 56.92
N SER H 28 3.01 -15.29 56.74
CA SER H 28 2.26 -14.80 55.59
C SER H 28 3.04 -15.02 54.30
N ILE H 29 2.38 -15.63 53.32
CA ILE H 29 2.94 -15.80 51.99
C ILE H 29 2.20 -14.79 51.11
N THR H 30 2.80 -13.61 50.96
CA THR H 30 2.15 -12.53 50.24
C THR H 30 2.37 -12.59 48.73
N GLY H 31 3.30 -13.42 48.27
CA GLY H 31 3.51 -13.62 46.85
C GLY H 31 2.62 -14.66 46.23
N ASN H 32 1.88 -15.42 47.04
CA ASN H 32 1.03 -16.49 46.53
C ASN H 32 1.85 -17.64 45.96
N TRP H 33 2.96 -17.96 46.63
CA TRP H 33 3.79 -19.10 46.25
C TRP H 33 3.25 -20.36 46.93
N VAL H 34 2.17 -20.88 46.38
CA VAL H 34 1.54 -22.07 46.91
C VAL H 34 0.86 -22.84 45.77
N ALA H 35 1.26 -24.09 45.58
CA ALA H 35 0.70 -24.95 44.56
C ALA H 35 0.03 -26.16 45.22
N TRP H 36 -0.93 -26.74 44.52
CA TRP H 36 -1.74 -27.84 45.03
C TRP H 36 -1.52 -29.08 44.17
N TYR H 37 -1.28 -30.22 44.83
CA TYR H 37 -1.04 -31.47 44.15
C TYR H 37 -2.08 -32.51 44.56
N GLN H 38 -2.53 -33.29 43.59
CA GLN H 38 -3.47 -34.38 43.82
C GLN H 38 -2.79 -35.71 43.59
N GLN H 39 -2.87 -36.59 44.58
CA GLN H 39 -2.33 -37.95 44.48
C GLN H 39 -3.49 -38.93 44.58
N ARG H 40 -3.46 -39.96 43.74
CA ARG H 40 -4.41 -41.04 43.80
C ARG H 40 -3.71 -42.32 44.26
N PRO H 41 -4.46 -43.27 44.81
CA PRO H 41 -3.83 -44.49 45.33
C PRO H 41 -2.96 -45.19 44.28
N GLY H 42 -1.70 -45.42 44.62
CA GLY H 42 -0.79 -46.06 43.70
C GLY H 42 -0.45 -45.26 42.46
N LYS H 43 -0.17 -43.96 42.63
CA LYS H 43 0.22 -43.11 41.51
C LYS H 43 1.12 -42.01 42.04
N ALA H 44 1.68 -41.22 41.11
CA ALA H 44 2.55 -40.10 41.45
C ALA H 44 1.73 -38.83 41.61
N PRO H 45 2.17 -37.88 42.41
CA PRO H 45 1.39 -36.65 42.60
C PRO H 45 1.09 -35.95 41.28
N ARG H 46 0.25 -34.92 41.33
CA ARG H 46 -0.21 -34.26 40.12
C ARG H 46 -0.52 -32.81 40.46
N LEU H 47 0.10 -31.88 39.74
CA LEU H 47 -0.11 -30.46 40.01
C LEU H 47 -1.46 -30.01 39.48
N LEU H 48 -2.20 -29.29 40.32
CA LEU H 48 -3.48 -28.69 39.92
C LEU H 48 -3.38 -27.18 39.82
N ILE H 49 -2.90 -26.54 40.88
CA ILE H 49 -2.90 -25.09 41.02
C ILE H 49 -1.50 -24.64 41.43
N TYR H 50 -1.02 -23.57 40.82
CA TYR H 50 0.24 -22.94 41.20
C TYR H 50 0.03 -21.44 41.29
N ARG H 51 0.94 -20.76 41.98
CA ARG H 51 0.83 -19.32 42.18
C ARG H 51 -0.46 -18.97 42.91
N GLY H 52 -0.82 -19.80 43.88
CA GLY H 52 -2.03 -19.57 44.65
C GLY H 52 -3.26 -20.17 44.01
N ALA H 53 -3.74 -19.56 42.92
CA ALA H 53 -4.98 -20.00 42.29
C ALA H 53 -4.87 -19.99 40.77
N ALA H 54 -3.75 -20.47 40.23
CA ALA H 54 -3.57 -20.55 38.78
C ALA H 54 -3.77 -21.99 38.33
N LEU H 55 -4.65 -22.18 37.35
CA LEU H 55 -5.01 -23.51 36.87
C LEU H 55 -3.96 -23.99 35.88
N LEU H 56 -3.28 -25.08 36.23
CA LEU H 56 -2.29 -25.66 35.32
C LEU H 56 -2.99 -26.21 34.08
N GLY H 57 -2.34 -26.04 32.94
CA GLY H 57 -2.92 -26.46 31.67
C GLY H 57 -3.30 -27.92 31.65
N GLY H 58 -4.55 -28.20 31.27
CA GLY H 58 -5.09 -29.53 31.21
C GLY H 58 -5.94 -29.92 32.41
N VAL H 59 -5.79 -29.22 33.53
CA VAL H 59 -6.58 -29.54 34.72
C VAL H 59 -8.04 -29.18 34.47
N PRO H 60 -8.99 -29.94 35.01
CA PRO H 60 -10.40 -29.55 34.85
C PRO H 60 -10.67 -28.19 35.49
N SER H 61 -11.52 -27.42 34.84
CA SER H 61 -11.86 -26.10 35.40
C SER H 61 -12.73 -26.18 36.63
N ARG H 62 -12.98 -27.38 37.16
CA ARG H 62 -13.77 -27.49 38.38
C ARG H 62 -12.98 -27.10 39.61
N PHE H 63 -11.65 -27.25 39.57
CA PHE H 63 -10.79 -26.80 40.65
C PHE H 63 -10.71 -25.28 40.66
N ARG H 64 -10.59 -24.71 41.86
CA ARG H 64 -10.52 -23.25 42.01
C ARG H 64 -9.79 -22.93 43.30
N GLY H 65 -8.52 -22.54 43.18
CA GLY H 65 -7.75 -22.14 44.35
C GLY H 65 -8.00 -20.70 44.76
N SER H 66 -7.45 -20.34 45.91
CA SER H 66 -7.62 -18.99 46.44
C SER H 66 -6.52 -18.73 47.47
N ALA H 67 -5.95 -17.54 47.45
CA ALA H 67 -4.87 -17.15 48.33
C ALA H 67 -5.30 -15.98 49.21
N ALA H 68 -4.96 -16.04 50.50
CA ALA H 68 -5.31 -14.98 51.43
C ALA H 68 -4.16 -14.66 52.37
N GLY H 69 -2.93 -14.61 51.86
CA GLY H 69 -1.79 -14.21 52.66
C GLY H 69 -1.27 -15.29 53.57
N THR H 70 -2.14 -15.85 54.41
CA THR H 70 -1.79 -16.96 55.29
C THR H 70 -2.75 -18.13 55.20
N ASP H 71 -3.90 -17.97 54.53
CA ASP H 71 -4.91 -19.02 54.43
C ASP H 71 -5.21 -19.27 52.97
N PHE H 72 -4.71 -20.38 52.44
CA PHE H 72 -4.92 -20.78 51.06
C PHE H 72 -5.86 -21.97 51.01
N THR H 73 -6.79 -21.95 50.08
CA THR H 73 -7.81 -22.99 49.98
C THR H 73 -7.85 -23.57 48.57
N LEU H 74 -8.55 -24.70 48.46
CA LEU H 74 -8.84 -25.34 47.19
C LEU H 74 -10.31 -25.75 47.17
N THR H 75 -10.99 -25.48 46.07
CA THR H 75 -12.41 -25.78 45.93
C THR H 75 -12.60 -26.74 44.78
N ILE H 76 -12.98 -27.98 45.09
CA ILE H 76 -13.35 -28.96 44.07
C ILE H 76 -14.86 -28.85 43.91
N GLY H 77 -15.29 -27.91 43.07
CA GLY H 77 -16.71 -27.73 42.82
C GLY H 77 -17.22 -28.78 41.84
N ASN H 78 -18.42 -29.30 42.13
CA ASN H 78 -19.04 -30.32 41.30
C ASN H 78 -18.13 -31.55 41.21
N LEU H 79 -17.99 -32.22 42.35
CA LEU H 79 -17.10 -33.37 42.47
C LEU H 79 -17.53 -34.52 41.56
N GLN H 80 -16.56 -35.12 40.87
CA GLN H 80 -16.70 -36.41 40.21
C GLN H 80 -15.96 -37.48 41.00
N ALA H 81 -15.91 -38.69 40.43
CA ALA H 81 -15.25 -39.82 41.06
C ALA H 81 -13.75 -39.85 40.79
N GLU H 82 -13.24 -39.04 39.86
CA GLU H 82 -11.81 -39.01 39.58
C GLU H 82 -11.07 -38.05 40.49
N ASP H 83 -11.77 -37.29 41.34
CA ASP H 83 -11.16 -36.30 42.23
C ASP H 83 -11.11 -36.79 43.66
N PHE H 84 -10.88 -38.08 43.88
CA PHE H 84 -10.75 -38.65 45.22
C PHE H 84 -9.30 -39.05 45.45
N GLY H 85 -8.70 -38.50 46.49
CA GLY H 85 -7.32 -38.82 46.81
C GLY H 85 -6.70 -37.70 47.63
N THR H 86 -5.47 -37.97 48.05
CA THR H 86 -4.74 -37.00 48.87
C THR H 86 -4.52 -35.71 48.10
N PHE H 87 -4.71 -34.58 48.80
CA PHE H 87 -4.44 -33.26 48.26
C PHE H 87 -3.32 -32.64 49.07
N TYR H 88 -2.20 -32.33 48.41
CA TYR H 88 -1.01 -31.84 49.08
C TYR H 88 -0.86 -30.34 48.87
N CYS H 89 -0.27 -29.69 49.87
CA CYS H 89 -0.04 -28.26 49.87
C CYS H 89 1.46 -28.01 49.84
N GLN H 90 1.93 -27.27 48.86
CA GLN H 90 3.33 -26.91 48.75
C GLN H 90 3.47 -25.40 48.79
N GLN H 91 4.63 -24.93 49.24
CA GLN H 91 4.96 -23.52 49.26
C GLN H 91 6.39 -23.36 48.75
N TYR H 92 6.56 -22.56 47.71
CA TYR H 92 7.87 -22.28 47.16
C TYR H 92 8.23 -20.81 47.35
N ASP H 93 7.94 -20.29 48.53
CA ASP H 93 8.28 -18.92 48.90
C ASP H 93 9.68 -18.82 49.50
N THR H 94 10.11 -19.83 50.24
CA THR H 94 11.44 -19.82 50.84
C THR H 94 12.04 -21.22 50.73
N TYR H 95 13.37 -21.26 50.71
CA TYR H 95 14.08 -22.53 50.58
C TYR H 95 14.02 -23.28 51.90
N PRO H 96 13.66 -24.57 51.90
CA PRO H 96 13.27 -25.39 50.76
C PRO H 96 11.76 -25.49 50.62
N GLY H 97 11.26 -25.94 49.47
CA GLY H 97 9.84 -26.17 49.33
C GLY H 97 9.35 -27.14 50.39
N THR H 98 8.13 -26.92 50.89
CA THR H 98 7.57 -27.74 51.94
C THR H 98 6.16 -28.16 51.56
N PHE H 99 5.80 -29.38 51.97
CA PHE H 99 4.48 -29.94 51.70
C PHE H 99 3.63 -29.94 52.96
N GLY H 100 2.33 -30.07 52.77
CA GLY H 100 1.41 -30.15 53.89
C GLY H 100 1.49 -31.52 54.50
N GLN H 101 0.35 -32.10 54.85
CA GLN H 101 0.35 -33.48 55.31
C GLN H 101 -0.64 -34.39 54.58
N GLY H 102 -1.62 -33.85 53.88
CA GLY H 102 -2.58 -34.65 53.14
C GLY H 102 -4.01 -34.40 53.57
N THR H 103 -4.93 -34.61 52.64
CA THR H 103 -6.37 -34.49 52.91
C THR H 103 -7.07 -35.55 52.07
N LYS H 104 -7.45 -36.65 52.71
CA LYS H 104 -8.05 -37.79 52.02
C LYS H 104 -9.53 -37.50 51.81
N VAL H 105 -9.95 -37.45 50.54
CA VAL H 105 -11.34 -37.23 50.19
C VAL H 105 -11.97 -38.58 49.88
N GLU H 106 -13.04 -38.92 50.60
CA GLU H 106 -13.68 -40.22 50.52
C GLU H 106 -15.12 -40.06 50.04
N VAL H 107 -15.85 -41.17 50.02
CA VAL H 107 -17.23 -41.18 49.56
C VAL H 107 -18.16 -41.27 50.76
N LYS H 108 -19.41 -40.84 50.55
CA LYS H 108 -20.37 -40.73 51.64
C LYS H 108 -21.24 -41.98 51.78
N ARG H 109 -22.00 -42.31 50.73
CA ARG H 109 -22.91 -43.46 50.78
C ARG H 109 -23.77 -43.43 52.04
N THR H 110 -23.66 -44.45 52.87
CA THR H 110 -24.45 -44.53 54.09
C THR H 110 -23.75 -45.44 55.08
N VAL H 111 -24.04 -45.23 56.37
CA VAL H 111 -23.36 -45.96 57.43
C VAL H 111 -23.73 -47.44 57.34
N ALA H 112 -22.73 -48.30 57.47
CA ALA H 112 -22.90 -49.75 57.47
C ALA H 112 -22.31 -50.34 58.76
N ALA H 113 -22.43 -51.65 58.90
CA ALA H 113 -21.92 -52.35 60.06
C ALA H 113 -21.07 -53.54 59.64
N PRO H 114 -20.04 -53.88 60.40
CA PRO H 114 -19.17 -54.99 60.03
C PRO H 114 -19.73 -56.34 60.44
N SER H 115 -19.12 -57.39 59.90
CA SER H 115 -19.45 -58.77 60.23
C SER H 115 -18.17 -59.45 60.70
N VAL H 116 -17.94 -59.44 62.01
CA VAL H 116 -16.70 -59.95 62.59
C VAL H 116 -16.63 -61.46 62.42
N PHE H 117 -15.42 -61.98 62.22
CA PHE H 117 -15.17 -63.41 62.15
C PHE H 117 -13.82 -63.68 62.82
N ILE H 118 -13.85 -64.45 63.91
CA ILE H 118 -12.65 -64.86 64.61
C ILE H 118 -12.28 -66.27 64.15
N PHE H 119 -10.97 -66.53 64.11
CA PHE H 119 -10.46 -67.84 63.69
C PHE H 119 -9.43 -68.34 64.70
N PRO H 120 -9.25 -69.65 64.80
CA PRO H 120 -8.30 -70.20 65.77
C PRO H 120 -6.91 -70.29 65.17
N PRO H 121 -5.86 -70.39 66.01
CA PRO H 121 -4.52 -70.64 65.48
C PRO H 121 -4.47 -71.94 64.70
N SER H 122 -4.04 -71.86 63.44
CA SER H 122 -4.05 -73.03 62.57
C SER H 122 -3.25 -74.17 63.18
N ASP H 123 -3.79 -75.38 63.08
CA ASP H 123 -3.08 -76.55 63.59
C ASP H 123 -1.75 -76.74 62.87
N GLU H 124 -1.75 -76.58 61.55
CA GLU H 124 -0.50 -76.62 60.80
C GLU H 124 0.42 -75.48 61.23
N GLN H 125 -0.14 -74.30 61.43
CA GLN H 125 0.67 -73.17 61.90
C GLN H 125 1.18 -73.39 63.30
N LEU H 126 0.43 -74.12 64.13
CA LEU H 126 0.90 -74.40 65.49
C LEU H 126 2.19 -75.19 65.48
N LYS H 127 2.31 -76.18 64.59
CA LYS H 127 3.51 -77.00 64.54
C LYS H 127 4.75 -76.18 64.21
N SER H 128 4.58 -75.01 63.61
CA SER H 128 5.72 -74.14 63.33
C SER H 128 6.29 -73.48 64.58
N GLY H 129 5.60 -73.57 65.71
CA GLY H 129 6.03 -72.94 66.94
C GLY H 129 5.39 -71.60 67.23
N THR H 130 4.39 -71.19 66.46
CA THR H 130 3.72 -69.92 66.65
C THR H 130 2.21 -70.15 66.70
N ALA H 131 1.51 -69.31 67.46
CA ALA H 131 0.08 -69.44 67.69
C ALA H 131 -0.63 -68.12 67.42
N SER H 132 -0.32 -67.50 66.30
CA SER H 132 -0.92 -66.21 65.96
C SER H 132 -2.41 -66.35 65.76
N VAL H 133 -3.16 -65.36 66.24
CA VAL H 133 -4.62 -65.32 66.12
C VAL H 133 -5.01 -64.03 65.41
N VAL H 134 -6.16 -64.06 64.76
CA VAL H 134 -6.60 -62.94 63.92
C VAL H 134 -8.04 -62.60 64.24
N CYS H 135 -8.38 -61.32 63.99
CA CYS H 135 -9.75 -60.83 64.03
C CYS H 135 -10.03 -60.14 62.71
N LEU H 136 -11.21 -60.38 62.15
CA LEU H 136 -11.51 -59.96 60.78
C LEU H 136 -12.90 -59.36 60.72
N LEU H 137 -12.98 -58.06 60.45
CA LEU H 137 -14.22 -57.39 60.12
C LEU H 137 -14.38 -57.30 58.60
N ASN H 138 -15.61 -57.05 58.15
CA ASN H 138 -15.88 -57.03 56.71
C ASN H 138 -17.02 -56.08 56.42
N ASN H 139 -16.79 -55.14 55.49
CA ASN H 139 -17.85 -54.34 54.87
C ASN H 139 -18.44 -53.34 55.85
N PHE H 140 -17.56 -52.67 56.61
CA PHE H 140 -18.02 -51.64 57.53
C PHE H 140 -17.77 -50.24 56.98
N TYR H 141 -18.12 -49.21 57.76
CA TYR H 141 -18.04 -47.81 57.26
C TYR H 141 -17.34 -47.01 58.36
N PRO H 142 -17.56 -45.68 58.44
CA PRO H 142 -16.81 -44.81 59.31
C PRO H 142 -15.57 -45.50 59.90
N ARG H 143 -14.85 -46.32 59.12
CA ARG H 143 -13.65 -46.88 59.73
C ARG H 143 -13.77 -46.84 61.24
N GLU H 144 -12.99 -45.96 61.87
CA GLU H 144 -13.12 -45.66 63.30
C GLU H 144 -13.38 -46.91 64.12
N ALA H 145 -12.67 -47.99 63.78
CA ALA H 145 -12.86 -49.28 64.43
C ALA H 145 -11.60 -49.66 65.19
N LYS H 146 -11.79 -50.16 66.41
CA LYS H 146 -10.70 -50.65 67.23
C LYS H 146 -11.04 -52.07 67.69
N VAL H 147 -10.00 -52.90 67.83
CA VAL H 147 -10.14 -54.29 68.21
C VAL H 147 -9.61 -54.45 69.63
N GLN H 148 -10.46 -54.94 70.53
CA GLN H 148 -10.08 -55.21 71.91
C GLN H 148 -9.79 -56.70 72.03
N TRP H 149 -8.54 -57.02 72.40
CA TRP H 149 -8.09 -58.40 72.51
C TRP H 149 -8.10 -58.80 73.98
N LYS H 150 -9.07 -59.61 74.37
CA LYS H 150 -9.22 -60.07 75.74
C LYS H 150 -8.89 -61.56 75.80
N VAL H 151 -7.77 -61.89 76.44
CA VAL H 151 -7.31 -63.26 76.59
C VAL H 151 -7.51 -63.67 78.04
N ASP H 152 -8.24 -64.77 78.25
CA ASP H 152 -8.58 -65.23 79.59
C ASP H 152 -9.26 -64.11 80.38
N ASN H 153 -10.15 -63.38 79.71
CA ASN H 153 -10.83 -62.23 80.30
C ASN H 153 -9.84 -61.16 80.74
N ALA H 154 -8.71 -61.06 80.05
CA ALA H 154 -7.67 -60.09 80.37
C ALA H 154 -7.33 -59.28 79.13
N LEU H 155 -7.14 -57.98 79.33
CA LEU H 155 -6.77 -57.11 78.22
C LEU H 155 -5.38 -57.44 77.72
N GLN H 156 -5.19 -57.35 76.40
CA GLN H 156 -3.90 -57.60 75.78
C GLN H 156 -3.56 -56.44 74.86
N SER H 157 -2.29 -56.02 74.90
CA SER H 157 -1.83 -54.90 74.10
C SER H 157 -0.34 -55.06 73.84
N GLY H 158 0.15 -54.34 72.83
CA GLY H 158 1.54 -54.37 72.47
C GLY H 158 1.95 -55.50 71.54
N ASN H 159 1.01 -56.35 71.11
CA ASN H 159 1.31 -57.44 70.20
C ASN H 159 0.24 -57.62 69.14
N SER H 160 -0.39 -56.52 68.73
CA SER H 160 -1.46 -56.55 67.73
C SER H 160 -1.05 -55.71 66.53
N GLN H 161 -1.27 -56.24 65.34
CA GLN H 161 -1.02 -55.53 64.09
C GLN H 161 -2.29 -55.46 63.28
N GLU H 162 -2.58 -54.27 62.73
CA GLU H 162 -3.81 -54.03 61.99
C GLU H 162 -3.48 -53.72 60.54
N SER H 163 -4.43 -54.02 59.66
CA SER H 163 -4.31 -53.71 58.24
C SER H 163 -5.69 -53.41 57.69
N VAL H 164 -5.83 -52.25 57.05
CA VAL H 164 -7.10 -51.79 56.51
C VAL H 164 -6.94 -51.60 55.01
N THR H 165 -7.89 -52.14 54.25
CA THR H 165 -7.84 -52.04 52.79
C THR H 165 -8.47 -50.73 52.34
N GLU H 166 -8.28 -50.42 51.05
CA GLU H 166 -8.82 -49.20 50.48
C GLU H 166 -10.34 -49.27 50.40
N GLN H 167 -10.96 -48.13 50.13
CA GLN H 167 -12.40 -48.08 49.93
C GLN H 167 -12.79 -48.93 48.73
N ASP H 168 -13.90 -49.65 48.85
CA ASP H 168 -14.41 -50.42 47.73
C ASP H 168 -14.93 -49.49 46.64
N SER H 169 -14.73 -49.89 45.38
CA SER H 169 -15.22 -49.10 44.26
C SER H 169 -16.72 -49.23 44.08
N LYS H 170 -17.27 -50.42 44.33
CA LYS H 170 -18.69 -50.65 44.12
C LYS H 170 -19.51 -50.16 45.29
N ASP H 171 -19.26 -50.70 46.49
CA ASP H 171 -20.05 -50.38 47.67
C ASP H 171 -19.38 -49.37 48.59
N SER H 172 -18.19 -48.89 48.23
CA SER H 172 -17.47 -47.89 49.03
C SER H 172 -17.34 -48.34 50.48
N THR H 173 -16.96 -49.59 50.69
CA THR H 173 -16.88 -50.18 52.02
C THR H 173 -15.44 -50.50 52.39
N TYR H 174 -15.21 -50.62 53.69
CA TYR H 174 -13.88 -50.84 54.26
C TYR H 174 -13.71 -52.28 54.70
N SER H 175 -12.55 -52.54 55.30
CA SER H 175 -12.24 -53.83 55.90
C SER H 175 -11.08 -53.62 56.87
N LEU H 176 -10.94 -54.56 57.81
CA LEU H 176 -9.88 -54.46 58.80
C LEU H 176 -9.57 -55.84 59.35
N SER H 177 -8.31 -56.07 59.69
CA SER H 177 -7.87 -57.33 60.27
C SER H 177 -6.86 -57.05 61.37
N SER H 178 -7.04 -57.71 62.51
CA SER H 178 -6.13 -57.61 63.63
C SER H 178 -5.59 -58.99 63.98
N THR H 179 -4.28 -59.06 64.23
CA THR H 179 -3.61 -60.32 64.50
C THR H 179 -2.75 -60.19 65.75
N LEU H 180 -2.82 -61.19 66.62
CA LEU H 180 -1.97 -61.26 67.80
C LEU H 180 -0.86 -62.29 67.54
N THR H 181 0.39 -61.82 67.51
CA THR H 181 1.54 -62.68 67.35
C THR H 181 2.11 -63.01 68.73
N LEU H 182 2.14 -64.30 69.05
CA LEU H 182 2.55 -64.75 70.37
C LEU H 182 3.22 -66.11 70.27
N SER H 183 4.00 -66.44 71.30
CA SER H 183 4.70 -67.71 71.33
C SER H 183 3.72 -68.87 71.42
N LYS H 184 4.12 -70.01 70.87
CA LYS H 184 3.26 -71.19 70.89
C LYS H 184 3.00 -71.65 72.31
N ALA H 185 4.02 -71.63 73.16
CA ALA H 185 3.86 -72.11 74.53
C ALA H 185 2.81 -71.30 75.28
N ASP H 186 2.83 -69.98 75.14
CA ASP H 186 1.85 -69.15 75.84
C ASP H 186 0.43 -69.42 75.35
N TYR H 187 0.28 -69.85 74.10
CA TYR H 187 -1.05 -70.13 73.58
C TYR H 187 -1.75 -71.23 74.36
N GLU H 188 -1.01 -72.31 74.69
CA GLU H 188 -1.60 -73.38 75.47
C GLU H 188 -1.95 -72.94 76.89
N LYS H 189 -1.10 -72.11 77.50
CA LYS H 189 -1.36 -71.68 78.87
C LYS H 189 -2.67 -70.93 78.98
N HIS H 190 -2.95 -70.04 78.04
CA HIS H 190 -4.20 -69.27 78.07
C HIS H 190 -5.39 -70.20 77.83
N LYS H 191 -6.52 -69.83 78.43
CA LYS H 191 -7.72 -70.66 78.36
C LYS H 191 -8.66 -70.22 77.24
N VAL H 192 -9.12 -68.98 77.29
CA VAL H 192 -10.15 -68.49 76.36
C VAL H 192 -9.65 -67.25 75.65
N TYR H 193 -9.96 -67.16 74.36
CA TYR H 193 -9.56 -66.04 73.52
C TYR H 193 -10.80 -65.30 73.06
N ALA H 194 -10.75 -63.97 73.10
CA ALA H 194 -11.87 -63.13 72.72
C ALA H 194 -11.38 -61.91 71.96
N CYS H 195 -12.15 -61.49 70.96
CA CYS H 195 -11.89 -60.27 70.21
C CYS H 195 -13.09 -59.34 70.39
N GLU H 196 -12.82 -58.11 70.82
CA GLU H 196 -13.86 -57.11 71.03
C GLU H 196 -13.66 -55.97 70.04
N VAL H 197 -14.77 -55.52 69.44
CA VAL H 197 -14.76 -54.47 68.44
C VAL H 197 -15.72 -53.37 68.87
N THR H 198 -15.31 -52.12 68.68
CA THR H 198 -16.14 -50.96 69.01
C THR H 198 -16.27 -50.11 67.76
N HIS H 199 -17.50 -50.01 67.25
CA HIS H 199 -17.77 -49.23 66.04
C HIS H 199 -19.04 -48.43 66.24
N GLN H 200 -19.12 -47.27 65.56
CA GLN H 200 -20.30 -46.43 65.64
C GLN H 200 -21.53 -47.09 65.00
N GLY H 201 -21.33 -48.00 64.06
CA GLY H 201 -22.42 -48.65 63.38
C GLY H 201 -23.12 -49.74 64.17
N LEU H 202 -22.61 -50.05 65.36
CA LEU H 202 -23.20 -51.05 66.23
C LEU H 202 -23.74 -50.39 67.50
N SER H 203 -24.91 -50.84 67.95
CA SER H 203 -25.49 -50.28 69.16
C SER H 203 -24.58 -50.49 70.36
N SER H 204 -24.01 -51.69 70.49
CA SER H 204 -23.12 -52.02 71.60
C SER H 204 -21.94 -52.80 71.06
N PRO H 205 -20.79 -52.76 71.75
CA PRO H 205 -19.63 -53.51 71.30
C PRO H 205 -19.90 -55.01 71.21
N VAL H 206 -19.84 -55.56 70.00
CA VAL H 206 -20.06 -56.98 69.80
C VAL H 206 -18.74 -57.72 69.99
N THR H 207 -18.80 -58.82 70.74
CA THR H 207 -17.61 -59.63 71.04
C THR H 207 -17.85 -61.06 70.57
N LYS H 208 -16.96 -61.55 69.71
CA LYS H 208 -16.97 -62.93 69.28
C LYS H 208 -15.68 -63.60 69.75
N SER H 209 -15.82 -64.71 70.47
CA SER H 209 -14.69 -65.40 71.07
C SER H 209 -14.75 -66.87 70.70
N PHE H 210 -13.75 -67.62 71.18
CA PHE H 210 -13.68 -69.06 70.92
C PHE H 210 -12.89 -69.71 72.04
N ASN H 211 -13.09 -71.01 72.21
CA ASN H 211 -12.41 -71.78 73.24
C ASN H 211 -11.29 -72.61 72.63
N ARG H 212 -10.18 -72.68 73.36
CA ARG H 212 -9.02 -73.44 72.89
C ARG H 212 -9.40 -74.89 72.64
N GLY H 213 -9.35 -75.30 71.38
CA GLY H 213 -9.72 -76.64 70.98
C GLY H 213 -11.13 -76.74 70.43
N GLU I 2 -18.98 36.23 45.05
CA GLU I 2 -19.67 36.88 43.95
C GLU I 2 -18.87 36.81 42.67
N ASN I 3 -17.54 36.90 42.79
CA ASN I 3 -16.66 36.85 41.64
C ASN I 3 -16.24 35.40 41.37
N LEU I 4 -16.22 35.04 40.09
CA LEU I 4 -15.94 33.68 39.65
C LEU I 4 -14.75 33.67 38.71
N TRP I 5 -14.14 32.50 38.56
CA TRP I 5 -12.95 32.34 37.73
C TRP I 5 -13.10 31.12 36.85
N VAL I 6 -12.55 31.19 35.64
CA VAL I 6 -12.64 30.08 34.71
C VAL I 6 -11.76 28.94 35.19
N THR I 7 -12.34 27.75 35.29
CA THR I 7 -11.58 26.55 35.62
C THR I 7 -11.88 25.50 34.56
N VAL I 8 -10.85 24.94 34.01
CA VAL I 8 -10.97 23.95 32.94
C VAL I 8 -11.06 22.56 33.55
N TYR I 9 -11.97 21.76 33.01
CA TYR I 9 -12.14 20.37 33.37
C TYR I 9 -11.71 19.50 32.21
N TYR I 10 -11.14 18.33 32.52
CA TYR I 10 -10.74 17.37 31.51
C TYR I 10 -11.43 16.04 31.79
N GLY I 11 -12.11 15.50 30.78
CA GLY I 11 -12.84 14.26 30.94
C GLY I 11 -14.30 14.50 31.29
N VAL I 12 -14.89 15.54 30.70
CA VAL I 12 -16.29 15.86 30.90
C VAL I 12 -17.12 15.11 29.86
N PRO I 13 -18.27 14.54 30.24
CA PRO I 13 -19.05 13.77 29.26
C PRO I 13 -19.86 14.65 28.33
N VAL I 14 -19.37 14.82 27.10
CA VAL I 14 -20.10 15.46 26.02
C VAL I 14 -19.59 14.87 24.72
N TRP I 15 -20.48 14.76 23.72
CA TRP I 15 -20.13 14.08 22.49
C TRP I 15 -20.85 14.75 21.33
N LYS I 16 -20.33 14.51 20.13
CA LYS I 16 -21.01 14.93 18.91
C LYS I 16 -21.00 13.78 17.92
N ASP I 17 -22.05 13.70 17.11
CA ASP I 17 -22.05 12.76 16.02
C ASP I 17 -20.86 13.04 15.10
N ALA I 18 -20.14 11.99 14.73
CA ALA I 18 -18.96 12.17 13.89
C ALA I 18 -18.58 10.88 13.18
N GLU I 19 -18.63 10.92 11.85
CA GLU I 19 -18.22 9.76 11.06
C GLU I 19 -16.71 9.59 11.10
N THR I 20 -16.27 8.37 11.39
CA THR I 20 -14.85 8.05 11.45
C THR I 20 -14.63 6.69 10.80
N THR I 21 -13.39 6.22 10.83
CA THR I 21 -13.03 4.95 10.22
C THR I 21 -13.02 3.87 11.31
N LEU I 22 -14.13 3.14 11.42
CA LEU I 22 -14.18 1.99 12.30
C LEU I 22 -13.39 0.84 11.70
N PHE I 23 -12.84 0.00 12.57
CA PHE I 23 -12.02 -1.13 12.19
C PHE I 23 -12.68 -2.42 12.66
N CYS I 24 -11.89 -3.49 12.73
CA CYS I 24 -12.36 -4.83 13.05
C CYS I 24 -12.13 -5.24 14.51
N ALA I 25 -13.00 -6.13 14.96
CA ALA I 25 -12.71 -7.09 16.02
C ALA I 25 -13.44 -8.37 15.66
N SER I 26 -12.70 -9.45 15.46
CA SER I 26 -13.28 -10.73 15.12
C SER I 26 -13.00 -11.74 16.23
N ASP I 27 -14.05 -12.17 16.92
CA ASP I 27 -13.90 -13.16 17.97
C ASP I 27 -13.38 -14.47 17.42
N ALA I 28 -13.93 -14.90 16.28
CA ALA I 28 -13.54 -16.17 15.66
C ALA I 28 -12.30 -15.94 14.80
N LYS I 29 -11.17 -15.79 15.49
CA LYS I 29 -9.89 -15.83 14.80
C LYS I 29 -9.63 -17.27 14.34
N ALA I 30 -8.45 -17.49 13.79
CA ALA I 30 -8.16 -18.83 13.26
C ALA I 30 -8.06 -19.81 14.41
N TYR I 31 -9.17 -20.48 14.73
CA TYR I 31 -9.22 -21.40 15.85
C TYR I 31 -8.51 -22.70 15.51
N GLU I 32 -7.24 -22.62 15.12
CA GLU I 32 -6.46 -23.80 14.76
C GLU I 32 -7.11 -24.55 13.60
N THR I 33 -8.05 -23.90 12.91
CA THR I 33 -8.74 -24.51 11.78
C THR I 33 -8.42 -23.80 10.47
N GLU I 34 -8.38 -22.48 10.48
CA GLU I 34 -7.94 -21.69 9.33
C GLU I 34 -8.89 -21.80 8.15
N LYS I 35 -8.36 -22.03 6.95
CA LYS I 35 -9.14 -21.90 5.73
C LYS I 35 -9.58 -20.45 5.52
N HIS I 36 -8.62 -19.57 5.26
CA HIS I 36 -8.86 -18.16 5.02
C HIS I 36 -10.10 -17.93 4.18
N ASN I 37 -10.86 -16.88 4.51
CA ASN I 37 -12.07 -16.52 3.80
C ASN I 37 -11.89 -15.15 3.12
N VAL I 38 -12.98 -14.62 2.60
CA VAL I 38 -13.01 -13.39 1.81
C VAL I 38 -13.06 -12.19 2.75
N TRP I 39 -12.78 -12.42 4.03
CA TRP I 39 -13.08 -11.49 5.10
C TRP I 39 -12.04 -11.50 6.21
N ALA I 40 -12.50 -11.16 7.41
CA ALA I 40 -11.68 -10.85 8.57
C ALA I 40 -10.65 -11.91 8.95
N THR I 41 -11.10 -13.05 9.47
CA THR I 41 -10.20 -14.09 9.96
C THR I 41 -8.92 -13.53 10.55
N HIS I 42 -7.82 -13.69 9.81
CA HIS I 42 -6.49 -13.35 10.31
C HIS I 42 -6.34 -11.86 10.61
N ALA I 43 -6.82 -11.02 9.70
CA ALA I 43 -6.45 -9.62 9.69
C ALA I 43 -7.26 -8.74 10.64
N CYS I 44 -8.29 -9.27 11.30
CA CYS I 44 -9.19 -8.44 12.09
C CYS I 44 -8.82 -8.59 13.56
N VAL I 45 -8.71 -7.46 14.25
CA VAL I 45 -8.06 -7.43 15.57
C VAL I 45 -8.82 -8.30 16.56
N PRO I 46 -8.15 -8.97 17.49
CA PRO I 46 -8.86 -9.84 18.44
C PRO I 46 -9.92 -9.12 19.25
N THR I 47 -11.02 -9.79 19.53
CA THR I 47 -12.14 -9.18 20.24
C THR I 47 -12.08 -9.47 21.73
N ASP I 48 -12.70 -8.60 22.51
CA ASP I 48 -12.70 -8.77 23.96
C ASP I 48 -13.47 -10.03 24.35
N PRO I 49 -12.99 -10.78 25.34
CA PRO I 49 -13.77 -11.94 25.81
C PRO I 49 -15.14 -11.55 26.32
N ASN I 50 -15.26 -10.40 26.97
CA ASN I 50 -16.54 -9.91 27.50
C ASN I 50 -16.65 -8.42 27.22
N PRO I 51 -17.44 -8.01 26.23
CA PRO I 51 -17.55 -6.57 25.93
C PRO I 51 -18.23 -5.81 27.06
N GLN I 52 -17.89 -4.53 27.15
CA GLN I 52 -18.46 -3.63 28.15
C GLN I 52 -19.62 -2.87 27.54
N GLU I 53 -20.73 -2.82 28.26
CA GLU I 53 -21.89 -2.02 27.87
C GLU I 53 -22.32 -1.18 29.06
N ILE I 54 -22.36 0.14 28.86
CA ILE I 54 -22.73 1.09 29.90
C ILE I 54 -24.05 1.75 29.52
N HIS I 55 -25.02 1.71 30.43
CA HIS I 55 -26.33 2.27 30.18
C HIS I 55 -26.35 3.72 30.63
N LEU I 56 -26.45 4.64 29.67
CA LEU I 56 -26.50 6.07 29.97
C LEU I 56 -27.90 6.40 30.47
N GLU I 57 -28.02 6.60 31.78
CA GLU I 57 -29.30 6.92 32.38
C GLU I 57 -29.64 8.39 32.20
N ASN I 58 -30.93 8.68 32.04
CA ASN I 58 -31.43 10.04 31.94
C ASN I 58 -30.93 10.75 30.68
N VAL I 59 -30.46 9.98 29.69
CA VAL I 59 -30.01 10.52 28.42
C VAL I 59 -30.94 9.99 27.33
N THR I 60 -31.37 10.89 26.44
CA THR I 60 -32.26 10.54 25.33
C THR I 60 -31.66 11.05 24.04
N GLU I 61 -31.14 10.14 23.22
CA GLU I 61 -30.58 10.52 21.93
C GLU I 61 -31.63 10.39 20.83
N GLU I 62 -31.25 10.82 19.63
CA GLU I 62 -32.12 10.77 18.46
C GLU I 62 -31.40 9.99 17.37
N PHE I 63 -32.08 9.01 16.81
CA PHE I 63 -31.51 8.14 15.79
C PHE I 63 -32.24 8.34 14.47
N ASN I 64 -31.49 8.20 13.38
CA ASN I 64 -32.05 8.19 12.03
C ASN I 64 -31.36 7.07 11.27
N MET I 65 -32.07 5.96 11.09
CA MET I 65 -31.47 4.77 10.53
C MET I 65 -31.13 4.91 9.06
N TRP I 66 -31.58 5.99 8.42
CA TRP I 66 -31.42 6.17 6.98
C TRP I 66 -30.34 7.19 6.61
N LYS I 67 -29.80 7.92 7.59
CA LYS I 67 -28.66 8.79 7.37
C LYS I 67 -27.44 8.28 8.14
N ASN I 68 -27.42 6.99 8.42
CA ASN I 68 -26.31 6.37 9.13
C ASN I 68 -25.11 6.23 8.20
N ASN I 69 -23.94 6.69 8.67
CA ASN I 69 -22.70 6.49 7.94
C ASN I 69 -21.96 5.24 8.39
N MET I 70 -22.51 4.50 9.35
CA MET I 70 -21.93 3.21 9.73
C MET I 70 -22.17 2.15 8.66
N VAL I 71 -23.22 2.31 7.86
CA VAL I 71 -23.55 1.35 6.82
C VAL I 71 -23.05 1.78 5.44
N GLU I 72 -22.83 3.08 5.21
CA GLU I 72 -22.20 3.52 3.98
C GLU I 72 -20.70 3.26 4.00
N GLN I 73 -20.14 2.91 5.15
CA GLN I 73 -18.74 2.52 5.29
C GLN I 73 -18.55 1.02 5.33
N MET I 74 -19.52 0.28 5.88
CA MET I 74 -19.50 -1.18 5.79
C MET I 74 -19.82 -1.65 4.37
N HIS I 75 -20.50 -0.82 3.59
CA HIS I 75 -20.83 -1.19 2.22
C HIS I 75 -19.56 -1.26 1.37
N THR I 76 -18.68 -0.28 1.50
CA THR I 76 -17.43 -0.26 0.74
C THR I 76 -16.33 -1.07 1.39
N ASP I 77 -16.49 -1.50 2.64
CA ASP I 77 -15.54 -2.38 3.28
C ASP I 77 -15.68 -3.82 2.80
N ILE I 78 -16.80 -4.14 2.16
CA ILE I 78 -17.06 -5.48 1.69
C ILE I 78 -16.96 -5.60 0.18
N ILE I 79 -17.17 -4.52 -0.56
CA ILE I 79 -16.85 -4.50 -1.98
C ILE I 79 -15.35 -4.61 -2.18
N SER I 80 -14.57 -4.04 -1.27
CA SER I 80 -13.12 -4.05 -1.37
C SER I 80 -12.48 -5.23 -0.64
N LEU I 81 -13.26 -5.97 0.16
CA LEU I 81 -12.79 -7.24 0.69
C LEU I 81 -12.95 -8.35 -0.34
N TRP I 82 -13.92 -8.21 -1.24
CA TRP I 82 -14.09 -9.14 -2.34
C TRP I 82 -13.11 -8.85 -3.47
N ASP I 83 -12.80 -7.57 -3.70
CA ASP I 83 -11.82 -7.22 -4.73
C ASP I 83 -10.44 -7.73 -4.37
N GLN I 84 -10.03 -7.55 -3.12
CA GLN I 84 -8.69 -7.91 -2.70
C GLN I 84 -8.46 -9.42 -2.63
N SER I 85 -9.52 -10.22 -2.68
CA SER I 85 -9.41 -11.66 -2.68
C SER I 85 -9.63 -12.28 -4.05
N LEU I 86 -10.04 -11.48 -5.03
CA LEU I 86 -10.25 -11.95 -6.40
C LEU I 86 -9.17 -11.45 -7.35
N LYS I 87 -8.22 -10.66 -6.88
CA LYS I 87 -7.13 -10.18 -7.70
C LYS I 87 -6.03 -11.22 -7.82
N PRO I 88 -5.68 -11.94 -6.74
CA PRO I 88 -4.63 -12.96 -6.81
C PRO I 88 -5.10 -14.38 -7.14
N CYS I 89 -5.84 -14.52 -8.25
CA CYS I 89 -6.10 -15.85 -8.78
C CYS I 89 -6.61 -15.74 -10.21
N VAL I 90 -6.95 -16.90 -10.78
CA VAL I 90 -6.96 -17.07 -12.23
C VAL I 90 -7.96 -16.13 -12.89
N LYS I 91 -7.61 -15.67 -14.08
CA LYS I 91 -8.50 -14.91 -14.95
C LYS I 91 -8.87 -15.79 -16.14
N LEU I 92 -10.16 -16.04 -16.30
CA LEU I 92 -10.65 -17.02 -17.28
C LEU I 92 -10.95 -16.36 -18.62
N THR I 93 -9.98 -15.60 -19.11
CA THR I 93 -10.07 -15.01 -20.44
C THR I 93 -9.87 -16.05 -21.55
N PRO I 94 -9.05 -17.09 -21.34
CA PRO I 94 -8.89 -18.10 -22.40
C PRO I 94 -10.12 -18.94 -22.66
N LEU I 95 -11.22 -18.70 -21.94
CA LEU I 95 -12.42 -19.54 -22.04
C LEU I 95 -13.54 -18.86 -22.83
N CYS I 96 -13.20 -17.92 -23.70
CA CYS I 96 -14.18 -17.29 -24.59
C CYS I 96 -14.24 -17.98 -25.94
N VAL I 97 -13.98 -19.28 -25.97
CA VAL I 97 -14.12 -20.11 -27.16
C VAL I 97 -15.58 -20.48 -27.31
N THR I 98 -15.95 -21.05 -28.47
CA THR I 98 -17.29 -21.57 -28.68
C THR I 98 -17.36 -23.00 -28.17
N LEU I 99 -18.41 -23.30 -27.41
CA LEU I 99 -18.59 -24.61 -26.79
C LEU I 99 -19.59 -25.41 -27.61
N GLN I 100 -19.33 -26.71 -27.78
CA GLN I 100 -20.24 -27.60 -28.48
C GLN I 100 -21.06 -28.36 -27.44
N CYS I 101 -22.03 -27.68 -26.87
CA CYS I 101 -22.79 -28.20 -25.74
C CYS I 101 -23.85 -29.20 -26.20
N THR I 102 -24.03 -30.25 -25.40
CA THR I 102 -25.09 -31.22 -25.59
C THR I 102 -25.76 -31.48 -24.25
N ASN I 103 -27.08 -31.67 -24.29
CA ASN I 103 -27.84 -31.91 -23.06
C ASN I 103 -27.35 -33.17 -22.38
N VAL I 104 -27.12 -33.08 -21.07
CA VAL I 104 -26.63 -34.24 -20.33
C VAL I 104 -27.65 -35.37 -20.34
N THR I 105 -28.94 -35.02 -20.25
CA THR I 105 -30.00 -36.04 -20.19
C THR I 105 -30.51 -36.37 -21.59
N ASN I 106 -31.06 -35.38 -22.29
CA ASN I 106 -31.66 -35.61 -23.60
C ASN I 106 -32.87 -36.52 -23.47
N ASN I 107 -32.79 -37.71 -24.04
CA ASN I 107 -33.83 -38.73 -23.87
C ASN I 107 -33.51 -39.63 -22.68
N ILE I 108 -33.26 -38.99 -21.54
CA ILE I 108 -32.87 -39.67 -20.31
C ILE I 108 -33.95 -39.58 -19.24
N THR I 109 -34.45 -38.37 -18.99
CA THR I 109 -35.50 -38.16 -18.01
C THR I 109 -36.13 -36.79 -18.25
N ASP I 110 -37.26 -36.55 -17.58
CA ASP I 110 -37.97 -35.29 -17.68
C ASP I 110 -38.30 -34.93 -19.14
N ASP I 111 -38.68 -33.67 -19.36
CA ASP I 111 -39.20 -33.24 -20.66
C ASP I 111 -38.08 -32.97 -21.64
N MET I 112 -36.89 -33.52 -21.40
CA MET I 112 -35.71 -33.26 -22.21
C MET I 112 -35.10 -31.90 -21.86
N ARG I 113 -35.37 -31.45 -20.64
CA ARG I 113 -34.89 -30.15 -20.17
C ARG I 113 -33.37 -30.09 -20.15
N GLY I 114 -32.84 -28.94 -20.57
CA GLY I 114 -31.41 -28.70 -20.53
C GLY I 114 -30.94 -27.97 -19.28
N GLU I 115 -31.28 -28.49 -18.10
CA GLU I 115 -30.78 -27.87 -16.87
C GLU I 115 -29.26 -27.97 -16.78
N LEU I 116 -28.70 -29.02 -17.37
CA LEU I 116 -27.26 -29.23 -17.41
C LEU I 116 -26.84 -29.39 -18.87
N LYS I 117 -25.67 -28.86 -19.21
CA LYS I 117 -25.13 -28.95 -20.56
C LYS I 117 -23.73 -29.54 -20.50
N ASN I 118 -23.41 -30.38 -21.47
CA ASN I 118 -22.14 -31.09 -21.52
C ASN I 118 -21.33 -30.50 -22.67
N CYS I 119 -20.51 -29.50 -22.36
CA CYS I 119 -19.87 -28.65 -23.36
C CYS I 119 -18.42 -29.04 -23.54
N SER I 120 -18.04 -29.33 -24.78
CA SER I 120 -16.66 -29.63 -25.15
C SER I 120 -16.09 -28.49 -25.98
N PHE I 121 -14.83 -28.14 -25.72
CA PHE I 121 -14.21 -27.00 -26.39
C PHE I 121 -12.72 -27.26 -26.53
N ASN I 122 -12.08 -26.43 -27.33
CA ASN I 122 -10.65 -26.50 -27.59
C ASN I 122 -9.91 -25.58 -26.62
N MET I 123 -8.77 -26.06 -26.12
CA MET I 123 -7.93 -25.20 -25.29
C MET I 123 -6.48 -25.63 -25.41
N THR I 124 -5.59 -24.69 -25.11
CA THR I 124 -4.15 -24.88 -25.23
C THR I 124 -3.62 -25.39 -23.90
N THR I 125 -3.48 -26.71 -23.78
CA THR I 125 -2.93 -27.31 -22.58
C THR I 125 -1.42 -27.48 -22.75
N GLU I 126 -0.66 -27.04 -21.75
CA GLU I 126 0.80 -27.04 -21.83
C GLU I 126 1.30 -26.04 -22.87
N LEU I 127 1.64 -26.52 -24.06
CA LEU I 127 2.23 -25.68 -25.08
C LEU I 127 1.18 -24.77 -25.71
N ARG I 128 1.63 -23.56 -26.09
CA ARG I 128 0.74 -22.57 -26.68
C ARG I 128 0.41 -22.85 -28.14
N ASP I 129 1.14 -23.77 -28.77
CA ASP I 129 0.80 -24.16 -30.14
C ASP I 129 -0.31 -25.21 -30.13
N LYS I 130 -0.03 -26.37 -29.54
CA LYS I 130 -1.00 -27.45 -29.47
C LYS I 130 -2.19 -27.04 -28.60
N LYS I 131 -3.39 -27.43 -29.04
CA LYS I 131 -4.59 -27.30 -28.22
C LYS I 131 -5.40 -28.58 -28.32
N GLN I 132 -5.69 -29.17 -27.18
CA GLN I 132 -6.46 -30.40 -27.09
C GLN I 132 -7.91 -30.10 -26.74
N LYS I 133 -8.77 -31.08 -27.02
CA LYS I 133 -10.20 -30.94 -26.81
C LYS I 133 -10.55 -31.35 -25.38
N VAL I 134 -11.04 -30.40 -24.60
CA VAL I 134 -11.46 -30.67 -23.23
C VAL I 134 -12.98 -30.53 -23.18
N TYR I 135 -13.54 -30.84 -22.00
CA TYR I 135 -14.97 -30.71 -21.81
C TYR I 135 -15.26 -30.49 -20.34
N SER I 136 -16.47 -30.00 -20.06
CA SER I 136 -16.90 -29.71 -18.70
C SER I 136 -18.42 -29.63 -18.71
N LEU I 137 -18.99 -29.68 -17.51
CA LEU I 137 -20.43 -29.61 -17.32
C LEU I 137 -20.81 -28.18 -16.95
N PHE I 138 -21.66 -27.56 -17.77
CA PHE I 138 -22.09 -26.20 -17.55
C PHE I 138 -23.59 -26.18 -17.30
N TYR I 139 -24.03 -25.17 -16.57
CA TYR I 139 -25.45 -24.96 -16.34
C TYR I 139 -26.06 -24.15 -17.48
N ARG I 140 -27.35 -24.35 -17.72
CA ARG I 140 -28.04 -23.61 -18.77
C ARG I 140 -28.09 -22.12 -18.48
N LEU I 141 -27.81 -21.71 -17.24
CA LEU I 141 -27.83 -20.29 -16.90
C LEU I 141 -26.54 -19.58 -17.26
N ASP I 142 -25.53 -20.29 -17.78
CA ASP I 142 -24.22 -19.70 -18.02
C ASP I 142 -23.74 -19.86 -19.45
N VAL I 143 -24.52 -20.47 -20.34
CA VAL I 143 -24.17 -20.62 -21.74
C VAL I 143 -25.26 -19.99 -22.58
N VAL I 144 -24.85 -19.15 -23.54
CA VAL I 144 -25.77 -18.46 -24.44
C VAL I 144 -25.58 -19.03 -25.83
N GLN I 145 -26.66 -19.52 -26.42
CA GLN I 145 -26.58 -20.01 -27.78
C GLN I 145 -26.25 -18.86 -28.74
N ILE I 146 -25.32 -19.12 -29.65
CA ILE I 146 -24.92 -18.14 -30.65
C ILE I 146 -25.35 -18.65 -32.02
N ASN I 147 -26.14 -17.85 -32.73
CA ASN I 147 -26.62 -18.22 -34.06
C ASN I 147 -27.05 -16.99 -34.83
N ASN I 158 -26.99 -30.04 -30.97
CA ASN I 158 -25.58 -29.91 -30.64
C ASN I 158 -25.04 -28.58 -31.18
N LYS I 159 -25.80 -27.51 -30.94
CA LYS I 159 -25.41 -26.19 -31.39
C LYS I 159 -24.25 -25.65 -30.55
N GLU I 160 -23.64 -24.57 -31.03
CA GLU I 160 -22.54 -23.95 -30.32
C GLU I 160 -23.06 -22.89 -29.35
N TYR I 161 -22.43 -22.83 -28.18
CA TYR I 161 -22.80 -21.93 -27.12
C TYR I 161 -21.64 -20.99 -26.83
N ARG I 162 -21.77 -20.23 -25.75
CA ARG I 162 -20.66 -19.46 -25.22
C ARG I 162 -21.08 -18.98 -23.84
N LEU I 163 -20.08 -18.64 -23.03
CA LEU I 163 -20.36 -18.24 -21.65
C LEU I 163 -21.20 -16.97 -21.64
N ILE I 164 -22.10 -16.88 -20.66
CA ILE I 164 -23.04 -15.77 -20.60
C ILE I 164 -22.30 -14.44 -20.53
N ASN I 165 -21.16 -14.41 -19.84
CA ASN I 165 -20.52 -13.15 -19.47
C ASN I 165 -19.70 -12.52 -20.58
N CYS I 166 -18.83 -13.28 -21.25
CA CYS I 166 -17.70 -12.62 -21.87
C CYS I 166 -18.05 -12.04 -23.24
N ASN I 167 -19.09 -11.21 -23.24
CA ASN I 167 -19.25 -10.11 -24.17
C ASN I 167 -19.50 -8.77 -23.47
N THR I 168 -19.60 -8.77 -22.14
CA THR I 168 -19.67 -7.54 -21.36
C THR I 168 -18.73 -7.49 -20.15
N SER I 169 -18.31 -8.62 -19.61
CA SER I 169 -17.59 -8.63 -18.34
C SER I 169 -16.41 -9.59 -18.42
N ALA I 170 -15.46 -9.39 -17.52
CA ALA I 170 -14.24 -10.20 -17.46
C ALA I 170 -14.32 -11.13 -16.25
N ILE I 171 -14.14 -12.42 -16.50
CA ILE I 171 -14.32 -13.44 -15.48
C ILE I 171 -13.01 -13.65 -14.72
N THR I 172 -13.13 -13.81 -13.41
CA THR I 172 -11.98 -14.01 -12.51
C THR I 172 -12.33 -15.17 -11.59
N GLN I 173 -11.87 -16.38 -11.92
CA GLN I 173 -12.16 -17.53 -11.09
C GLN I 173 -11.74 -17.29 -9.65
N ALA I 174 -12.69 -17.55 -8.74
CA ALA I 174 -12.40 -17.47 -7.32
C ALA I 174 -11.42 -18.58 -6.90
N CYS I 175 -10.45 -18.15 -6.12
CA CYS I 175 -9.36 -18.98 -5.70
C CYS I 175 -9.96 -20.09 -4.82
N PRO I 176 -9.88 -21.39 -5.16
CA PRO I 176 -10.58 -22.42 -4.39
C PRO I 176 -10.14 -22.73 -2.96
N LYS I 177 -9.23 -21.95 -2.38
CA LYS I 177 -8.84 -22.21 -1.00
C LYS I 177 -9.52 -21.30 0.00
N VAL I 178 -9.96 -20.12 -0.43
CA VAL I 178 -10.67 -19.22 0.47
C VAL I 178 -12.08 -19.76 0.68
N SER I 179 -12.58 -19.57 1.90
CA SER I 179 -13.91 -20.03 2.28
C SER I 179 -14.92 -18.90 2.19
N PHE I 180 -16.17 -19.26 1.89
CA PHE I 180 -17.24 -18.29 1.70
C PHE I 180 -18.22 -18.27 2.87
N GLU I 181 -17.91 -18.97 3.95
CA GLU I 181 -18.80 -19.01 5.11
C GLU I 181 -18.64 -17.73 5.92
N PRO I 182 -19.68 -16.91 6.06
CA PRO I 182 -19.52 -15.65 6.79
C PRO I 182 -19.14 -15.89 8.24
N ILE I 183 -18.23 -15.05 8.73
CA ILE I 183 -17.76 -15.09 10.12
C ILE I 183 -18.21 -13.80 10.78
N PRO I 184 -18.78 -13.84 11.99
CA PRO I 184 -19.25 -12.60 12.61
C PRO I 184 -18.14 -11.58 12.74
N ILE I 185 -18.49 -10.32 12.48
CA ILE I 185 -17.56 -9.20 12.49
C ILE I 185 -18.08 -8.17 13.48
N HIS I 186 -17.19 -7.67 14.33
CA HIS I 186 -17.51 -6.55 15.22
C HIS I 186 -16.85 -5.30 14.69
N TYR I 187 -17.62 -4.22 14.57
CA TYR I 187 -17.12 -2.96 14.04
C TYR I 187 -16.82 -2.05 15.24
N CYS I 188 -15.53 -1.91 15.54
CA CYS I 188 -15.10 -1.17 16.71
C CYS I 188 -14.71 0.25 16.31
N ALA I 189 -14.73 1.15 17.30
CA ALA I 189 -14.39 2.54 17.08
C ALA I 189 -13.08 2.91 17.79
N PRO I 190 -12.25 3.77 17.18
CA PRO I 190 -10.97 4.11 17.80
C PRO I 190 -11.17 4.75 19.17
N ALA I 191 -10.05 5.01 19.84
CA ALA I 191 -10.10 5.69 21.13
C ALA I 191 -10.51 7.15 20.94
N GLY I 192 -11.32 7.65 21.87
CA GLY I 192 -11.89 8.97 21.76
C GLY I 192 -13.23 9.03 21.05
N PHE I 193 -13.69 7.91 20.50
CA PHE I 193 -15.00 7.79 19.89
C PHE I 193 -15.77 6.70 20.62
N ALA I 194 -17.10 6.76 20.54
CA ALA I 194 -17.95 5.74 21.12
C ALA I 194 -19.13 5.47 20.21
N ILE I 195 -19.69 4.28 20.34
CA ILE I 195 -20.86 3.86 19.58
C ILE I 195 -22.04 3.83 20.54
N LEU I 196 -23.11 4.55 20.19
CA LEU I 196 -24.31 4.61 21.00
C LEU I 196 -25.31 3.57 20.50
N LYS I 197 -25.78 2.72 21.40
CA LYS I 197 -26.70 1.65 21.07
C LYS I 197 -28.08 1.97 21.63
N CYS I 198 -29.10 1.91 20.77
CA CYS I 198 -30.48 2.14 21.20
C CYS I 198 -31.02 0.84 21.78
N LYS I 199 -31.17 0.80 23.10
CA LYS I 199 -31.67 -0.39 23.80
C LYS I 199 -33.19 -0.48 23.79
N ASP I 200 -33.86 0.29 22.94
CA ASP I 200 -35.30 0.18 22.79
C ASP I 200 -35.66 -1.13 22.11
N LYS I 201 -36.74 -1.76 22.58
CA LYS I 201 -37.20 -3.02 22.01
C LYS I 201 -38.20 -2.84 20.87
N LYS I 202 -38.75 -1.65 20.71
CA LYS I 202 -39.70 -1.34 19.65
C LYS I 202 -39.17 -0.22 18.77
N PHE I 203 -37.89 -0.28 18.43
CA PHE I 203 -37.25 0.79 17.69
C PHE I 203 -37.45 0.58 16.19
N ASN I 204 -37.83 1.66 15.51
CA ASN I 204 -38.00 1.71 14.08
C ASN I 204 -37.01 2.65 13.41
N GLY I 205 -35.84 2.82 14.02
CA GLY I 205 -34.70 3.44 13.40
C GLY I 205 -34.79 4.93 13.19
N THR I 206 -35.80 5.60 13.73
CA THR I 206 -35.95 7.03 13.56
C THR I 206 -36.69 7.58 14.77
N GLY I 207 -36.24 8.73 15.27
CA GLY I 207 -36.86 9.37 16.40
C GLY I 207 -36.09 9.14 17.69
N PRO I 208 -36.51 9.81 18.75
CA PRO I 208 -35.78 9.72 20.02
C PRO I 208 -35.76 8.31 20.56
N CYS I 209 -34.63 7.94 21.16
CA CYS I 209 -34.44 6.68 21.86
C CYS I 209 -34.15 7.02 23.33
N PRO I 210 -35.14 6.92 24.22
CA PRO I 210 -34.96 7.37 25.60
C PRO I 210 -34.13 6.42 26.45
N SER I 211 -33.81 5.23 25.96
CA SER I 211 -32.99 4.26 26.68
C SER I 211 -31.77 3.97 25.79
N VAL I 212 -30.71 4.75 26.00
CA VAL I 212 -29.50 4.65 25.20
C VAL I 212 -28.46 3.83 25.96
N SER I 213 -27.39 3.46 25.28
CA SER I 213 -26.30 2.71 25.89
C SER I 213 -25.02 3.03 25.14
N THR I 214 -23.89 2.74 25.76
CA THR I 214 -22.58 3.00 25.18
C THR I 214 -21.81 1.69 25.08
N VAL I 215 -21.31 1.39 23.88
CA VAL I 215 -20.58 0.17 23.61
C VAL I 215 -19.29 0.52 22.88
N GLN I 216 -18.28 -0.34 23.05
CA GLN I 216 -17.03 -0.12 22.32
C GLN I 216 -17.18 -0.46 20.86
N CYS I 217 -17.82 -1.59 20.55
CA CYS I 217 -18.15 -1.89 19.16
C CYS I 217 -19.32 -2.87 19.10
N THR I 218 -19.91 -2.94 17.91
CA THR I 218 -21.17 -3.61 17.67
C THR I 218 -21.07 -5.11 17.97
N HIS I 219 -22.22 -5.76 17.94
CA HIS I 219 -22.30 -7.20 18.06
C HIS I 219 -21.77 -7.86 16.78
N GLY I 220 -21.78 -9.18 16.76
CA GLY I 220 -21.33 -9.91 15.59
C GLY I 220 -22.27 -9.71 14.42
N ILE I 221 -21.72 -9.36 13.26
CA ILE I 221 -22.48 -9.10 12.05
C ILE I 221 -21.95 -10.02 10.97
N LYS I 222 -22.68 -11.09 10.68
CA LYS I 222 -22.30 -11.94 9.57
C LYS I 222 -22.48 -11.17 8.26
N PRO I 223 -21.47 -11.08 7.42
CA PRO I 223 -21.59 -10.40 6.13
C PRO I 223 -22.27 -11.28 5.08
N VAL I 224 -23.46 -11.77 5.40
CA VAL I 224 -24.23 -12.59 4.46
C VAL I 224 -25.10 -11.67 3.62
N VAL I 225 -25.00 -11.82 2.29
CA VAL I 225 -25.76 -11.02 1.34
C VAL I 225 -26.79 -11.92 0.66
N SER I 226 -28.03 -11.46 0.61
CA SER I 226 -29.12 -12.21 0.03
C SER I 226 -30.17 -11.24 -0.48
N THR I 227 -31.13 -11.76 -1.24
CA THR I 227 -32.21 -10.96 -1.78
C THR I 227 -33.55 -11.58 -1.42
N GLN I 228 -34.53 -10.72 -1.12
CA GLN I 228 -35.91 -11.03 -0.80
C GLN I 228 -36.10 -11.60 0.59
N LEU I 229 -35.03 -11.98 1.28
CA LEU I 229 -35.15 -12.66 2.58
C LEU I 229 -33.82 -12.53 3.29
N LEU I 230 -33.86 -12.09 4.54
CA LEU I 230 -32.66 -11.80 5.32
C LEU I 230 -32.35 -13.02 6.18
N LEU I 231 -31.41 -13.84 5.73
CA LEU I 231 -31.06 -15.07 6.42
C LEU I 231 -30.02 -14.82 7.48
N ASN I 232 -30.09 -15.59 8.56
CA ASN I 232 -29.06 -15.61 9.60
C ASN I 232 -28.85 -14.24 10.24
N GLY I 233 -29.86 -13.38 10.20
CA GLY I 233 -29.77 -12.05 10.75
C GLY I 233 -30.14 -12.02 12.22
N SER I 234 -30.54 -10.84 12.68
CA SER I 234 -30.97 -10.64 14.06
C SER I 234 -32.48 -10.45 14.11
N LEU I 235 -33.09 -10.97 15.16
CA LEU I 235 -34.53 -10.96 15.33
C LEU I 235 -34.97 -9.79 16.20
N ALA I 236 -36.17 -9.30 15.92
CA ALA I 236 -36.79 -8.32 16.80
C ALA I 236 -37.09 -8.95 18.16
N GLU I 237 -36.95 -8.15 19.21
CA GLU I 237 -37.08 -8.69 20.56
C GLU I 237 -38.53 -9.04 20.88
N GLU I 238 -39.48 -8.20 20.48
CA GLU I 238 -40.87 -8.39 20.85
C GLU I 238 -41.77 -8.71 19.66
N GLU I 239 -41.78 -7.88 18.63
CA GLU I 239 -42.77 -8.00 17.56
C GLU I 239 -42.10 -7.82 16.21
N VAL I 240 -42.86 -8.11 15.16
CA VAL I 240 -42.40 -7.84 13.80
C VAL I 240 -42.28 -6.33 13.61
N MET I 241 -41.15 -5.89 13.06
CA MET I 241 -40.87 -4.48 12.92
C MET I 241 -40.79 -4.12 11.44
N ILE I 242 -41.54 -3.09 11.05
CA ILE I 242 -41.56 -2.57 9.69
C ILE I 242 -40.78 -1.27 9.68
N ARG I 243 -39.81 -1.17 8.77
CA ARG I 243 -38.97 0.03 8.68
C ARG I 243 -38.79 0.39 7.22
N SER I 244 -39.21 1.59 6.85
CA SER I 244 -39.02 2.10 5.50
C SER I 244 -38.54 3.54 5.59
N GLU I 245 -37.76 3.95 4.59
CA GLU I 245 -37.27 5.33 4.55
C GLU I 245 -38.41 6.32 4.44
N ASN I 246 -39.40 6.00 3.61
CA ASN I 246 -40.55 6.87 3.38
C ASN I 246 -41.73 5.93 3.10
N ILE I 247 -42.52 5.62 4.14
CA ILE I 247 -43.53 4.59 4.01
C ILE I 247 -44.66 4.95 3.05
N THR I 248 -44.68 6.18 2.54
CA THR I 248 -45.67 6.58 1.55
C THR I 248 -45.11 6.59 0.13
N ASN I 249 -43.87 6.14 -0.05
CA ASN I 249 -43.24 6.09 -1.36
C ASN I 249 -43.17 4.63 -1.82
N ASN I 250 -43.60 4.40 -3.06
CA ASN I 250 -43.53 3.05 -3.62
C ASN I 250 -42.11 2.67 -3.99
N ALA I 251 -41.26 3.64 -4.31
CA ALA I 251 -39.88 3.37 -4.69
C ALA I 251 -38.99 3.05 -3.49
N LYS I 252 -39.52 3.12 -2.28
CA LYS I 252 -38.77 2.84 -1.07
C LYS I 252 -39.01 1.40 -0.63
N ASN I 253 -37.93 0.68 -0.34
CA ASN I 253 -38.06 -0.69 0.16
C ASN I 253 -38.58 -0.69 1.60
N ILE I 254 -39.22 -1.80 1.97
CA ILE I 254 -39.70 -2.02 3.32
C ILE I 254 -38.91 -3.18 3.91
N LEU I 255 -38.35 -2.98 5.09
CA LEU I 255 -37.54 -3.99 5.77
C LEU I 255 -38.33 -4.55 6.95
N VAL I 256 -38.78 -5.78 6.82
CA VAL I 256 -39.45 -6.48 7.91
C VAL I 256 -38.41 -7.21 8.74
N GLN I 257 -38.74 -7.46 10.01
CA GLN I 257 -37.85 -8.17 10.92
C GLN I 257 -38.67 -9.10 11.79
N PHE I 258 -38.44 -10.40 11.63
CA PHE I 258 -39.19 -11.41 12.36
C PHE I 258 -38.73 -11.47 13.81
N ASN I 259 -39.68 -11.62 14.72
CA ASN I 259 -39.32 -11.86 16.12
C ASN I 259 -38.89 -13.30 16.34
N THR I 260 -39.40 -14.23 15.55
CA THR I 260 -39.05 -15.65 15.64
C THR I 260 -38.55 -16.10 14.27
N PRO I 261 -37.40 -16.74 14.19
CA PRO I 261 -36.87 -17.15 12.88
C PRO I 261 -37.73 -18.21 12.23
N VAL I 262 -37.74 -18.21 10.91
CA VAL I 262 -38.33 -19.26 10.10
C VAL I 262 -37.19 -20.03 9.47
N GLN I 263 -37.09 -21.32 9.80
CA GLN I 263 -35.99 -22.14 9.31
C GLN I 263 -36.21 -22.55 7.86
N ILE I 264 -35.15 -22.44 7.06
CA ILE I 264 -35.20 -22.77 5.65
C ILE I 264 -34.06 -23.76 5.36
N ASN I 265 -34.41 -24.99 5.03
CA ASN I 265 -33.45 -26.01 4.65
C ASN I 265 -33.39 -26.10 3.14
N CYS I 266 -32.19 -26.20 2.59
CA CYS I 266 -32.05 -26.57 1.19
C CYS I 266 -30.68 -27.12 0.85
N THR I 267 -30.63 -27.82 -0.27
CA THR I 267 -29.57 -28.74 -0.62
C THR I 267 -29.30 -28.65 -2.12
N ARG I 268 -28.13 -29.14 -2.51
CA ARG I 268 -27.82 -29.48 -3.89
C ARG I 268 -27.55 -30.98 -3.89
N PRO I 269 -28.58 -31.80 -4.12
CA PRO I 269 -28.45 -33.24 -3.87
C PRO I 269 -27.58 -33.97 -4.89
N ASN I 270 -27.00 -33.25 -5.85
CA ASN I 270 -26.15 -33.88 -6.84
C ASN I 270 -24.73 -34.00 -6.31
N ASN I 271 -24.18 -35.20 -6.38
CA ASN I 271 -22.82 -35.47 -5.90
C ASN I 271 -21.86 -35.11 -7.03
N ASN I 272 -21.47 -33.83 -7.08
CA ASN I 272 -20.62 -33.34 -8.14
C ASN I 272 -19.19 -33.84 -7.97
N THR I 273 -18.35 -33.52 -8.95
CA THR I 273 -16.93 -33.87 -8.90
C THR I 273 -16.17 -32.78 -9.63
N ARG I 274 -15.24 -32.13 -8.94
CA ARG I 274 -14.42 -31.10 -9.55
C ARG I 274 -13.27 -31.74 -10.31
N LYS I 275 -12.99 -31.20 -11.49
CA LYS I 275 -11.86 -31.65 -12.30
C LYS I 275 -11.08 -30.43 -12.79
N SER I 276 -9.78 -30.62 -12.99
CA SER I 276 -8.88 -29.53 -13.30
C SER I 276 -8.55 -29.52 -14.78
N ILE I 277 -8.66 -28.35 -15.39
CA ILE I 277 -8.27 -28.12 -16.78
C ILE I 277 -7.19 -27.06 -16.79
N ARG I 278 -6.10 -27.32 -17.50
CA ARG I 278 -4.98 -26.38 -17.53
C ARG I 278 -5.21 -25.36 -18.62
N ILE I 279 -5.54 -24.13 -18.23
CA ILE I 279 -5.75 -23.06 -19.20
C ILE I 279 -4.45 -22.37 -19.57
N GLY I 280 -3.38 -22.60 -18.83
CA GLY I 280 -2.09 -22.02 -19.10
C GLY I 280 -1.02 -22.65 -18.24
N PRO I 281 0.22 -22.19 -18.37
CA PRO I 281 1.30 -22.69 -17.51
C PRO I 281 1.11 -22.17 -16.08
N GLY I 282 0.95 -23.10 -15.15
CA GLY I 282 0.71 -22.74 -13.77
C GLY I 282 -0.63 -22.06 -13.54
N GLN I 283 -1.68 -22.51 -14.24
CA GLN I 283 -3.02 -21.94 -14.10
C GLN I 283 -4.03 -23.02 -14.41
N ALA I 284 -4.91 -23.31 -13.48
CA ALA I 284 -5.85 -24.42 -13.60
C ALA I 284 -7.28 -23.90 -13.58
N PHE I 285 -8.11 -24.48 -14.43
CA PHE I 285 -9.54 -24.21 -14.48
C PHE I 285 -10.26 -25.37 -13.82
N TYR I 286 -11.03 -25.09 -12.77
CA TYR I 286 -11.68 -26.12 -11.98
C TYR I 286 -13.10 -26.33 -12.50
N ALA I 287 -13.24 -27.19 -13.50
CA ALA I 287 -14.53 -27.47 -14.11
C ALA I 287 -15.21 -28.61 -13.37
N THR I 288 -16.38 -29.01 -13.89
CA THR I 288 -17.15 -30.10 -13.32
C THR I 288 -16.98 -31.33 -14.20
N GLY I 289 -16.52 -32.42 -13.61
CA GLY I 289 -16.29 -33.65 -14.36
C GLY I 289 -17.57 -34.37 -14.70
N ASP I 290 -18.27 -34.87 -13.69
CA ASP I 290 -19.47 -35.66 -13.89
C ASP I 290 -20.29 -35.63 -12.62
N ILE I 291 -21.42 -36.34 -12.61
CA ILE I 291 -22.29 -36.47 -11.46
C ILE I 291 -22.39 -37.96 -11.12
N ILE I 292 -22.10 -38.30 -9.87
CA ILE I 292 -22.10 -39.68 -9.41
C ILE I 292 -23.47 -39.96 -8.80
N GLY I 293 -24.38 -40.49 -9.60
CA GLY I 293 -25.69 -40.86 -9.11
C GLY I 293 -26.82 -40.25 -9.92
N ASP I 294 -28.02 -40.20 -9.34
CA ASP I 294 -29.15 -39.59 -10.02
C ASP I 294 -28.97 -38.07 -10.09
N ILE I 295 -29.50 -37.49 -11.14
CA ILE I 295 -29.43 -36.04 -11.36
C ILE I 295 -30.72 -35.45 -10.79
N ARG I 296 -30.61 -34.82 -9.62
CA ARG I 296 -31.75 -34.24 -8.93
C ARG I 296 -31.69 -32.72 -9.03
N GLN I 297 -32.74 -32.09 -8.50
CA GLN I 297 -32.90 -30.64 -8.55
C GLN I 297 -32.69 -30.05 -7.17
N ALA I 298 -32.01 -28.91 -7.11
CA ALA I 298 -31.87 -28.19 -5.85
C ALA I 298 -33.19 -27.57 -5.44
N HIS I 299 -33.33 -27.29 -4.14
CA HIS I 299 -34.58 -26.77 -3.61
C HIS I 299 -34.38 -26.40 -2.15
N CYS I 300 -35.13 -25.41 -1.70
CA CYS I 300 -35.19 -25.02 -0.29
C CYS I 300 -36.53 -25.47 0.26
N ASN I 301 -36.57 -25.74 1.57
CA ASN I 301 -37.79 -26.18 2.24
C ASN I 301 -38.12 -25.23 3.38
N VAL I 302 -39.38 -24.80 3.44
CA VAL I 302 -39.89 -23.95 4.51
C VAL I 302 -41.15 -24.60 5.06
N SER I 303 -41.29 -24.61 6.39
CA SER I 303 -42.47 -25.18 7.00
C SER I 303 -43.71 -24.40 6.57
N LYS I 304 -44.75 -25.12 6.17
CA LYS I 304 -45.96 -24.48 5.67
C LYS I 304 -46.69 -23.73 6.77
N ALA I 305 -46.79 -24.33 7.96
CA ALA I 305 -47.51 -23.70 9.06
C ALA I 305 -46.71 -22.55 9.67
N THR I 306 -45.40 -22.75 9.87
CA THR I 306 -44.60 -21.70 10.49
C THR I 306 -44.54 -20.45 9.61
N TRP I 307 -44.42 -20.64 8.29
CA TRP I 307 -44.47 -19.50 7.39
C TRP I 307 -45.85 -18.85 7.43
N ASN I 308 -46.90 -19.65 7.49
CA ASN I 308 -48.25 -19.11 7.48
C ASN I 308 -48.52 -18.21 8.67
N GLU I 309 -48.10 -18.63 9.87
CA GLU I 309 -48.34 -17.83 11.05
C GLU I 309 -47.40 -16.63 11.13
N THR I 310 -46.15 -16.78 10.68
CA THR I 310 -45.23 -15.65 10.63
C THR I 310 -45.61 -14.63 9.58
N LEU I 311 -46.42 -15.01 8.59
CA LEU I 311 -46.89 -14.08 7.57
C LEU I 311 -48.17 -13.37 7.97
N GLY I 312 -48.88 -13.89 8.97
CA GLY I 312 -50.00 -13.15 9.55
C GLY I 312 -49.60 -12.19 10.63
N LYS I 313 -48.38 -12.34 11.16
CA LYS I 313 -47.81 -11.34 12.05
C LYS I 313 -47.31 -10.12 11.26
N VAL I 314 -46.84 -10.36 10.04
CA VAL I 314 -46.39 -9.27 9.18
C VAL I 314 -47.57 -8.44 8.70
N VAL I 315 -48.68 -9.09 8.34
CA VAL I 315 -49.84 -8.37 7.85
C VAL I 315 -50.54 -7.61 8.95
N LYS I 316 -50.39 -8.03 10.21
CA LYS I 316 -50.98 -7.29 11.31
C LYS I 316 -50.26 -5.96 11.53
N GLN I 317 -48.95 -5.94 11.37
CA GLN I 317 -48.20 -4.69 11.46
C GLN I 317 -48.32 -3.84 10.21
N LEU I 318 -48.42 -4.46 9.03
CA LEU I 318 -48.68 -3.70 7.81
C LEU I 318 -50.01 -2.98 7.88
N ARG I 319 -50.91 -3.42 8.75
CA ARG I 319 -52.18 -2.73 8.96
C ARG I 319 -52.05 -1.52 9.87
N LYS I 320 -50.94 -1.38 10.59
CA LYS I 320 -50.70 -0.20 11.40
C LYS I 320 -50.25 0.99 10.56
N HIS I 321 -49.76 0.75 9.34
CA HIS I 321 -49.35 1.82 8.45
C HIS I 321 -50.27 1.98 7.24
N PHE I 322 -51.10 0.97 6.94
CA PHE I 322 -51.92 0.96 5.74
C PHE I 322 -53.39 0.79 6.08
N GLY I 323 -53.81 1.31 7.23
CA GLY I 323 -55.20 1.24 7.62
C GLY I 323 -55.58 -0.05 8.31
N ASN I 324 -56.32 0.07 9.42
CA ASN I 324 -56.74 -1.11 10.16
C ASN I 324 -57.68 -1.99 9.36
N ASN I 325 -58.37 -1.42 8.37
CA ASN I 325 -59.33 -2.15 7.54
C ASN I 325 -58.90 -2.03 6.08
N THR I 326 -58.05 -2.95 5.64
CA THR I 326 -57.60 -3.00 4.26
C THR I 326 -57.21 -4.43 3.92
N ILE I 327 -57.29 -4.77 2.65
CA ILE I 327 -56.93 -6.10 2.16
C ILE I 327 -55.49 -6.03 1.67
N ILE I 328 -54.63 -6.85 2.26
CA ILE I 328 -53.20 -6.86 1.97
C ILE I 328 -52.87 -8.18 1.30
N ARG I 329 -52.37 -8.12 0.07
CA ARG I 329 -52.04 -9.33 -0.68
C ARG I 329 -50.59 -9.27 -1.12
N PHE I 330 -49.89 -10.39 -0.96
CA PHE I 330 -48.51 -10.54 -1.38
C PHE I 330 -48.47 -11.15 -2.77
N ALA I 331 -47.46 -10.78 -3.54
CA ALA I 331 -47.28 -11.30 -4.89
C ALA I 331 -45.80 -11.48 -5.16
N ASN I 332 -45.49 -12.31 -6.16
CA ASN I 332 -44.09 -12.59 -6.47
C ASN I 332 -43.48 -11.44 -7.26
N SER I 333 -42.14 -11.43 -7.29
CA SER I 333 -41.41 -10.31 -7.87
C SER I 333 -41.76 -10.14 -9.35
N SER I 334 -41.79 -8.88 -9.78
CA SER I 334 -42.24 -8.53 -11.12
C SER I 334 -41.16 -8.79 -12.19
N GLY I 335 -40.02 -8.12 -12.07
CA GLY I 335 -38.99 -8.25 -13.08
C GLY I 335 -37.64 -7.82 -12.53
N GLY I 336 -36.64 -7.93 -13.39
CA GLY I 336 -35.27 -7.57 -13.06
C GLY I 336 -34.34 -8.75 -13.25
N ASP I 337 -33.13 -8.59 -12.72
CA ASP I 337 -32.14 -9.65 -12.80
C ASP I 337 -32.64 -10.90 -12.06
N LEU I 338 -31.92 -12.00 -12.23
CA LEU I 338 -32.26 -13.22 -11.52
C LEU I 338 -32.01 -13.11 -10.02
N GLU I 339 -31.28 -12.09 -9.58
CA GLU I 339 -31.02 -11.94 -8.15
C GLU I 339 -32.05 -11.06 -7.46
N VAL I 340 -32.76 -10.22 -8.21
CA VAL I 340 -33.80 -9.39 -7.63
C VAL I 340 -35.17 -10.07 -7.69
N THR I 341 -35.40 -10.91 -8.69
CA THR I 341 -36.66 -11.62 -8.84
C THR I 341 -36.68 -12.98 -8.15
N THR I 342 -35.53 -13.48 -7.72
CA THR I 342 -35.45 -14.75 -7.02
C THR I 342 -34.68 -14.57 -5.73
N HIS I 343 -34.97 -15.43 -4.75
CA HIS I 343 -34.26 -15.39 -3.48
C HIS I 343 -32.89 -16.02 -3.68
N SER I 344 -31.90 -15.20 -4.01
CA SER I 344 -30.55 -15.66 -4.24
C SER I 344 -29.76 -15.58 -2.95
N PHE I 345 -28.93 -16.59 -2.71
CA PHE I 345 -28.02 -16.61 -1.57
C PHE I 345 -26.82 -17.45 -1.94
N ASN I 346 -25.94 -17.70 -0.97
CA ASN I 346 -24.69 -18.41 -1.20
C ASN I 346 -24.53 -19.43 -0.07
N CYS I 347 -24.80 -20.69 -0.39
CA CYS I 347 -24.82 -21.77 0.60
C CYS I 347 -23.59 -22.64 0.40
N GLY I 348 -22.56 -22.41 1.21
CA GLY I 348 -21.34 -23.19 1.12
C GLY I 348 -20.58 -23.05 -0.18
N GLY I 349 -20.42 -21.83 -0.68
CA GLY I 349 -19.70 -21.61 -1.91
C GLY I 349 -20.51 -21.83 -3.17
N GLU I 350 -21.79 -22.18 -3.05
CA GLU I 350 -22.68 -22.41 -4.18
C GLU I 350 -23.77 -21.37 -4.14
N PHE I 351 -24.04 -20.72 -5.27
CA PHE I 351 -24.98 -19.60 -5.35
C PHE I 351 -26.32 -20.10 -5.86
N PHE I 352 -27.35 -20.00 -5.03
CA PHE I 352 -28.69 -20.44 -5.33
C PHE I 352 -29.56 -19.27 -5.76
N TYR I 353 -30.50 -19.54 -6.66
CA TYR I 353 -31.52 -18.56 -7.06
C TYR I 353 -32.88 -19.24 -6.97
N CYS I 354 -33.46 -19.23 -5.77
CA CYS I 354 -34.68 -19.97 -5.53
C CYS I 354 -35.90 -19.21 -6.03
N ASN I 355 -36.90 -19.97 -6.47
CA ASN I 355 -38.15 -19.41 -7.00
C ASN I 355 -39.11 -19.24 -5.84
N THR I 356 -39.16 -18.04 -5.27
CA THR I 356 -39.96 -17.77 -4.08
C THR I 356 -41.36 -17.30 -4.47
N SER I 357 -42.03 -18.10 -5.31
CA SER I 357 -43.38 -17.81 -5.73
C SER I 357 -44.44 -18.52 -4.91
N GLY I 358 -44.08 -19.61 -4.23
CA GLY I 358 -45.00 -20.25 -3.31
C GLY I 358 -45.09 -19.61 -1.95
N LEU I 359 -44.13 -18.74 -1.62
CA LEU I 359 -44.18 -18.00 -0.36
C LEU I 359 -45.14 -16.81 -0.47
N PHE I 360 -44.95 -15.98 -1.49
CA PHE I 360 -45.73 -14.76 -1.65
C PHE I 360 -46.86 -15.00 -2.65
N ASN I 361 -47.84 -15.76 -2.19
CA ASN I 361 -49.01 -16.12 -3.00
C ASN I 361 -50.28 -16.05 -2.16
N SER I 362 -50.43 -14.99 -1.38
CA SER I 362 -51.52 -14.90 -0.41
C SER I 362 -52.34 -13.64 -0.62
N THR I 363 -53.41 -13.52 0.17
CA THR I 363 -54.26 -12.32 0.18
C THR I 363 -55.04 -12.32 1.48
N TRP I 364 -54.90 -11.25 2.26
CA TRP I 364 -55.41 -11.20 3.62
C TRP I 364 -56.49 -10.14 3.72
N ILE I 365 -57.63 -10.54 4.27
CA ILE I 365 -58.76 -9.63 4.52
C ILE I 365 -58.91 -9.47 6.02
N SER I 366 -59.51 -8.34 6.41
CA SER I 366 -59.64 -7.99 7.83
C SER I 366 -60.85 -8.73 8.40
N ASN I 367 -60.59 -9.86 9.04
CA ASN I 367 -61.64 -10.67 9.67
C ASN I 367 -62.87 -10.81 8.79
N ASN I 379 -44.40 -32.86 9.08
CA ASN I 379 -45.46 -31.89 8.79
C ASN I 379 -45.29 -31.32 7.40
N ASP I 380 -46.29 -30.58 6.93
CA ASP I 380 -46.26 -30.07 5.55
C ASP I 380 -45.12 -29.07 5.36
N SER I 381 -44.61 -29.03 4.14
CA SER I 381 -43.50 -28.16 3.77
C SER I 381 -43.77 -27.51 2.43
N ILE I 382 -43.08 -26.40 2.19
CA ILE I 382 -43.11 -25.70 0.90
C ILE I 382 -41.74 -25.85 0.27
N THR I 383 -41.69 -26.48 -0.91
CA THR I 383 -40.44 -26.72 -1.63
C THR I 383 -40.28 -25.66 -2.70
N LEU I 384 -39.15 -24.95 -2.67
CA LEU I 384 -38.86 -23.88 -3.60
C LEU I 384 -37.79 -24.34 -4.58
N PRO I 385 -38.08 -24.43 -5.87
CA PRO I 385 -37.11 -24.97 -6.82
C PRO I 385 -35.97 -24.01 -7.12
N CYS I 386 -34.93 -24.02 -6.28
CA CYS I 386 -33.75 -23.22 -6.55
C CYS I 386 -33.02 -23.77 -7.78
N ARG I 387 -32.11 -22.95 -8.30
CA ARG I 387 -31.22 -23.37 -9.37
C ARG I 387 -29.89 -22.64 -9.20
N ILE I 388 -28.84 -23.23 -9.73
CA ILE I 388 -27.48 -22.82 -9.42
C ILE I 388 -26.92 -22.01 -10.56
N LYS I 389 -26.05 -21.06 -10.23
CA LYS I 389 -25.33 -20.25 -11.20
C LYS I 389 -23.84 -20.33 -10.88
N GLN I 390 -23.01 -20.27 -11.91
CA GLN I 390 -21.57 -20.35 -11.73
C GLN I 390 -20.84 -19.06 -12.02
N ILE I 391 -21.37 -18.22 -12.89
CA ILE I 391 -20.77 -16.91 -13.18
C ILE I 391 -21.62 -15.85 -12.49
N ILE I 392 -20.99 -15.07 -11.62
CA ILE I 392 -21.67 -14.10 -10.77
C ILE I 392 -21.18 -12.71 -11.13
N ASN I 393 -22.11 -11.79 -11.34
CA ASN I 393 -21.80 -10.41 -11.64
C ASN I 393 -21.88 -9.56 -10.37
N MET I 394 -21.08 -8.49 -10.34
CA MET I 394 -21.13 -7.61 -9.17
C MET I 394 -22.33 -6.68 -9.26
N TRP I 395 -22.84 -6.29 -8.10
CA TRP I 395 -24.23 -5.86 -7.98
C TRP I 395 -24.48 -4.42 -8.39
N GLN I 396 -23.84 -3.45 -7.73
CA GLN I 396 -24.10 -2.07 -8.09
C GLN I 396 -23.44 -1.78 -9.42
N ARG I 397 -23.02 -2.85 -10.09
CA ARG I 397 -22.67 -2.87 -11.51
C ARG I 397 -21.21 -2.50 -11.75
N ILE I 398 -20.55 -3.35 -12.53
CA ILE I 398 -19.25 -3.10 -13.15
C ILE I 398 -19.13 -4.15 -14.24
N GLY I 399 -18.29 -3.91 -15.24
CA GLY I 399 -18.05 -4.93 -16.23
C GLY I 399 -17.18 -6.05 -15.68
N GLN I 400 -17.62 -6.66 -14.58
CA GLN I 400 -16.83 -7.67 -13.89
C GLN I 400 -17.72 -8.80 -13.41
N ALA I 401 -17.12 -9.98 -13.27
CA ALA I 401 -17.84 -11.18 -12.89
C ALA I 401 -16.89 -12.11 -12.17
N MET I 402 -17.46 -13.07 -11.45
CA MET I 402 -16.70 -14.06 -10.70
C MET I 402 -17.18 -15.44 -11.07
N TYR I 403 -16.25 -16.35 -11.33
CA TYR I 403 -16.59 -17.75 -11.56
C TYR I 403 -16.36 -18.53 -10.28
N ALA I 404 -17.40 -19.19 -9.79
CA ALA I 404 -17.32 -19.93 -8.54
C ALA I 404 -17.02 -21.40 -8.86
N PRO I 405 -15.84 -21.90 -8.53
CA PRO I 405 -15.52 -23.28 -8.89
C PRO I 405 -16.48 -24.24 -8.22
N PRO I 406 -16.76 -25.38 -8.85
CA PRO I 406 -17.74 -26.30 -8.28
C PRO I 406 -17.30 -26.83 -6.93
N ILE I 407 -18.29 -27.17 -6.11
CA ILE I 407 -18.06 -27.83 -4.83
C ILE I 407 -18.19 -29.33 -5.03
N GLN I 408 -17.18 -30.07 -4.60
CA GLN I 408 -17.17 -31.52 -4.75
C GLN I 408 -17.89 -32.14 -3.55
N GLY I 409 -19.13 -32.55 -3.77
CA GLY I 409 -19.91 -33.19 -2.73
C GLY I 409 -21.37 -32.80 -2.84
N VAL I 410 -22.09 -33.03 -1.74
CA VAL I 410 -23.51 -32.73 -1.65
C VAL I 410 -23.68 -31.57 -0.69
N ILE I 411 -24.24 -30.46 -1.18
CA ILE I 411 -24.43 -29.26 -0.37
C ILE I 411 -25.71 -29.41 0.44
N ARG I 412 -25.62 -29.07 1.73
CA ARG I 412 -26.79 -29.12 2.61
C ARG I 412 -26.61 -28.16 3.77
N CYS I 413 -27.23 -26.98 3.69
CA CYS I 413 -27.16 -26.00 4.76
C CYS I 413 -28.57 -25.57 5.16
N VAL I 414 -28.72 -25.28 6.45
CA VAL I 414 -29.96 -24.78 7.00
C VAL I 414 -29.68 -23.43 7.65
N SER I 415 -30.67 -22.55 7.59
CA SER I 415 -30.49 -21.19 8.09
C SER I 415 -31.83 -20.65 8.55
N ASN I 416 -31.78 -19.46 9.13
CA ASN I 416 -32.96 -18.78 9.65
C ASN I 416 -33.32 -17.63 8.73
N ILE I 417 -34.59 -17.52 8.36
CA ILE I 417 -35.11 -16.30 7.76
C ILE I 417 -35.44 -15.35 8.88
N THR I 418 -34.83 -14.16 8.86
CA THR I 418 -35.02 -13.18 9.93
C THR I 418 -35.63 -11.89 9.42
N GLY I 419 -36.15 -11.87 8.21
CA GLY I 419 -36.78 -10.67 7.69
C GLY I 419 -37.05 -10.79 6.21
N LEU I 420 -37.68 -9.74 5.69
CA LEU I 420 -38.01 -9.61 4.28
C LEU I 420 -37.63 -8.22 3.80
N ILE I 421 -37.40 -8.09 2.50
CA ILE I 421 -37.22 -6.81 1.85
C ILE I 421 -38.37 -6.67 0.85
N LEU I 422 -39.41 -5.95 1.23
CA LEU I 422 -40.62 -5.85 0.43
C LEU I 422 -40.61 -4.60 -0.42
N THR I 423 -41.62 -4.51 -1.29
CA THR I 423 -41.84 -3.32 -2.11
C THR I 423 -43.32 -3.21 -2.41
N ARG I 424 -43.77 -1.97 -2.58
CA ARG I 424 -45.15 -1.67 -2.94
C ARG I 424 -45.22 -1.25 -4.40
N ASP I 425 -46.41 -1.40 -4.98
CA ASP I 425 -46.65 -1.03 -6.36
C ASP I 425 -47.70 0.06 -6.42
N GLY I 426 -47.55 0.95 -7.41
CA GLY I 426 -48.43 2.10 -7.50
C GLY I 426 -49.87 1.69 -7.77
N GLY I 427 -50.79 2.54 -7.32
CA GLY I 427 -52.21 2.28 -7.48
C GLY I 427 -52.98 2.47 -6.20
N SER I 428 -52.29 2.87 -5.13
CA SER I 428 -52.92 3.05 -3.81
C SER I 428 -53.33 4.52 -3.65
N THR I 429 -54.18 4.97 -4.58
CA THR I 429 -54.77 6.29 -4.49
C THR I 429 -56.29 6.17 -4.44
N ASN I 430 -56.84 5.29 -5.26
CA ASN I 430 -58.26 4.96 -5.26
C ASN I 430 -58.51 3.52 -4.81
N SER I 431 -57.55 2.63 -5.07
CA SER I 431 -57.72 1.23 -4.73
C SER I 431 -57.75 1.05 -3.22
N THR I 432 -58.46 0.01 -2.78
CA THR I 432 -58.58 -0.35 -1.37
C THR I 432 -57.76 -1.61 -1.04
N THR I 433 -56.71 -1.86 -1.81
CA THR I 433 -55.90 -3.06 -1.63
C THR I 433 -54.43 -2.70 -1.80
N GLU I 434 -53.58 -3.48 -1.16
CA GLU I 434 -52.14 -3.28 -1.24
C GLU I 434 -51.47 -4.58 -1.66
N THR I 435 -50.59 -4.48 -2.65
CA THR I 435 -49.78 -5.60 -3.11
C THR I 435 -48.34 -5.38 -2.70
N PHE I 436 -47.69 -6.43 -2.20
CA PHE I 436 -46.34 -6.34 -1.66
C PHE I 436 -45.45 -7.36 -2.35
N ARG I 437 -44.87 -6.98 -3.47
CA ARG I 437 -43.88 -7.83 -4.11
C ARG I 437 -42.58 -7.80 -3.30
N PRO I 438 -41.85 -8.90 -3.23
CA PRO I 438 -40.53 -8.89 -2.61
C PRO I 438 -39.50 -8.25 -3.52
N GLY I 439 -38.32 -7.98 -2.97
CA GLY I 439 -37.26 -7.41 -3.77
C GLY I 439 -35.96 -7.14 -3.04
N GLY I 440 -34.84 -7.42 -3.70
CA GLY I 440 -33.53 -7.09 -3.18
C GLY I 440 -32.65 -6.48 -4.26
N GLY I 441 -31.37 -6.85 -4.27
CA GLY I 441 -30.44 -6.40 -5.27
C GLY I 441 -29.56 -5.24 -4.85
N ASP I 442 -29.85 -4.62 -3.71
CA ASP I 442 -29.02 -3.55 -3.15
C ASP I 442 -28.58 -4.01 -1.77
N MET I 443 -27.30 -4.39 -1.64
CA MET I 443 -26.82 -4.90 -0.36
C MET I 443 -26.45 -3.80 0.62
N ARG I 444 -26.86 -2.55 0.35
CA ARG I 444 -26.82 -1.54 1.38
C ARG I 444 -28.02 -1.66 2.31
N ASP I 445 -29.10 -2.29 1.84
CA ASP I 445 -30.24 -2.64 2.67
C ASP I 445 -30.02 -3.95 3.40
N ASN I 446 -28.87 -4.58 3.21
CA ASN I 446 -28.47 -5.74 3.99
C ASN I 446 -27.72 -5.33 5.25
N TRP I 447 -26.92 -4.26 5.17
CA TRP I 447 -26.13 -3.82 6.31
C TRP I 447 -26.94 -2.97 7.28
N ARG I 448 -28.01 -2.34 6.83
CA ARG I 448 -28.81 -1.51 7.71
C ARG I 448 -30.00 -2.25 8.31
N SER I 449 -30.14 -3.53 8.03
CA SER I 449 -31.01 -4.40 8.81
C SER I 449 -30.29 -4.98 10.02
N GLU I 450 -29.00 -4.68 10.17
CA GLU I 450 -28.20 -5.07 11.32
C GLU I 450 -27.67 -3.89 12.11
N LEU I 451 -27.21 -2.83 11.43
CA LEU I 451 -26.60 -1.67 12.06
C LEU I 451 -27.59 -0.53 12.27
N TYR I 452 -28.89 -0.81 12.24
CA TYR I 452 -29.87 0.27 12.34
C TYR I 452 -29.86 0.97 13.69
N LYS I 453 -29.40 0.29 14.74
CA LYS I 453 -29.52 0.79 16.11
C LYS I 453 -28.21 1.35 16.65
N TYR I 454 -27.26 1.68 15.78
CA TYR I 454 -25.94 2.12 16.20
C TYR I 454 -25.66 3.52 15.68
N LYS I 455 -25.16 4.38 16.55
CA LYS I 455 -24.71 5.72 16.18
C LYS I 455 -23.31 5.92 16.71
N VAL I 456 -22.42 6.43 15.86
CA VAL I 456 -21.06 6.74 16.27
C VAL I 456 -21.01 8.20 16.71
N VAL I 457 -20.42 8.44 17.87
CA VAL I 457 -20.24 9.78 18.41
C VAL I 457 -18.77 9.97 18.76
N LYS I 458 -18.37 11.23 18.82
CA LYS I 458 -17.01 11.61 19.19
C LYS I 458 -17.07 12.37 20.51
N ILE I 459 -16.19 12.02 21.44
CA ILE I 459 -16.24 12.55 22.80
C ILE I 459 -15.36 13.80 22.87
N GLU I 460 -15.94 14.89 23.38
CA GLU I 460 -15.21 16.13 23.58
C GLU I 460 -14.94 16.30 25.07
N PRO I 461 -13.70 16.13 25.53
CA PRO I 461 -13.41 16.03 26.97
C PRO I 461 -12.97 17.32 27.66
N LEU I 462 -12.95 18.47 26.99
CA LEU I 462 -12.52 19.72 27.60
C LEU I 462 -13.73 20.60 27.88
N GLY I 463 -13.74 21.21 29.05
CA GLY I 463 -14.82 22.10 29.43
C GLY I 463 -14.31 23.23 30.29
N VAL I 464 -15.08 24.31 30.33
CA VAL I 464 -14.81 25.46 31.19
C VAL I 464 -16.07 25.74 31.99
N ALA I 465 -15.88 26.36 33.16
CA ALA I 465 -17.03 26.70 33.99
C ALA I 465 -16.60 27.56 35.17
N PRO I 466 -17.41 28.54 35.58
CA PRO I 466 -17.04 29.39 36.72
C PRO I 466 -17.27 28.66 38.03
N THR I 467 -16.25 28.64 38.90
CA THR I 467 -16.33 27.89 40.15
C THR I 467 -15.71 28.60 41.34
N ARG I 468 -15.25 29.83 41.20
CA ARG I 468 -14.69 30.62 42.30
C ARG I 468 -13.42 29.99 42.89
N CYS I 469 -12.75 29.13 42.12
CA CYS I 469 -11.36 28.81 42.39
C CYS I 469 -10.50 30.05 42.25
N LYS I 470 -9.21 29.88 42.49
CA LYS I 470 -8.25 30.89 42.07
C LYS I 470 -6.85 30.30 42.17
N ARG I 471 -6.10 30.32 41.07
CA ARG I 471 -4.75 29.81 41.08
C ARG I 471 -3.89 30.63 42.03
N ARG I 472 -3.12 29.94 42.88
CA ARG I 472 -2.27 30.61 43.85
C ARG I 472 -1.01 31.11 43.17
N VAL I 473 -0.71 32.39 43.33
CA VAL I 473 0.45 33.00 42.68
C VAL I 473 1.69 32.82 43.52
N LEU J 9 -21.78 4.73 36.77
CA LEU J 9 -20.43 4.21 36.59
C LEU J 9 -20.20 3.78 35.16
N GLY J 10 -18.96 3.96 34.68
CA GLY J 10 -18.59 3.57 33.34
C GLY J 10 -18.39 4.77 32.42
N PHE J 11 -17.67 4.50 31.34
CA PHE J 11 -17.35 5.55 30.37
C PHE J 11 -18.62 6.22 29.87
N LEU J 12 -18.76 7.52 30.19
CA LEU J 12 -19.91 8.35 29.82
C LEU J 12 -21.14 8.06 30.66
N GLY J 13 -21.02 7.29 31.73
CA GLY J 13 -22.19 6.95 32.53
C GLY J 13 -22.85 8.17 33.15
N ALA J 14 -22.04 9.12 33.62
CA ALA J 14 -22.56 10.38 34.13
C ALA J 14 -22.70 11.42 33.02
N ALA J 15 -23.39 11.05 31.96
CA ALA J 15 -23.63 11.94 30.84
C ALA J 15 -24.89 12.77 31.00
N GLY J 16 -25.94 12.19 31.57
CA GLY J 16 -27.17 12.89 31.87
C GLY J 16 -27.25 13.48 33.25
N SER J 17 -26.18 13.38 34.04
CA SER J 17 -26.17 13.97 35.37
C SER J 17 -25.86 15.46 35.29
N THR J 18 -26.37 16.20 36.26
CA THR J 18 -26.09 17.63 36.32
C THR J 18 -24.57 17.86 36.37
N MET J 19 -24.18 19.10 36.08
CA MET J 19 -22.76 19.40 35.98
C MET J 19 -22.01 19.00 37.25
N GLY J 20 -22.62 19.23 38.42
CA GLY J 20 -21.93 18.97 39.67
C GLY J 20 -21.63 17.51 39.91
N ALA J 21 -22.60 16.63 39.64
CA ALA J 21 -22.44 15.21 39.91
C ALA J 21 -21.52 14.52 38.92
N ALA J 22 -21.31 15.09 37.74
CA ALA J 22 -20.43 14.50 36.73
C ALA J 22 -18.99 14.96 36.85
N SER J 23 -18.69 15.89 37.76
CA SER J 23 -17.33 16.33 37.99
C SER J 23 -16.59 15.43 38.97
N MET J 24 -17.28 14.51 39.64
CA MET J 24 -16.63 13.57 40.53
C MET J 24 -16.08 12.34 39.79
N THR J 25 -16.48 12.15 38.54
CA THR J 25 -16.15 10.96 37.77
C THR J 25 -15.30 11.29 36.55
N LEU J 26 -14.39 12.25 36.67
CA LEU J 26 -13.61 12.69 35.52
C LEU J 26 -12.62 11.61 35.09
N THR J 27 -11.99 10.93 36.04
CA THR J 27 -10.93 9.98 35.70
C THR J 27 -11.47 8.79 34.93
N VAL J 28 -12.79 8.56 34.94
CA VAL J 28 -13.37 7.50 34.12
C VAL J 28 -13.24 7.85 32.64
N GLN J 29 -13.56 9.09 32.27
CA GLN J 29 -13.48 9.50 30.88
C GLN J 29 -12.03 9.78 30.47
N ALA J 30 -11.25 10.40 31.35
CA ALA J 30 -9.91 10.83 30.98
C ALA J 30 -8.97 9.65 30.76
N ARG J 31 -9.24 8.51 31.38
CA ARG J 31 -8.41 7.32 31.24
C ARG J 31 -8.83 6.45 30.07
N ASN J 32 -9.77 6.89 29.25
CA ASN J 32 -10.31 6.10 28.15
C ASN J 32 -10.08 6.74 26.78
N LEU J 33 -9.47 7.93 26.74
CA LEU J 33 -9.34 8.68 25.50
C LEU J 33 -8.10 8.32 24.69
N LEU J 34 -7.23 7.48 25.23
CA LEU J 34 -6.05 7.00 24.51
C LEU J 34 -6.11 5.50 24.26
N SER J 35 -6.34 4.70 25.30
CA SER J 35 -6.45 3.26 25.17
C SER J 35 -5.27 2.66 24.41
N LEU J 57 -0.93 -4.95 5.31
CA LEU J 57 -1.50 -3.70 4.86
C LEU J 57 -2.68 -3.92 3.92
N THR J 58 -3.61 -4.76 4.36
CA THR J 58 -4.80 -5.07 3.58
C THR J 58 -5.86 -4.00 3.85
N VAL J 59 -7.11 -4.27 3.46
CA VAL J 59 -8.16 -3.31 3.73
C VAL J 59 -8.39 -3.16 5.23
N TRP J 60 -8.24 -4.26 5.98
CA TRP J 60 -8.36 -4.20 7.43
C TRP J 60 -7.14 -3.52 8.06
N GLY J 61 -5.94 -3.85 7.56
CA GLY J 61 -4.73 -3.28 8.13
C GLY J 61 -4.61 -1.79 7.90
N ILE J 62 -5.08 -1.32 6.74
CA ILE J 62 -5.02 0.10 6.44
C ILE J 62 -5.91 0.89 7.38
N LYS J 63 -7.13 0.42 7.58
CA LYS J 63 -8.10 1.14 8.41
C LYS J 63 -7.91 0.87 9.90
N GLN J 64 -7.16 -0.17 10.25
CA GLN J 64 -6.73 -0.33 11.63
C GLN J 64 -5.51 0.50 11.96
N LEU J 65 -4.75 0.90 10.93
CA LEU J 65 -3.56 1.72 11.13
C LEU J 65 -3.87 3.20 11.19
N GLN J 66 -4.92 3.66 10.50
CA GLN J 66 -5.34 5.05 10.63
C GLN J 66 -6.23 5.29 11.83
N ALA J 67 -6.71 4.24 12.48
CA ALA J 67 -7.40 4.40 13.74
C ALA J 67 -6.43 4.66 14.88
N ARG J 68 -5.24 4.06 14.81
CA ARG J 68 -4.22 4.32 15.83
C ARG J 68 -3.61 5.71 15.66
N VAL J 69 -3.27 6.09 14.42
CA VAL J 69 -2.68 7.39 14.17
C VAL J 69 -3.66 8.51 14.53
N LEU J 70 -4.92 8.33 14.14
CA LEU J 70 -5.92 9.36 14.38
C LEU J 70 -6.25 9.51 15.85
N ALA J 71 -5.88 8.52 16.67
CA ALA J 71 -6.24 8.54 18.09
C ALA J 71 -5.13 9.08 18.99
N VAL J 72 -3.89 9.17 18.50
CA VAL J 72 -2.81 9.73 19.30
C VAL J 72 -2.66 11.21 18.95
N GLU J 73 -2.97 11.56 17.70
CA GLU J 73 -2.90 12.96 17.30
C GLU J 73 -4.09 13.76 17.81
N ARG J 74 -5.23 13.11 18.00
CA ARG J 74 -6.38 13.77 18.62
C ARG J 74 -6.23 13.87 20.14
N TYR J 75 -5.51 12.93 20.75
CA TYR J 75 -5.22 12.99 22.17
C TYR J 75 -4.13 14.01 22.50
N LEU J 76 -3.18 14.21 21.59
CA LEU J 76 -2.13 15.19 21.80
C LEU J 76 -2.59 16.61 21.50
N ARG J 77 -3.78 16.78 20.92
CA ARG J 77 -4.25 18.11 20.57
C ARG J 77 -4.76 18.86 21.79
N ASP J 78 -5.33 18.14 22.76
CA ASP J 78 -5.80 18.76 23.99
C ASP J 78 -4.80 18.63 25.13
N GLN J 79 -3.77 17.80 24.97
CA GLN J 79 -2.65 17.83 25.92
C GLN J 79 -1.79 19.06 25.70
N GLN J 80 -1.56 19.44 24.45
CA GLN J 80 -0.85 20.68 24.17
C GLN J 80 -1.67 21.88 24.61
N LEU J 81 -2.96 21.90 24.27
CA LEU J 81 -3.82 22.99 24.70
C LEU J 81 -3.86 23.10 26.22
N LEU J 82 -4.07 21.98 26.90
CA LEU J 82 -4.08 21.91 28.36
C LEU J 82 -2.72 22.21 28.97
N GLY J 83 -1.70 22.47 28.17
CA GLY J 83 -0.37 22.73 28.67
C GLY J 83 0.05 24.18 28.50
N ILE J 84 -0.46 24.84 27.46
CA ILE J 84 -0.27 26.29 27.34
C ILE J 84 -1.14 27.04 28.34
N TRP J 85 -2.11 26.36 28.96
CA TRP J 85 -2.92 26.94 30.03
C TRP J 85 -2.37 26.64 31.40
N GLY J 86 -1.32 25.81 31.51
CA GLY J 86 -0.70 25.49 32.77
C GLY J 86 -1.27 24.29 33.48
N CYS J 87 -2.32 23.69 32.96
CA CYS J 87 -2.99 22.55 33.61
C CYS J 87 -2.49 21.23 33.04
N SER J 88 -1.17 21.03 33.11
CA SER J 88 -0.52 19.94 32.39
C SER J 88 -1.00 18.57 32.83
N GLY J 89 -0.77 18.22 34.09
CA GLY J 89 -1.12 16.90 34.59
C GLY J 89 -2.30 16.90 35.53
N LYS J 90 -3.33 17.65 35.18
CA LYS J 90 -4.48 17.85 36.06
C LYS J 90 -5.76 17.54 35.31
N LEU J 91 -6.78 17.10 36.07
CA LEU J 91 -8.12 16.93 35.54
C LEU J 91 -9.04 18.08 35.91
N ILE J 92 -8.71 18.83 36.96
CA ILE J 92 -9.37 20.08 37.31
C ILE J 92 -8.29 21.09 37.62
N CYS J 93 -8.28 22.21 36.89
CA CYS J 93 -7.29 23.25 37.10
C CYS J 93 -8.00 24.59 37.24
N CYS J 94 -7.65 25.32 38.29
CA CYS J 94 -8.24 26.62 38.58
C CYS J 94 -7.33 27.70 37.99
N THR J 95 -7.91 28.59 37.19
CA THR J 95 -7.17 29.57 36.42
C THR J 95 -7.34 30.97 37.02
N ASN J 96 -6.58 31.91 36.48
CA ASN J 96 -6.52 33.28 36.99
C ASN J 96 -7.28 34.27 36.11
N VAL J 97 -8.33 33.80 35.43
CA VAL J 97 -9.11 34.63 34.52
C VAL J 97 -10.55 34.64 35.03
N PRO J 98 -11.16 35.81 35.21
CA PRO J 98 -12.52 35.88 35.75
C PRO J 98 -13.55 35.49 34.68
N TRP J 99 -14.82 35.47 35.09
CA TRP J 99 -15.86 34.95 34.21
C TRP J 99 -16.53 36.01 33.34
N ASN J 100 -16.43 37.29 33.68
CA ASN J 100 -16.89 38.36 32.79
C ASN J 100 -18.40 38.49 32.73
N SER J 101 -19.13 37.51 33.24
CA SER J 101 -20.56 37.65 33.53
C SER J 101 -21.39 38.01 32.31
N SER J 102 -20.75 38.21 31.16
CA SER J 102 -21.42 38.38 29.89
C SER J 102 -21.28 37.15 29.01
N TRP J 103 -20.52 36.16 29.48
CA TRP J 103 -20.46 34.84 28.91
C TRP J 103 -21.61 33.98 29.39
N SER J 104 -21.98 34.11 30.67
CA SER J 104 -23.19 33.49 31.20
C SER J 104 -23.48 34.15 32.54
N ASN J 105 -24.65 34.76 32.68
CA ASN J 105 -25.01 35.49 33.90
C ASN J 105 -25.77 34.64 34.91
N ARG J 106 -25.56 33.34 34.89
CA ARG J 106 -26.28 32.43 35.77
C ARG J 106 -25.65 32.37 37.15
N ASN J 107 -26.41 31.82 38.09
CA ASN J 107 -25.93 31.57 39.44
C ASN J 107 -24.78 30.58 39.42
N LEU J 108 -24.22 30.30 40.60
CA LEU J 108 -23.31 29.19 40.77
C LEU J 108 -24.02 27.93 41.25
N SER J 109 -25.34 27.99 41.45
CA SER J 109 -26.13 26.83 41.83
C SER J 109 -27.03 26.31 40.71
N GLU J 110 -27.54 27.19 39.84
CA GLU J 110 -28.27 26.75 38.68
C GLU J 110 -27.36 26.27 37.56
N ILE J 111 -26.05 26.48 37.69
CA ILE J 111 -25.09 25.97 36.71
C ILE J 111 -24.55 24.62 37.12
N TRP J 112 -24.24 24.44 38.41
CA TRP J 112 -23.57 23.24 38.86
C TRP J 112 -24.53 22.13 39.27
N ASP J 113 -25.77 22.47 39.61
CA ASP J 113 -26.82 21.46 39.85
C ASP J 113 -28.08 21.94 39.14
N ASN J 114 -28.20 21.59 37.86
CA ASN J 114 -29.34 21.99 37.04
C ASN J 114 -29.03 21.76 35.57
N MET J 115 -27.83 22.13 35.14
CA MET J 115 -27.43 22.02 33.75
C MET J 115 -26.41 20.90 33.61
N THR J 116 -26.65 20.01 32.65
CA THR J 116 -25.67 18.98 32.32
C THR J 116 -24.52 19.60 31.54
N TRP J 117 -23.46 18.82 31.35
CA TRP J 117 -22.29 19.35 30.66
C TRP J 117 -22.59 19.67 29.21
N LEU J 118 -23.43 18.86 28.56
CA LEU J 118 -23.80 19.13 27.17
C LEU J 118 -24.61 20.41 27.03
N GLN J 119 -25.56 20.64 27.94
CA GLN J 119 -26.33 21.88 27.92
C GLN J 119 -25.43 23.09 28.13
N TRP J 120 -24.53 23.01 29.11
CA TRP J 120 -23.62 24.12 29.37
C TRP J 120 -22.74 24.39 28.16
N ASP J 121 -22.25 23.33 27.52
CA ASP J 121 -21.41 23.51 26.34
C ASP J 121 -22.18 24.20 25.22
N LYS J 122 -23.42 23.76 24.98
CA LYS J 122 -24.20 24.39 23.92
C LYS J 122 -24.46 25.86 24.24
N GLU J 123 -24.67 26.18 25.51
CA GLU J 123 -24.95 27.57 25.88
C GLU J 123 -23.70 28.44 25.78
N ILE J 124 -22.53 27.90 26.09
CA ILE J 124 -21.31 28.70 26.18
C ILE J 124 -20.43 28.53 24.95
N SER J 125 -20.95 27.87 23.92
CA SER J 125 -20.17 27.67 22.70
C SER J 125 -19.85 28.96 21.94
N ASN J 126 -20.53 30.08 22.23
CA ASN J 126 -20.22 31.31 21.53
C ASN J 126 -18.92 31.94 22.02
N TYR J 127 -18.48 31.61 23.23
CA TYR J 127 -17.35 32.28 23.86
C TYR J 127 -16.21 31.33 24.23
N THR J 128 -16.16 30.13 23.66
CA THR J 128 -15.06 29.24 23.96
C THR J 128 -13.77 29.72 23.32
N GLN J 129 -13.83 30.14 22.05
CA GLN J 129 -12.65 30.67 21.38
C GLN J 129 -12.19 31.98 21.99
N ILE J 130 -13.03 32.64 22.78
CA ILE J 130 -12.62 33.82 23.51
C ILE J 130 -12.01 33.43 24.85
N ILE J 131 -12.66 32.50 25.56
CA ILE J 131 -12.13 32.03 26.84
C ILE J 131 -10.84 31.26 26.63
N TYR J 132 -10.73 30.51 25.54
CA TYR J 132 -9.51 29.75 25.29
C TYR J 132 -8.34 30.69 25.01
N GLY J 133 -8.59 31.80 24.32
CA GLY J 133 -7.52 32.75 24.04
C GLY J 133 -7.14 33.59 25.23
N LEU J 134 -8.03 33.71 26.22
CA LEU J 134 -7.70 34.37 27.48
C LEU J 134 -6.94 33.47 28.42
N LEU J 135 -7.11 32.15 28.28
CA LEU J 135 -6.48 31.20 29.20
C LEU J 135 -4.98 31.08 28.94
N GLU J 136 -4.54 31.28 27.71
CA GLU J 136 -3.12 31.18 27.38
C GLU J 136 -2.40 32.51 27.38
N GLU J 137 -3.09 33.61 27.08
CA GLU J 137 -2.48 34.92 27.24
C GLU J 137 -2.38 35.33 28.70
N SER J 138 -3.14 34.70 29.58
CA SER J 138 -3.05 34.93 31.01
C SER J 138 -2.12 33.95 31.71
N GLN J 139 -1.66 32.91 31.02
CA GLN J 139 -0.69 32.00 31.59
C GLN J 139 0.75 32.40 31.24
N ASN J 140 0.97 32.87 30.02
CA ASN J 140 2.24 33.53 29.72
C ASN J 140 2.22 35.00 30.10
N GLN J 141 1.67 35.26 31.28
CA GLN J 141 1.80 36.53 31.98
C GLN J 141 2.12 36.34 33.46
N GLN J 142 1.72 35.23 34.06
CA GLN J 142 2.23 34.77 35.35
C GLN J 142 3.39 33.81 35.18
N GLU J 143 3.80 33.55 33.94
CA GLU J 143 5.02 32.81 33.64
C GLU J 143 6.22 33.73 33.44
N LYS J 144 5.96 34.98 33.05
CA LYS J 144 6.99 36.01 33.04
C LYS J 144 7.04 36.78 34.35
N ASN J 145 5.90 36.91 35.04
CA ASN J 145 5.90 37.52 36.36
C ASN J 145 6.60 36.64 37.38
N GLU J 146 6.40 35.32 37.31
CA GLU J 146 7.14 34.41 38.16
C GLU J 146 8.60 34.28 37.75
N GLN J 147 8.90 34.52 36.47
CA GLN J 147 10.30 34.54 36.03
C GLN J 147 11.00 35.81 36.49
N ASP J 148 10.28 36.93 36.53
CA ASP J 148 10.85 38.16 37.07
C ASP J 148 10.98 38.09 38.59
N LEU J 149 10.04 37.41 39.25
CA LEU J 149 10.09 37.27 40.70
C LEU J 149 11.17 36.31 41.15
N LEU J 150 11.66 35.44 40.25
CA LEU J 150 12.69 34.48 40.62
C LEU J 150 14.06 35.13 40.76
N ALA J 151 14.26 36.31 40.17
CA ALA J 151 15.53 37.03 40.26
C ALA J 151 15.63 37.90 41.50
N LEU J 152 14.55 38.06 42.25
CA LEU J 152 14.54 38.92 43.42
C LEU J 152 14.51 38.10 44.69
N GLN K 1 -37.90 20.04 0.71
CA GLN K 1 -39.18 20.18 0.04
C GLN K 1 -40.33 20.21 1.04
N ILE K 2 -40.09 20.77 2.21
CA ILE K 2 -41.10 20.82 3.26
C ILE K 2 -42.19 21.82 2.85
N HIS K 3 -43.44 21.36 2.85
CA HIS K 3 -44.58 22.19 2.45
C HIS K 3 -45.75 21.86 3.36
N LEU K 4 -45.90 22.64 4.43
CA LEU K 4 -47.05 22.52 5.31
C LEU K 4 -48.22 23.26 4.69
N VAL K 5 -49.32 22.54 4.47
CA VAL K 5 -50.54 23.12 3.94
C VAL K 5 -51.65 22.91 4.97
N GLN K 6 -52.43 23.96 5.22
CA GLN K 6 -53.43 23.95 6.26
C GLN K 6 -54.83 24.04 5.67
N SER K 7 -55.82 24.07 6.54
CA SER K 7 -57.22 24.15 6.13
C SER K 7 -57.51 25.55 5.59
N GLY K 8 -58.78 25.81 5.27
CA GLY K 8 -59.18 27.08 4.70
C GLY K 8 -59.91 27.98 5.69
N THR K 9 -60.19 29.19 5.22
CA THR K 9 -60.90 30.17 6.03
C THR K 9 -62.26 29.63 6.46
N GLU K 10 -62.58 29.78 7.74
CA GLU K 10 -63.85 29.31 8.27
C GLU K 10 -64.38 30.31 9.28
N VAL K 11 -65.69 30.46 9.31
CA VAL K 11 -66.37 31.35 10.26
C VAL K 11 -67.16 30.47 11.23
N LYS K 12 -66.96 30.70 12.52
CA LYS K 12 -67.54 29.87 13.56
C LYS K 12 -68.30 30.73 14.55
N LYS K 13 -69.33 30.15 15.15
CA LYS K 13 -70.12 30.86 16.13
C LYS K 13 -69.29 31.13 17.39
N PRO K 14 -69.57 32.23 18.08
CA PRO K 14 -68.81 32.54 19.30
C PRO K 14 -69.18 31.63 20.46
N GLY K 15 -68.55 30.47 20.53
CA GLY K 15 -68.84 29.51 21.58
C GLY K 15 -68.72 28.07 21.12
N SER K 16 -68.55 27.87 19.81
CA SER K 16 -68.35 26.55 19.24
C SER K 16 -66.87 26.16 19.36
N SER K 17 -66.49 25.10 18.67
CA SER K 17 -65.12 24.61 18.66
C SER K 17 -64.61 24.54 17.22
N VAL K 18 -63.29 24.59 17.08
CA VAL K 18 -62.66 24.55 15.77
C VAL K 18 -61.54 23.51 15.79
N THR K 19 -61.14 23.07 14.60
CA THR K 19 -60.03 22.13 14.45
C THR K 19 -59.27 22.52 13.18
N VAL K 20 -58.09 23.09 13.36
CA VAL K 20 -57.23 23.43 12.24
C VAL K 20 -56.27 22.26 11.97
N SER K 21 -56.08 21.95 10.69
CA SER K 21 -55.22 20.85 10.29
C SER K 21 -53.99 21.40 9.57
N CYS K 22 -52.97 20.56 9.49
CA CYS K 22 -51.71 20.96 8.88
C CYS K 22 -50.99 19.71 8.40
N LYS K 23 -50.99 19.47 7.09
CA LYS K 23 -50.35 18.30 6.51
C LYS K 23 -48.91 18.65 6.16
N ALA K 24 -47.97 17.88 6.70
CA ALA K 24 -46.54 18.17 6.56
C ALA K 24 -45.95 17.30 5.46
N TYR K 25 -45.82 17.86 4.27
CA TYR K 25 -45.18 17.17 3.16
C TYR K 25 -43.69 17.50 3.16
N GLY K 26 -42.87 16.46 3.03
CA GLY K 26 -41.43 16.61 3.15
C GLY K 26 -40.89 16.41 4.55
N VAL K 27 -41.76 16.17 5.53
CA VAL K 27 -41.35 15.91 6.90
C VAL K 27 -41.38 14.40 7.08
N ASN K 28 -40.20 13.80 7.31
CA ASN K 28 -40.11 12.34 7.36
C ASN K 28 -40.89 11.78 8.55
N THR K 29 -40.70 12.34 9.74
CA THR K 29 -41.40 11.86 10.93
C THR K 29 -41.52 13.01 11.91
N PHE K 30 -42.43 12.86 12.87
CA PHE K 30 -42.61 13.85 13.91
C PHE K 30 -41.79 13.56 15.16
N GLY K 31 -40.94 12.54 15.13
CA GLY K 31 -40.01 12.31 16.21
C GLY K 31 -38.69 13.02 15.95
N LEU K 32 -38.49 13.44 14.69
CA LEU K 32 -37.34 14.23 14.29
C LEU K 32 -37.68 15.68 14.02
N TYR K 33 -38.96 16.05 14.11
CA TYR K 33 -39.41 17.43 13.92
C TYR K 33 -40.26 17.85 15.11
N ALA K 34 -40.30 19.16 15.34
CA ALA K 34 -41.11 19.75 16.39
C ALA K 34 -42.14 20.66 15.74
N VAL K 35 -43.40 20.47 16.10
CA VAL K 35 -44.50 21.21 15.50
C VAL K 35 -45.04 22.19 16.53
N ASN K 36 -44.83 23.49 16.26
CA ASN K 36 -45.28 24.58 17.12
C ASN K 36 -46.38 25.36 16.42
N TRP K 37 -47.42 25.71 17.17
CA TRP K 37 -48.58 26.41 16.62
C TRP K 37 -48.57 27.85 17.12
N VAL K 38 -48.45 28.80 16.19
CA VAL K 38 -48.42 30.22 16.51
C VAL K 38 -49.55 30.92 15.78
N ARG K 39 -50.06 31.98 16.39
CA ARG K 39 -51.24 32.69 15.91
C ARG K 39 -50.96 34.18 15.84
N GLN K 40 -51.36 34.81 14.73
CA GLN K 40 -51.15 36.23 14.51
C GLN K 40 -52.51 36.92 14.53
N ALA K 41 -52.68 37.84 15.49
CA ALA K 41 -53.92 38.60 15.58
C ALA K 41 -54.02 39.56 14.40
N PRO K 42 -55.23 40.07 14.12
CA PRO K 42 -55.45 40.87 12.91
C PRO K 42 -54.38 41.92 12.66
N GLY K 43 -53.85 42.53 13.72
CA GLY K 43 -52.83 43.55 13.57
C GLY K 43 -51.77 43.52 14.64
N GLN K 44 -51.65 42.41 15.35
CA GLN K 44 -50.70 42.26 16.45
C GLN K 44 -49.50 41.43 15.99
N SER K 45 -48.62 41.11 16.94
CA SER K 45 -47.48 40.24 16.68
C SER K 45 -47.86 38.79 16.92
N LEU K 46 -47.08 37.89 16.34
CA LEU K 46 -47.36 36.47 16.45
C LEU K 46 -47.30 36.02 17.90
N GLU K 47 -48.22 35.14 18.28
CA GLU K 47 -48.33 34.64 19.64
C GLU K 47 -48.26 33.12 19.63
N TYR K 48 -47.42 32.56 20.49
CA TYR K 48 -47.18 31.13 20.51
C TYR K 48 -48.26 30.42 21.34
N ILE K 49 -48.82 29.34 20.78
CA ILE K 49 -49.94 28.64 21.40
C ILE K 49 -49.46 27.38 22.11
N GLY K 50 -48.89 26.46 21.35
CA GLY K 50 -48.48 25.18 21.91
C GLY K 50 -47.62 24.43 20.93
N GLN K 51 -47.19 23.24 21.36
CA GLN K 51 -46.27 22.45 20.55
C GLN K 51 -46.44 20.98 20.88
N ILE K 52 -45.96 20.16 19.95
CA ILE K 52 -45.72 18.74 20.17
C ILE K 52 -44.27 18.49 19.79
N TRP K 53 -43.45 18.10 20.75
CA TRP K 53 -42.02 18.04 20.51
C TRP K 53 -41.49 16.63 20.40
N ARG K 54 -41.74 15.77 21.40
CA ARG K 54 -41.31 14.39 21.37
C ARG K 54 -42.50 13.49 21.61
N TRP K 55 -43.59 13.76 20.90
CA TRP K 55 -44.87 13.09 21.10
C TRP K 55 -45.48 13.42 22.44
N LYS K 56 -45.08 14.55 23.05
CA LYS K 56 -45.69 15.06 24.26
C LYS K 56 -46.08 16.52 24.04
N SER K 57 -47.38 16.78 24.05
CA SER K 57 -47.92 18.08 23.67
C SER K 57 -47.94 19.03 24.86
N SER K 58 -47.91 20.33 24.55
CA SER K 58 -47.97 21.36 25.58
C SER K 58 -48.60 22.60 24.99
N ALA K 59 -49.14 23.44 25.88
CA ALA K 59 -49.74 24.70 25.49
C ALA K 59 -49.28 25.78 26.47
N SER K 60 -49.25 27.02 25.99
CA SER K 60 -48.76 28.12 26.80
C SER K 60 -49.71 28.38 27.97
N HIS K 61 -49.34 29.35 28.81
CA HIS K 61 -50.11 29.62 30.02
C HIS K 61 -51.53 30.07 29.69
N HIS K 62 -51.68 30.93 28.69
CA HIS K 62 -53.02 31.42 28.35
C HIS K 62 -53.95 30.29 27.92
N PHE K 63 -53.44 29.34 27.13
CA PHE K 63 -54.25 28.35 26.47
C PHE K 63 -54.30 27.01 27.20
N ARG K 64 -53.68 26.91 28.37
CA ARG K 64 -53.68 25.64 29.09
C ARG K 64 -55.10 25.27 29.49
N GLY K 65 -55.45 23.99 29.28
CA GLY K 65 -56.78 23.51 29.59
C GLY K 65 -57.86 23.93 28.62
N ARG K 66 -57.49 24.58 27.52
CA ARG K 66 -58.46 25.12 26.58
C ARG K 66 -58.12 24.86 25.12
N VAL K 67 -56.93 24.36 24.81
CA VAL K 67 -56.52 24.05 23.45
C VAL K 67 -56.02 22.62 23.41
N LEU K 68 -56.09 22.00 22.24
CA LEU K 68 -55.65 20.62 22.06
C LEU K 68 -54.73 20.54 20.85
N ILE K 69 -53.55 19.95 21.04
CA ILE K 69 -52.58 19.74 19.97
C ILE K 69 -52.38 18.24 19.82
N SER K 70 -52.47 17.75 18.59
CA SER K 70 -52.30 16.34 18.30
C SER K 70 -51.57 16.19 16.97
N ALA K 71 -50.95 15.03 16.77
CA ALA K 71 -50.21 14.77 15.55
C ALA K 71 -50.09 13.27 15.35
N VAL K 72 -50.05 12.86 14.08
CA VAL K 72 -49.86 11.48 13.69
C VAL K 72 -48.69 11.40 12.72
N ASP K 73 -48.04 10.25 12.70
CA ASP K 73 -46.81 10.08 11.95
C ASP K 73 -47.08 9.68 10.51
N LEU K 74 -46.01 9.42 9.76
CA LEU K 74 -46.12 9.01 8.37
C LEU K 74 -46.86 7.69 8.27
N THR K 75 -47.96 7.66 7.52
CA THR K 75 -48.82 6.48 7.47
C THR K 75 -49.35 6.28 6.04
N GLY K 76 -48.63 5.50 5.25
CA GLY K 76 -49.19 4.87 4.07
C GLY K 76 -49.53 5.77 2.92
N SER K 77 -50.52 6.64 3.10
CA SER K 77 -51.04 7.48 2.03
C SER K 77 -50.90 8.97 2.29
N SER K 78 -51.00 9.40 3.54
CA SER K 78 -50.92 10.80 3.91
C SER K 78 -49.60 11.10 4.61
N PRO K 79 -49.22 12.37 4.70
CA PRO K 79 -47.99 12.72 5.41
C PRO K 79 -48.25 12.80 6.91
N PRO K 80 -47.25 13.21 7.69
CA PRO K 80 -47.53 13.53 9.10
C PRO K 80 -48.44 14.74 9.16
N ILE K 81 -49.57 14.58 9.86
CA ILE K 81 -50.57 15.64 9.97
C ILE K 81 -50.72 16.02 11.42
N SER K 82 -50.66 17.31 11.71
CA SER K 82 -50.90 17.85 13.04
C SER K 82 -52.09 18.79 13.00
N SER K 83 -52.95 18.69 14.00
CA SER K 83 -54.18 19.48 14.05
C SER K 83 -54.31 20.17 15.39
N LEU K 84 -54.83 21.39 15.36
CA LEU K 84 -55.04 22.19 16.56
C LEU K 84 -56.53 22.41 16.75
N GLU K 85 -57.03 22.05 17.93
CA GLU K 85 -58.43 22.19 18.27
C GLU K 85 -58.59 23.23 19.37
N ILE K 86 -59.41 24.23 19.11
CA ILE K 86 -59.68 25.30 20.07
C ILE K 86 -61.14 25.19 20.50
N LYS K 87 -61.36 25.06 21.80
CA LYS K 87 -62.69 24.97 22.36
C LYS K 87 -63.06 26.29 23.04
N ASN K 88 -64.36 26.59 23.03
CA ASN K 88 -64.89 27.81 23.65
C ASN K 88 -64.29 29.05 22.98
N LEU K 89 -64.56 29.20 21.70
CA LEU K 89 -64.06 30.35 20.95
C LEU K 89 -64.58 31.64 21.57
N THR K 90 -63.74 32.67 21.55
CA THR K 90 -64.11 33.99 22.01
C THR K 90 -63.99 34.98 20.87
N SER K 91 -64.42 36.23 21.13
CA SER K 91 -64.34 37.26 20.11
C SER K 91 -62.91 37.60 19.72
N ASP K 92 -61.94 37.29 20.58
CA ASP K 92 -60.54 37.61 20.34
C ASP K 92 -59.74 36.44 19.78
N ASP K 93 -60.41 35.35 19.42
CA ASP K 93 -59.75 34.18 18.88
C ASP K 93 -59.66 34.19 17.36
N THR K 94 -60.13 35.25 16.70
CA THR K 94 -60.08 35.34 15.25
C THR K 94 -58.70 35.84 14.84
N ALA K 95 -57.87 34.94 14.34
CA ALA K 95 -56.52 35.28 13.92
C ALA K 95 -56.04 34.25 12.91
N VAL K 96 -54.97 34.60 12.21
CA VAL K 96 -54.37 33.73 11.19
C VAL K 96 -53.48 32.73 11.91
N TYR K 97 -54.01 31.56 12.21
CA TYR K 97 -53.23 30.52 12.86
C TYR K 97 -52.19 29.96 11.90
N PHE K 98 -50.99 29.71 12.42
CA PHE K 98 -49.87 29.23 11.63
C PHE K 98 -49.39 27.89 12.17
N CYS K 99 -49.05 27.00 11.24
CA CYS K 99 -48.39 25.74 11.54
C CYS K 99 -46.90 25.92 11.28
N THR K 100 -46.07 25.46 12.22
CA THR K 100 -44.63 25.61 12.11
C THR K 100 -43.97 24.27 12.38
N THR K 101 -42.70 24.18 12.01
CA THR K 101 -41.93 22.94 12.15
C THR K 101 -40.45 23.27 12.18
N THR K 102 -39.73 22.65 13.11
CA THR K 102 -38.28 22.80 13.24
C THR K 102 -37.66 21.41 13.24
N SER K 103 -36.46 21.31 12.69
CA SER K 103 -35.74 20.03 12.66
C SER K 103 -34.94 19.89 13.95
N THR K 104 -35.31 18.91 14.77
CA THR K 104 -34.70 18.70 16.08
C THR K 104 -33.65 17.59 16.07
N TYR K 105 -33.33 17.03 14.91
CA TYR K 105 -32.39 15.92 14.85
C TYR K 105 -31.00 16.33 15.33
N ASP K 106 -30.54 17.50 14.92
CA ASP K 106 -29.21 17.97 15.32
C ASP K 106 -29.25 18.44 16.77
N ARG K 107 -28.27 18.00 17.56
CA ARG K 107 -28.24 18.32 18.98
C ARG K 107 -27.50 19.61 19.29
N TRP K 108 -26.70 20.12 18.34
CA TRP K 108 -25.95 21.36 18.49
C TRP K 108 -26.47 22.42 17.54
N SER K 109 -27.79 22.49 17.36
CA SER K 109 -28.34 23.25 16.24
C SER K 109 -28.33 24.75 16.52
N GLY K 110 -29.05 25.19 17.55
CA GLY K 110 -29.27 26.59 17.77
C GLY K 110 -30.59 27.09 17.25
N LEU K 111 -31.23 26.36 16.33
CA LEU K 111 -32.62 26.62 16.01
C LEU K 111 -33.53 26.25 17.18
N HIS K 112 -33.06 25.40 18.08
CA HIS K 112 -33.80 24.99 19.26
C HIS K 112 -32.89 25.08 20.48
N HIS K 113 -33.45 25.52 21.60
CA HIS K 113 -32.73 25.63 22.86
C HIS K 113 -33.45 24.78 23.89
N ASP K 114 -33.15 23.48 23.90
CA ASP K 114 -33.64 22.55 24.92
C ASP K 114 -35.10 22.81 25.26
N GLY K 115 -35.95 22.68 24.24
CA GLY K 115 -37.40 22.77 24.40
C GLY K 115 -38.03 23.93 23.65
N VAL K 116 -37.36 25.08 23.61
CA VAL K 116 -37.86 26.28 22.94
C VAL K 116 -37.14 26.41 21.59
N MET K 117 -37.90 26.70 20.55
CA MET K 117 -37.43 26.54 19.19
C MET K 117 -37.55 27.84 18.39
N ALA K 118 -36.71 27.95 17.37
CA ALA K 118 -36.91 28.89 16.29
C ALA K 118 -37.64 28.20 15.15
N PHE K 119 -38.59 28.91 14.55
CA PHE K 119 -39.54 28.33 13.60
C PHE K 119 -38.95 28.42 12.20
N SER K 120 -38.39 27.31 11.72
CA SER K 120 -37.71 27.32 10.43
C SER K 120 -38.65 27.18 9.25
N SER K 121 -39.76 26.47 9.39
CA SER K 121 -40.71 26.29 8.30
C SER K 121 -42.11 26.66 8.77
N TRP K 122 -42.81 27.45 7.96
CA TRP K 122 -44.12 27.96 8.30
C TRP K 122 -45.17 27.39 7.36
N GLY K 123 -46.41 27.38 7.83
CA GLY K 123 -47.50 26.92 7.01
C GLY K 123 -47.84 28.00 6.02
N GLN K 124 -49.11 28.32 5.84
CA GLN K 124 -49.48 29.46 5.01
C GLN K 124 -50.51 30.38 5.63
N GLY K 125 -51.33 29.90 6.57
CA GLY K 125 -52.37 30.73 7.17
C GLY K 125 -53.69 29.99 7.15
N THR K 126 -54.39 30.04 8.27
CA THR K 126 -55.69 29.40 8.44
C THR K 126 -56.65 30.36 9.14
N LEU K 127 -56.71 31.59 8.64
CA LEU K 127 -57.48 32.66 9.28
C LEU K 127 -58.84 32.18 9.75
N ILE K 128 -59.06 32.25 11.05
CA ILE K 128 -60.32 31.86 11.67
C ILE K 128 -61.08 33.12 12.03
N SER K 129 -62.34 33.21 11.58
CA SER K 129 -63.19 34.36 11.83
C SER K 129 -64.28 33.94 12.81
N VAL K 130 -64.13 34.35 14.07
CA VAL K 130 -65.13 34.10 15.09
C VAL K 130 -66.02 35.33 15.20
N SER K 131 -67.26 35.20 14.73
CA SER K 131 -68.18 36.33 14.70
C SER K 131 -69.61 35.79 14.78
N ALA K 132 -70.53 36.67 15.14
CA ALA K 132 -71.94 36.35 15.26
C ALA K 132 -72.70 36.86 14.03
N ALA K 133 -74.02 36.73 14.07
CA ALA K 133 -74.88 37.19 12.99
C ALA K 133 -74.76 36.27 11.77
N SER K 134 -75.82 36.20 10.97
CA SER K 134 -75.84 35.35 9.79
C SER K 134 -75.27 36.09 8.58
N THR K 135 -74.96 35.33 7.55
CA THR K 135 -74.47 35.92 6.31
C THR K 135 -75.51 36.84 5.70
N LYS K 136 -75.07 38.00 5.22
CA LYS K 136 -75.96 39.00 4.64
C LYS K 136 -75.46 39.41 3.27
N GLY K 137 -76.39 39.77 2.39
CA GLY K 137 -76.07 40.15 1.04
C GLY K 137 -75.31 41.47 0.99
N PRO K 138 -74.53 41.66 -0.08
CA PRO K 138 -73.72 42.89 -0.23
C PRO K 138 -74.50 44.03 -0.89
N SER K 139 -75.34 44.69 -0.10
CA SER K 139 -76.05 45.86 -0.58
C SER K 139 -75.06 46.95 -0.98
N VAL K 140 -75.28 47.55 -2.14
CA VAL K 140 -74.35 48.51 -2.74
C VAL K 140 -75.03 49.87 -2.84
N PHE K 141 -74.28 50.91 -2.53
CA PHE K 141 -74.73 52.29 -2.68
C PHE K 141 -73.72 53.08 -3.49
N PRO K 142 -74.16 54.09 -4.24
CA PRO K 142 -73.26 54.77 -5.17
C PRO K 142 -72.58 55.99 -4.57
N LEU K 143 -71.31 56.16 -4.93
CA LEU K 143 -70.59 57.40 -4.64
C LEU K 143 -70.63 58.28 -5.89
N ALA K 144 -71.79 58.88 -6.11
CA ALA K 144 -72.01 59.69 -7.29
C ALA K 144 -71.18 60.97 -7.22
N PRO K 145 -70.36 61.28 -8.21
CA PRO K 145 -69.59 62.52 -8.17
C PRO K 145 -70.50 63.74 -8.20
N SER K 146 -70.05 64.79 -7.53
CA SER K 146 -70.83 66.04 -7.45
C SER K 146 -69.84 67.19 -7.36
N SER K 147 -69.70 67.96 -8.44
CA SER K 147 -68.81 69.10 -8.46
C SER K 147 -67.36 68.69 -8.22
N THR K 154 -59.95 67.48 -12.15
CA THR K 154 -60.12 66.03 -12.11
C THR K 154 -60.66 65.58 -10.76
N ALA K 155 -61.72 64.77 -10.80
CA ALA K 155 -62.35 64.23 -9.61
C ALA K 155 -62.16 62.71 -9.58
N ALA K 156 -62.68 62.08 -8.53
CA ALA K 156 -62.57 60.64 -8.34
C ALA K 156 -63.85 60.13 -7.69
N LEU K 157 -64.53 59.21 -8.38
CA LEU K 157 -65.77 58.61 -7.89
C LEU K 157 -65.50 57.17 -7.45
N GLY K 158 -66.58 56.49 -7.05
CA GLY K 158 -66.45 55.12 -6.61
C GLY K 158 -67.78 54.54 -6.19
N CYS K 159 -67.72 53.34 -5.61
CA CYS K 159 -68.90 52.63 -5.15
C CYS K 159 -68.73 52.26 -3.69
N LEU K 160 -69.88 52.19 -2.99
CA LEU K 160 -69.89 51.88 -1.56
C LEU K 160 -70.67 50.60 -1.33
N VAL K 161 -70.05 49.65 -0.63
CA VAL K 161 -70.69 48.41 -0.21
C VAL K 161 -70.55 48.30 1.30
N LYS K 162 -71.65 47.99 1.99
CA LYS K 162 -71.66 47.95 3.44
C LYS K 162 -72.64 46.90 3.92
N ASP K 163 -72.52 46.55 5.19
CA ASP K 163 -73.39 45.57 5.84
C ASP K 163 -73.38 44.25 5.08
N TYR K 164 -72.19 43.78 4.72
CA TYR K 164 -72.02 42.49 4.08
C TYR K 164 -71.10 41.62 4.94
N PHE K 165 -71.36 40.31 4.94
CA PHE K 165 -70.62 39.40 5.79
C PHE K 165 -70.95 37.97 5.40
N PRO K 166 -70.00 37.03 5.50
CA PRO K 166 -68.58 37.28 5.84
C PRO K 166 -67.86 37.94 4.68
N GLU K 167 -66.54 37.97 4.72
CA GLU K 167 -65.77 38.33 3.54
C GLU K 167 -65.72 37.14 2.58
N PRO K 168 -65.14 37.32 1.39
CA PRO K 168 -64.61 38.56 0.82
C PRO K 168 -65.49 39.07 -0.31
N VAL K 169 -65.22 40.26 -0.83
CA VAL K 169 -65.94 40.80 -1.98
C VAL K 169 -64.93 41.35 -2.96
N THR K 170 -65.08 40.98 -4.23
CA THR K 170 -64.23 41.47 -5.30
C THR K 170 -64.97 42.54 -6.08
N VAL K 171 -64.31 43.67 -6.34
CA VAL K 171 -64.92 44.81 -7.02
C VAL K 171 -64.24 44.97 -8.37
N SER K 172 -65.05 44.97 -9.44
CA SER K 172 -64.57 45.21 -10.79
C SER K 172 -65.41 46.31 -11.42
N TRP K 173 -64.74 47.23 -12.11
CA TRP K 173 -65.40 48.37 -12.73
C TRP K 173 -65.49 48.15 -14.23
N ASN K 174 -66.68 48.39 -14.79
CA ASN K 174 -66.93 48.17 -16.22
C ASN K 174 -66.56 46.75 -16.61
N SER K 175 -67.04 45.79 -15.82
CA SER K 175 -66.74 44.38 -16.02
C SER K 175 -65.23 44.12 -15.97
N GLY K 176 -64.54 44.84 -15.09
CA GLY K 176 -63.11 44.68 -14.94
C GLY K 176 -62.29 45.20 -16.08
N ALA K 177 -62.82 46.13 -16.87
CA ALA K 177 -62.05 46.70 -17.98
C ALA K 177 -61.04 47.72 -17.48
N LEU K 178 -61.52 48.80 -16.87
CA LEU K 178 -60.63 49.82 -16.33
C LEU K 178 -60.02 49.33 -15.02
N THR K 179 -58.70 49.47 -14.91
CA THR K 179 -58.00 49.07 -13.70
C THR K 179 -57.14 50.20 -13.16
N SER K 180 -56.65 51.06 -14.05
CA SER K 180 -55.82 52.18 -13.63
C SER K 180 -56.67 53.17 -12.83
N GLY K 181 -56.12 53.64 -11.71
CA GLY K 181 -56.82 54.55 -10.84
C GLY K 181 -57.80 53.91 -9.87
N VAL K 182 -57.89 52.58 -9.85
CA VAL K 182 -58.80 51.89 -8.95
C VAL K 182 -58.11 51.70 -7.61
N HIS K 183 -58.76 52.16 -6.53
CA HIS K 183 -58.22 52.06 -5.17
C HIS K 183 -59.32 51.47 -4.29
N THR K 184 -59.37 50.14 -4.22
CA THR K 184 -60.36 49.45 -3.39
C THR K 184 -59.83 49.38 -1.96
N PHE K 185 -60.39 50.21 -1.10
CA PHE K 185 -59.93 50.26 0.28
C PHE K 185 -60.31 48.96 1.01
N PRO K 186 -59.45 48.47 1.89
CA PRO K 186 -59.78 47.24 2.63
C PRO K 186 -61.02 47.42 3.50
N ALA K 187 -61.76 46.34 3.68
CA ALA K 187 -62.98 46.38 4.46
C ALA K 187 -62.68 46.72 5.91
N VAL K 188 -63.63 47.40 6.55
CA VAL K 188 -63.52 47.79 7.95
C VAL K 188 -64.71 47.21 8.70
N LEU K 189 -64.44 46.45 9.76
CA LEU K 189 -65.50 45.85 10.55
C LEU K 189 -66.26 46.93 11.31
N GLN K 190 -67.59 46.84 11.28
CA GLN K 190 -68.45 47.80 11.94
C GLN K 190 -68.67 47.40 13.40
N SER K 191 -69.54 48.13 14.09
CA SER K 191 -69.88 47.83 15.47
C SER K 191 -71.05 46.86 15.59
N SER K 192 -71.71 46.52 14.49
CA SER K 192 -72.83 45.60 14.49
C SER K 192 -72.45 44.23 13.95
N GLY K 193 -71.17 43.89 13.99
CA GLY K 193 -70.71 42.58 13.52
C GLY K 193 -70.85 42.37 12.03
N LEU K 194 -70.66 43.42 11.23
CA LEU K 194 -70.71 43.34 9.78
C LEU K 194 -69.46 44.01 9.21
N TYR K 195 -69.39 44.09 7.89
CA TYR K 195 -68.25 44.68 7.20
C TYR K 195 -68.74 45.67 6.15
N SER K 196 -67.84 46.58 5.77
CA SER K 196 -68.13 47.55 4.73
C SER K 196 -66.82 47.98 4.09
N LEU K 197 -66.92 48.51 2.87
CA LEU K 197 -65.75 48.97 2.16
C LEU K 197 -66.18 49.98 1.10
N SER K 198 -65.20 50.74 0.61
CA SER K 198 -65.43 51.71 -0.45
C SER K 198 -64.38 51.50 -1.53
N SER K 199 -64.84 51.35 -2.78
CA SER K 199 -63.98 51.24 -3.93
C SER K 199 -64.22 52.43 -4.84
N VAL K 200 -63.16 53.16 -5.17
CA VAL K 200 -63.27 54.38 -5.95
C VAL K 200 -62.29 54.34 -7.10
N VAL K 201 -62.57 55.13 -8.14
CA VAL K 201 -61.70 55.26 -9.30
C VAL K 201 -61.56 56.74 -9.62
N THR K 202 -60.38 57.13 -10.10
CA THR K 202 -60.10 58.51 -10.48
C THR K 202 -60.09 58.62 -11.99
N VAL K 203 -60.90 59.54 -12.52
CA VAL K 203 -60.99 59.72 -13.97
C VAL K 203 -61.05 61.21 -14.28
N PRO K 204 -60.63 61.58 -15.49
CA PRO K 204 -60.67 62.99 -15.88
C PRO K 204 -62.10 63.53 -15.84
N SER K 205 -62.22 64.80 -15.45
CA SER K 205 -63.54 65.41 -15.33
C SER K 205 -64.27 65.49 -16.67
N SER K 206 -63.55 65.80 -17.75
CA SER K 206 -64.19 65.96 -19.05
C SER K 206 -64.89 64.69 -19.51
N SER K 207 -64.41 63.53 -19.08
CA SER K 207 -64.94 62.25 -19.55
C SER K 207 -66.04 61.69 -18.64
N LEU K 208 -66.47 62.45 -17.62
CA LEU K 208 -67.45 61.94 -16.69
C LEU K 208 -68.76 61.59 -17.39
N GLY K 209 -69.24 62.48 -18.26
CA GLY K 209 -70.47 62.23 -18.97
C GLY K 209 -70.29 61.43 -20.25
N THR K 210 -69.06 61.42 -20.77
CA THR K 210 -68.80 60.72 -22.03
C THR K 210 -68.78 59.20 -21.82
N GLN K 211 -68.22 58.75 -20.71
CA GLN K 211 -68.08 57.32 -20.41
C GLN K 211 -68.84 56.99 -19.14
N THR K 212 -69.59 55.89 -19.18
CA THR K 212 -70.29 55.39 -18.01
C THR K 212 -69.41 54.42 -17.24
N TYR K 213 -69.51 54.48 -15.91
CA TYR K 213 -68.73 53.64 -15.02
C TYR K 213 -69.66 52.80 -14.17
N ILE K 214 -69.45 51.49 -14.18
CA ILE K 214 -70.27 50.54 -13.44
C ILE K 214 -69.36 49.64 -12.64
N CYS K 215 -69.73 49.40 -11.38
CA CYS K 215 -68.95 48.58 -10.47
C CYS K 215 -69.67 47.25 -10.22
N ASN K 216 -68.92 46.16 -10.24
CA ASN K 216 -69.46 44.83 -10.02
C ASN K 216 -69.18 44.41 -8.58
N VAL K 217 -70.23 44.07 -7.84
CA VAL K 217 -70.12 43.66 -6.45
C VAL K 217 -70.36 42.15 -6.40
N ASN K 218 -69.29 41.39 -6.19
CA ASN K 218 -69.36 39.94 -6.13
C ASN K 218 -69.32 39.47 -4.69
N HIS K 219 -70.04 38.40 -4.39
CA HIS K 219 -70.12 37.85 -3.05
C HIS K 219 -70.27 36.34 -3.14
N LYS K 220 -69.26 35.61 -2.66
CA LYS K 220 -69.24 34.15 -2.75
C LYS K 220 -70.17 33.51 -1.72
N PRO K 221 -70.00 33.82 -0.43
CA PRO K 221 -70.80 33.12 0.58
C PRO K 221 -72.30 33.24 0.37
N SER K 222 -72.77 34.40 -0.06
CA SER K 222 -74.19 34.62 -0.30
C SER K 222 -74.61 34.30 -1.74
N ASN K 223 -73.65 34.06 -2.63
CA ASN K 223 -73.92 33.79 -4.04
C ASN K 223 -74.65 34.95 -4.71
N THR K 224 -74.61 36.13 -4.12
CA THR K 224 -75.32 37.30 -4.63
C THR K 224 -74.32 38.20 -5.35
N LYS K 225 -74.55 38.41 -6.65
CA LYS K 225 -73.73 39.30 -7.46
C LYS K 225 -74.59 40.47 -7.87
N VAL K 226 -74.16 41.68 -7.54
CA VAL K 226 -74.92 42.91 -7.79
C VAL K 226 -74.08 43.82 -8.66
N ASP K 227 -74.65 44.27 -9.77
CA ASP K 227 -74.03 45.22 -10.67
C ASP K 227 -74.79 46.53 -10.61
N LYS K 228 -74.09 47.62 -10.35
CA LYS K 228 -74.69 48.94 -10.21
C LYS K 228 -74.00 49.93 -11.14
N ARG K 229 -74.74 50.94 -11.54
CA ARG K 229 -74.23 52.01 -12.40
C ARG K 229 -74.23 53.33 -11.64
N VAL K 230 -73.14 54.06 -11.74
CA VAL K 230 -72.98 55.34 -11.05
C VAL K 230 -73.18 56.47 -12.06
N GLU K 231 -73.86 57.51 -11.61
CA GLU K 231 -74.16 58.67 -12.45
C GLU K 231 -73.63 59.93 -11.78
N PRO K 232 -72.76 60.69 -12.44
CA PRO K 232 -72.25 61.93 -11.85
C PRO K 232 -73.38 62.90 -11.56
N LYS K 233 -73.25 63.63 -10.45
CA LYS K 233 -74.24 64.62 -10.05
C LYS K 233 -73.77 66.02 -10.43
N ILE L 2 -39.29 37.14 29.48
CA ILE L 2 -38.64 38.19 28.70
C ILE L 2 -39.62 38.77 27.70
N GLN L 3 -39.44 40.04 27.35
CA GLN L 3 -40.22 40.70 26.31
C GLN L 3 -39.31 41.57 25.48
N MET L 4 -39.34 41.36 24.17
CA MET L 4 -38.51 42.12 23.24
C MET L 4 -39.20 43.41 22.85
N THR L 5 -38.40 44.44 22.58
CA THR L 5 -38.91 45.77 22.25
C THR L 5 -38.17 46.29 21.03
N GLN L 6 -38.79 46.20 19.86
CA GLN L 6 -38.19 46.65 18.62
C GLN L 6 -38.34 48.16 18.45
N SER L 7 -37.45 48.75 17.65
CA SER L 7 -37.50 50.18 17.39
C SER L 7 -36.66 50.48 16.17
N PRO L 8 -37.12 51.35 15.26
CA PRO L 8 -38.41 52.07 15.27
C PRO L 8 -39.55 51.22 14.73
N SER L 9 -40.80 51.59 15.00
CA SER L 9 -41.93 50.83 14.48
C SER L 9 -42.11 51.03 12.97
N THR L 10 -41.67 52.16 12.42
CA THR L 10 -41.68 52.39 10.98
C THR L 10 -40.34 52.98 10.60
N LEU L 11 -39.68 52.38 9.61
CA LEU L 11 -38.30 52.69 9.25
C LEU L 11 -38.14 52.83 7.75
N SER L 12 -39.03 53.62 7.14
CA SER L 12 -39.02 53.78 5.69
C SER L 12 -37.63 54.17 5.19
N ALA L 13 -37.20 53.48 4.13
CA ALA L 13 -35.89 53.73 3.54
C ALA L 13 -35.94 53.41 2.05
N SER L 14 -35.02 54.00 1.30
CA SER L 14 -34.96 53.82 -0.14
C SER L 14 -34.06 52.65 -0.49
N THR L 15 -34.31 52.07 -1.66
CA THR L 15 -33.52 50.93 -2.12
C THR L 15 -32.08 51.34 -2.36
N GLY L 16 -31.16 50.37 -2.20
CA GLY L 16 -29.76 50.57 -2.47
C GLY L 16 -28.93 51.00 -1.28
N ASP L 17 -29.55 51.34 -0.16
CA ASP L 17 -28.82 51.76 1.04
C ASP L 17 -28.76 50.60 2.04
N THR L 18 -28.28 50.91 3.24
CA THR L 18 -28.16 49.94 4.32
C THR L 18 -29.15 50.30 5.42
N VAL L 19 -29.78 49.29 6.01
CA VAL L 19 -30.83 49.46 7.00
C VAL L 19 -30.43 48.72 8.28
N ARG L 20 -31.01 49.15 9.39
CA ARG L 20 -30.61 48.62 10.69
C ARG L 20 -31.83 48.62 11.62
N ILE L 21 -32.27 47.42 12.00
CA ILE L 21 -33.34 47.27 12.99
C ILE L 21 -32.70 46.93 14.33
N SER L 22 -33.27 47.46 15.41
CA SER L 22 -32.77 47.23 16.75
C SER L 22 -33.82 46.51 17.58
N CYS L 23 -33.35 45.75 18.56
CA CYS L 23 -34.21 44.86 19.33
C CYS L 23 -33.58 44.67 20.71
N ARG L 24 -34.17 45.29 21.72
CA ARG L 24 -33.65 45.23 23.08
C ARG L 24 -34.56 44.38 23.95
N ALA L 25 -34.01 43.34 24.55
CA ALA L 25 -34.77 42.46 25.42
C ALA L 25 -34.75 42.99 26.85
N SER L 26 -35.68 42.48 27.66
CA SER L 26 -35.76 42.90 29.05
C SER L 26 -34.47 42.59 29.79
N GLN L 27 -34.12 41.31 29.88
CA GLN L 27 -32.91 40.87 30.54
C GLN L 27 -31.86 40.45 29.52
N SER L 28 -30.65 40.25 30.01
CA SER L 28 -29.54 39.88 29.12
C SER L 28 -29.74 38.47 28.59
N ILE L 29 -29.61 38.33 27.28
CA ILE L 29 -29.65 37.02 26.62
C ILE L 29 -28.20 36.73 26.22
N THR L 30 -27.49 36.03 27.10
CA THR L 30 -26.07 35.80 26.87
C THR L 30 -25.79 34.61 25.96
N GLY L 31 -26.78 33.76 25.71
CA GLY L 31 -26.63 32.66 24.79
C GLY L 31 -26.88 33.00 23.34
N ASN L 32 -27.35 34.21 23.06
CA ASN L 32 -27.67 34.63 21.69
C ASN L 32 -28.85 33.84 21.14
N TRP L 33 -29.86 33.61 21.98
CA TRP L 33 -31.08 32.94 21.56
C TRP L 33 -32.06 33.98 21.03
N VAL L 34 -31.82 34.40 19.79
CA VAL L 34 -32.66 35.41 19.15
C VAL L 34 -32.62 35.20 17.64
N ALA L 35 -33.79 35.05 17.03
CA ALA L 35 -33.92 34.86 15.60
C ALA L 35 -34.79 35.96 15.01
N TRP L 36 -34.58 36.23 13.72
CA TRP L 36 -35.23 37.33 13.03
C TRP L 36 -36.10 36.79 11.89
N TYR L 37 -37.35 37.25 11.84
CA TYR L 37 -38.30 36.82 10.83
C TYR L 37 -38.73 38.01 9.99
N GLN L 38 -38.96 37.77 8.70
CA GLN L 38 -39.46 38.78 7.78
C GLN L 38 -40.80 38.35 7.24
N GLN L 39 -41.80 39.22 7.36
CA GLN L 39 -43.14 38.98 6.84
C GLN L 39 -43.44 40.01 5.77
N ARG L 40 -44.02 39.55 4.67
CA ARG L 40 -44.47 40.42 3.60
C ARG L 40 -45.99 40.47 3.57
N PRO L 41 -46.57 41.53 3.02
CA PRO L 41 -48.04 41.65 3.02
C PRO L 41 -48.72 40.44 2.41
N GLY L 42 -49.63 39.84 3.16
CA GLY L 42 -50.33 38.65 2.69
C GLY L 42 -49.47 37.42 2.53
N LYS L 43 -48.57 37.16 3.48
CA LYS L 43 -47.73 35.98 3.44
C LYS L 43 -47.41 35.55 4.87
N ALA L 44 -46.76 34.39 5.00
CA ALA L 44 -46.37 33.86 6.30
C ALA L 44 -44.97 34.32 6.66
N PRO L 45 -44.63 34.41 7.94
CA PRO L 45 -43.29 34.87 8.32
C PRO L 45 -42.20 34.05 7.67
N ARG L 46 -40.95 34.49 7.82
CA ARG L 46 -39.82 33.85 7.15
C ARG L 46 -38.58 34.07 8.01
N LEU L 47 -37.95 32.98 8.43
CA LEU L 47 -36.76 33.10 9.26
C LEU L 47 -35.59 33.59 8.42
N LEU L 48 -34.84 34.54 8.97
CA LEU L 48 -33.62 35.04 8.35
C LEU L 48 -32.38 34.67 9.17
N ILE L 49 -32.41 35.00 10.46
CA ILE L 49 -31.26 34.86 11.35
C ILE L 49 -31.69 34.12 12.59
N TYR L 50 -30.86 33.19 13.04
CA TYR L 50 -31.07 32.49 14.30
C TYR L 50 -29.76 32.45 15.06
N ARG L 51 -29.84 32.20 16.37
CA ARG L 51 -28.65 32.19 17.21
C ARG L 51 -27.95 33.54 17.19
N GLY L 52 -28.75 34.61 17.15
CA GLY L 52 -28.20 35.94 17.14
C GLY L 52 -27.89 36.46 15.75
N ALA L 53 -26.84 35.94 15.12
CA ALA L 53 -26.39 36.43 13.82
C ALA L 53 -25.99 35.28 12.90
N ALA L 54 -26.74 34.20 12.91
CA ALA L 54 -26.48 33.06 12.02
C ALA L 54 -27.46 33.07 10.86
N LEU L 55 -26.92 33.01 9.65
CA LEU L 55 -27.73 33.13 8.44
C LEU L 55 -28.34 31.78 8.09
N LEU L 56 -29.67 31.73 8.01
CA LEU L 56 -30.34 30.52 7.60
C LEU L 56 -30.04 30.22 6.14
N GLY L 57 -29.86 28.94 5.82
CA GLY L 57 -29.54 28.54 4.47
C GLY L 57 -30.56 29.01 3.46
N GLY L 58 -30.09 29.68 2.40
CA GLY L 58 -30.93 30.22 1.36
C GLY L 58 -31.20 31.71 1.48
N VAL L 59 -31.04 32.27 2.67
CA VAL L 59 -31.27 33.71 2.86
C VAL L 59 -30.18 34.49 2.12
N PRO L 60 -30.50 35.65 1.55
CA PRO L 60 -29.45 36.45 0.91
C PRO L 60 -28.39 36.86 1.92
N SER L 61 -27.15 36.89 1.47
CA SER L 61 -26.06 37.28 2.37
C SER L 61 -26.06 38.77 2.66
N ARG L 62 -27.08 39.51 2.23
CA ARG L 62 -27.16 40.93 2.54
C ARG L 62 -27.57 41.17 3.99
N PHE L 63 -28.35 40.26 4.56
CA PHE L 63 -28.70 40.34 5.97
C PHE L 63 -27.49 40.06 6.85
N ARG L 64 -27.42 40.74 7.99
CA ARG L 64 -26.29 40.58 8.89
C ARG L 64 -26.74 40.92 10.30
N GLY L 65 -26.96 39.88 11.13
CA GLY L 65 -27.36 40.09 12.50
C GLY L 65 -26.19 40.37 13.42
N SER L 66 -26.51 40.68 14.67
CA SER L 66 -25.49 40.99 15.66
C SER L 66 -26.12 40.88 17.05
N ALA L 67 -25.39 40.30 17.99
CA ALA L 67 -25.88 40.11 19.35
C ALA L 67 -24.97 40.85 20.33
N ALA L 68 -25.59 41.52 21.31
CA ALA L 68 -24.84 42.26 22.31
C ALA L 68 -25.42 42.06 23.71
N GLY L 69 -25.79 40.82 24.05
CA GLY L 69 -26.26 40.53 25.39
C GLY L 69 -27.67 40.99 25.66
N THR L 70 -27.94 42.28 25.47
CA THR L 70 -29.27 42.83 25.62
C THR L 70 -29.75 43.62 24.41
N ASP L 71 -28.87 43.91 23.45
CA ASP L 71 -29.20 44.71 22.28
C ASP L 71 -28.82 43.91 21.04
N PHE L 72 -29.83 43.36 20.37
CA PHE L 72 -29.65 42.61 19.13
C PHE L 72 -30.17 43.43 17.96
N THR L 73 -29.43 43.42 16.85
CA THR L 73 -29.78 44.21 15.69
C THR L 73 -29.84 43.34 14.45
N LEU L 74 -30.37 43.93 13.38
CA LEU L 74 -30.37 43.34 12.04
C LEU L 74 -29.97 44.43 11.06
N THR L 75 -29.07 44.09 10.14
CA THR L 75 -28.58 45.03 9.14
C THR L 75 -28.96 44.52 7.76
N ILE L 76 -29.91 45.18 7.12
CA ILE L 76 -30.27 44.90 5.73
C ILE L 76 -29.42 45.84 4.87
N GLY L 77 -28.19 45.41 4.59
CA GLY L 77 -27.30 46.21 3.76
C GLY L 77 -27.60 46.02 2.29
N ASN L 78 -27.53 47.11 1.53
CA ASN L 78 -27.82 47.10 0.10
C ASN L 78 -29.25 46.59 -0.15
N LEU L 79 -30.20 47.41 0.30
CA LEU L 79 -31.61 47.05 0.22
C LEU L 79 -32.07 46.90 -1.23
N GLN L 80 -32.79 45.82 -1.49
CA GLN L 80 -33.59 45.66 -2.70
C GLN L 80 -35.06 45.91 -2.39
N ALA L 81 -35.91 45.66 -3.39
CA ALA L 81 -37.35 45.83 -3.23
C ALA L 81 -38.04 44.61 -2.64
N GLU L 82 -37.35 43.47 -2.53
CA GLU L 82 -37.93 42.28 -1.94
C GLU L 82 -37.78 42.24 -0.42
N ASP L 83 -37.07 43.20 0.16
CA ASP L 83 -36.81 43.25 1.59
C ASP L 83 -37.66 44.30 2.29
N PHE L 84 -38.90 44.49 1.86
CA PHE L 84 -39.81 45.44 2.48
C PHE L 84 -40.94 44.68 3.17
N GLY L 85 -41.06 44.88 4.47
CA GLY L 85 -42.08 44.21 5.24
C GLY L 85 -41.71 44.17 6.70
N THR L 86 -42.64 43.64 7.49
CA THR L 86 -42.44 43.54 8.93
C THR L 86 -41.25 42.65 9.24
N PHE L 87 -40.44 43.08 10.22
CA PHE L 87 -39.33 42.30 10.73
C PHE L 87 -39.58 42.01 12.19
N TYR L 88 -39.75 40.73 12.53
CA TYR L 88 -40.10 40.32 13.87
C TYR L 88 -38.88 39.83 14.63
N CYS L 89 -38.91 40.01 15.94
CA CYS L 89 -37.85 39.61 16.85
C CYS L 89 -38.38 38.52 17.76
N GLN L 90 -37.71 37.37 17.77
CA GLN L 90 -38.07 36.27 18.64
C GLN L 90 -36.90 35.96 19.56
N GLN L 91 -37.22 35.43 20.74
CA GLN L 91 -36.21 34.97 21.69
C GLN L 91 -36.64 33.61 22.22
N TYR L 92 -35.76 32.62 22.07
CA TYR L 92 -36.02 31.28 22.58
C TYR L 92 -35.03 30.94 23.69
N ASP L 93 -34.80 31.90 24.58
CA ASP L 93 -33.96 31.68 25.75
C ASP L 93 -34.74 31.11 26.92
N THR L 94 -36.01 31.50 27.09
CA THR L 94 -36.83 31.00 28.17
C THR L 94 -38.24 30.71 27.66
N TYR L 95 -38.91 29.79 28.33
CA TYR L 95 -40.26 29.42 27.94
C TYR L 95 -41.24 30.51 28.34
N PRO L 96 -42.12 30.95 27.44
CA PRO L 96 -42.27 30.53 26.05
C PRO L 96 -41.57 31.50 25.10
N GLY L 97 -41.36 31.10 23.84
CA GLY L 97 -40.80 32.01 22.87
C GLY L 97 -41.65 33.26 22.77
N THR L 98 -41.02 34.41 22.58
CA THR L 98 -41.73 35.69 22.54
C THR L 98 -41.29 36.47 21.30
N PHE L 99 -42.24 37.19 20.72
CA PHE L 99 -42.00 38.00 19.54
C PHE L 99 -41.96 39.48 19.91
N GLY L 100 -41.38 40.27 19.02
CA GLY L 100 -41.30 41.70 19.25
C GLY L 100 -42.64 42.32 18.91
N GLN L 101 -42.63 43.43 18.19
CA GLN L 101 -43.88 44.04 17.74
C GLN L 101 -43.93 44.32 16.24
N GLY L 102 -42.81 44.43 15.56
CA GLY L 102 -42.80 44.68 14.12
C GLY L 102 -42.03 45.94 13.78
N THR L 103 -41.43 45.94 12.59
CA THR L 103 -40.73 47.10 12.06
C THR L 103 -41.03 47.17 10.57
N LYS L 104 -41.93 48.07 10.18
CA LYS L 104 -42.38 48.17 8.80
C LYS L 104 -41.36 49.01 8.03
N VAL L 105 -40.80 48.42 6.97
CA VAL L 105 -39.84 49.11 6.12
C VAL L 105 -40.54 49.53 4.84
N GLU L 106 -40.48 50.82 4.54
CA GLU L 106 -41.16 51.40 3.40
C GLU L 106 -40.14 52.01 2.44
N VAL L 107 -40.64 52.68 1.41
CA VAL L 107 -39.80 53.33 0.40
C VAL L 107 -39.87 54.84 0.63
N LYS L 108 -38.84 55.53 0.13
CA LYS L 108 -38.67 56.96 0.39
C LYS L 108 -39.35 57.83 -0.65
N ARG L 109 -38.93 57.69 -1.91
CA ARG L 109 -39.46 58.53 -2.99
C ARG L 109 -39.39 60.01 -2.61
N THR L 110 -40.53 60.68 -2.55
CA THR L 110 -40.58 62.09 -2.20
C THR L 110 -41.96 62.43 -1.65
N VAL L 111 -42.03 63.54 -0.91
CA VAL L 111 -43.27 63.95 -0.27
C VAL L 111 -44.27 64.37 -1.33
N ALA L 112 -45.51 63.90 -1.19
CA ALA L 112 -46.61 64.24 -2.08
C ALA L 112 -47.75 64.83 -1.26
N ALA L 113 -48.81 65.25 -1.96
CA ALA L 113 -49.97 65.83 -1.32
C ALA L 113 -51.25 65.14 -1.80
N PRO L 114 -52.24 65.00 -0.93
CA PRO L 114 -53.47 64.30 -1.31
C PRO L 114 -54.43 65.19 -2.08
N SER L 115 -55.43 64.55 -2.68
CA SER L 115 -56.50 65.22 -3.41
C SER L 115 -57.83 64.78 -2.79
N VAL L 116 -58.30 65.54 -1.81
CA VAL L 116 -59.50 65.16 -1.07
C VAL L 116 -60.72 65.24 -1.97
N PHE L 117 -61.67 64.33 -1.74
CA PHE L 117 -62.96 64.35 -2.43
C PHE L 117 -64.02 63.92 -1.42
N ILE L 118 -64.97 64.82 -1.13
CA ILE L 118 -66.08 64.55 -0.23
C ILE L 118 -67.32 64.23 -1.04
N PHE L 119 -68.08 63.24 -0.59
CA PHE L 119 -69.29 62.83 -1.28
C PHE L 119 -70.51 63.01 -0.38
N PRO L 120 -71.68 63.22 -0.96
CA PRO L 120 -72.90 63.32 -0.15
C PRO L 120 -73.48 61.95 0.13
N PRO L 121 -74.31 61.82 1.17
CA PRO L 121 -75.02 60.54 1.39
C PRO L 121 -75.87 60.16 0.20
N SER L 122 -75.67 58.96 -0.33
CA SER L 122 -76.39 58.53 -1.53
C SER L 122 -77.90 58.59 -1.30
N ASP L 123 -78.60 59.07 -2.33
CA ASP L 123 -80.06 59.12 -2.25
C ASP L 123 -80.65 57.72 -2.10
N GLU L 124 -80.15 56.76 -2.88
CA GLU L 124 -80.58 55.38 -2.71
C GLU L 124 -80.21 54.86 -1.33
N GLN L 125 -79.02 55.18 -0.85
CA GLN L 125 -78.61 54.78 0.49
C GLN L 125 -79.46 55.44 1.56
N LEU L 126 -79.97 56.65 1.30
CA LEU L 126 -80.82 57.32 2.27
C LEU L 126 -82.10 56.54 2.53
N LYS L 127 -82.70 55.99 1.47
CA LYS L 127 -83.95 55.26 1.62
C LYS L 127 -83.79 54.04 2.53
N SER L 128 -82.57 53.53 2.71
CA SER L 128 -82.33 52.42 3.60
C SER L 128 -82.44 52.80 5.07
N GLY L 129 -82.53 54.09 5.38
CA GLY L 129 -82.57 54.55 6.75
C GLY L 129 -81.25 54.99 7.33
N THR L 130 -80.19 55.08 6.52
CA THR L 130 -78.87 55.48 6.98
C THR L 130 -78.35 56.60 6.08
N ALA L 131 -77.53 57.47 6.65
CA ALA L 131 -77.00 58.65 5.97
C ALA L 131 -75.49 58.75 6.13
N SER L 132 -74.80 57.62 5.92
CA SER L 132 -73.36 57.60 6.09
C SER L 132 -72.67 58.51 5.09
N VAL L 133 -71.64 59.22 5.56
CA VAL L 133 -70.86 60.13 4.72
C VAL L 133 -69.41 59.68 4.72
N VAL L 134 -68.69 60.04 3.66
CA VAL L 134 -67.33 59.57 3.45
C VAL L 134 -66.43 60.72 3.01
N CYS L 135 -65.18 60.68 3.49
CA CYS L 135 -64.07 61.54 3.09
C CYS L 135 -62.99 60.66 2.46
N LEU L 136 -62.44 61.11 1.32
CA LEU L 136 -61.53 60.27 0.54
C LEU L 136 -60.32 61.10 0.09
N LEU L 137 -59.15 60.74 0.58
CA LEU L 137 -57.89 61.29 0.06
C LEU L 137 -57.31 60.32 -0.97
N ASN L 138 -56.33 60.80 -1.73
CA ASN L 138 -55.77 60.00 -2.82
C ASN L 138 -54.34 60.41 -3.09
N ASN L 139 -53.42 59.45 -3.07
CA ASN L 139 -52.07 59.62 -3.60
C ASN L 139 -51.22 60.55 -2.73
N PHE L 140 -51.31 60.37 -1.41
CA PHE L 140 -50.49 61.16 -0.50
C PHE L 140 -49.31 60.36 0.04
N TYR L 141 -48.54 60.96 0.94
CA TYR L 141 -47.34 60.22 1.39
C TYR L 141 -47.36 60.32 2.90
N PRO L 142 -46.17 60.41 3.54
CA PRO L 142 -45.99 60.41 4.99
C PRO L 142 -47.29 60.13 5.73
N ARG L 143 -48.14 59.25 5.18
CA ARG L 143 -49.35 58.92 5.92
C ARG L 143 -49.74 60.07 6.84
N GLU L 144 -49.59 59.86 8.15
CA GLU L 144 -49.71 60.91 9.15
C GLU L 144 -50.87 61.84 8.84
N ALA L 145 -51.99 61.29 8.41
CA ALA L 145 -53.15 62.06 8.01
C ALA L 145 -54.31 61.80 8.96
N LYS L 146 -54.97 62.87 9.38
CA LYS L 146 -56.16 62.78 10.23
C LYS L 146 -57.28 63.56 9.57
N VAL L 147 -58.51 63.07 9.75
CA VAL L 147 -59.70 63.69 9.16
C VAL L 147 -60.51 64.33 10.28
N GLN L 148 -60.77 65.63 10.14
CA GLN L 148 -61.58 66.37 11.10
C GLN L 148 -62.99 66.50 10.53
N TRP L 149 -63.95 65.92 11.23
CA TRP L 149 -65.35 65.91 10.80
C TRP L 149 -66.10 67.01 11.53
N LYS L 150 -66.42 68.09 10.82
CA LYS L 150 -67.13 69.24 11.38
C LYS L 150 -68.53 69.28 10.78
N VAL L 151 -69.54 69.01 11.62
CA VAL L 151 -70.93 69.02 11.20
C VAL L 151 -71.59 70.26 11.81
N ASP L 152 -72.19 71.09 10.97
CA ASP L 152 -72.79 72.34 11.41
C ASP L 152 -71.77 73.18 12.16
N ASN L 153 -70.55 73.20 11.66
CA ASN L 153 -69.43 73.91 12.30
C ASN L 153 -69.16 73.36 13.70
N ALA L 154 -69.46 72.08 13.91
CA ALA L 154 -69.25 71.43 15.20
C ALA L 154 -68.37 70.20 15.02
N LEU L 155 -67.45 70.00 15.95
CA LEU L 155 -66.58 68.83 15.91
C LEU L 155 -67.39 67.56 16.14
N GLN L 156 -67.03 66.49 15.44
CA GLN L 156 -67.67 65.20 15.58
C GLN L 156 -66.62 64.12 15.80
N SER L 157 -66.91 63.21 16.73
CA SER L 157 -65.98 62.14 17.05
C SER L 157 -66.76 60.95 17.59
N GLY L 158 -66.11 59.79 17.59
CA GLY L 158 -66.71 58.57 18.08
C GLY L 158 -67.58 57.83 17.08
N ASN L 159 -67.67 58.32 15.83
CA ASN L 159 -68.47 57.64 14.81
C ASN L 159 -67.77 57.66 13.46
N SER L 160 -66.44 57.65 13.45
CA SER L 160 -65.66 57.69 12.22
C SER L 160 -64.81 56.43 12.13
N GLN L 161 -64.78 55.83 10.95
CA GLN L 161 -63.96 54.65 10.67
C GLN L 161 -63.03 54.96 9.50
N GLU L 162 -61.76 54.59 9.65
CA GLU L 162 -60.74 54.87 8.65
C GLU L 162 -60.22 53.57 8.05
N SER L 163 -59.75 53.67 6.81
CA SER L 163 -59.14 52.53 6.13
C SER L 163 -58.06 53.06 5.21
N VAL L 164 -56.83 52.54 5.37
CA VAL L 164 -55.69 52.97 4.59
C VAL L 164 -55.18 51.78 3.79
N THR L 165 -55.00 51.98 2.48
CA THR L 165 -54.52 50.92 1.62
C THR L 165 -52.99 50.81 1.69
N GLU L 166 -52.48 49.73 1.10
CA GLU L 166 -51.04 49.49 1.12
C GLU L 166 -50.31 50.50 0.23
N GLN L 167 -49.00 50.54 0.39
CA GLN L 167 -48.17 51.38 -0.46
C GLN L 167 -48.29 50.94 -1.91
N ASP L 168 -48.38 51.91 -2.82
CA ASP L 168 -48.43 51.60 -4.24
C ASP L 168 -47.08 51.04 -4.71
N SER L 169 -47.15 50.09 -5.63
CA SER L 169 -45.92 49.51 -6.18
C SER L 169 -45.26 50.44 -7.18
N LYS L 170 -46.05 51.18 -7.96
CA LYS L 170 -45.48 52.05 -8.99
C LYS L 170 -45.02 53.38 -8.40
N ASP L 171 -45.95 54.14 -7.81
CA ASP L 171 -45.64 55.46 -7.28
C ASP L 171 -45.42 55.46 -5.78
N SER L 172 -45.49 54.31 -5.11
CA SER L 172 -45.27 54.22 -3.67
C SER L 172 -46.11 55.22 -2.90
N THR L 173 -47.39 55.31 -3.26
CA THR L 173 -48.29 56.29 -2.67
C THR L 173 -49.36 55.61 -1.84
N TYR L 174 -49.96 56.39 -0.93
CA TYR L 174 -50.93 55.90 0.03
C TYR L 174 -52.35 56.31 -0.38
N SER L 175 -53.30 55.97 0.48
CA SER L 175 -54.69 56.37 0.32
C SER L 175 -55.37 56.23 1.68
N LEU L 176 -56.48 56.95 1.85
CA LEU L 176 -57.20 56.90 3.11
C LEU L 176 -58.65 57.31 2.88
N SER L 177 -59.56 56.70 3.64
CA SER L 177 -60.98 57.01 3.55
C SER L 177 -61.57 57.03 4.95
N SER L 178 -62.35 58.07 5.24
CA SER L 178 -63.04 58.21 6.52
C SER L 178 -64.54 58.30 6.26
N THR L 179 -65.32 57.59 7.08
CA THR L 179 -66.76 57.53 6.91
C THR L 179 -67.44 57.77 8.26
N LEU L 180 -68.48 58.60 8.25
CA LEU L 180 -69.30 58.83 9.42
C LEU L 180 -70.60 58.05 9.28
N THR L 181 -70.82 57.10 10.18
CA THR L 181 -72.04 56.31 10.22
C THR L 181 -72.99 56.95 11.23
N LEU L 182 -74.17 57.34 10.77
CA LEU L 182 -75.11 58.05 11.60
C LEU L 182 -76.54 57.74 11.15
N SER L 183 -77.48 57.97 12.04
CA SER L 183 -78.89 57.72 11.74
C SER L 183 -79.39 58.65 10.65
N LYS L 184 -80.35 58.16 9.87
CA LYS L 184 -80.91 58.96 8.78
C LYS L 184 -81.58 60.22 9.31
N ALA L 185 -82.31 60.10 10.42
CA ALA L 185 -83.04 61.25 10.96
C ALA L 185 -82.09 62.38 11.33
N ASP L 186 -80.96 62.06 11.97
CA ASP L 186 -80.01 63.09 12.36
C ASP L 186 -79.39 63.77 11.15
N TYR L 187 -79.31 63.07 10.02
CA TYR L 187 -78.72 63.68 8.82
C TYR L 187 -79.52 64.88 8.37
N GLU L 188 -80.86 64.78 8.37
CA GLU L 188 -81.69 65.90 7.97
C GLU L 188 -81.58 67.07 8.96
N LYS L 189 -81.48 66.77 10.25
CA LYS L 189 -81.41 67.84 11.24
C LYS L 189 -80.18 68.71 11.03
N HIS L 190 -79.04 68.10 10.75
CA HIS L 190 -77.81 68.86 10.53
C HIS L 190 -77.92 69.67 9.24
N LYS L 191 -77.25 70.82 9.23
CA LYS L 191 -77.33 71.74 8.10
C LYS L 191 -76.19 71.55 7.11
N VAL L 192 -74.95 71.69 7.57
CA VAL L 192 -73.79 71.68 6.69
C VAL L 192 -72.79 70.63 7.18
N TYR L 193 -72.20 69.92 6.23
CA TYR L 193 -71.22 68.87 6.51
C TYR L 193 -69.87 69.31 5.96
N ALA L 194 -68.81 69.13 6.76
CA ALA L 194 -67.47 69.53 6.38
C ALA L 194 -66.47 68.44 6.77
N CYS L 195 -65.47 68.23 5.93
CA CYS L 195 -64.37 67.31 6.23
C CYS L 195 -63.07 68.10 6.23
N GLU L 196 -62.31 67.99 7.32
CA GLU L 196 -61.05 68.69 7.47
C GLU L 196 -59.91 67.69 7.56
N VAL L 197 -58.83 67.94 6.85
CA VAL L 197 -57.67 67.06 6.79
C VAL L 197 -56.42 67.86 7.15
N THR L 198 -55.53 67.24 7.92
CA THR L 198 -54.27 67.85 8.32
C THR L 198 -53.13 66.93 7.92
N HIS L 199 -52.32 67.39 6.97
CA HIS L 199 -51.19 66.61 6.48
C HIS L 199 -49.96 67.50 6.35
N GLN L 200 -48.79 66.89 6.52
CA GLN L 200 -47.54 67.63 6.40
C GLN L 200 -47.30 68.14 4.98
N GLY L 201 -47.87 67.48 3.98
CA GLY L 201 -47.67 67.88 2.60
C GLY L 201 -48.46 69.08 2.15
N LEU L 202 -49.30 69.63 3.02
CA LEU L 202 -50.10 70.81 2.73
C LEU L 202 -49.66 71.95 3.63
N SER L 203 -49.60 73.16 3.05
CA SER L 203 -49.20 74.33 3.83
C SER L 203 -50.18 74.58 4.98
N SER L 204 -51.48 74.47 4.71
CA SER L 204 -52.51 74.68 5.71
C SER L 204 -53.58 73.60 5.57
N PRO L 205 -54.29 73.29 6.65
CA PRO L 205 -55.35 72.28 6.56
C PRO L 205 -56.41 72.64 5.54
N VAL L 206 -56.53 71.84 4.49
CA VAL L 206 -57.54 72.07 3.46
C VAL L 206 -58.85 71.42 3.89
N THR L 207 -59.95 72.16 3.74
CA THR L 207 -61.27 71.69 4.12
C THR L 207 -62.19 71.76 2.91
N LYS L 208 -62.78 70.61 2.57
CA LYS L 208 -63.80 70.53 1.52
C LYS L 208 -65.11 70.09 2.16
N SER L 209 -66.16 70.87 1.94
CA SER L 209 -67.46 70.62 2.56
C SER L 209 -68.54 70.63 1.47
N PHE L 210 -69.78 70.39 1.90
CA PHE L 210 -70.91 70.40 0.99
C PHE L 210 -72.17 70.74 1.78
N ASN L 211 -73.19 71.19 1.05
CA ASN L 211 -74.45 71.57 1.67
C ASN L 211 -75.51 70.50 1.42
N ARG L 212 -76.33 70.25 2.44
CA ARG L 212 -77.38 69.24 2.33
C ARG L 212 -78.30 69.55 1.16
N GLY L 213 -78.29 68.68 0.16
CA GLY L 213 -79.10 68.88 -1.03
C GLY L 213 -78.32 69.47 -2.19
N VAL M 2 -24.94 38.72 -73.64
CA VAL M 2 -24.02 38.14 -74.61
C VAL M 2 -24.54 36.80 -75.09
N GLN M 3 -25.68 36.81 -75.76
CA GLN M 3 -26.27 35.57 -76.27
C GLN M 3 -25.36 34.96 -77.32
N LEU M 4 -24.88 33.76 -77.06
CA LEU M 4 -23.98 33.07 -77.98
C LEU M 4 -24.77 32.38 -79.09
N GLN M 5 -24.25 32.45 -80.31
CA GLN M 5 -24.85 31.78 -81.45
C GLN M 5 -23.97 30.61 -81.86
N GLU M 6 -24.60 29.43 -82.01
CA GLU M 6 -23.90 28.19 -82.32
C GLU M 6 -24.25 27.76 -83.74
N SER M 7 -23.22 27.47 -84.52
CA SER M 7 -23.38 27.03 -85.92
C SER M 7 -23.01 25.55 -85.98
N GLY M 8 -24.01 24.70 -85.84
CA GLY M 8 -23.80 23.27 -85.87
C GLY M 8 -24.36 22.64 -87.13
N PRO M 9 -23.59 21.73 -87.74
CA PRO M 9 -24.08 21.08 -88.96
C PRO M 9 -25.18 20.07 -88.70
N GLY M 10 -25.10 19.31 -87.61
CA GLY M 10 -26.11 18.33 -87.29
C GLY M 10 -25.98 17.02 -88.03
N LEU M 11 -24.96 16.88 -88.88
CA LEU M 11 -24.78 15.65 -89.66
C LEU M 11 -23.29 15.38 -89.75
N VAL M 12 -22.80 14.42 -88.97
CA VAL M 12 -21.40 14.03 -88.99
C VAL M 12 -21.33 12.50 -89.07
N LYS M 13 -20.53 12.00 -90.00
CA LYS M 13 -20.37 10.56 -90.13
C LYS M 13 -19.67 9.97 -88.92
N PRO M 14 -20.03 8.75 -88.52
CA PRO M 14 -19.39 8.15 -87.34
C PRO M 14 -17.91 7.93 -87.56
N SER M 15 -17.16 7.96 -86.45
CA SER M 15 -15.72 7.75 -86.47
C SER M 15 -15.03 8.76 -87.38
N GLU M 16 -15.48 10.01 -87.32
CA GLU M 16 -14.94 11.09 -88.13
C GLU M 16 -14.77 12.31 -87.23
N THR M 17 -14.48 13.46 -87.85
CA THR M 17 -14.33 14.70 -87.13
C THR M 17 -15.68 15.36 -86.91
N LEU M 18 -15.89 15.88 -85.69
CA LEU M 18 -17.12 16.58 -85.34
C LEU M 18 -16.75 17.93 -84.76
N SER M 19 -17.03 19.00 -85.49
CA SER M 19 -16.72 20.35 -85.08
C SER M 19 -17.99 21.17 -84.96
N VAL M 20 -18.15 21.87 -83.84
CA VAL M 20 -19.27 22.77 -83.62
C VAL M 20 -18.72 24.10 -83.14
N THR M 21 -19.11 25.17 -83.84
CA THR M 21 -18.65 26.51 -83.52
C THR M 21 -19.67 27.22 -82.62
N CYS M 22 -19.21 28.28 -81.96
CA CYS M 22 -20.07 29.05 -81.07
C CYS M 22 -19.60 30.49 -81.09
N SER M 23 -20.51 31.40 -81.43
CA SER M 23 -20.19 32.82 -81.42
C SER M 23 -20.30 33.37 -80.00
N VAL M 24 -19.79 34.57 -79.82
CA VAL M 24 -19.80 35.23 -78.51
C VAL M 24 -20.86 36.31 -78.45
N SER M 25 -20.80 37.27 -79.37
CA SER M 25 -21.84 38.28 -79.47
C SER M 25 -21.79 39.24 -78.29
N GLY M 26 -21.81 40.54 -78.57
CA GLY M 26 -21.87 41.55 -77.53
C GLY M 26 -20.54 42.01 -77.00
N ASP M 27 -19.84 41.14 -76.26
CA ASP M 27 -18.60 41.51 -75.60
C ASP M 27 -17.53 40.47 -75.87
N SER M 28 -16.27 40.86 -75.63
CA SER M 28 -15.13 39.98 -75.88
C SER M 28 -15.09 38.86 -74.84
N MET M 29 -14.09 37.98 -74.97
CA MET M 29 -13.98 36.81 -74.10
C MET M 29 -12.54 36.75 -73.61
N ASN M 30 -12.26 37.41 -72.48
CA ASN M 30 -10.95 37.36 -71.87
C ASN M 30 -10.97 37.10 -70.36
N ASN M 31 -12.05 37.39 -69.66
CA ASN M 31 -12.14 37.20 -68.22
C ASN M 31 -13.32 36.29 -67.85
N TYR M 32 -13.75 35.46 -68.79
CA TYR M 32 -14.88 34.57 -68.58
C TYR M 32 -14.46 33.14 -68.86
N TYR M 33 -15.09 32.21 -68.13
CA TYR M 33 -14.83 30.80 -68.30
C TYR M 33 -15.88 30.21 -69.25
N TRP M 34 -15.42 29.45 -70.23
CA TRP M 34 -16.27 28.94 -71.30
C TRP M 34 -16.40 27.43 -71.13
N THR M 35 -17.61 26.98 -70.82
CA THR M 35 -17.90 25.57 -70.62
C THR M 35 -18.73 25.03 -71.78
N TRP M 36 -18.73 23.71 -71.91
CA TRP M 36 -19.50 23.03 -72.95
C TRP M 36 -20.24 21.86 -72.32
N ILE M 37 -21.55 21.81 -72.54
CA ILE M 37 -22.41 20.79 -71.94
C ILE M 37 -23.18 20.09 -73.06
N ARG M 38 -23.16 18.76 -73.05
CA ARG M 38 -23.87 17.96 -74.02
C ARG M 38 -24.96 17.16 -73.32
N GLN M 39 -26.18 17.23 -73.85
CA GLN M 39 -27.31 16.49 -73.32
C GLN M 39 -27.77 15.47 -74.36
N SER M 40 -27.88 14.21 -73.96
CA SER M 40 -28.32 13.15 -74.83
C SER M 40 -29.74 12.71 -74.47
N PRO M 41 -30.51 12.24 -75.45
CA PRO M 41 -31.88 11.78 -75.14
C PRO M 41 -31.85 10.61 -74.16
N GLY M 42 -32.84 10.60 -73.27
CA GLY M 42 -32.96 9.56 -72.27
C GLY M 42 -32.26 9.84 -70.97
N LYS M 43 -31.49 10.94 -70.88
CA LYS M 43 -30.78 11.30 -69.67
C LYS M 43 -30.66 12.81 -69.59
N GLY M 44 -29.96 13.29 -68.56
CA GLY M 44 -29.72 14.70 -68.38
C GLY M 44 -28.46 15.16 -69.09
N LEU M 45 -28.07 16.40 -68.81
CA LEU M 45 -26.87 16.96 -69.40
C LEU M 45 -25.62 16.35 -68.77
N GLU M 46 -24.52 16.41 -69.51
CA GLU M 46 -23.24 15.87 -69.07
C GLU M 46 -22.17 16.93 -69.32
N TRP M 47 -21.67 17.53 -68.23
CA TRP M 47 -20.64 18.55 -68.34
C TRP M 47 -19.38 17.96 -68.98
N ILE M 48 -18.79 18.70 -69.91
CA ILE M 48 -17.61 18.22 -70.62
C ILE M 48 -16.34 18.88 -70.09
N GLY M 49 -16.28 20.20 -70.09
CA GLY M 49 -15.10 20.88 -69.61
C GLY M 49 -15.24 22.38 -69.75
N TYR M 50 -14.16 23.08 -69.43
CA TYR M 50 -14.12 24.53 -69.51
C TYR M 50 -12.71 24.98 -69.85
N ILE M 51 -12.60 26.13 -70.49
CA ILE M 51 -11.31 26.69 -70.89
C ILE M 51 -11.30 28.18 -70.55
N SER M 52 -10.22 28.63 -69.92
CA SER M 52 -10.05 30.04 -69.61
C SER M 52 -8.70 30.22 -68.95
N ASP M 53 -8.32 31.49 -68.74
CA ASP M 53 -7.10 31.85 -68.03
C ASP M 53 -5.85 31.34 -68.76
N ARG M 54 -5.21 30.32 -68.20
CA ARG M 54 -3.94 29.82 -68.72
C ARG M 54 -4.11 28.99 -69.99
N GLU M 55 -5.33 28.91 -70.54
CA GLU M 55 -5.58 28.17 -71.76
C GLU M 55 -5.41 26.66 -71.56
N SER M 56 -5.55 26.21 -70.32
CA SER M 56 -5.46 24.78 -69.98
C SER M 56 -6.87 24.31 -69.66
N ALA M 57 -7.60 23.91 -70.70
CA ALA M 57 -8.98 23.49 -70.56
C ALA M 57 -9.04 22.08 -69.97
N THR M 58 -9.85 21.91 -68.92
CA THR M 58 -10.04 20.62 -68.29
C THR M 58 -11.18 19.87 -68.96
N TYR M 59 -11.07 18.54 -68.96
CA TYR M 59 -12.04 17.68 -69.63
C TYR M 59 -12.61 16.67 -68.63
N ASN M 60 -13.84 16.24 -68.91
CA ASN M 60 -14.51 15.29 -68.04
C ASN M 60 -13.73 13.97 -68.00
N PRO M 61 -13.68 13.30 -66.85
CA PRO M 61 -13.04 11.99 -66.78
C PRO M 61 -13.88 10.86 -67.37
N SER M 62 -15.11 11.14 -67.79
CA SER M 62 -15.98 10.15 -68.43
C SER M 62 -16.00 10.31 -69.94
N LEU M 63 -15.10 11.11 -70.49
CA LEU M 63 -15.00 11.31 -71.94
C LEU M 63 -13.66 10.87 -72.50
N ASN M 64 -12.78 10.33 -71.66
CA ASN M 64 -11.44 9.88 -72.05
C ASN M 64 -10.57 11.00 -72.57
N SER M 65 -10.99 12.25 -72.41
CA SER M 65 -10.22 13.43 -72.82
C SER M 65 -9.90 13.42 -74.30
N ARG M 66 -10.64 12.65 -75.10
CA ARG M 66 -10.44 12.64 -76.54
C ARG M 66 -10.95 13.90 -77.22
N VAL M 67 -11.77 14.68 -76.53
CA VAL M 67 -12.30 15.93 -77.07
C VAL M 67 -11.36 17.06 -76.70
N VAL M 68 -11.35 18.11 -77.52
CA VAL M 68 -10.55 19.30 -77.27
C VAL M 68 -11.43 20.52 -77.45
N ILE M 69 -11.16 21.55 -76.65
CA ILE M 69 -11.89 22.80 -76.69
C ILE M 69 -10.88 23.90 -76.98
N SER M 70 -10.79 24.31 -78.24
CA SER M 70 -9.89 25.38 -78.65
C SER M 70 -10.66 26.69 -78.63
N ARG M 71 -10.20 27.65 -77.83
CA ARG M 71 -10.83 28.95 -77.73
C ARG M 71 -10.11 29.92 -78.66
N ASP M 72 -10.85 30.48 -79.62
CA ASP M 72 -10.29 31.39 -80.60
C ASP M 72 -10.58 32.84 -80.21
N THR M 73 -9.68 33.73 -80.62
CA THR M 73 -9.83 35.15 -80.36
C THR M 73 -9.94 35.99 -81.63
N SER M 74 -9.43 35.51 -82.76
CA SER M 74 -9.54 36.27 -84.01
C SER M 74 -11.00 36.42 -84.42
N LYS M 75 -11.69 35.30 -84.63
CA LYS M 75 -13.08 35.30 -85.02
C LYS M 75 -14.04 35.16 -83.84
N ASN M 76 -13.52 35.04 -82.62
CA ASN M 76 -14.34 34.99 -81.40
C ASN M 76 -15.34 33.83 -81.46
N GLN M 77 -14.80 32.62 -81.53
CA GLN M 77 -15.61 31.41 -81.57
C GLN M 77 -14.97 30.34 -80.70
N LEU M 78 -15.79 29.38 -80.26
CA LEU M 78 -15.34 28.29 -79.42
C LEU M 78 -15.85 26.99 -80.03
N SER M 79 -14.99 26.32 -80.79
CA SER M 79 -15.37 25.13 -81.53
C SER M 79 -15.05 23.88 -80.72
N LEU M 80 -15.53 22.72 -81.16
CA LEU M 80 -15.27 21.45 -80.47
C LEU M 80 -14.71 20.47 -81.49
N LYS M 81 -13.58 19.84 -81.16
CA LYS M 81 -12.94 18.85 -82.04
C LYS M 81 -13.11 17.49 -81.39
N LEU M 82 -14.00 16.68 -81.95
CA LEU M 82 -14.25 15.33 -81.46
C LEU M 82 -13.58 14.33 -82.39
N ASN M 83 -12.75 13.46 -81.84
CA ASN M 83 -12.03 12.46 -82.61
C ASN M 83 -12.42 11.07 -82.15
N SER M 84 -12.51 10.13 -83.09
CA SER M 84 -12.92 8.76 -82.79
C SER M 84 -14.30 8.72 -82.13
N VAL M 85 -15.21 9.55 -82.64
CA VAL M 85 -16.55 9.61 -82.08
C VAL M 85 -17.32 8.34 -82.40
N THR M 86 -18.10 7.84 -81.41
CA THR M 86 -18.92 6.66 -81.60
C THR M 86 -20.26 7.02 -82.23
N PRO M 87 -20.88 6.08 -82.95
CA PRO M 87 -22.19 6.35 -83.56
C PRO M 87 -23.30 6.61 -82.56
N ALA M 88 -23.03 6.51 -81.26
CA ALA M 88 -24.03 6.74 -80.23
C ALA M 88 -23.76 8.05 -79.48
N ASP M 89 -23.26 9.06 -80.19
CA ASP M 89 -22.99 10.37 -79.62
C ASP M 89 -24.08 11.38 -79.95
N THR M 90 -25.22 10.91 -80.47
CA THR M 90 -26.31 11.81 -80.84
C THR M 90 -26.81 12.56 -79.60
N ALA M 91 -26.55 13.86 -79.54
CA ALA M 91 -26.96 14.66 -78.40
C ALA M 91 -26.85 16.12 -78.76
N VAL M 92 -27.75 16.93 -78.21
CA VAL M 92 -27.77 18.37 -78.46
C VAL M 92 -26.69 19.04 -77.61
N TYR M 93 -25.83 19.82 -78.25
CA TYR M 93 -24.73 20.48 -77.55
C TYR M 93 -25.15 21.87 -77.12
N TYR M 94 -24.70 22.26 -75.92
CA TYR M 94 -25.06 23.53 -75.32
C TYR M 94 -23.79 24.37 -75.13
N CYS M 95 -23.87 25.64 -75.54
CA CYS M 95 -22.76 26.57 -75.41
C CYS M 95 -23.12 27.60 -74.33
N ALA M 96 -22.40 27.56 -73.21
CA ALA M 96 -22.65 28.47 -72.11
C ALA M 96 -21.34 28.76 -71.38
N THR M 97 -21.32 29.88 -70.67
CA THR M 97 -20.16 30.32 -69.91
C THR M 97 -20.48 30.31 -68.42
N ALA M 98 -19.43 30.34 -67.60
CA ALA M 98 -19.57 30.29 -66.15
C ALA M 98 -18.56 31.21 -65.49
N ARG M 99 -18.92 31.66 -64.30
CA ARG M 99 -18.04 32.46 -63.45
C ARG M 99 -17.58 31.62 -62.26
N ARG M 100 -16.31 31.75 -61.91
CA ARG M 100 -15.68 30.91 -60.89
C ARG M 100 -15.71 31.63 -59.56
N GLY M 101 -16.69 31.29 -58.72
CA GLY M 101 -16.69 31.76 -57.36
C GLY M 101 -15.78 30.95 -56.47
N GLN M 102 -15.64 31.39 -55.22
CA GLN M 102 -14.82 30.70 -54.24
C GLN M 102 -15.62 30.50 -52.96
N ARG M 103 -15.58 29.29 -52.42
CA ARG M 103 -16.23 28.97 -51.16
C ARG M 103 -15.16 28.74 -50.11
N ILE M 104 -15.31 29.39 -48.95
CA ILE M 104 -14.35 29.32 -47.87
C ILE M 104 -15.05 28.76 -46.64
N TYR M 105 -14.39 27.82 -45.97
CA TYR M 105 -14.91 27.25 -44.74
C TYR M 105 -13.92 27.30 -43.58
N GLY M 106 -12.64 27.55 -43.83
CA GLY M 106 -11.64 27.66 -42.79
C GLY M 106 -10.56 28.65 -43.15
N VAL M 107 -9.42 28.59 -42.46
CA VAL M 107 -8.34 29.53 -42.72
C VAL M 107 -7.90 29.37 -44.17
N VAL M 108 -8.01 30.45 -44.95
CA VAL M 108 -7.65 30.39 -46.35
C VAL M 108 -6.14 30.35 -46.57
N SER M 109 -5.36 30.69 -45.54
CA SER M 109 -3.91 30.57 -45.66
C SER M 109 -3.47 29.11 -45.62
N PHE M 110 -4.22 28.27 -44.89
CA PHE M 110 -3.93 26.84 -44.91
C PHE M 110 -4.36 26.20 -46.22
N GLY M 111 -5.38 26.75 -46.86
CA GLY M 111 -5.89 26.21 -48.10
C GLY M 111 -7.29 25.64 -47.95
N GLU M 112 -8.05 26.19 -47.02
CA GLU M 112 -9.41 25.71 -46.74
C GLU M 112 -10.41 26.54 -47.56
N PHE M 113 -10.52 26.17 -48.84
CA PHE M 113 -11.45 26.79 -49.75
C PHE M 113 -11.46 25.99 -51.04
N PHE M 114 -12.59 26.00 -51.73
CA PHE M 114 -12.71 25.31 -53.00
C PHE M 114 -13.43 26.22 -54.00
N TYR M 115 -13.14 26.01 -55.28
CA TYR M 115 -13.71 26.79 -56.35
C TYR M 115 -14.93 26.09 -56.92
N TYR M 116 -16.01 26.84 -57.09
CA TYR M 116 -17.22 26.32 -57.71
C TYR M 116 -17.64 27.27 -58.82
N TYR M 117 -18.15 26.70 -59.91
CA TYR M 117 -18.53 27.44 -61.10
C TYR M 117 -20.05 27.46 -61.23
N SER M 118 -20.58 28.60 -61.67
CA SER M 118 -22.01 28.75 -61.92
C SER M 118 -22.20 29.23 -63.36
N MET M 119 -23.09 28.54 -64.09
CA MET M 119 -23.38 28.90 -65.48
C MET M 119 -24.32 30.10 -65.47
N ASP M 120 -23.76 31.30 -65.66
CA ASP M 120 -24.57 32.51 -65.62
C ASP M 120 -25.47 32.62 -66.85
N VAL M 121 -24.92 32.36 -68.03
CA VAL M 121 -25.65 32.51 -69.28
C VAL M 121 -25.56 31.21 -70.06
N TRP M 122 -26.59 30.96 -70.88
CA TRP M 122 -26.67 29.74 -71.67
C TRP M 122 -27.03 30.09 -73.11
N GLY M 123 -26.57 29.25 -74.02
CA GLY M 123 -26.97 29.34 -75.41
C GLY M 123 -28.04 28.33 -75.74
N LYS M 124 -28.83 28.64 -76.77
CA LYS M 124 -29.88 27.71 -77.19
C LYS M 124 -29.32 26.38 -77.66
N GLY M 125 -28.07 26.35 -78.12
CA GLY M 125 -27.44 25.13 -78.55
C GLY M 125 -27.81 24.75 -79.97
N THR M 126 -27.08 23.77 -80.50
CA THR M 126 -27.32 23.23 -81.84
C THR M 126 -27.39 21.72 -81.75
N THR M 127 -28.50 21.15 -82.21
CA THR M 127 -28.66 19.70 -82.19
C THR M 127 -27.81 19.08 -83.30
N VAL M 128 -26.92 18.16 -82.93
CA VAL M 128 -26.04 17.48 -83.86
C VAL M 128 -26.11 15.98 -83.59
N THR M 129 -26.21 15.19 -84.64
CA THR M 129 -26.28 13.74 -84.54
C THR M 129 -25.11 13.12 -85.31
N VAL M 130 -25.15 11.79 -85.42
CA VAL M 130 -24.15 11.03 -86.17
C VAL M 130 -24.89 10.09 -87.11
N SER M 131 -24.49 10.11 -88.39
CA SER M 131 -25.12 9.25 -89.39
C SER M 131 -24.08 8.68 -90.35
N VAL N 3 -33.89 11.33 -64.78
CA VAL N 3 -35.16 12.00 -64.52
C VAL N 3 -35.89 11.30 -63.38
N ARG N 4 -36.67 12.08 -62.63
CA ARG N 4 -37.45 11.56 -61.52
C ARG N 4 -38.86 12.14 -61.57
N PRO N 5 -39.83 11.45 -60.96
CA PRO N 5 -41.21 11.94 -60.98
C PRO N 5 -41.53 12.80 -59.79
N LEU N 6 -42.28 13.88 -60.05
CA LEU N 6 -42.76 14.77 -58.99
C LEU N 6 -43.99 15.48 -59.50
N SER N 7 -45.15 15.13 -58.96
CA SER N 7 -46.43 15.71 -59.39
C SER N 7 -46.89 16.73 -58.36
N VAL N 8 -47.22 17.93 -58.84
CA VAL N 8 -47.71 19.01 -58.01
C VAL N 8 -48.96 19.60 -58.66
N ALA N 9 -49.53 20.61 -58.01
CA ALA N 9 -50.69 21.31 -58.52
C ALA N 9 -50.46 22.81 -58.40
N LEU N 10 -51.42 23.59 -58.87
CA LEU N 10 -51.30 25.04 -58.83
C LEU N 10 -51.46 25.56 -57.40
N GLY N 11 -50.82 26.70 -57.14
CA GLY N 11 -51.01 27.39 -55.87
C GLY N 11 -50.09 26.95 -54.75
N GLU N 12 -50.33 25.76 -54.21
CA GLU N 12 -49.60 25.34 -53.01
C GLU N 12 -48.10 25.28 -53.28
N THR N 13 -47.34 25.72 -52.28
CA THR N 13 -45.89 25.76 -52.40
C THR N 13 -45.31 24.35 -52.51
N ALA N 14 -44.18 24.24 -53.22
CA ALA N 14 -43.52 22.97 -53.43
C ALA N 14 -42.07 23.09 -52.98
N ARG N 15 -41.60 22.12 -52.19
CA ARG N 15 -40.21 22.03 -51.76
C ARG N 15 -39.59 20.81 -52.42
N ILE N 16 -38.52 21.03 -53.19
CA ILE N 16 -37.85 19.97 -53.93
C ILE N 16 -36.36 19.99 -53.58
N SER N 17 -35.82 18.83 -53.24
CA SER N 17 -34.41 18.66 -52.92
C SER N 17 -33.75 17.76 -53.96
N CYS N 18 -32.46 17.47 -53.75
CA CYS N 18 -31.70 16.61 -54.64
C CYS N 18 -31.17 15.41 -53.88
N GLY N 19 -31.04 14.29 -54.58
CA GLY N 19 -30.66 13.05 -53.92
C GLY N 19 -29.28 13.10 -53.31
N ARG N 20 -28.31 13.70 -53.99
CA ARG N 20 -26.95 13.75 -53.49
C ARG N 20 -26.91 14.49 -52.16
N GLN N 21 -26.21 13.90 -51.19
CA GLN N 21 -26.09 14.45 -49.84
C GLN N 21 -24.74 15.12 -49.66
N ALA N 22 -24.73 16.21 -48.91
CA ALA N 22 -23.51 16.95 -48.64
C ALA N 22 -22.60 16.16 -47.69
N LEU N 23 -21.30 16.44 -47.80
CA LEU N 23 -20.28 15.91 -46.90
C LEU N 23 -19.31 17.01 -46.52
N GLY N 24 -19.84 18.17 -46.19
CA GLY N 24 -19.02 19.34 -45.87
C GLY N 24 -19.84 20.61 -46.07
N SER N 25 -19.13 21.67 -46.46
CA SER N 25 -19.77 22.95 -46.73
C SER N 25 -20.16 23.01 -48.21
N ARG N 26 -21.45 23.11 -48.48
CA ARG N 26 -21.95 22.99 -49.84
C ARG N 26 -22.14 24.35 -50.49
N ALA N 27 -22.08 24.35 -51.82
CA ALA N 27 -22.26 25.52 -52.67
C ALA N 27 -23.24 25.20 -53.79
N VAL N 28 -24.39 24.63 -53.43
CA VAL N 28 -25.33 24.13 -54.42
C VAL N 28 -25.82 25.26 -55.33
N GLN N 29 -26.18 24.88 -56.55
CA GLN N 29 -26.81 25.78 -57.51
C GLN N 29 -27.93 25.02 -58.20
N TRP N 30 -29.00 25.73 -58.56
CA TRP N 30 -30.16 25.10 -59.18
C TRP N 30 -30.35 25.64 -60.59
N TYR N 31 -30.71 24.74 -61.50
CA TYR N 31 -30.90 25.09 -62.91
C TYR N 31 -32.28 24.66 -63.39
N GLN N 32 -32.80 25.41 -64.36
CA GLN N 32 -34.12 25.17 -64.92
C GLN N 32 -33.96 24.78 -66.38
N HIS N 33 -34.22 23.52 -66.69
CA HIS N 33 -34.12 23.02 -68.07
C HIS N 33 -35.52 22.89 -68.65
N ARG N 34 -36.04 24.00 -69.16
CA ARG N 34 -37.26 23.96 -69.94
C ARG N 34 -36.95 23.35 -71.30
N PRO N 35 -37.66 22.30 -71.71
CA PRO N 35 -37.33 21.64 -72.99
C PRO N 35 -37.34 22.64 -74.13
N GLY N 36 -36.31 22.56 -74.97
CA GLY N 36 -36.15 23.49 -76.08
C GLY N 36 -35.32 24.71 -75.73
N GLN N 37 -35.80 25.53 -74.80
CA GLN N 37 -35.10 26.74 -74.42
C GLN N 37 -33.87 26.42 -73.57
N ALA N 38 -32.92 27.35 -73.57
CA ALA N 38 -31.68 27.15 -72.84
C ALA N 38 -31.93 27.17 -71.33
N PRO N 39 -31.16 26.42 -70.56
CA PRO N 39 -31.34 26.40 -69.11
C PRO N 39 -31.03 27.76 -68.49
N ILE N 40 -31.68 28.03 -67.37
CA ILE N 40 -31.53 29.29 -66.65
C ILE N 40 -31.13 28.99 -65.21
N LEU N 41 -30.15 29.74 -64.70
CA LEU N 41 -29.69 29.57 -63.32
C LEU N 41 -30.68 30.22 -62.37
N LEU N 42 -31.22 29.45 -61.43
CA LEU N 42 -32.17 29.98 -60.47
C LEU N 42 -31.45 30.66 -59.30
N ILE N 43 -30.66 29.90 -58.54
CA ILE N 43 -29.94 30.43 -57.39
C ILE N 43 -28.61 29.70 -57.25
N TYR N 44 -27.55 30.45 -56.97
CA TYR N 44 -26.24 29.90 -56.67
C TYR N 44 -25.86 30.27 -55.25
N ASN N 45 -24.86 29.57 -54.72
CA ASN N 45 -24.39 29.78 -53.35
C ASN N 45 -25.50 29.50 -52.34
N ASN N 46 -26.45 28.66 -52.76
CA ASN N 46 -27.55 28.15 -51.93
C ASN N 46 -28.61 29.21 -51.66
N GLN N 47 -28.32 30.48 -51.93
CA GLN N 47 -29.33 31.51 -51.74
C GLN N 47 -29.28 32.65 -52.74
N ASP N 48 -28.27 32.71 -53.62
CA ASP N 48 -27.96 33.95 -54.34
C ASP N 48 -28.48 33.86 -55.77
N ARG N 49 -29.76 34.17 -55.93
CA ARG N 49 -30.34 34.21 -57.26
C ARG N 49 -29.81 35.41 -58.04
N PRO N 50 -29.60 35.26 -59.34
CA PRO N 50 -29.15 36.38 -60.17
C PRO N 50 -30.32 37.26 -60.57
N SER N 51 -29.98 38.47 -61.02
CA SER N 51 -30.99 39.42 -61.44
C SER N 51 -31.82 38.85 -62.59
N GLY N 52 -33.13 39.03 -62.51
CA GLY N 52 -34.02 38.52 -63.54
C GLY N 52 -34.90 37.38 -63.08
N ILE N 53 -34.34 36.46 -62.31
CA ILE N 53 -35.12 35.35 -61.78
C ILE N 53 -36.16 35.89 -60.80
N PRO N 54 -37.39 35.38 -60.81
CA PRO N 54 -38.40 35.91 -59.89
C PRO N 54 -37.96 35.78 -58.45
N GLU N 55 -38.27 36.80 -57.64
CA GLU N 55 -37.87 36.82 -56.24
C GLU N 55 -38.85 36.02 -55.40
N ARG N 56 -39.09 34.76 -55.79
CA ARG N 56 -39.92 33.85 -55.01
C ARG N 56 -39.29 32.48 -54.83
N PHE N 57 -38.24 32.15 -55.59
CA PHE N 57 -37.50 30.90 -55.40
C PHE N 57 -36.41 31.14 -54.37
N SER N 58 -36.53 30.50 -53.20
CA SER N 58 -35.58 30.67 -52.11
C SER N 58 -34.97 29.34 -51.74
N GLY N 59 -33.64 29.31 -51.61
CA GLY N 59 -32.93 28.11 -51.25
C GLY N 59 -32.56 28.06 -49.78
N THR N 60 -32.14 26.88 -49.34
CA THR N 60 -31.75 26.69 -47.95
C THR N 60 -30.37 27.29 -47.71
N PRO N 61 -30.20 28.18 -46.74
CA PRO N 61 -28.87 28.69 -46.43
C PRO N 61 -28.00 27.61 -45.81
N ASP N 62 -26.69 27.75 -45.99
CA ASP N 62 -25.72 26.81 -45.44
C ASP N 62 -25.31 27.29 -44.05
N ILE N 63 -25.81 26.61 -43.02
CA ILE N 63 -25.45 26.91 -41.64
C ILE N 63 -25.92 25.74 -40.79
N ASN N 64 -25.15 25.42 -39.75
CA ASN N 64 -25.46 24.28 -38.89
C ASN N 64 -25.54 22.99 -39.70
N PHE N 65 -24.36 22.60 -40.21
CA PHE N 65 -24.24 21.48 -41.15
C PHE N 65 -25.20 20.35 -40.81
N GLY N 66 -25.84 19.81 -41.83
CA GLY N 66 -26.78 18.72 -41.67
C GLY N 66 -28.09 18.94 -42.41
N THR N 67 -28.54 20.19 -42.48
CA THR N 67 -29.79 20.50 -43.13
C THR N 67 -29.74 20.14 -44.62
N ARG N 68 -30.79 19.50 -45.11
CA ARG N 68 -30.84 19.07 -46.49
C ARG N 68 -30.96 20.28 -47.43
N ALA N 69 -30.35 20.16 -48.61
CA ALA N 69 -30.40 21.20 -49.63
C ALA N 69 -31.70 21.05 -50.41
N THR N 70 -32.71 21.79 -49.98
CA THR N 70 -34.02 21.78 -50.62
C THR N 70 -34.31 23.15 -51.22
N LEU N 71 -35.03 23.15 -52.33
CA LEU N 71 -35.38 24.37 -53.06
C LEU N 71 -36.88 24.60 -52.98
N THR N 72 -37.26 25.86 -52.80
CA THR N 72 -38.66 26.24 -52.71
C THR N 72 -39.08 27.01 -53.96
N ILE N 73 -40.21 26.60 -54.55
CA ILE N 73 -40.74 27.22 -55.75
C ILE N 73 -42.15 27.73 -55.49
N SER N 74 -42.38 28.19 -54.26
CA SER N 74 -43.69 28.70 -53.87
C SER N 74 -44.24 29.64 -54.94
N GLY N 75 -45.56 29.72 -55.01
CA GLY N 75 -46.21 30.48 -56.06
C GLY N 75 -46.02 29.84 -57.42
N VAL N 76 -46.14 28.52 -57.48
CA VAL N 76 -45.97 27.80 -58.74
C VAL N 76 -47.01 28.27 -59.76
N GLU N 77 -46.62 28.22 -61.03
CA GLU N 77 -47.48 28.62 -62.13
C GLU N 77 -47.87 27.41 -62.96
N ALA N 78 -48.82 27.62 -63.87
CA ALA N 78 -49.32 26.52 -64.70
C ALA N 78 -48.28 25.99 -65.66
N GLY N 79 -47.39 26.86 -66.15
CA GLY N 79 -46.41 26.47 -67.14
C GLY N 79 -45.18 25.78 -66.61
N ASP N 80 -45.09 25.56 -65.30
CA ASP N 80 -43.92 24.94 -64.68
C ASP N 80 -43.94 23.44 -64.97
N GLU N 81 -43.47 23.09 -66.16
CA GLU N 81 -43.39 21.70 -66.60
C GLU N 81 -41.98 21.37 -67.07
N ALA N 82 -40.96 21.90 -66.40
CA ALA N 82 -39.58 21.66 -66.74
C ALA N 82 -38.94 20.71 -65.74
N ASP N 83 -37.68 20.40 -65.95
CA ASP N 83 -36.90 19.53 -65.07
C ASP N 83 -35.79 20.36 -64.43
N TYR N 84 -35.71 20.31 -63.11
CA TYR N 84 -34.72 21.09 -62.38
C TYR N 84 -33.41 20.33 -62.28
N TYR N 85 -32.44 20.90 -61.57
CA TYR N 85 -31.12 20.31 -61.45
C TYR N 85 -30.41 20.91 -60.25
N CYS N 86 -30.00 20.04 -59.32
CA CYS N 86 -29.28 20.45 -58.11
C CYS N 86 -27.80 20.13 -58.32
N HIS N 87 -26.99 21.17 -58.48
CA HIS N 87 -25.55 21.02 -58.63
C HIS N 87 -24.91 21.17 -57.26
N MET N 88 -24.41 20.07 -56.71
CA MET N 88 -23.86 20.04 -55.37
C MET N 88 -22.34 20.22 -55.45
N TRP N 89 -21.83 21.22 -54.73
CA TRP N 89 -20.39 21.41 -54.54
C TRP N 89 -20.14 21.38 -53.04
N ASP N 90 -19.28 20.46 -52.60
CA ASP N 90 -18.90 20.35 -51.20
C ASP N 90 -17.39 20.28 -51.09
N SER N 91 -16.90 20.58 -49.89
CA SER N 91 -15.45 20.62 -49.68
C SER N 91 -14.82 19.26 -49.90
N ARG N 92 -15.46 18.19 -49.43
CA ARG N 92 -14.85 16.87 -49.42
C ARG N 92 -15.00 16.14 -50.74
N SER N 93 -16.18 16.19 -51.35
CA SER N 93 -16.43 15.36 -52.52
C SER N 93 -15.57 15.73 -53.72
N GLY N 94 -14.92 16.89 -53.69
CA GLY N 94 -14.06 17.30 -54.79
C GLY N 94 -14.82 17.88 -55.96
N PHE N 95 -14.18 17.92 -57.12
CA PHE N 95 -14.82 18.48 -58.31
C PHE N 95 -16.12 17.75 -58.60
N SER N 96 -17.19 18.51 -58.83
CA SER N 96 -18.51 17.93 -59.12
C SER N 96 -18.74 17.98 -60.63
N TRP N 97 -18.13 17.01 -61.32
CA TRP N 97 -18.32 16.91 -62.76
C TRP N 97 -19.76 16.59 -63.12
N SER N 98 -20.39 15.68 -62.38
CA SER N 98 -21.76 15.28 -62.69
C SER N 98 -22.73 16.42 -62.42
N PHE N 99 -23.86 16.38 -63.12
CA PHE N 99 -24.90 17.39 -62.97
C PHE N 99 -26.07 16.94 -62.12
N GLY N 100 -25.99 15.75 -61.51
CA GLY N 100 -27.04 15.27 -60.64
C GLY N 100 -28.25 14.77 -61.41
N GLY N 101 -29.29 14.45 -60.66
CA GLY N 101 -30.53 13.93 -61.20
C GLY N 101 -31.55 15.03 -61.45
N ALA N 102 -32.29 14.90 -62.54
CA ALA N 102 -33.29 15.87 -62.92
C ALA N 102 -34.52 15.76 -62.02
N THR N 103 -35.50 16.63 -62.25
CA THR N 103 -36.72 16.64 -61.46
C THR N 103 -37.86 17.15 -62.35
N ARG N 104 -38.66 16.21 -62.86
CA ARG N 104 -39.79 16.59 -63.71
C ARG N 104 -40.85 17.31 -62.88
N LEU N 105 -41.40 18.38 -63.46
CA LEU N 105 -42.45 19.16 -62.83
C LEU N 105 -43.76 18.93 -63.56
N THR N 106 -44.80 18.56 -62.82
CA THR N 106 -46.12 18.34 -63.39
C THR N 106 -47.16 19.02 -62.52
N VAL N 107 -48.17 19.60 -63.15
CA VAL N 107 -49.20 20.33 -62.45
C VAL N 107 -50.57 19.67 -62.66
N VAL O 2 65.64 -40.72 -39.78
CA VAL O 2 64.99 -41.95 -40.23
C VAL O 2 64.27 -41.71 -41.55
N GLN O 3 65.04 -41.39 -42.59
CA GLN O 3 64.44 -41.14 -43.90
C GLN O 3 63.80 -42.41 -44.44
N LEU O 4 62.50 -42.34 -44.70
CA LEU O 4 61.77 -43.50 -45.20
C LEU O 4 61.91 -43.61 -46.71
N GLN O 5 62.08 -44.85 -47.18
CA GLN O 5 62.17 -45.14 -48.60
C GLN O 5 60.89 -45.84 -49.04
N GLU O 6 60.27 -45.34 -50.10
CA GLU O 6 59.01 -45.85 -50.60
C GLU O 6 59.23 -46.54 -51.95
N SER O 7 58.73 -47.76 -52.08
CA SER O 7 58.85 -48.54 -53.30
C SER O 7 57.47 -48.63 -53.95
N GLY O 8 57.20 -47.68 -54.85
CA GLY O 8 55.94 -47.63 -55.54
C GLY O 8 56.07 -48.02 -57.00
N PRO O 9 55.13 -48.84 -57.48
CA PRO O 9 55.19 -49.24 -58.90
C PRO O 9 54.81 -48.13 -59.86
N GLY O 10 53.83 -47.30 -59.51
CA GLY O 10 53.42 -46.21 -60.37
C GLY O 10 52.49 -46.62 -61.50
N LEU O 11 52.15 -47.90 -61.61
CA LEU O 11 51.29 -48.36 -62.70
C LEU O 11 50.36 -49.42 -62.11
N VAL O 12 49.10 -49.05 -61.88
CA VAL O 12 48.10 -49.97 -61.35
C VAL O 12 46.84 -49.84 -62.20
N LYS O 13 46.29 -50.96 -62.65
CA LYS O 13 45.09 -50.94 -63.45
C LYS O 13 43.90 -50.48 -62.61
N PRO O 14 42.95 -49.75 -63.20
CA PRO O 14 41.81 -49.26 -62.45
C PRO O 14 40.96 -50.40 -61.91
N SER O 15 40.29 -50.13 -60.79
CA SER O 15 39.41 -51.12 -60.15
C SER O 15 40.17 -52.40 -59.82
N GLU O 16 41.41 -52.24 -59.34
CA GLU O 16 42.25 -53.38 -58.99
C GLU O 16 42.91 -53.08 -57.65
N THR O 17 43.88 -53.90 -57.27
CA THR O 17 44.61 -53.72 -56.03
C THR O 17 45.76 -52.75 -56.23
N LEU O 18 45.94 -51.84 -55.27
CA LEU O 18 47.00 -50.84 -55.31
C LEU O 18 47.76 -50.90 -53.99
N SER O 19 49.02 -51.31 -54.03
CA SER O 19 49.85 -51.45 -52.84
C SER O 19 51.08 -50.57 -52.99
N VAL O 20 51.39 -49.81 -51.94
CA VAL O 20 52.60 -48.99 -51.87
C VAL O 20 53.32 -49.31 -50.57
N THR O 21 54.58 -49.71 -50.68
CA THR O 21 55.40 -50.04 -49.53
C THR O 21 56.23 -48.83 -49.11
N CYS O 22 56.68 -48.86 -47.86
CA CYS O 22 57.49 -47.76 -47.32
C CYS O 22 58.46 -48.32 -46.30
N SER O 23 59.76 -48.12 -46.54
CA SER O 23 60.76 -48.52 -45.57
C SER O 23 60.84 -47.50 -44.45
N VAL O 24 61.46 -47.91 -43.35
CA VAL O 24 61.63 -47.05 -42.18
C VAL O 24 63.04 -46.47 -42.11
N SER O 25 64.06 -47.34 -42.12
CA SER O 25 65.45 -46.90 -42.16
C SER O 25 65.86 -46.26 -40.84
N GLY O 26 67.01 -46.67 -40.32
CA GLY O 26 67.57 -46.06 -39.12
C GLY O 26 67.13 -46.69 -37.82
N ASP O 27 65.86 -46.50 -37.45
CA ASP O 27 65.36 -46.93 -36.16
C ASP O 27 64.06 -47.70 -36.34
N SER O 28 63.72 -48.51 -35.34
CA SER O 28 62.52 -49.31 -35.38
C SER O 28 61.28 -48.41 -35.27
N MET O 29 60.10 -49.04 -35.29
CA MET O 29 58.82 -48.34 -35.30
C MET O 29 57.91 -48.97 -34.25
N ASN O 30 57.99 -48.47 -33.02
CA ASN O 30 57.12 -48.94 -31.95
C ASN O 30 56.48 -47.84 -31.12
N ASN O 31 57.05 -46.63 -31.09
CA ASN O 31 56.52 -45.52 -30.30
C ASN O 31 56.24 -44.31 -31.18
N TYR O 32 56.04 -44.54 -32.47
CA TYR O 32 55.81 -43.46 -33.43
C TYR O 32 54.50 -43.71 -34.17
N TYR O 33 53.84 -42.61 -34.54
CA TYR O 33 52.59 -42.69 -35.29
C TYR O 33 52.90 -42.54 -36.77
N TRP O 34 52.35 -43.44 -37.58
CA TRP O 34 52.66 -43.50 -39.01
C TRP O 34 51.43 -43.07 -39.79
N THR O 35 51.54 -41.94 -40.47
CA THR O 35 50.46 -41.38 -41.27
C THR O 35 50.77 -41.54 -42.75
N TRP O 36 49.73 -41.39 -43.57
CA TRP O 36 49.85 -41.48 -45.02
C TRP O 36 49.05 -40.37 -45.65
N ILE O 37 49.70 -39.58 -46.50
CA ILE O 37 49.10 -38.41 -47.13
C ILE O 37 49.26 -38.53 -48.64
N ARG O 38 48.16 -38.32 -49.36
CA ARG O 38 48.15 -38.37 -50.82
C ARG O 38 47.83 -36.99 -51.37
N GLN O 39 48.62 -36.54 -52.33
CA GLN O 39 48.41 -35.26 -53.00
C GLN O 39 48.11 -35.52 -54.46
N SER O 40 47.00 -34.96 -54.94
CA SER O 40 46.61 -35.10 -56.33
C SER O 40 46.82 -33.80 -57.08
N PRO O 41 47.11 -33.86 -58.39
CA PRO O 41 47.31 -32.63 -59.16
C PRO O 41 46.05 -31.77 -59.14
N GLY O 42 46.26 -30.45 -59.11
CA GLY O 42 45.17 -29.51 -59.09
C GLY O 42 44.67 -29.13 -57.71
N LYS O 43 45.16 -29.78 -56.65
CA LYS O 43 44.75 -29.49 -55.29
C LYS O 43 45.92 -29.75 -54.36
N GLY O 44 45.68 -29.55 -53.06
CA GLY O 44 46.68 -29.79 -52.04
C GLY O 44 46.66 -31.21 -51.53
N LEU O 45 47.40 -31.44 -50.45
CA LEU O 45 47.47 -32.76 -49.86
C LEU O 45 46.15 -33.12 -49.18
N GLU O 46 45.92 -34.42 -49.05
CA GLU O 46 44.72 -34.94 -48.40
C GLU O 46 45.13 -36.03 -47.43
N TRP O 47 45.01 -35.74 -46.13
CA TRP O 47 45.38 -36.71 -45.11
C TRP O 47 44.47 -37.93 -45.18
N ILE O 48 45.07 -39.11 -45.05
CA ILE O 48 44.31 -40.36 -45.13
C ILE O 48 44.06 -40.96 -43.75
N GLY O 49 45.13 -41.23 -43.01
CA GLY O 49 44.97 -41.83 -41.70
C GLY O 49 46.31 -42.07 -41.05
N TYR O 50 46.26 -42.71 -39.89
CA TYR O 50 47.46 -43.02 -39.12
C TYR O 50 47.23 -44.31 -38.35
N ILE O 51 48.33 -45.01 -38.07
CA ILE O 51 48.28 -46.27 -37.34
C ILE O 51 49.39 -46.28 -36.31
N SER O 52 49.06 -46.67 -35.08
CA SER O 52 50.04 -46.80 -34.01
C SER O 52 49.33 -47.30 -32.76
N ASP O 53 50.14 -47.62 -31.74
CA ASP O 53 49.62 -48.02 -30.44
C ASP O 53 48.82 -49.32 -30.53
N ARG O 54 47.50 -49.22 -30.38
CA ARG O 54 46.62 -50.37 -30.32
C ARG O 54 46.38 -51.01 -31.69
N GLU O 55 47.07 -50.55 -32.73
CA GLU O 55 46.93 -51.12 -34.06
C GLU O 55 45.56 -50.85 -34.66
N SER O 56 44.89 -49.81 -34.19
CA SER O 56 43.58 -49.40 -34.69
C SER O 56 43.80 -48.12 -35.51
N ALA O 57 44.12 -48.29 -36.79
CA ALA O 57 44.40 -47.16 -37.65
C ALA O 57 43.11 -46.47 -38.07
N THR O 58 43.07 -45.15 -37.92
CA THR O 58 41.91 -44.36 -38.29
C THR O 58 42.03 -43.90 -39.75
N TYR O 59 40.89 -43.81 -40.42
CA TYR O 59 40.85 -43.47 -41.84
C TYR O 59 40.02 -42.21 -42.05
N ASN O 60 40.34 -41.48 -43.11
CA ASN O 60 39.63 -40.25 -43.41
C ASN O 60 38.17 -40.55 -43.70
N PRO O 61 37.25 -39.66 -43.30
CA PRO O 61 35.83 -39.85 -43.63
C PRO O 61 35.50 -39.51 -45.07
N SER O 62 36.45 -38.99 -45.84
CA SER O 62 36.24 -38.66 -47.24
C SER O 62 36.81 -39.74 -48.17
N LEU O 63 37.19 -40.89 -47.62
CA LEU O 63 37.70 -42.01 -48.41
C LEU O 63 36.83 -43.26 -48.28
N ASN O 64 35.74 -43.19 -47.54
CA ASN O 64 34.82 -44.30 -47.32
C ASN O 64 35.47 -45.46 -46.57
N SER O 65 36.66 -45.24 -45.99
CA SER O 65 37.37 -46.25 -45.22
C SER O 65 37.63 -47.52 -46.03
N ARG O 66 37.62 -47.41 -47.36
CA ARG O 66 37.91 -48.56 -48.20
C ARG O 66 39.40 -48.90 -48.26
N VAL O 67 40.26 -48.00 -47.78
CA VAL O 67 41.69 -48.21 -47.74
C VAL O 67 42.06 -48.80 -46.39
N VAL O 68 43.17 -49.53 -46.36
CA VAL O 68 43.68 -50.11 -45.12
C VAL O 68 45.18 -49.83 -45.03
N ILE O 69 45.64 -49.57 -43.81
CA ILE O 69 47.04 -49.30 -43.53
C ILE O 69 47.53 -50.39 -42.60
N SER O 70 48.22 -51.39 -43.15
CA SER O 70 48.76 -52.49 -42.36
C SER O 70 50.22 -52.16 -42.03
N ARG O 71 50.53 -52.08 -40.74
CA ARG O 71 51.88 -51.79 -40.29
C ARG O 71 52.59 -53.11 -39.98
N ASP O 72 53.70 -53.37 -40.67
CA ASP O 72 54.46 -54.59 -40.51
C ASP O 72 55.67 -54.34 -39.63
N THR O 73 56.11 -55.41 -38.95
CA THR O 73 57.28 -55.35 -38.09
C THR O 73 58.40 -56.30 -38.50
N SER O 74 58.08 -57.38 -39.23
CA SER O 74 59.13 -58.29 -39.68
C SER O 74 60.08 -57.59 -40.64
N LYS O 75 59.55 -57.09 -41.75
CA LYS O 75 60.35 -56.40 -42.75
C LYS O 75 60.36 -54.88 -42.56
N ASN O 76 59.66 -54.36 -41.56
CA ASN O 76 59.67 -52.94 -41.24
C ASN O 76 59.22 -52.10 -42.44
N GLN O 77 57.98 -52.32 -42.85
CA GLN O 77 57.39 -51.59 -43.97
C GLN O 77 55.93 -51.25 -43.66
N LEU O 78 55.44 -50.21 -44.31
CA LEU O 78 54.06 -49.74 -44.12
C LEU O 78 53.41 -49.64 -45.50
N SER O 79 52.67 -50.67 -45.89
CA SER O 79 52.09 -50.75 -47.22
C SER O 79 50.67 -50.18 -47.21
N LEU O 80 50.07 -50.01 -48.38
CA LEU O 80 48.70 -49.52 -48.50
C LEU O 80 47.93 -50.47 -49.39
N LYS O 81 46.78 -50.95 -48.91
CA LYS O 81 45.92 -51.84 -49.68
C LYS O 81 44.70 -51.05 -50.13
N LEU O 82 44.66 -50.70 -51.42
CA LEU O 82 43.56 -49.94 -51.99
C LEU O 82 42.67 -50.89 -52.79
N ASN O 83 41.39 -50.90 -52.47
CA ASN O 83 40.42 -51.77 -53.12
C ASN O 83 39.33 -50.93 -53.77
N SER O 84 38.87 -51.38 -54.94
CA SER O 84 37.84 -50.66 -55.70
C SER O 84 38.28 -49.23 -56.01
N VAL O 85 39.55 -49.07 -56.40
CA VAL O 85 40.07 -47.75 -56.70
C VAL O 85 39.51 -47.25 -58.03
N THR O 86 39.15 -45.95 -58.06
CA THR O 86 38.64 -45.32 -59.27
C THR O 86 39.78 -44.91 -60.19
N PRO O 87 39.53 -44.84 -61.50
CA PRO O 87 40.59 -44.40 -62.44
C PRO O 87 41.04 -42.97 -62.24
N ALA O 88 40.45 -42.22 -61.31
CA ALA O 88 40.83 -40.84 -61.04
C ALA O 88 41.55 -40.70 -59.71
N ASP O 89 42.34 -41.72 -59.35
CA ASP O 89 43.12 -41.71 -58.12
C ASP O 89 44.57 -41.35 -58.36
N THR O 90 44.91 -40.86 -59.56
CA THR O 90 46.28 -40.49 -59.87
C THR O 90 46.77 -39.40 -58.94
N ALA O 91 47.71 -39.74 -58.05
CA ALA O 91 48.22 -38.77 -57.10
C ALA O 91 49.48 -39.35 -56.46
N VAL O 92 50.42 -38.46 -56.15
CA VAL O 92 51.68 -38.86 -55.52
C VAL O 92 51.45 -39.12 -54.05
N TYR O 93 51.86 -40.29 -53.58
CA TYR O 93 51.67 -40.66 -52.19
C TYR O 93 52.90 -40.29 -51.36
N TYR O 94 52.64 -39.83 -50.14
CA TYR O 94 53.69 -39.38 -49.23
C TYR O 94 53.72 -40.25 -47.99
N CYS O 95 54.91 -40.70 -47.60
CA CYS O 95 55.11 -41.52 -46.42
C CYS O 95 55.80 -40.68 -45.36
N ALA O 96 55.08 -40.36 -44.28
CA ALA O 96 55.61 -39.55 -43.20
C ALA O 96 55.00 -40.01 -41.88
N THR O 97 55.70 -39.70 -40.80
CA THR O 97 55.26 -40.02 -39.44
C THR O 97 54.99 -38.75 -38.66
N ALA O 98 54.26 -38.90 -37.56
CA ALA O 98 53.87 -37.76 -36.74
C ALA O 98 53.89 -38.15 -35.28
N ARG O 99 54.13 -37.16 -34.42
CA ARG O 99 54.10 -37.32 -32.99
C ARG O 99 52.84 -36.66 -32.42
N ARG O 100 52.19 -37.33 -31.48
CA ARG O 100 50.89 -36.90 -30.95
C ARG O 100 51.11 -36.08 -29.69
N GLY O 101 51.12 -34.75 -29.84
CA GLY O 101 51.13 -33.89 -28.68
C GLY O 101 49.74 -33.73 -28.09
N GLN O 102 49.69 -33.03 -26.95
CA GLN O 102 48.43 -32.79 -26.27
C GLN O 102 48.29 -31.31 -25.98
N ARG O 103 47.10 -30.77 -26.22
CA ARG O 103 46.77 -29.40 -25.92
C ARG O 103 45.76 -29.36 -24.79
N ILE O 104 46.03 -28.56 -23.77
CA ILE O 104 45.18 -28.45 -22.59
C ILE O 104 44.70 -27.01 -22.48
N TYR O 105 43.41 -26.82 -22.22
CA TYR O 105 42.84 -25.50 -22.02
C TYR O 105 42.05 -25.37 -20.73
N GLY O 106 41.74 -26.47 -20.05
CA GLY O 106 41.02 -26.44 -18.79
C GLY O 106 41.39 -27.61 -17.91
N VAL O 107 40.56 -27.87 -16.89
CA VAL O 107 40.85 -28.97 -15.97
C VAL O 107 40.94 -30.27 -16.76
N VAL O 108 42.10 -30.92 -16.71
CA VAL O 108 42.31 -32.15 -17.46
C VAL O 108 41.60 -33.33 -16.82
N SER O 109 41.21 -33.23 -15.54
CA SER O 109 40.43 -34.30 -14.93
C SER O 109 39.02 -34.34 -15.48
N PHE O 110 38.47 -33.18 -15.87
CA PHE O 110 37.17 -33.17 -16.50
C PHE O 110 37.24 -33.68 -17.94
N GLY O 111 38.39 -33.51 -18.59
CA GLY O 111 38.56 -33.95 -19.96
C GLY O 111 38.71 -32.79 -20.92
N GLU O 112 39.26 -31.67 -20.43
CA GLU O 112 39.43 -30.47 -21.23
C GLU O 112 40.82 -30.44 -21.86
N PHE O 113 40.97 -31.27 -22.88
CA PHE O 113 42.20 -31.32 -23.67
C PHE O 113 41.90 -32.09 -24.95
N PHE O 114 42.71 -31.81 -25.97
CA PHE O 114 42.56 -32.50 -27.25
C PHE O 114 43.95 -32.85 -27.78
N TYR O 115 44.00 -33.91 -28.57
CA TYR O 115 45.24 -34.39 -29.16
C TYR O 115 45.42 -33.82 -30.56
N TYR O 116 46.62 -33.32 -30.83
CA TYR O 116 46.98 -32.84 -32.16
C TYR O 116 48.28 -33.48 -32.59
N TYR O 117 48.39 -33.83 -33.86
CA TYR O 117 49.54 -34.51 -34.42
C TYR O 117 50.33 -33.56 -35.29
N SER O 118 51.66 -33.66 -35.21
CA SER O 118 52.56 -32.87 -36.04
C SER O 118 53.48 -33.81 -36.80
N MET O 119 53.62 -33.57 -38.10
CA MET O 119 54.45 -34.42 -38.96
C MET O 119 55.89 -33.96 -38.83
N ASP O 120 56.67 -34.67 -38.02
CA ASP O 120 58.06 -34.29 -37.79
C ASP O 120 58.92 -34.58 -39.01
N VAL O 121 58.77 -35.76 -39.60
CA VAL O 121 59.61 -36.18 -40.71
C VAL O 121 58.71 -36.60 -41.87
N TRP O 122 59.24 -36.46 -43.08
CA TRP O 122 58.48 -36.80 -44.27
C TRP O 122 59.37 -37.58 -45.23
N GLY O 123 58.74 -38.40 -46.06
CA GLY O 123 59.43 -39.09 -47.13
C GLY O 123 59.22 -38.40 -48.46
N LYS O 124 60.15 -38.62 -49.38
CA LYS O 124 60.03 -38.03 -50.70
C LYS O 124 58.79 -38.53 -51.44
N GLY O 125 58.30 -39.72 -51.09
CA GLY O 125 57.12 -40.26 -51.72
C GLY O 125 57.40 -40.93 -53.04
N THR O 126 56.38 -41.63 -53.53
CA THR O 126 56.46 -42.32 -54.82
C THR O 126 55.22 -41.97 -55.62
N THR O 127 55.42 -41.47 -56.84
CA THR O 127 54.30 -41.11 -57.69
C THR O 127 53.70 -42.37 -58.31
N VAL O 128 52.40 -42.58 -58.08
CA VAL O 128 51.69 -43.74 -58.59
C VAL O 128 50.41 -43.25 -59.26
N THR O 129 50.13 -43.78 -60.45
CA THR O 129 48.95 -43.43 -61.21
C THR O 129 48.09 -44.68 -61.43
N VAL O 130 47.04 -44.52 -62.23
CA VAL O 130 46.15 -45.61 -62.61
C VAL O 130 46.02 -45.62 -64.12
N SER O 131 46.21 -46.79 -64.73
CA SER O 131 46.10 -46.93 -66.17
C SER O 131 45.41 -48.23 -66.56
N VAL P 3 44.92 -23.83 -53.72
CA VAL P 3 46.01 -22.88 -53.89
C VAL P 3 45.46 -21.45 -53.93
N ARG P 4 46.24 -20.51 -53.44
CA ARG P 4 45.88 -19.11 -53.42
C ARG P 4 47.04 -18.25 -53.88
N PRO P 5 46.76 -17.06 -54.44
CA PRO P 5 47.83 -16.20 -54.93
C PRO P 5 48.35 -15.24 -53.87
N LEU P 6 49.67 -15.23 -53.70
CA LEU P 6 50.32 -14.29 -52.80
C LEU P 6 51.65 -13.90 -53.42
N SER P 7 51.77 -12.64 -53.84
CA SER P 7 52.97 -12.14 -54.49
C SER P 7 53.75 -11.26 -53.52
N VAL P 8 55.04 -11.54 -53.38
CA VAL P 8 55.93 -10.79 -52.51
C VAL P 8 57.21 -10.46 -53.28
N ALA P 9 58.14 -9.80 -52.60
CA ALA P 9 59.42 -9.45 -53.17
C ALA P 9 60.51 -9.77 -52.15
N LEU P 10 61.76 -9.56 -52.54
CA LEU P 10 62.88 -9.86 -51.66
C LEU P 10 62.98 -8.83 -50.54
N GLY P 11 63.53 -9.25 -49.42
CA GLY P 11 63.83 -8.35 -48.32
C GLY P 11 62.70 -8.12 -47.34
N GLU P 12 61.68 -7.39 -47.76
CA GLU P 12 60.62 -6.99 -46.83
C GLU P 12 59.93 -8.20 -46.23
N THR P 13 59.61 -8.10 -44.94
CA THR P 13 58.97 -9.20 -44.23
C THR P 13 57.57 -9.44 -44.77
N ALA P 14 57.13 -10.70 -44.69
CA ALA P 14 55.82 -11.11 -45.15
C ALA P 14 55.08 -11.81 -44.03
N ARG P 15 53.83 -11.42 -43.81
CA ARG P 15 52.95 -12.06 -42.84
C ARG P 15 51.83 -12.75 -43.59
N ILE P 16 51.71 -14.06 -43.42
CA ILE P 16 50.73 -14.88 -44.12
C ILE P 16 49.93 -15.68 -43.10
N SER P 17 48.61 -15.64 -43.23
CA SER P 17 47.69 -16.36 -42.36
C SER P 17 46.93 -17.42 -43.18
N CYS P 18 46.00 -18.09 -42.53
CA CYS P 18 45.18 -19.10 -43.18
C CYS P 18 43.71 -18.75 -43.05
N GLY P 19 42.92 -19.17 -44.04
CA GLY P 19 41.53 -18.77 -44.09
C GLY P 19 40.71 -19.30 -42.92
N ARG P 20 40.95 -20.54 -42.52
CA ARG P 20 40.19 -21.13 -41.42
C ARG P 20 40.37 -20.32 -40.14
N GLN P 21 39.26 -20.05 -39.46
CA GLN P 21 39.25 -19.28 -38.24
C GLN P 21 39.06 -20.19 -37.03
N ALA P 22 39.74 -19.85 -35.94
CA ALA P 22 39.65 -20.65 -34.73
C ALA P 22 38.29 -20.49 -34.06
N LEU P 23 37.92 -21.49 -33.27
CA LEU P 23 36.72 -21.47 -32.45
C LEU P 23 37.04 -22.05 -31.07
N GLY P 24 38.17 -21.64 -30.52
CA GLY P 24 38.64 -22.15 -29.25
C GLY P 24 40.13 -21.95 -29.12
N SER P 25 40.78 -22.86 -28.41
CA SER P 25 42.22 -22.84 -28.23
C SER P 25 42.88 -23.61 -29.36
N ARG P 26 43.68 -22.93 -30.17
CA ARG P 26 44.23 -23.51 -31.38
C ARG P 26 45.65 -24.04 -31.16
N ALA P 27 46.02 -25.01 -31.99
CA ALA P 27 47.34 -25.64 -32.01
C ALA P 27 47.84 -25.73 -33.44
N VAL P 28 47.79 -24.61 -34.15
CA VAL P 28 48.11 -24.61 -35.58
C VAL P 28 49.55 -25.03 -35.80
N GLN P 29 49.81 -25.60 -36.98
CA GLN P 29 51.15 -25.94 -37.43
C GLN P 29 51.26 -25.54 -38.90
N TRP P 30 52.47 -25.17 -39.32
CA TRP P 30 52.71 -24.73 -40.69
C TRP P 30 53.66 -25.69 -41.38
N TYR P 31 53.38 -25.96 -42.66
CA TYR P 31 54.18 -26.88 -43.46
C TYR P 31 54.65 -26.19 -44.73
N GLN P 32 55.80 -26.64 -45.22
CA GLN P 32 56.45 -26.08 -46.41
C GLN P 32 56.44 -27.16 -47.49
N HIS P 33 55.62 -26.98 -48.52
CA HIS P 33 55.56 -27.94 -49.63
C HIS P 33 56.32 -27.35 -50.83
N ARG P 34 57.62 -27.52 -50.81
CA ARG P 34 58.42 -27.22 -52.00
C ARG P 34 58.17 -28.28 -53.05
N PRO P 35 57.78 -27.92 -54.27
CA PRO P 35 57.44 -28.94 -55.27
C PRO P 35 58.60 -29.90 -55.47
N GLY P 36 58.28 -31.19 -55.50
CA GLY P 36 59.31 -32.20 -55.59
C GLY P 36 59.75 -32.79 -54.27
N GLN P 37 60.35 -31.95 -53.43
CA GLN P 37 60.84 -32.36 -52.13
C GLN P 37 59.69 -32.52 -51.13
N ALA P 38 59.98 -33.32 -50.09
CA ALA P 38 59.01 -33.65 -49.03
C ALA P 38 58.75 -32.40 -48.18
N PRO P 39 57.51 -32.22 -47.65
CA PRO P 39 57.18 -31.06 -46.83
C PRO P 39 57.96 -31.02 -45.51
N ILE P 40 58.33 -29.82 -45.09
CA ILE P 40 59.09 -29.61 -43.86
C ILE P 40 58.23 -28.85 -42.88
N LEU P 41 58.20 -29.31 -41.63
CA LEU P 41 57.41 -28.66 -40.59
C LEU P 41 58.14 -27.40 -40.13
N LEU P 42 57.48 -26.25 -40.24
CA LEU P 42 58.09 -24.99 -39.83
C LEU P 42 57.95 -24.78 -38.32
N ILE P 43 56.72 -24.68 -37.83
CA ILE P 43 56.47 -24.45 -36.41
C ILE P 43 55.18 -25.15 -36.03
N TYR P 44 55.20 -25.81 -34.86
CA TYR P 44 54.02 -26.42 -34.28
C TYR P 44 53.72 -25.77 -32.93
N ASN P 45 52.49 -25.96 -32.46
CA ASN P 45 52.04 -25.35 -31.20
C ASN P 45 52.08 -23.83 -31.29
N ASN P 46 51.95 -23.32 -32.52
CA ASN P 46 51.85 -21.90 -32.84
C ASN P 46 53.18 -21.16 -32.73
N GLN P 47 54.17 -21.74 -32.08
CA GLN P 47 55.50 -21.14 -32.12
C GLN P 47 56.66 -22.12 -32.05
N ASP P 48 56.44 -23.41 -31.88
CA ASP P 48 57.49 -24.35 -31.47
C ASP P 48 58.11 -24.97 -32.71
N ARG P 49 59.01 -24.23 -33.35
CA ARG P 49 59.72 -24.75 -34.50
C ARG P 49 60.68 -25.86 -34.07
N PRO P 50 60.84 -26.89 -34.89
CA PRO P 50 61.80 -27.96 -34.58
C PRO P 50 63.22 -27.57 -34.98
N SER P 51 64.17 -28.30 -34.42
CA SER P 51 65.58 -28.04 -34.72
C SER P 51 65.84 -28.20 -36.20
N GLY P 52 66.61 -27.26 -36.77
CA GLY P 52 66.94 -27.30 -38.18
C GLY P 52 66.29 -26.18 -38.97
N ILE P 53 65.04 -25.88 -38.66
CA ILE P 53 64.36 -24.78 -39.36
C ILE P 53 65.01 -23.46 -38.97
N PRO P 54 65.21 -22.54 -39.90
CA PRO P 54 65.87 -21.28 -39.55
C PRO P 54 65.11 -20.54 -38.46
N GLU P 55 65.86 -19.92 -37.54
CA GLU P 55 65.26 -19.22 -36.42
C GLU P 55 64.83 -17.82 -36.83
N ARG P 56 64.05 -17.73 -37.91
CA ARG P 56 63.46 -16.47 -38.33
C ARG P 56 61.97 -16.57 -38.62
N PHE P 57 61.42 -17.77 -38.74
CA PHE P 57 59.97 -17.94 -38.90
C PHE P 57 59.34 -18.05 -37.52
N SER P 58 58.50 -17.07 -37.19
CA SER P 58 57.85 -17.01 -35.89
C SER P 58 56.34 -17.04 -36.06
N GLY P 59 55.66 -17.79 -35.18
CA GLY P 59 54.22 -17.88 -35.20
C GLY P 59 53.58 -16.99 -34.14
N THR P 60 52.27 -16.80 -34.29
CA THR P 60 51.51 -16.03 -33.32
C THR P 60 51.23 -16.87 -32.09
N PRO P 61 51.62 -16.45 -30.89
CA PRO P 61 51.30 -17.22 -29.69
C PRO P 61 49.80 -17.22 -29.42
N ASP P 62 49.33 -18.29 -28.80
CA ASP P 62 47.92 -18.43 -28.44
C ASP P 62 47.72 -17.82 -27.06
N ILE P 63 47.10 -16.64 -27.03
CA ILE P 63 46.77 -15.95 -25.78
C ILE P 63 45.79 -14.84 -26.11
N ASN P 64 44.84 -14.60 -25.22
CA ASN P 64 43.80 -13.60 -25.43
C ASN P 64 43.02 -13.91 -26.71
N PHE P 65 42.28 -15.01 -26.64
CA PHE P 65 41.58 -15.57 -27.78
C PHE P 65 41.01 -14.49 -28.69
N GLY P 66 41.18 -14.68 -30.00
CA GLY P 66 40.70 -13.74 -30.98
C GLY P 66 41.74 -13.39 -32.03
N THR P 67 43.01 -13.34 -31.63
CA THR P 67 44.06 -12.98 -32.56
C THR P 67 44.17 -14.00 -33.69
N ARG P 68 44.31 -13.50 -34.91
CA ARG P 68 44.39 -14.38 -36.07
C ARG P 68 45.71 -15.14 -36.08
N ALA P 69 45.67 -16.36 -36.59
CA ALA P 69 46.86 -17.21 -36.70
C ALA P 69 47.60 -16.83 -37.97
N THR P 70 48.59 -15.97 -37.83
CA THR P 70 49.40 -15.52 -38.95
C THR P 70 50.85 -15.93 -38.73
N LEU P 71 51.54 -16.22 -39.84
CA LEU P 71 52.92 -16.66 -39.83
C LEU P 71 53.81 -15.62 -40.49
N THR P 72 54.96 -15.34 -39.88
CA THR P 72 55.90 -14.38 -40.41
C THR P 72 57.12 -15.11 -40.97
N ILE P 73 57.49 -14.72 -42.19
CA ILE P 73 58.62 -15.33 -42.89
C ILE P 73 59.66 -14.25 -43.18
N SER P 74 59.80 -13.29 -42.26
CA SER P 74 60.73 -12.20 -42.44
C SER P 74 62.10 -12.72 -42.89
N GLY P 75 62.84 -11.87 -43.59
CA GLY P 75 64.09 -12.28 -44.20
C GLY P 75 63.87 -13.27 -45.33
N VAL P 76 62.86 -13.02 -46.16
CA VAL P 76 62.56 -13.91 -47.26
C VAL P 76 63.73 -13.99 -48.22
N GLU P 77 63.88 -15.14 -48.87
CA GLU P 77 64.95 -15.39 -49.81
C GLU P 77 64.38 -15.51 -51.22
N ALA P 78 65.28 -15.51 -52.21
CA ALA P 78 64.86 -15.56 -53.60
C ALA P 78 64.20 -16.88 -53.96
N GLY P 79 64.63 -17.97 -53.35
CA GLY P 79 64.13 -19.28 -53.68
C GLY P 79 62.80 -19.66 -53.05
N ASP P 80 62.21 -18.77 -52.27
CA ASP P 80 60.94 -19.05 -51.58
C ASP P 80 59.80 -19.00 -52.60
N GLU P 81 59.64 -20.11 -53.32
CA GLU P 81 58.58 -20.25 -54.31
C GLU P 81 57.76 -21.51 -54.05
N ALA P 82 57.50 -21.81 -52.79
CA ALA P 82 56.72 -22.98 -52.40
C ALA P 82 55.33 -22.56 -51.95
N ASP P 83 54.51 -23.54 -51.59
CA ASP P 83 53.16 -23.32 -51.09
C ASP P 83 53.11 -23.79 -49.64
N TYR P 84 52.60 -22.91 -48.76
CA TYR P 84 52.55 -23.20 -47.34
C TYR P 84 51.25 -23.92 -46.99
N TYR P 85 51.10 -24.24 -45.71
CA TYR P 85 49.91 -24.95 -45.25
C TYR P 85 49.71 -24.67 -43.77
N CYS P 86 48.55 -24.12 -43.42
CA CYS P 86 48.18 -23.83 -42.05
C CYS P 86 47.25 -24.92 -41.55
N HIS P 87 47.77 -25.80 -40.69
CA HIS P 87 46.99 -26.88 -40.09
C HIS P 87 46.42 -26.37 -38.78
N MET P 88 45.11 -26.17 -38.73
CA MET P 88 44.45 -25.60 -37.56
C MET P 88 43.80 -26.72 -36.74
N TRP P 89 44.18 -26.79 -35.46
CA TRP P 89 43.54 -27.67 -34.48
C TRP P 89 42.96 -26.77 -33.40
N ASP P 90 41.67 -26.95 -33.11
CA ASP P 90 41.00 -26.20 -32.07
C ASP P 90 40.15 -27.14 -31.23
N SER P 91 39.81 -26.68 -30.03
CA SER P 91 39.07 -27.53 -29.10
C SER P 91 37.70 -27.91 -29.65
N ARG P 92 37.01 -26.96 -30.28
CA ARG P 92 35.62 -27.16 -30.68
C ARG P 92 35.48 -27.87 -32.03
N SER P 93 36.28 -27.48 -33.02
CA SER P 93 36.07 -27.98 -34.38
C SER P 93 36.31 -29.48 -34.48
N GLY P 94 36.93 -30.09 -33.48
CA GLY P 94 37.18 -31.52 -33.52
C GLY P 94 38.37 -31.91 -34.37
N PHE P 95 38.43 -33.19 -34.77
CA PHE P 95 39.55 -33.67 -35.56
C PHE P 95 39.68 -32.85 -36.84
N SER P 96 40.90 -32.41 -37.14
CA SER P 96 41.16 -31.61 -38.33
C SER P 96 41.75 -32.51 -39.41
N TRP P 97 40.86 -33.24 -40.08
CA TRP P 97 41.29 -34.12 -41.16
C TRP P 97 41.84 -33.32 -42.33
N SER P 98 41.19 -32.21 -42.68
CA SER P 98 41.61 -31.42 -43.82
C SER P 98 42.95 -30.73 -43.55
N PHE P 99 43.67 -30.44 -44.62
CA PHE P 99 44.97 -29.78 -44.55
C PHE P 99 44.89 -28.29 -44.85
N GLY P 100 43.70 -27.74 -45.04
CA GLY P 100 43.55 -26.33 -45.31
C GLY P 100 43.95 -25.94 -46.71
N GLY P 101 43.98 -24.64 -46.96
CA GLY P 101 44.33 -24.09 -48.25
C GLY P 101 45.80 -23.72 -48.35
N ALA P 102 46.38 -23.99 -49.51
CA ALA P 102 47.79 -23.72 -49.75
C ALA P 102 48.02 -22.22 -49.90
N THR P 103 49.29 -21.84 -50.08
CA THR P 103 49.65 -20.44 -50.22
C THR P 103 50.88 -20.36 -51.12
N ARG P 104 50.66 -20.01 -52.38
CA ARG P 104 51.76 -19.89 -53.32
C ARG P 104 52.64 -18.70 -52.96
N LEU P 105 53.95 -18.88 -53.05
CA LEU P 105 54.92 -17.84 -52.77
C LEU P 105 55.60 -17.41 -54.07
N THR P 106 55.57 -16.11 -54.34
CA THR P 106 56.19 -15.56 -55.53
C THR P 106 57.01 -14.34 -55.13
N VAL P 107 58.18 -14.19 -55.77
CA VAL P 107 59.08 -13.09 -55.45
C VAL P 107 59.27 -12.19 -56.67
N VAL Q 2 -53.82 -66.94 -13.18
CA VAL Q 2 -54.39 -66.61 -14.48
C VAL Q 2 -53.46 -67.07 -15.58
N GLN Q 3 -53.25 -68.38 -15.68
CA GLN Q 3 -52.37 -68.93 -16.69
C GLN Q 3 -52.94 -68.67 -18.08
N LEU Q 4 -52.18 -67.96 -18.91
CA LEU Q 4 -52.63 -67.61 -20.25
C LEU Q 4 -52.34 -68.75 -21.22
N GLN Q 5 -53.31 -69.01 -22.11
CA GLN Q 5 -53.17 -70.02 -23.15
C GLN Q 5 -53.00 -69.32 -24.49
N GLU Q 6 -51.96 -69.71 -25.22
CA GLU Q 6 -51.63 -69.12 -26.51
C GLU Q 6 -51.90 -70.11 -27.63
N SER Q 7 -52.62 -69.65 -28.66
CA SER Q 7 -52.96 -70.47 -29.82
C SER Q 7 -52.15 -69.97 -31.01
N GLY Q 8 -50.99 -70.56 -31.21
CA GLY Q 8 -50.13 -70.18 -32.30
C GLY Q 8 -50.08 -71.23 -33.40
N PRO Q 9 -50.15 -70.79 -34.66
CA PRO Q 9 -50.10 -71.76 -35.76
C PRO Q 9 -48.73 -72.36 -35.97
N GLY Q 10 -47.67 -71.56 -35.81
CA GLY Q 10 -46.32 -72.05 -36.01
C GLY Q 10 -45.87 -72.15 -37.45
N LEU Q 11 -46.72 -71.77 -38.40
CA LEU Q 11 -46.37 -71.85 -39.81
C LEU Q 11 -46.96 -70.63 -40.51
N VAL Q 12 -46.12 -69.66 -40.81
CA VAL Q 12 -46.53 -68.45 -41.52
C VAL Q 12 -45.56 -68.18 -42.65
N LYS Q 13 -46.09 -67.94 -43.85
CA LYS Q 13 -45.25 -67.67 -45.00
C LYS Q 13 -44.54 -66.34 -44.83
N PRO Q 14 -43.31 -66.22 -45.33
CA PRO Q 14 -42.56 -64.96 -45.18
C PRO Q 14 -43.25 -63.82 -45.91
N SER Q 15 -43.02 -62.61 -45.39
CA SER Q 15 -43.59 -61.39 -45.98
C SER Q 15 -45.11 -61.47 -46.06
N GLU Q 16 -45.72 -62.02 -45.01
CA GLU Q 16 -47.16 -62.19 -44.95
C GLU Q 16 -47.63 -61.75 -43.56
N THR Q 17 -48.90 -62.03 -43.26
CA THR Q 17 -49.47 -61.69 -41.97
C THR Q 17 -49.18 -62.79 -40.96
N LEU Q 18 -48.79 -62.39 -39.75
CA LEU Q 18 -48.49 -63.32 -38.66
C LEU Q 18 -49.30 -62.89 -37.44
N SER Q 19 -50.22 -63.75 -37.00
CA SER Q 19 -51.08 -63.47 -35.87
C SER Q 19 -50.93 -64.56 -34.82
N VAL Q 20 -50.76 -64.16 -33.56
CA VAL Q 20 -50.69 -65.07 -32.43
C VAL Q 20 -51.67 -64.60 -31.37
N THR Q 21 -52.62 -65.47 -31.02
CA THR Q 21 -53.63 -65.17 -30.02
C THR Q 21 -53.16 -65.65 -28.65
N CYS Q 22 -53.75 -65.07 -27.60
CA CYS Q 22 -53.41 -65.43 -26.23
C CYS Q 22 -54.65 -65.29 -25.37
N SER Q 23 -55.03 -66.38 -24.71
CA SER Q 23 -56.16 -66.33 -23.78
C SER Q 23 -55.72 -65.74 -22.45
N VAL Q 24 -56.71 -65.35 -21.64
CA VAL Q 24 -56.46 -64.77 -20.32
C VAL Q 24 -56.66 -65.80 -19.22
N SER Q 25 -57.84 -66.41 -19.14
CA SER Q 25 -58.11 -67.47 -18.18
C SER Q 25 -58.17 -66.94 -16.76
N GLY Q 26 -59.21 -67.32 -16.03
CA GLY Q 26 -59.32 -66.96 -14.62
C GLY Q 26 -60.00 -65.64 -14.35
N ASP Q 27 -59.34 -64.53 -14.68
CA ASP Q 27 -59.84 -63.21 -14.35
C ASP Q 27 -59.77 -62.30 -15.57
N SER Q 28 -60.58 -61.25 -15.53
CA SER Q 28 -60.63 -60.29 -16.62
C SER Q 28 -59.31 -59.51 -16.70
N MET Q 29 -59.24 -58.61 -17.70
CA MET Q 29 -58.03 -57.86 -18.00
C MET Q 29 -58.42 -56.39 -18.18
N ASN Q 30 -58.43 -55.65 -17.07
CA ASN Q 30 -58.70 -54.21 -17.12
C ASN Q 30 -57.73 -53.36 -16.32
N ASN Q 31 -57.03 -53.92 -15.33
CA ASN Q 31 -56.10 -53.18 -14.50
C ASN Q 31 -54.70 -53.80 -14.54
N TYR Q 32 -54.41 -54.54 -15.61
CA TYR Q 32 -53.14 -55.21 -15.78
C TYR Q 32 -52.49 -54.78 -17.08
N TYR Q 33 -51.16 -54.76 -17.09
CA TYR Q 33 -50.39 -54.40 -18.27
C TYR Q 33 -49.99 -55.67 -19.00
N TRP Q 34 -50.23 -55.70 -20.30
CA TRP Q 34 -50.04 -56.89 -21.12
C TRP Q 34 -48.86 -56.64 -22.06
N THR Q 35 -47.78 -57.38 -21.86
CA THR Q 35 -46.58 -57.28 -22.67
C THR Q 35 -46.43 -58.51 -23.55
N TRP Q 36 -45.49 -58.43 -24.49
CA TRP Q 36 -45.20 -59.56 -25.38
C TRP Q 36 -43.70 -59.62 -25.59
N ILE Q 37 -43.13 -60.81 -25.38
CA ILE Q 37 -41.70 -61.03 -25.45
C ILE Q 37 -41.42 -62.18 -26.41
N ARG Q 38 -40.50 -61.96 -27.35
CA ARG Q 38 -40.11 -62.95 -28.33
C ARG Q 38 -38.65 -63.33 -28.10
N GLN Q 39 -38.38 -64.63 -28.06
CA GLN Q 39 -37.03 -65.15 -27.90
C GLN Q 39 -36.66 -65.94 -29.15
N SER Q 40 -35.53 -65.59 -29.75
CA SER Q 40 -35.04 -66.27 -30.94
C SER Q 40 -33.86 -67.17 -30.59
N PRO Q 41 -33.68 -68.27 -31.32
CA PRO Q 41 -32.53 -69.14 -31.04
C PRO Q 41 -31.21 -68.40 -31.23
N GLY Q 42 -30.25 -68.72 -30.38
CA GLY Q 42 -28.94 -68.10 -30.42
C GLY Q 42 -28.80 -66.85 -29.57
N LYS Q 43 -29.90 -66.36 -28.98
CA LYS Q 43 -29.86 -65.16 -28.15
C LYS Q 43 -30.94 -65.28 -27.07
N GLY Q 44 -31.06 -64.23 -26.27
CA GLY Q 44 -32.08 -64.17 -25.23
C GLY Q 44 -33.38 -63.57 -25.72
N LEU Q 45 -34.27 -63.30 -24.78
CA LEU Q 45 -35.55 -62.70 -25.13
C LEU Q 45 -35.36 -61.24 -25.53
N GLU Q 46 -36.34 -60.74 -26.29
CA GLU Q 46 -36.33 -59.36 -26.76
C GLU Q 46 -37.72 -58.77 -26.50
N TRP Q 47 -37.80 -57.87 -25.53
CA TRP Q 47 -39.08 -57.25 -25.19
C TRP Q 47 -39.62 -56.48 -26.37
N ILE Q 48 -40.93 -56.62 -26.62
CA ILE Q 48 -41.56 -55.98 -27.76
C ILE Q 48 -42.34 -54.73 -27.34
N GLY Q 49 -43.30 -54.89 -26.43
CA GLY Q 49 -44.10 -53.76 -26.01
C GLY Q 49 -45.13 -54.20 -25.00
N TYR Q 50 -45.98 -53.24 -24.62
CA TYR Q 50 -47.05 -53.48 -23.65
C TYR Q 50 -48.22 -52.57 -23.98
N ILE Q 51 -49.41 -53.03 -23.59
CA ILE Q 51 -50.64 -52.28 -23.84
C ILE Q 51 -51.49 -52.32 -22.58
N SER Q 52 -52.01 -51.17 -22.17
CA SER Q 52 -52.91 -51.09 -21.03
C SER Q 52 -53.35 -49.64 -20.87
N ASP Q 53 -54.30 -49.43 -19.96
CA ASP Q 53 -54.77 -48.09 -19.61
C ASP Q 53 -55.41 -47.39 -20.81
N ARG Q 54 -54.71 -46.38 -21.34
CA ARG Q 54 -55.25 -45.55 -22.41
C ARG Q 54 -55.26 -46.24 -23.77
N GLU Q 55 -54.93 -47.53 -23.82
CA GLU Q 55 -54.93 -48.28 -25.07
C GLU Q 55 -53.86 -47.79 -26.04
N SER Q 56 -52.82 -47.14 -25.52
CA SER Q 56 -51.69 -46.67 -26.30
C SER Q 56 -50.51 -47.58 -26.01
N ALA Q 57 -50.42 -48.68 -26.76
CA ALA Q 57 -49.37 -49.66 -26.55
C ALA Q 57 -48.05 -49.18 -27.15
N THR Q 58 -46.99 -49.25 -26.36
CA THR Q 58 -45.66 -48.86 -26.81
C THR Q 58 -44.96 -50.04 -27.45
N TYR Q 59 -44.06 -49.73 -28.39
CA TYR Q 59 -43.35 -50.75 -29.14
C TYR Q 59 -41.85 -50.53 -29.04
N ASN Q 60 -41.10 -51.62 -29.16
CA ASN Q 60 -39.65 -51.54 -29.06
C ASN Q 60 -39.10 -50.68 -30.19
N PRO Q 61 -38.04 -49.90 -29.94
CA PRO Q 61 -37.41 -49.12 -31.01
C PRO Q 61 -36.56 -49.95 -31.94
N SER Q 62 -36.37 -51.23 -31.65
CA SER Q 62 -35.59 -52.13 -32.50
C SER Q 62 -36.48 -53.01 -33.38
N LEU Q 63 -37.78 -52.69 -33.45
CA LEU Q 63 -38.70 -53.43 -34.29
C LEU Q 63 -39.36 -52.55 -35.35
N ASN Q 64 -38.98 -51.27 -35.42
CA ASN Q 64 -39.51 -50.32 -36.39
C ASN Q 64 -41.00 -50.06 -36.19
N SER Q 65 -41.58 -50.51 -35.09
CA SER Q 65 -42.99 -50.29 -34.76
C SER Q 65 -43.92 -50.84 -35.82
N ARG Q 66 -43.45 -51.81 -36.63
CA ARG Q 66 -44.30 -52.41 -37.64
C ARG Q 66 -45.29 -53.42 -37.05
N VAL Q 67 -45.09 -53.81 -35.80
CA VAL Q 67 -45.98 -54.76 -35.12
C VAL Q 67 -47.04 -53.97 -34.36
N VAL Q 68 -48.19 -54.59 -34.15
CA VAL Q 68 -49.28 -53.98 -33.40
C VAL Q 68 -49.81 -54.99 -32.41
N ILE Q 69 -50.18 -54.50 -31.23
CA ILE Q 69 -50.73 -55.32 -30.16
C ILE Q 69 -52.14 -54.82 -29.88
N SER Q 70 -53.13 -55.52 -30.43
CA SER Q 70 -54.53 -55.16 -30.22
C SER Q 70 -55.08 -55.98 -29.06
N ARG Q 71 -55.49 -55.31 -28.00
CA ARG Q 71 -56.06 -55.97 -26.83
C ARG Q 71 -57.58 -56.03 -26.97
N ASP Q 72 -58.12 -57.24 -27.00
CA ASP Q 72 -59.55 -57.47 -27.16
C ASP Q 72 -60.20 -57.72 -25.80
N THR Q 73 -61.48 -57.40 -25.72
CA THR Q 73 -62.26 -57.60 -24.51
C THR Q 73 -63.47 -58.51 -24.70
N SER Q 74 -63.99 -58.64 -25.91
CA SER Q 74 -65.11 -59.54 -26.16
C SER Q 74 -64.71 -60.98 -25.88
N LYS Q 75 -63.71 -61.48 -26.60
CA LYS Q 75 -63.25 -62.84 -26.45
C LYS Q 75 -62.05 -62.96 -25.50
N ASN Q 76 -61.58 -61.85 -24.94
CA ASN Q 76 -60.50 -61.86 -23.95
C ASN Q 76 -59.24 -62.53 -24.52
N GLN Q 77 -58.69 -61.93 -25.56
CA GLN Q 77 -57.48 -62.42 -26.19
C GLN Q 77 -56.59 -61.25 -26.57
N LEU Q 78 -55.29 -61.53 -26.68
CA LEU Q 78 -54.29 -60.53 -27.04
C LEU Q 78 -53.48 -61.09 -28.22
N SER Q 79 -53.80 -60.63 -29.42
CA SER Q 79 -53.21 -61.17 -30.64
C SER Q 79 -52.02 -60.30 -31.06
N LEU Q 80 -51.35 -60.68 -32.15
CA LEU Q 80 -50.20 -59.95 -32.65
C LEU Q 80 -50.30 -59.88 -34.17
N LYS Q 81 -50.28 -58.66 -34.71
CA LYS Q 81 -50.35 -58.44 -36.15
C LYS Q 81 -48.97 -58.00 -36.63
N LEU Q 82 -48.27 -58.92 -37.30
CA LEU Q 82 -46.94 -58.63 -37.84
C LEU Q 82 -47.05 -58.45 -39.35
N ASN Q 83 -46.57 -57.31 -39.85
CA ASN Q 83 -46.62 -56.98 -41.26
C ASN Q 83 -45.21 -56.82 -41.80
N SER Q 84 -45.02 -57.24 -43.05
CA SER Q 84 -43.70 -57.20 -43.69
C SER Q 84 -42.68 -58.00 -42.88
N VAL Q 85 -43.11 -59.15 -42.37
CA VAL Q 85 -42.23 -59.99 -41.56
C VAL Q 85 -41.15 -60.61 -42.44
N THR Q 86 -39.89 -60.60 -41.94
CA THR Q 86 -38.77 -61.19 -42.66
C THR Q 86 -38.69 -62.68 -42.39
N PRO Q 87 -38.13 -63.45 -43.33
CA PRO Q 87 -38.00 -64.90 -43.13
C PRO Q 87 -37.08 -65.29 -41.98
N ALA Q 88 -36.45 -64.34 -41.31
CA ALA Q 88 -35.55 -64.63 -40.20
C ALA Q 88 -36.17 -64.21 -38.86
N ASP Q 89 -37.49 -64.35 -38.73
CA ASP Q 89 -38.19 -64.04 -37.50
C ASP Q 89 -38.58 -65.29 -36.71
N THR Q 90 -37.97 -66.43 -37.02
CA THR Q 90 -38.29 -67.67 -36.33
C THR Q 90 -37.90 -67.57 -34.86
N ALA Q 91 -38.90 -67.45 -33.99
CA ALA Q 91 -38.65 -67.32 -32.57
C ALA Q 91 -39.92 -67.67 -31.81
N VAL Q 92 -39.75 -68.22 -30.61
CA VAL Q 92 -40.88 -68.61 -29.78
C VAL Q 92 -41.41 -67.37 -29.06
N TYR Q 93 -42.71 -67.13 -29.20
CA TYR Q 93 -43.33 -65.96 -28.61
C TYR Q 93 -43.86 -66.29 -27.22
N TYR Q 94 -43.71 -65.34 -26.30
CA TYR Q 94 -44.11 -65.50 -24.90
C TYR Q 94 -45.20 -64.51 -24.56
N CYS Q 95 -46.26 -64.98 -23.92
CA CYS Q 95 -47.39 -64.16 -23.50
C CYS Q 95 -47.34 -64.02 -21.97
N ALA Q 96 -47.07 -62.82 -21.49
CA ALA Q 96 -46.98 -62.55 -20.07
C ALA Q 96 -47.45 -61.13 -19.78
N THR Q 97 -47.86 -60.90 -18.53
CA THR Q 97 -48.31 -59.60 -18.07
C THR Q 97 -47.37 -59.06 -17.01
N ALA Q 98 -47.48 -57.76 -16.75
CA ALA Q 98 -46.60 -57.09 -15.81
C ALA Q 98 -47.37 -56.03 -15.04
N ARG Q 99 -46.89 -55.75 -13.83
CA ARG Q 99 -47.42 -54.68 -12.99
C ARG Q 99 -46.42 -53.53 -12.96
N ARG Q 100 -46.93 -52.31 -13.04
CA ARG Q 100 -46.11 -51.11 -13.18
C ARG Q 100 -45.88 -50.50 -11.81
N GLY Q 101 -44.74 -50.83 -11.20
CA GLY Q 101 -44.34 -50.16 -9.97
C GLY Q 101 -43.72 -48.81 -10.23
N GLN Q 102 -43.44 -48.09 -9.15
CA GLN Q 102 -42.84 -46.77 -9.22
C GLN Q 102 -41.65 -46.69 -8.29
N ARG Q 103 -40.54 -46.17 -8.79
CA ARG Q 103 -39.34 -45.96 -8.01
C ARG Q 103 -39.15 -44.46 -7.79
N ILE Q 104 -38.91 -44.07 -6.54
CA ILE Q 104 -38.75 -42.67 -6.16
C ILE Q 104 -37.37 -42.49 -5.56
N TYR Q 105 -36.68 -41.43 -5.98
CA TYR Q 105 -35.37 -41.10 -5.44
C TYR Q 105 -35.25 -39.66 -4.96
N GLY Q 106 -36.22 -38.80 -5.27
CA GLY Q 106 -36.21 -37.43 -4.84
C GLY Q 106 -37.61 -36.86 -4.71
N VAL Q 107 -37.72 -35.54 -4.63
CA VAL Q 107 -39.02 -34.91 -4.48
C VAL Q 107 -39.92 -35.32 -5.65
N VAL Q 108 -41.02 -36.00 -5.34
CA VAL Q 108 -41.91 -36.47 -6.39
C VAL Q 108 -42.73 -35.34 -7.00
N SER Q 109 -42.85 -34.20 -6.31
CA SER Q 109 -43.53 -33.05 -6.90
C SER Q 109 -42.73 -32.46 -8.05
N PHE Q 110 -41.40 -32.51 -7.95
CA PHE Q 110 -40.57 -32.05 -9.06
C PHE Q 110 -40.61 -33.03 -10.24
N GLY Q 111 -40.85 -34.31 -9.96
CA GLY Q 111 -40.88 -35.31 -11.01
C GLY Q 111 -39.72 -36.27 -10.91
N GLU Q 112 -39.19 -36.45 -9.70
CA GLU Q 112 -38.05 -37.34 -9.47
C GLU Q 112 -38.55 -38.73 -9.13
N PHE Q 113 -38.92 -39.45 -10.17
CA PHE Q 113 -39.36 -40.85 -10.06
C PHE Q 113 -39.50 -41.41 -11.45
N PHE Q 114 -39.33 -42.73 -11.55
CA PHE Q 114 -39.48 -43.43 -12.82
C PHE Q 114 -40.28 -44.70 -12.62
N TYR Q 115 -40.94 -45.12 -13.68
CA TYR Q 115 -41.79 -46.31 -13.65
C TYR Q 115 -41.00 -47.52 -14.15
N TYR Q 116 -41.11 -48.62 -13.44
CA TYR Q 116 -40.51 -49.89 -13.83
C TYR Q 116 -41.55 -50.99 -13.75
N TYR Q 117 -41.48 -51.92 -14.71
CA TYR Q 117 -42.45 -53.01 -14.83
C TYR Q 117 -41.79 -54.32 -14.45
N SER Q 118 -42.53 -55.17 -13.76
CA SER Q 118 -42.08 -56.50 -13.38
C SER Q 118 -43.04 -57.54 -13.93
N MET Q 119 -42.49 -58.59 -14.53
CA MET Q 119 -43.30 -59.67 -15.10
C MET Q 119 -43.73 -60.60 -13.98
N ASP Q 120 -44.97 -60.42 -13.50
CA ASP Q 120 -45.43 -61.25 -12.39
C ASP Q 120 -45.73 -62.68 -12.86
N VAL Q 121 -46.41 -62.82 -13.99
CA VAL Q 121 -46.83 -64.12 -14.50
C VAL Q 121 -46.38 -64.26 -15.94
N TRP Q 122 -46.16 -65.49 -16.37
CA TRP Q 122 -45.72 -65.78 -17.72
C TRP Q 122 -46.54 -66.93 -18.29
N GLY Q 123 -46.65 -66.94 -19.62
CA GLY Q 123 -47.27 -68.05 -20.33
C GLY Q 123 -46.20 -68.95 -20.93
N LYS Q 124 -46.58 -70.21 -21.14
CA LYS Q 124 -45.66 -71.16 -21.75
C LYS Q 124 -45.25 -70.74 -23.15
N GLY Q 125 -46.09 -69.97 -23.84
CA GLY Q 125 -45.77 -69.49 -25.17
C GLY Q 125 -46.09 -70.51 -26.25
N THR Q 126 -46.02 -70.05 -27.50
CA THR Q 126 -46.24 -70.89 -28.66
C THR Q 126 -45.13 -70.64 -29.66
N THR Q 127 -44.42 -71.71 -30.04
CA THR Q 127 -43.34 -71.59 -31.01
C THR Q 127 -43.91 -71.40 -32.40
N VAL Q 128 -43.51 -70.32 -33.06
CA VAL Q 128 -43.97 -70.00 -34.41
C VAL Q 128 -42.76 -69.67 -35.26
N THR Q 129 -42.71 -70.23 -36.46
CA THR Q 129 -41.62 -70.00 -37.40
C THR Q 129 -42.16 -69.36 -38.67
N VAL Q 130 -41.28 -69.22 -39.66
CA VAL Q 130 -41.63 -68.70 -40.98
C VAL Q 130 -41.12 -69.66 -42.03
N SER Q 131 -42.00 -70.03 -42.97
CA SER Q 131 -41.63 -70.95 -44.03
C SER Q 131 -42.25 -70.54 -45.36
N VAL R 3 -25.71 -65.05 -24.00
CA VAL R 3 -25.41 -66.08 -23.00
C VAL R 3 -23.97 -65.96 -22.54
N ARG R 4 -23.72 -66.31 -21.27
CA ARG R 4 -22.40 -66.27 -20.69
C ARG R 4 -22.13 -67.55 -19.91
N PRO R 5 -20.86 -67.94 -19.77
CA PRO R 5 -20.54 -69.17 -19.04
C PRO R 5 -20.31 -68.93 -17.56
N LEU R 6 -20.99 -69.74 -16.74
CA LEU R 6 -20.79 -69.70 -15.30
C LEU R 6 -20.94 -71.13 -14.78
N SER R 7 -19.84 -71.71 -14.32
CA SER R 7 -19.81 -73.08 -13.82
C SER R 7 -19.75 -73.08 -12.30
N VAL R 8 -20.66 -73.82 -11.67
CA VAL R 8 -20.73 -73.95 -10.23
C VAL R 8 -20.86 -75.43 -9.87
N ALA R 9 -20.95 -75.70 -8.57
CA ALA R 9 -21.14 -77.05 -8.07
C ALA R 9 -22.24 -77.03 -7.02
N LEU R 10 -22.54 -78.20 -6.47
CA LEU R 10 -23.59 -78.32 -5.46
C LEU R 10 -23.12 -77.76 -4.12
N GLY R 11 -24.08 -77.28 -3.33
CA GLY R 11 -23.80 -76.86 -1.98
C GLY R 11 -23.35 -75.43 -1.81
N GLU R 12 -22.13 -75.13 -2.24
CA GLU R 12 -21.55 -73.81 -1.97
C GLU R 12 -22.39 -72.72 -2.62
N THR R 13 -22.53 -71.61 -1.90
CA THR R 13 -23.33 -70.49 -2.37
C THR R 13 -22.69 -69.85 -3.60
N ALA R 14 -23.52 -69.29 -4.47
CA ALA R 14 -23.08 -68.64 -5.69
C ALA R 14 -23.63 -67.22 -5.74
N ARG R 15 -22.75 -66.26 -6.04
CA ARG R 15 -23.13 -64.86 -6.22
C ARG R 15 -22.98 -64.51 -7.70
N ILE R 16 -24.09 -64.08 -8.30
CA ILE R 16 -24.14 -63.79 -9.73
C ILE R 16 -24.64 -62.36 -9.92
N SER R 17 -23.91 -61.60 -10.73
CA SER R 17 -24.25 -60.22 -11.05
C SER R 17 -24.52 -60.11 -12.55
N CYS R 18 -24.78 -58.88 -13.01
CA CYS R 18 -25.04 -58.61 -14.42
C CYS R 18 -24.07 -57.55 -14.93
N GLY R 19 -23.75 -57.64 -16.23
CA GLY R 19 -22.74 -56.76 -16.79
C GLY R 19 -23.11 -55.29 -16.74
N ARG R 20 -24.37 -54.98 -17.03
CA ARG R 20 -24.79 -53.59 -17.05
C ARG R 20 -24.60 -52.94 -15.68
N GLN R 21 -24.03 -51.75 -15.68
CA GLN R 21 -23.76 -51.01 -14.46
C GLN R 21 -24.78 -49.89 -14.28
N ALA R 22 -25.15 -49.66 -13.02
CA ALA R 22 -26.13 -48.63 -12.70
C ALA R 22 -25.52 -47.24 -12.89
N LEU R 23 -26.40 -46.27 -13.11
CA LEU R 23 -26.05 -44.85 -13.19
C LEU R 23 -27.07 -44.02 -12.44
N GLY R 24 -27.44 -44.48 -11.25
CA GLY R 24 -28.45 -43.83 -10.46
C GLY R 24 -29.07 -44.82 -9.48
N SER R 25 -30.35 -44.59 -9.19
CA SER R 25 -31.11 -45.47 -8.30
C SER R 25 -31.72 -46.59 -9.12
N ARG R 26 -31.27 -47.82 -8.87
CA ARG R 26 -31.66 -48.96 -9.70
C ARG R 26 -32.86 -49.70 -9.10
N ALA R 27 -33.59 -50.39 -9.97
CA ALA R 27 -34.75 -51.20 -9.64
C ALA R 27 -34.67 -52.55 -10.33
N VAL R 28 -33.52 -53.22 -10.19
CA VAL R 28 -33.29 -54.45 -10.93
C VAL R 28 -34.29 -55.53 -10.55
N GLN R 29 -34.54 -56.44 -11.48
CA GLN R 29 -35.34 -57.63 -11.26
C GLN R 29 -34.62 -58.80 -11.92
N TRP R 30 -34.75 -59.98 -11.35
CA TRP R 30 -34.09 -61.17 -11.87
C TRP R 30 -35.13 -62.18 -12.34
N TYR R 31 -34.84 -62.81 -13.48
CA TYR R 31 -35.73 -63.78 -14.08
C TYR R 31 -35.00 -65.10 -14.30
N GLN R 32 -35.76 -66.19 -14.25
CA GLN R 32 -35.22 -67.54 -14.40
C GLN R 32 -35.83 -68.16 -15.65
N HIS R 33 -35.02 -68.34 -16.68
CA HIS R 33 -35.49 -68.93 -17.94
C HIS R 33 -35.03 -70.38 -18.01
N ARG R 34 -35.81 -71.25 -17.37
CA ARG R 34 -35.59 -72.68 -17.54
C ARG R 34 -36.04 -73.07 -18.94
N PRO R 35 -35.19 -73.73 -19.73
CA PRO R 35 -35.58 -74.06 -21.11
C PRO R 35 -36.87 -74.83 -21.15
N GLY R 36 -37.76 -74.44 -22.06
CA GLY R 36 -39.07 -75.05 -22.18
C GLY R 36 -40.13 -74.36 -21.35
N GLN R 37 -39.97 -74.38 -20.03
CA GLN R 37 -40.95 -73.78 -19.13
C GLN R 37 -40.87 -72.26 -19.18
N ALA R 38 -41.98 -71.61 -18.81
CA ALA R 38 -42.03 -70.16 -18.84
C ALA R 38 -41.12 -69.58 -17.75
N PRO R 39 -40.63 -68.33 -17.95
CA PRO R 39 -39.74 -67.67 -16.98
C PRO R 39 -40.48 -67.29 -15.69
N ILE R 40 -39.75 -67.32 -14.57
CA ILE R 40 -40.32 -67.03 -13.27
C ILE R 40 -39.54 -65.85 -12.66
N LEU R 41 -40.28 -64.90 -12.10
CA LEU R 41 -39.65 -63.73 -11.48
C LEU R 41 -39.12 -64.13 -10.11
N LEU R 42 -37.82 -63.94 -9.90
CA LEU R 42 -37.21 -64.29 -8.62
C LEU R 42 -37.40 -63.18 -7.60
N ILE R 43 -36.88 -61.99 -7.87
CA ILE R 43 -36.97 -60.86 -6.96
C ILE R 43 -37.04 -59.57 -7.77
N TYR R 44 -37.92 -58.66 -7.35
CA TYR R 44 -38.01 -57.33 -7.93
C TYR R 44 -37.71 -56.29 -6.85
N ASN R 45 -37.42 -55.07 -7.30
CA ASN R 45 -37.08 -53.97 -6.38
C ASN R 45 -35.78 -54.27 -5.64
N ASN R 46 -34.94 -55.12 -6.23
CA ASN R 46 -33.62 -55.51 -5.73
C ASN R 46 -33.71 -56.44 -4.53
N GLN R 47 -34.88 -56.55 -3.90
CA GLN R 47 -35.01 -57.48 -2.77
C GLN R 47 -36.37 -58.13 -2.63
N ASP R 48 -37.38 -57.77 -3.44
CA ASP R 48 -38.77 -58.09 -3.12
C ASP R 48 -39.21 -59.28 -3.96
N ARG R 49 -38.89 -60.47 -3.48
CA ARG R 49 -39.33 -61.69 -4.15
C ARG R 49 -40.84 -61.87 -3.96
N PRO R 50 -41.53 -62.39 -4.98
CA PRO R 50 -42.96 -62.65 -4.86
C PRO R 50 -43.22 -63.98 -4.16
N SER R 51 -44.46 -64.12 -3.69
CA SER R 51 -44.85 -65.34 -2.99
C SER R 51 -44.67 -66.55 -3.91
N GLY R 52 -44.10 -67.62 -3.35
CA GLY R 52 -43.88 -68.84 -4.11
C GLY R 52 -42.42 -69.13 -4.35
N ILE R 53 -41.65 -68.10 -4.66
CA ILE R 53 -40.21 -68.28 -4.87
C ILE R 53 -39.55 -68.68 -3.56
N PRO R 54 -38.61 -69.63 -3.55
CA PRO R 54 -37.99 -70.04 -2.29
C PRO R 54 -37.35 -68.86 -1.57
N GLU R 55 -37.49 -68.85 -0.25
CA GLU R 55 -36.95 -67.77 0.56
C GLU R 55 -35.46 -67.97 0.83
N ARG R 56 -34.69 -68.18 -0.24
CA ARG R 56 -33.25 -68.28 -0.12
C ARG R 56 -32.50 -67.45 -1.16
N PHE R 57 -33.17 -66.94 -2.19
CA PHE R 57 -32.57 -66.03 -3.16
C PHE R 57 -32.73 -64.61 -2.66
N SER R 58 -31.60 -63.98 -2.31
CA SER R 58 -31.60 -62.63 -1.77
C SER R 58 -30.76 -61.72 -2.65
N GLY R 59 -31.31 -60.55 -2.98
CA GLY R 59 -30.64 -59.57 -3.79
C GLY R 59 -30.00 -58.47 -2.97
N THR R 60 -29.18 -57.67 -3.64
CA THR R 60 -28.50 -56.55 -2.99
C THR R 60 -29.45 -55.39 -2.82
N PRO R 61 -29.65 -54.87 -1.61
CA PRO R 61 -30.48 -53.67 -1.45
C PRO R 61 -29.82 -52.45 -2.05
N ASP R 62 -30.66 -51.50 -2.46
CA ASP R 62 -30.19 -50.25 -3.05
C ASP R 62 -29.98 -49.24 -1.93
N ILE R 63 -28.72 -48.98 -1.60
CA ILE R 63 -28.36 -47.97 -0.59
C ILE R 63 -26.87 -47.71 -0.72
N ASN R 64 -26.47 -46.46 -0.51
CA ASN R 64 -25.08 -46.06 -0.65
C ASN R 64 -24.57 -46.37 -2.07
N PHE R 65 -25.14 -45.62 -3.02
CA PHE R 65 -24.92 -45.86 -4.44
C PHE R 65 -23.49 -46.28 -4.73
N GLY R 66 -23.34 -47.29 -5.59
CA GLY R 66 -22.05 -47.80 -5.96
C GLY R 66 -21.96 -49.31 -5.90
N THR R 67 -22.66 -49.91 -4.94
CA THR R 67 -22.61 -51.36 -4.79
C THR R 67 -23.17 -52.06 -6.02
N ARG R 68 -22.46 -53.08 -6.48
CA ARG R 68 -22.87 -53.81 -7.67
C ARG R 68 -24.13 -54.62 -7.40
N ALA R 69 -24.99 -54.72 -8.42
CA ALA R 69 -26.23 -55.49 -8.31
C ALA R 69 -25.90 -56.95 -8.55
N THR R 70 -25.70 -57.69 -7.46
CA THR R 70 -25.41 -59.11 -7.50
C THR R 70 -26.55 -59.89 -6.85
N LEU R 71 -26.77 -61.10 -7.34
CA LEU R 71 -27.84 -61.97 -6.86
C LEU R 71 -27.24 -63.22 -6.21
N THR R 72 -27.81 -63.62 -5.09
CA THR R 72 -27.34 -64.78 -4.36
C THR R 72 -28.33 -65.94 -4.50
N ILE R 73 -27.80 -67.11 -4.84
CA ILE R 73 -28.61 -68.30 -5.04
C ILE R 73 -28.14 -69.39 -4.08
N SER R 74 -27.69 -68.99 -2.90
CA SER R 74 -27.19 -69.94 -1.91
C SER R 74 -28.15 -71.13 -1.77
N GLY R 75 -27.60 -72.27 -1.36
CA GLY R 75 -28.35 -73.50 -1.33
C GLY R 75 -28.73 -73.99 -2.71
N VAL R 76 -27.78 -73.91 -3.64
CA VAL R 76 -28.04 -74.33 -5.01
C VAL R 76 -28.41 -75.81 -5.03
N GLU R 77 -29.24 -76.18 -6.02
CA GLU R 77 -29.70 -77.55 -6.19
C GLU R 77 -29.16 -78.13 -7.49
N ALA R 78 -29.31 -79.44 -7.63
CA ALA R 78 -28.71 -80.15 -8.76
C ALA R 78 -29.29 -79.70 -10.10
N GLY R 79 -30.59 -79.46 -10.16
CA GLY R 79 -31.25 -79.13 -11.40
C GLY R 79 -31.15 -77.69 -11.85
N ASP R 80 -30.39 -76.86 -11.14
CA ASP R 80 -30.24 -75.45 -11.49
C ASP R 80 -29.34 -75.34 -12.73
N GLU R 81 -29.95 -75.59 -13.89
CA GLU R 81 -29.25 -75.53 -15.16
C GLU R 81 -29.96 -74.57 -16.12
N ALA R 82 -30.48 -73.46 -15.60
CA ALA R 82 -31.17 -72.47 -16.39
C ALA R 82 -30.28 -71.25 -16.60
N ASP R 83 -30.79 -70.27 -17.33
CA ASP R 83 -30.10 -69.01 -17.58
C ASP R 83 -30.88 -67.88 -16.91
N TYR R 84 -30.18 -67.09 -16.10
CA TYR R 84 -30.81 -66.01 -15.35
C TYR R 84 -30.86 -64.75 -16.21
N TYR R 85 -31.35 -63.66 -15.62
CA TYR R 85 -31.55 -62.43 -16.36
C TYR R 85 -31.67 -61.27 -15.38
N CYS R 86 -30.76 -60.31 -15.49
CA CYS R 86 -30.74 -59.12 -14.64
C CYS R 86 -31.33 -57.95 -15.43
N HIS R 87 -32.54 -57.55 -15.06
CA HIS R 87 -33.21 -56.42 -15.70
C HIS R 87 -32.90 -55.17 -14.88
N MET R 88 -32.09 -54.28 -15.43
CA MET R 88 -31.66 -53.06 -14.75
C MET R 88 -32.55 -51.89 -15.14
N TRP R 89 -33.14 -51.24 -14.14
CA TRP R 89 -33.85 -49.98 -14.32
C TRP R 89 -33.16 -48.95 -13.43
N ASP R 90 -32.73 -47.85 -14.04
CA ASP R 90 -32.09 -46.77 -13.31
C ASP R 90 -32.71 -45.44 -13.75
N SER R 91 -32.53 -44.43 -12.91
CA SER R 91 -33.15 -43.13 -13.17
C SER R 91 -32.61 -42.51 -14.45
N ARG R 92 -31.31 -42.63 -14.71
CA ARG R 92 -30.68 -41.93 -15.80
C ARG R 92 -30.79 -42.65 -17.14
N SER R 93 -30.58 -43.97 -17.14
CA SER R 93 -30.50 -44.69 -18.40
C SER R 93 -31.83 -44.70 -19.16
N GLY R 94 -32.93 -44.33 -18.52
CA GLY R 94 -34.21 -44.29 -19.19
C GLY R 94 -34.87 -45.64 -19.32
N PHE R 95 -35.82 -45.76 -20.24
CA PHE R 95 -36.54 -47.01 -20.44
C PHE R 95 -35.57 -48.13 -20.75
N SER R 96 -35.71 -49.26 -20.05
CA SER R 96 -34.84 -50.41 -20.24
C SER R 96 -35.53 -51.43 -21.13
N TRP R 97 -35.53 -51.13 -22.44
CA TRP R 97 -36.13 -52.05 -23.39
C TRP R 97 -35.39 -53.39 -23.43
N SER R 98 -34.06 -53.35 -23.40
CA SER R 98 -33.27 -54.57 -23.49
C SER R 98 -33.45 -55.41 -22.22
N PHE R 99 -33.23 -56.71 -22.37
CA PHE R 99 -33.36 -57.65 -21.26
C PHE R 99 -32.02 -58.08 -20.69
N GLY R 100 -30.92 -57.50 -21.14
CA GLY R 100 -29.61 -57.83 -20.61
C GLY R 100 -29.08 -59.15 -21.11
N GLY R 101 -27.93 -59.53 -20.56
CA GLY R 101 -27.28 -60.77 -20.94
C GLY R 101 -27.64 -61.91 -20.01
N ALA R 102 -27.78 -63.10 -20.59
CA ALA R 102 -28.15 -64.28 -19.84
C ALA R 102 -26.98 -64.78 -19.00
N THR R 103 -27.19 -65.87 -18.27
CA THR R 103 -26.15 -66.46 -17.43
C THR R 103 -26.45 -67.94 -17.29
N ARG R 104 -25.73 -68.77 -18.04
CA ARG R 104 -25.91 -70.21 -17.97
C ARG R 104 -25.48 -70.74 -16.60
N LEU R 105 -26.27 -71.65 -16.06
CA LEU R 105 -25.97 -72.29 -14.78
C LEU R 105 -25.57 -73.73 -15.03
N THR R 106 -24.40 -74.11 -14.52
CA THR R 106 -23.89 -75.48 -14.66
C THR R 106 -23.41 -75.96 -13.30
N VAL R 107 -23.67 -77.23 -13.01
CA VAL R 107 -23.29 -77.81 -11.73
C VAL R 107 -22.29 -78.94 -11.92
C1 NAG S . 29.13 28.12 -16.23
C2 NAG S . 30.03 27.55 -15.15
C3 NAG S . 31.47 28.04 -15.34
C4 NAG S . 31.93 27.82 -16.78
C5 NAG S . 30.90 28.28 -17.79
C6 NAG S . 31.22 27.85 -19.20
C7 NAG S . 29.43 27.01 -12.83
C8 NAG S . 28.90 27.55 -11.54
N2 NAG S . 29.55 27.89 -13.83
O3 NAG S . 32.33 27.35 -14.45
O4 NAG S . 33.11 28.58 -17.00
O5 NAG S . 29.61 27.72 -17.49
O6 NAG S . 30.57 28.67 -20.16
O7 NAG S . 29.75 25.83 -12.97
C1 NAG S . 34.27 27.74 -17.17
C2 NAG S . 35.36 28.57 -17.84
C3 NAG S . 36.66 27.77 -17.93
C4 NAG S . 37.04 27.20 -16.58
C5 NAG S . 35.88 26.41 -15.99
C6 NAG S . 36.15 25.91 -14.60
C7 NAG S . 34.24 30.15 -19.34
C8 NAG S . 33.91 30.48 -20.76
N2 NAG S . 34.94 29.04 -19.15
O3 NAG S . 37.70 28.61 -18.43
O4 NAG S . 38.18 26.36 -16.71
O5 NAG S . 34.72 27.25 -15.91
O6 NAG S . 37.37 26.43 -14.09
O7 NAG S . 33.88 30.87 -18.41
C1 NAG T . 31.58 23.69 16.88
C2 NAG T . 32.87 22.85 16.77
C3 NAG T . 33.21 22.55 15.31
C4 NAG T . 32.01 21.95 14.60
C5 NAG T . 30.80 22.85 14.76
C6 NAG T . 29.55 22.28 14.15
C7 NAG T . 34.96 22.89 18.05
C8 NAG T . 36.04 23.75 18.66
N2 NAG T . 33.98 23.53 17.42
O3 NAG T . 34.32 21.67 15.26
O4 NAG T . 32.30 21.79 13.21
O5 NAG T . 30.53 23.04 16.15
O6 NAG T . 28.50 22.22 15.11
O7 NAG T . 34.99 21.66 18.13
C1 NAG T . 32.39 20.40 12.89
C2 NAG T . 32.06 20.24 11.41
C3 NAG T . 32.25 18.78 10.97
C4 NAG T . 33.63 18.28 11.37
C5 NAG T . 33.85 18.49 12.86
C6 NAG T . 35.23 18.09 13.32
C7 NAG T . 30.05 20.44 10.00
C8 NAG T . 28.66 20.99 9.91
N2 NAG T . 30.70 20.68 11.14
O3 NAG T . 32.11 18.69 9.55
O4 NAG T . 33.75 16.90 11.05
O5 NAG T . 33.70 19.88 13.16
O6 NAG T . 35.88 17.28 12.35
O7 NAG T . 30.56 19.82 9.07
C1 NAG U . 13.67 -36.11 20.31
C2 NAG U . 12.47 -35.88 21.20
C3 NAG U . 12.24 -37.09 22.11
C4 NAG U . 12.21 -38.38 21.30
C5 NAG U . 13.38 -38.46 20.30
C6 NAG U . 13.24 -39.59 19.33
C7 NAG U . 11.70 -33.72 22.09
C8 NAG U . 12.06 -32.54 22.95
N2 NAG U . 12.64 -34.67 22.00
O3 NAG U . 11.00 -36.93 22.80
O4 NAG U . 12.34 -39.49 22.18
O5 NAG U . 13.45 -37.26 19.53
O6 NAG U . 14.50 -39.96 18.78
O7 NAG U . 10.62 -33.81 21.53
C1 NAG U . 11.13 -40.26 22.23
C2 NAG U . 11.47 -41.62 22.82
C3 NAG U . 10.20 -42.46 23.00
C4 NAG U . 9.16 -41.68 23.79
C5 NAG U . 8.91 -40.34 23.14
C6 NAG U . 7.95 -39.46 23.92
C7 NAG U . 13.75 -42.17 22.08
C8 NAG U . 14.58 -42.98 21.14
N2 NAG U . 12.43 -42.32 21.98
O3 NAG U . 10.53 -43.67 23.69
O4 NAG U . 7.94 -42.43 23.85
O5 NAG U . 10.14 -39.61 23.03
O6 NAG U . 7.65 -40.04 25.19
O7 NAG U . 14.25 -41.39 22.90
C1 NAG V . -0.90 -13.83 40.65
C2 NAG V . -2.17 -14.66 40.84
C3 NAG V . -2.15 -15.88 39.92
C4 NAG V . -1.88 -15.47 38.48
C5 NAG V . -0.59 -14.65 38.42
C6 NAG V . -0.30 -14.12 37.03
C7 NAG V . -3.51 -15.25 42.81
C8 NAG V . -3.47 -15.70 44.24
N2 NAG V . -2.31 -15.08 42.22
O3 NAG V . -3.40 -16.56 40.00
O4 NAG V . -1.75 -16.62 37.65
O5 NAG V . -0.72 -13.52 39.27
O6 NAG V . -0.14 -12.71 37.05
O7 NAG V . -4.55 -15.05 42.22
C1 NAG V . -2.83 -16.67 36.72
C2 NAG V . -2.37 -17.47 35.51
C3 NAG V . -3.53 -17.68 34.51
C4 NAG V . -4.76 -18.23 35.22
C5 NAG V . -5.11 -17.35 36.41
C6 NAG V . -6.28 -17.87 37.20
C7 NAG V . -0.80 -17.12 33.63
C8 NAG V . 0.37 -16.33 33.15
N2 NAG V . -1.24 -16.83 34.87
O3 NAG V . -3.12 -18.59 33.49
O4 NAG V . -5.85 -18.30 34.33
O5 NAG V . -3.99 -17.28 37.30
O6 NAG V . -6.92 -18.95 36.54
O7 NAG V . -1.33 -17.98 32.94
C1 NAG W . -42.33 10.59 0.70
C2 NAG W . -41.80 12.01 0.74
C3 NAG W . -42.95 12.99 0.55
C4 NAG W . -43.76 12.64 -0.69
C5 NAG W . -44.12 11.16 -0.73
C6 NAG W . -44.71 10.74 -2.05
C7 NAG W . -39.92 12.86 2.08
C8 NAG W . -39.36 13.03 3.45
N2 NAG W . -41.11 12.25 2.00
O3 NAG W . -42.41 14.31 0.41
O4 NAG W . -44.99 13.36 -0.65
O5 NAG W . -42.95 10.36 -0.54
O6 NAG W . -45.32 9.46 -1.97
O7 NAG W . -39.33 13.26 1.08
C1 NAG W . -45.04 14.36 -1.68
C2 NAG W . -46.50 14.76 -1.87
C3 NAG W . -46.63 15.90 -2.87
C4 NAG W . -45.71 17.06 -2.49
C5 NAG W . -44.29 16.55 -2.31
C6 NAG W . -43.33 17.62 -1.83
C7 NAG W . -47.87 12.76 -1.42
C8 NAG W . -48.66 11.66 -2.03
N2 NAG W . -47.31 13.63 -2.28
O3 NAG W . -47.98 16.35 -2.91
O4 NAG W . -45.73 18.06 -3.50
O5 NAG W . -44.27 15.50 -1.33
O6 NAG W . -44.03 18.82 -1.50
O7 NAG W . -47.74 12.88 -0.21
C1 NAG X . -22.89 31.43 18.31
C2 NAG X . -22.98 32.57 17.29
C3 NAG X . -23.71 32.11 16.02
C4 NAG X . -23.09 30.84 15.48
C5 NAG X . -23.06 29.78 16.57
C6 NAG X . -22.39 28.50 16.15
C7 NAG X . -23.34 34.99 17.55
C8 NAG X . -24.15 36.05 18.23
N2 NAG X . -23.65 33.73 17.87
O3 NAG X . -23.65 33.14 15.04
O4 NAG X . -23.87 30.35 14.39
O5 NAG X . -22.32 30.28 17.69
O6 NAG X . -21.25 28.23 16.96
O7 NAG X . -22.46 35.26 16.75
C1 NAG X . -23.09 30.45 13.17
C2 NAG X . -23.64 29.42 12.19
C3 NAG X . -22.94 29.54 10.84
C4 NAG X . -23.01 30.97 10.33
C5 NAG X . -22.45 31.93 11.39
C6 NAG X . -22.56 33.38 11.00
C7 NAG X . -23.57 26.95 12.01
C8 NAG X . -23.36 25.67 12.75
N2 NAG X . -23.47 28.07 12.73
O3 NAG X . -23.58 28.69 9.89
O4 NAG X . -22.26 31.12 9.13
O5 NAG X . -23.20 31.77 12.60
O6 NAG X . -22.98 33.53 9.65
O7 NAG X . -23.83 26.98 10.81
C1 NAG Y . -13.10 4.31 -44.07
C2 NAG Y . -14.28 5.21 -44.47
C3 NAG Y . -15.60 4.44 -44.29
C4 NAG Y . -15.55 3.11 -45.00
C5 NAG Y . -14.31 2.32 -44.55
C6 NAG Y . -14.14 1.01 -45.28
C7 NAG Y . -13.79 7.59 -44.14
C8 NAG Y . -13.89 8.75 -43.20
N2 NAG Y . -14.29 6.44 -43.70
O3 NAG Y . -16.67 5.24 -44.81
O4 NAG Y . -16.71 2.35 -44.68
O5 NAG Y . -13.14 3.10 -44.81
O6 NAG Y . -13.52 0.05 -44.44
O7 NAG Y . -13.28 7.69 -45.26
C1 NAG Y . -17.53 2.20 -45.87
C2 NAG Y . -18.61 1.18 -45.54
C3 NAG Y . -19.54 1.01 -46.74
C4 NAG Y . -20.10 2.36 -47.16
C5 NAG Y . -18.96 3.35 -47.42
C6 NAG Y . -19.45 4.74 -47.72
C7 NAG Y . -17.86 -0.47 -43.88
C8 NAG Y . -17.25 -1.82 -43.67
N2 NAG Y . -18.03 -0.10 -45.16
O3 NAG Y . -20.61 0.12 -46.38
O4 NAG Y . -20.86 2.21 -48.36
O5 NAG Y . -18.13 3.43 -46.25
O6 NAG Y . -19.91 5.39 -46.54
O7 NAG Y . -18.16 0.27 -42.94
C1 NAG Z . -7.89 -10.16 -42.13
C2 NAG Z . -6.96 -9.61 -43.20
C3 NAG Z . -7.44 -10.01 -44.59
C4 NAG Z . -7.69 -11.51 -44.66
C5 NAG Z . -8.55 -11.98 -43.50
C6 NAG Z . -8.70 -13.49 -43.43
C7 NAG Z . -5.86 -7.53 -42.47
C8 NAG Z . -4.81 -8.41 -41.84
N2 NAG Z . -6.85 -8.16 -43.10
O3 NAG Z . -6.49 -9.62 -45.56
O4 NAG Z . -8.34 -11.83 -45.88
O5 NAG Z . -7.97 -11.57 -42.26
O6 NAG Z . -9.43 -13.89 -42.28
O7 NAG Z . -5.80 -6.30 -42.40
C1 NAG Z . -7.59 -12.87 -46.54
C2 NAG Z . -8.51 -13.65 -47.46
C3 NAG Z . -7.74 -14.72 -48.21
C4 NAG Z . -6.53 -14.11 -48.92
C5 NAG Z . -5.70 -13.30 -47.94
C6 NAG Z . -4.57 -12.55 -48.61
C7 NAG Z . -10.86 -13.73 -46.71
C8 NAG Z . -11.06 -12.49 -47.53
N2 NAG Z . -9.62 -14.24 -46.72
O3 NAG Z . -8.59 -15.35 -49.16
O4 NAG Z . -5.73 -15.15 -49.48
O5 NAG Z . -6.52 -12.31 -47.29
O6 NAG Z . -3.65 -13.44 -49.23
O7 NAG Z . -11.77 -14.25 -46.08
C1 NAG AA . 10.92 0.71 -34.30
C2 NAG AA . 12.43 0.76 -34.08
C3 NAG AA . 12.98 2.12 -34.45
C4 NAG AA . 12.53 2.52 -35.87
C5 NAG AA . 11.02 2.39 -35.98
C6 NAG AA . 10.51 2.64 -37.39
C7 NAG AA . 13.79 -0.34 -32.34
C8 NAG AA . 14.59 -0.90 -33.47
N2 NAG AA . 12.77 0.45 -32.69
O3 NAG AA . 14.40 2.10 -34.39
O4 NAG AA . 12.90 3.87 -36.13
O5 NAG AA . 10.62 1.05 -35.64
O6 NAG AA . 10.85 1.58 -38.27
O7 NAG AA . 14.04 -0.58 -31.16
C1 NAG AA . 13.61 3.93 -37.37
C2 NAG AA . 13.39 5.33 -37.97
C3 NAG AA . 14.16 5.46 -39.27
C4 NAG AA . 15.63 5.13 -39.06
C5 NAG AA . 15.78 3.75 -38.41
C6 NAG AA . 17.20 3.41 -38.04
C7 NAG AA . 11.40 6.75 -37.86
C8 NAG AA . 9.93 6.85 -38.15
N2 NAG AA . 11.98 5.58 -38.18
O3 NAG AA . 14.04 6.79 -39.75
O4 NAG AA . 16.32 5.13 -40.30
O5 NAG AA . 15.01 3.70 -37.19
O6 NAG AA . 18.13 4.22 -38.76
O7 NAG AA . 12.03 7.68 -37.37
C1 NAG BA . 19.97 38.60 -9.80
C2 NAG BA . 21.12 39.11 -10.68
C3 NAG BA . 22.01 40.07 -9.90
C4 NAG BA . 21.19 41.17 -9.24
C5 NAG BA . 20.06 40.56 -8.42
C6 NAG BA . 19.12 41.60 -7.85
C7 NAG BA . 22.46 38.01 -12.41
C8 NAG BA . 23.22 36.76 -12.79
N2 NAG BA . 21.88 38.00 -11.21
O3 NAG BA . 22.95 40.65 -10.79
O4 NAG BA . 22.00 41.91 -8.33
O5 NAG BA . 19.26 39.70 -9.24
O6 NAG BA . 18.72 42.54 -8.83
O7 NAG BA . 22.37 38.97 -13.17
C1 NAG BA . 22.53 43.12 -8.85
C2 NAG BA . 22.62 44.11 -7.68
C3 NAG BA . 23.37 45.37 -8.08
C4 NAG BA . 24.70 45.04 -8.72
C5 NAG BA . 24.46 44.10 -9.89
C6 NAG BA . 25.73 43.66 -10.58
C7 NAG BA . 20.93 44.28 -5.90
C8 NAG BA . 19.53 44.67 -5.56
N2 NAG BA . 21.30 44.44 -7.17
O3 NAG BA . 23.58 46.18 -6.92
O4 NAG BA . 25.34 46.22 -9.18
O5 NAG BA . 23.81 42.92 -9.41
O6 NAG BA . 25.46 43.01 -11.81
O7 NAG BA . 21.70 43.82 -5.06
C1 BMA BA . 26.74 46.17 -8.84
C2 BMA BA . 27.47 47.10 -9.82
C3 BMA BA . 28.91 47.31 -9.40
C4 BMA BA . 28.99 47.68 -7.92
C5 BMA BA . 28.31 46.61 -7.09
C6 BMA BA . 28.35 46.94 -5.63
O2 BMA BA . 26.87 48.38 -9.82
O3 BMA BA . 29.50 48.36 -10.14
O4 BMA BA . 30.34 47.80 -7.53
O5 BMA BA . 26.93 46.57 -7.48
O6 BMA BA . 28.38 48.35 -5.54
C1 MAN BA . 30.31 47.85 -11.21
C2 MAN BA . 31.29 48.95 -11.53
C3 MAN BA . 30.50 50.19 -11.89
C4 MAN BA . 29.57 49.89 -13.08
C5 MAN BA . 28.70 48.64 -12.81
C6 MAN BA . 27.99 48.15 -14.04
O2 MAN BA . 32.03 48.65 -12.70
O3 MAN BA . 31.33 51.30 -12.18
O4 MAN BA . 28.73 51.00 -13.32
O5 MAN BA . 29.53 47.55 -12.32
O6 MAN BA . 27.59 46.80 -13.81
C1 MAN BA . 33.42 48.55 -12.35
C2 MAN BA . 34.25 48.74 -13.65
C3 MAN BA . 34.26 47.47 -14.51
C4 MAN BA . 34.56 46.24 -13.66
C5 MAN BA . 33.53 46.16 -12.55
C6 MAN BA . 33.71 44.94 -11.68
O2 MAN BA . 35.62 49.02 -13.37
O3 MAN BA . 35.20 47.56 -15.58
O4 MAN BA . 34.53 45.07 -14.45
O5 MAN BA . 33.68 47.31 -11.72
O6 MAN BA . 35.01 44.99 -11.13
C1 MAN BA . 35.79 50.45 -13.47
C2 MAN BA . 37.28 50.73 -13.84
C3 MAN BA . 38.19 50.64 -12.62
C4 MAN BA . 37.60 51.43 -11.45
C5 MAN BA . 36.23 50.86 -11.12
C6 MAN BA . 35.58 51.52 -9.93
O2 MAN BA . 37.46 52.06 -14.35
O3 MAN BA . 39.51 51.09 -12.89
O4 MAN BA . 38.44 51.33 -10.32
O5 MAN BA . 35.38 51.09 -12.26
O6 MAN BA . 34.61 50.62 -9.40
C1 MAN BA . 28.13 48.76 -4.18
C2 MAN BA . 26.91 49.68 -4.22
C3 MAN BA . 27.24 50.97 -4.96
C4 MAN BA . 28.55 51.59 -4.45
C5 MAN BA . 29.69 50.56 -4.45
C6 MAN BA . 30.90 51.11 -3.76
O2 MAN BA . 26.52 50.09 -2.90
O3 MAN BA . 26.20 51.92 -4.86
O4 MAN BA . 28.91 52.68 -5.30
O5 MAN BA . 29.26 49.42 -3.69
O6 MAN BA . 30.45 51.61 -2.52
C1 MAN BA . 31.56 52.09 -1.73
C2 MAN BA . 31.11 52.00 -0.28
C3 MAN BA . 29.85 52.82 -0.15
C4 MAN BA . 30.19 54.27 -0.47
C5 MAN BA . 30.76 54.36 -1.89
C6 MAN BA . 31.30 55.74 -2.23
O2 MAN BA . 32.03 52.66 0.56
O3 MAN BA . 29.28 52.70 1.14
O4 MAN BA . 29.02 55.08 -0.35
O5 MAN BA . 31.85 53.42 -2.07
O6 MAN BA . 31.86 55.68 -3.52
C1 MAN BA . 32.63 51.73 1.48
C2 MAN BA . 33.33 52.59 2.55
C3 MAN BA . 34.50 53.33 1.91
C4 MAN BA . 35.42 52.34 1.20
C5 MAN BA . 34.61 51.56 0.15
C6 MAN BA . 35.44 50.50 -0.56
O2 MAN BA . 33.90 51.77 3.57
O3 MAN BA . 35.23 54.08 2.87
O4 MAN BA . 36.47 53.04 0.55
O5 MAN BA . 33.53 50.89 0.81
O6 MAN BA . 34.75 50.14 -1.76
C1 MAN BA . 25.65 52.15 -6.17
C2 MAN BA . 25.66 53.67 -6.42
C3 MAN BA . 24.66 54.34 -5.49
C4 MAN BA . 23.28 53.67 -5.61
C5 MAN BA . 23.41 52.17 -5.33
C6 MAN BA . 22.11 51.42 -5.52
O2 MAN BA . 25.21 53.98 -7.74
O3 MAN BA . 24.55 55.74 -5.75
O4 MAN BA . 22.37 54.25 -4.69
O5 MAN BA . 24.36 51.61 -6.26
O6 MAN BA . 21.91 51.25 -6.93
C1 NAG CA . -5.62 27.41 -19.46
C2 NAG CA . -6.03 26.08 -20.10
C3 NAG CA . -7.40 26.21 -20.73
C4 NAG CA . -8.41 26.72 -19.72
C5 NAG CA . -7.92 28.03 -19.12
C6 NAG CA . -8.81 28.55 -18.02
C7 NAG CA . -4.13 24.71 -20.83
C8 NAG CA . -3.20 24.39 -21.96
N2 NAG CA . -5.04 25.65 -21.08
O3 NAG CA . -7.81 24.93 -21.22
O4 NAG CA . -9.67 26.92 -20.34
O5 NAG CA . -6.63 27.83 -18.53
O6 NAG CA . -8.36 28.12 -16.74
O7 NAG CA . -4.05 24.14 -19.75
C1 NAG CA . -10.51 25.79 -20.02
C2 NAG CA . -11.96 26.27 -19.90
C3 NAG CA . -12.86 25.09 -19.58
C4 NAG CA . -12.68 23.98 -20.61
C5 NAG CA . -11.20 23.61 -20.73
C6 NAG CA . -10.94 22.63 -21.85
C7 NAG CA . -12.15 28.61 -19.19
C8 NAG CA . -12.28 29.55 -18.04
N2 NAG CA . -12.09 27.31 -18.90
O3 NAG CA . -14.23 25.53 -19.58
O4 NAG CA . -13.41 22.83 -20.23
O5 NAG CA . -10.42 24.78 -21.03
O6 NAG CA . -11.43 23.10 -23.10
O7 NAG CA . -12.09 29.02 -20.35
C1 BMA CA . -14.30 22.46 -21.31
C2 BMA CA . -14.96 21.11 -20.95
C3 BMA CA . -16.08 20.78 -21.95
C4 BMA CA . -16.97 21.99 -22.28
C5 BMA CA . -16.11 23.22 -22.63
C6 BMA CA . -16.95 24.45 -22.87
O2 BMA CA . -15.57 21.18 -19.67
O3 BMA CA . -16.90 19.74 -21.46
O4 BMA CA . -17.83 21.69 -23.36
O5 BMA CA . -15.25 23.48 -21.54
O6 BMA CA . -17.14 25.10 -21.62
C1 MAN CA . -16.34 18.45 -21.79
C2 MAN CA . -17.53 17.47 -21.88
C3 MAN CA . -18.12 17.25 -20.49
C4 MAN CA . -17.03 16.85 -19.49
C5 MAN CA . -15.93 17.92 -19.48
C6 MAN CA . -14.77 17.58 -18.57
O2 MAN CA . -17.10 16.18 -22.33
O3 MAN CA . -19.16 16.28 -20.50
O4 MAN CA . -17.59 16.74 -18.19
O5 MAN CA . -15.41 18.05 -20.82
O6 MAN CA . -13.94 16.63 -19.24
C1 MAN CA . -18.56 25.19 -21.36
C2 MAN CA . -18.93 26.70 -21.27
C3 MAN CA . -18.36 27.32 -20.00
C4 MAN CA . -18.76 26.49 -18.77
C5 MAN CA . -18.29 25.03 -18.96
C6 MAN CA . -18.72 24.14 -17.81
O2 MAN CA . -20.34 26.88 -21.19
O3 MAN CA . -18.77 28.66 -19.84
O4 MAN CA . -18.17 27.03 -17.61
O5 MAN CA . -18.89 24.50 -20.16
O6 MAN CA . -20.14 24.07 -17.80
C1 NAG DA . -9.25 34.63 -28.44
C2 NAG DA . -9.12 35.90 -29.29
C3 NAG DA . -9.73 37.09 -28.56
C4 NAG DA . -11.15 36.78 -28.11
C5 NAG DA . -11.16 35.48 -27.31
C6 NAG DA . -12.55 35.04 -26.92
C7 NAG DA . -7.12 35.62 -30.70
C8 NAG DA . -5.68 35.99 -30.88
N2 NAG DA . -7.73 36.15 -29.63
O3 NAG DA . -9.74 38.21 -29.44
O4 NAG DA . -11.63 37.82 -27.27
O5 NAG DA . -10.60 34.43 -28.10
O6 NAG DA . -12.55 33.70 -26.42
O7 NAG DA . -7.70 34.86 -31.46
C1 NAG DA . -12.48 38.68 -28.05
C2 NAG DA . -13.55 39.24 -27.11
C3 NAG DA . -14.45 40.23 -27.85
C4 NAG DA . -13.62 41.28 -28.57
C5 NAG DA . -12.56 40.63 -29.44
C6 NAG DA . -11.62 41.61 -30.10
C7 NAG DA . -14.22 37.79 -25.26
C8 NAG DA . -15.12 36.66 -24.82
N2 NAG DA . -14.34 38.17 -26.53
O3 NAG DA . -15.33 40.85 -26.92
O4 NAG DA . -14.46 42.10 -29.37
O5 NAG DA . -11.76 39.74 -28.64
O6 NAG DA . -11.75 41.59 -31.51
O7 NAG DA . -13.42 38.32 -24.49
C1 NAG EA . -21.12 17.34 -34.25
C2 NAG EA . -22.06 18.50 -33.97
C3 NAG EA . -23.26 18.02 -33.15
C4 NAG EA . -23.93 16.86 -33.85
C5 NAG EA . -22.92 15.75 -34.11
C6 NAG EA . -23.49 14.59 -34.87
C7 NAG EA . -21.11 20.76 -33.86
C8 NAG EA . -20.38 21.76 -33.01
N2 NAG EA . -21.36 19.58 -33.29
O3 NAG EA . -24.17 19.10 -32.99
O4 NAG EA . -25.00 16.35 -33.07
O5 NAG EA . -21.83 16.27 -34.89
O6 NAG EA . -22.93 13.35 -34.43
O7 NAG EA . -21.45 21.02 -35.01
C1 NAG EA . -26.21 16.54 -33.83
C2 NAG EA . -27.29 15.56 -33.34
C3 NAG EA . -28.59 15.80 -34.11
C4 NAG EA . -29.00 17.26 -34.02
C5 NAG EA . -27.85 18.16 -34.48
C6 NAG EA . -28.15 19.63 -34.33
C7 NAG EA . -26.28 13.50 -32.48
C8 NAG EA . -25.90 12.09 -32.79
N2 NAG EA . -26.85 14.19 -33.47
O3 NAG EA . -29.61 14.97 -33.56
O4 NAG EA . -30.14 17.49 -34.84
O5 NAG EA . -26.68 17.89 -33.72
O6 NAG EA . -27.19 20.27 -33.50
O7 NAG EA . -26.09 14.00 -31.37
C1 NAG FA . -7.32 32.17 -36.30
C2 NAG FA . -8.81 31.83 -36.24
C3 NAG FA . -9.32 31.49 -37.63
C4 NAG FA . -8.95 32.57 -38.64
C5 NAG FA . -7.47 32.93 -38.54
C6 NAG FA . -7.10 34.14 -39.36
C7 NAG FA . -9.15 30.92 -33.99
C8 NAG FA . -9.40 29.67 -33.18
N2 NAG FA . -9.05 30.75 -35.31
O3 NAG FA . -10.74 31.34 -37.59
O4 NAG FA . -9.20 32.10 -39.96
O5 NAG FA . -7.12 33.24 -37.18
O6 NAG FA . -7.78 35.30 -38.92
O7 NAG FA . -9.03 32.02 -33.47
C1 NAG FA . -10.51 32.51 -40.37
C2 NAG FA . -10.59 32.35 -41.88
C3 NAG FA . -11.95 32.80 -42.37
C4 NAG FA . -13.06 32.04 -41.64
C5 NAG FA . -12.85 32.09 -40.12
C6 NAG FA . -13.76 31.16 -39.38
C7 NAG FA . -9.43 34.43 -42.51
C8 NAG FA . -8.27 35.02 -43.26
N2 NAG FA . -9.53 33.09 -42.55
O3 NAG FA . -12.05 32.55 -43.77
O4 NAG FA . -14.31 32.65 -41.91
O5 NAG FA . -11.51 31.71 -39.77
O6 NAG FA . -13.65 29.83 -39.86
O7 NAG FA . -10.24 35.13 -41.90
C1 BMA FA . -14.91 32.09 -43.08
C2 BMA FA . -16.28 31.54 -42.63
C3 BMA FA . -17.26 31.36 -43.79
C4 BMA FA . -17.16 32.50 -44.82
C5 BMA FA . -15.71 32.68 -45.23
C6 BMA FA . -15.53 33.77 -46.27
O2 BMA FA . -16.89 32.44 -41.72
O3 BMA FA . -18.58 31.31 -43.28
O4 BMA FA . -17.93 32.19 -45.97
O5 BMA FA . -15.00 33.07 -44.08
O6 BMA FA . -16.01 34.97 -45.69
C1 MAN FA . -19.44 30.64 -44.23
C2 MAN FA . -20.90 30.98 -43.82
C3 MAN FA . -21.25 30.27 -42.52
C4 MAN FA . -20.98 28.77 -42.66
C5 MAN FA . -19.50 28.56 -43.00
C6 MAN FA . -19.14 27.11 -43.19
O2 MAN FA . -21.81 30.48 -44.78
O3 MAN FA . -22.61 30.48 -42.17
O4 MAN FA . -21.29 28.10 -41.45
O5 MAN FA . -19.21 29.25 -44.22
O6 MAN FA . -20.25 26.33 -42.76
C1 MAN FA . -22.64 31.55 -45.25
C2 MAN FA . -23.97 30.90 -45.70
C3 MAN FA . -23.75 30.09 -46.96
C4 MAN FA . -23.04 30.92 -48.03
C5 MAN FA . -21.72 31.45 -47.46
C6 MAN FA . -20.96 32.31 -48.44
O2 MAN FA . -24.94 31.89 -46.03
O3 MAN FA . -24.98 29.59 -47.47
O4 MAN FA . -22.77 30.12 -49.17
O5 MAN FA . -22.01 32.24 -46.30
O6 MAN FA . -21.74 33.48 -48.69
C1 MAN FA . -25.96 31.89 -45.01
C2 MAN FA . -26.94 33.03 -45.37
C3 MAN FA . -26.24 34.37 -45.21
C4 MAN FA . -25.68 34.49 -43.79
C5 MAN FA . -24.72 33.33 -43.50
C6 MAN FA . -24.22 33.33 -42.08
O2 MAN FA . -28.04 33.06 -44.46
O3 MAN FA . -27.10 35.45 -45.52
O4 MAN FA . -24.99 35.72 -43.65
O5 MAN FA . -25.39 32.08 -43.73
O6 MAN FA . -24.63 34.55 -41.46
C1 MAN FA . -15.53 36.11 -46.44
C2 MAN FA . -15.88 37.33 -45.60
C3 MAN FA . -17.39 37.46 -45.53
C4 MAN FA . -17.99 37.53 -46.95
C5 MAN FA . -17.58 36.26 -47.72
C6 MAN FA . -18.07 36.25 -49.16
O2 MAN FA . -15.42 38.54 -46.22
O3 MAN FA . -17.80 38.57 -44.75
O4 MAN FA . -19.40 37.60 -46.87
O5 MAN FA . -16.14 36.16 -47.72
O6 MAN FA . -17.16 36.98 -49.97
C1 MAN FA . -17.96 38.09 -43.38
C2 MAN FA . -19.34 38.59 -42.86
C3 MAN FA . -19.29 40.08 -42.53
C4 MAN FA . -18.11 40.38 -41.61
C5 MAN FA . -16.81 39.95 -42.30
C6 MAN FA . -15.59 40.20 -41.45
O2 MAN FA . -19.69 37.94 -41.64
O3 MAN FA . -20.51 40.52 -41.94
O4 MAN FA . -18.06 41.77 -41.33
O5 MAN FA . -16.88 38.54 -42.57
O6 MAN FA . -14.45 39.82 -42.20
C1 MAN FA . -17.75 37.13 -51.28
C2 MAN FA . -16.59 37.36 -52.30
C3 MAN FA . -15.98 38.74 -52.10
C4 MAN FA . -17.05 39.83 -52.07
C5 MAN FA . -18.11 39.51 -51.01
C6 MAN FA . -19.25 40.50 -50.98
O2 MAN FA . -17.08 37.36 -53.65
O3 MAN FA . -15.01 39.04 -53.11
O4 MAN FA . -16.46 41.10 -51.77
O5 MAN FA . -18.67 38.21 -51.30
O6 MAN FA . -20.13 40.13 -49.92
C1 NAG GA . 12.90 26.01 -38.95
C2 NAG GA . 12.48 24.63 -39.41
C3 NAG GA . 13.43 24.13 -40.50
C4 NAG GA . 13.62 25.17 -41.60
C5 NAG GA . 13.84 26.58 -41.03
C6 NAG GA . 13.74 27.66 -42.07
C7 NAG GA . 11.43 23.67 -37.41
C8 NAG GA . 11.54 22.63 -36.33
N2 NAG GA . 12.42 23.69 -38.30
O3 NAG GA . 12.92 22.93 -41.05
O4 NAG GA . 14.78 24.86 -42.34
O5 NAG GA . 12.86 26.90 -40.03
O6 NAG GA . 12.73 28.61 -41.76
O7 NAG GA . 10.47 24.44 -37.48
C1 NAG GA . 14.55 23.86 -43.34
C2 NAG GA . 15.17 24.35 -44.65
C3 NAG GA . 15.04 23.28 -45.74
C4 NAG GA . 15.60 21.96 -45.24
C5 NAG GA . 14.96 21.57 -43.92
C6 NAG GA . 15.55 20.32 -43.32
C7 NAG GA . 15.26 26.73 -45.23
C8 NAG GA . 14.46 27.93 -45.68
N2 NAG GA . 14.56 25.60 -45.07
O3 NAG GA . 15.73 23.71 -46.90
O4 NAG GA . 15.36 20.94 -46.21
O5 NAG GA . 15.14 22.62 -42.96
O6 NAG GA . 14.55 19.44 -42.85
O7 NAG GA . 16.46 26.80 -45.02
C1 NAG HA . 6.91 24.63 -39.80
C2 NAG HA . 7.14 23.51 -40.81
C3 NAG HA . 8.37 23.82 -41.66
C4 NAG HA . 8.25 25.20 -42.29
C5 NAG HA . 7.95 26.24 -41.23
C6 NAG HA . 7.67 27.61 -41.81
C7 NAG HA . 8.32 21.88 -39.41
C8 NAG HA . 8.28 20.50 -38.81
N2 NAG HA . 7.26 22.22 -40.16
O3 NAG HA . 8.51 22.82 -42.66
O4 NAG HA . 9.47 25.55 -42.93
O5 NAG HA . 6.78 25.87 -40.47
O6 NAG HA . 6.31 27.99 -41.62
O7 NAG HA . 9.26 22.64 -39.22
C1 NAG HA . 9.52 25.05 -44.29
C2 NAG HA . 9.84 26.20 -45.22
C3 NAG HA . 9.98 25.70 -46.66
C4 NAG HA . 11.01 24.59 -46.71
C5 NAG HA . 10.65 23.48 -45.72
C6 NAG HA . 11.70 22.40 -45.64
C7 NAG HA . 9.11 28.52 -44.84
C8 NAG HA . 7.94 29.46 -44.81
N2 NAG HA . 8.83 27.25 -45.15
O3 NAG HA . 10.37 26.78 -47.50
O4 NAG HA . 11.06 24.04 -48.03
O5 NAG HA . 10.52 24.03 -44.41
O6 NAG HA . 12.08 22.15 -44.30
O7 NAG HA . 10.24 28.89 -44.57
C1 NAG IA . 10.47 34.88 -41.49
C2 NAG IA . 9.83 33.89 -42.46
C3 NAG IA . 10.32 34.16 -43.88
C4 NAG IA . 10.10 35.63 -44.26
C5 NAG IA . 10.69 36.55 -43.19
C6 NAG IA . 10.36 38.01 -43.42
C7 NAG IA . 9.24 31.73 -41.46
C8 NAG IA . 9.70 30.35 -41.13
N2 NAG IA . 10.11 32.53 -42.07
O3 NAG IA . 9.62 33.32 -44.79
O4 NAG IA . 10.76 35.92 -45.48
O5 NAG IA . 10.15 36.21 -41.90
O6 NAG IA . 9.72 38.58 -42.28
O7 NAG IA . 8.11 32.12 -41.16
C1 NAG IA . 10.04 35.42 -46.62
C2 NAG IA . 9.12 36.51 -47.18
C3 NAG IA . 8.42 36.02 -48.44
C4 NAG IA . 9.44 35.51 -49.46
C5 NAG IA . 10.33 34.46 -48.82
C6 NAG IA . 11.45 34.01 -49.73
C7 NAG IA . 7.71 38.19 -46.08
C8 NAG IA . 6.70 38.44 -44.99
N2 NAG IA . 8.15 36.93 -46.18
O3 NAG IA . 7.66 37.09 -49.00
O4 NAG IA . 8.77 34.95 -50.58
O5 NAG IA . 10.96 35.00 -47.64
O6 NAG IA . 10.96 33.18 -50.78
O7 NAG IA . 8.10 39.08 -46.82
C1 NAG JA . -5.12 35.15 -18.52
C2 NAG JA . -5.97 34.45 -17.46
C3 NAG JA . -7.09 35.37 -17.00
C4 NAG JA . -6.52 36.70 -16.53
C5 NAG JA . -5.69 37.32 -17.64
C6 NAG JA . -5.02 38.61 -17.25
C7 NAG JA . -6.01 32.01 -17.66
C8 NAG JA . -4.82 32.02 -16.73
N2 NAG JA . -6.52 33.20 -17.97
O3 NAG JA . -7.82 34.76 -15.94
O4 NAG JA . -7.57 37.60 -16.15
O5 NAG JA . -4.65 36.41 -18.01
O6 NAG JA . -4.79 39.44 -18.38
O7 NAG JA . -6.47 30.97 -18.10
C1 NAG JA . -7.22 38.15 -14.86
C2 NAG JA . -8.04 39.42 -14.63
C3 NAG JA . -7.72 40.00 -13.25
C4 NAG JA . -7.92 38.94 -12.18
C5 NAG JA . -7.11 37.68 -12.50
C6 NAG JA . -7.35 36.55 -11.53
C7 NAG JA . -8.46 40.42 -16.82
C8 NAG JA . -8.09 41.50 -17.78
N2 NAG JA . -7.79 40.40 -15.67
O3 NAG JA . -8.57 41.11 -13.01
O4 NAG JA . -7.51 39.44 -10.92
O5 NAG JA . -7.47 37.21 -13.81
O6 NAG JA . -7.04 35.30 -12.13
O7 NAG JA . -9.33 39.60 -17.09
C1 NAG KA . 22.90 -22.61 -33.13
C2 NAG KA . 24.32 -22.21 -33.53
C3 NAG KA . 24.29 -21.05 -34.54
C4 NAG KA . 23.37 -21.37 -35.71
C5 NAG KA . 22.00 -21.79 -35.19
C6 NAG KA . 21.05 -22.21 -36.28
C7 NAG KA . 25.97 -22.68 -31.77
C8 NAG KA . 26.68 -22.14 -30.57
N2 NAG KA . 25.10 -21.84 -32.36
O3 NAG KA . 25.61 -20.80 -35.00
O4 NAG KA . 23.22 -20.22 -36.53
O5 NAG KA . 22.14 -22.91 -34.30
O6 NAG KA . 19.70 -21.93 -35.92
O7 NAG KA . 26.16 -23.82 -32.18
C1 NAG KA . 23.84 -20.46 -37.81
C2 NAG KA . 23.45 -19.32 -38.73
C3 NAG KA . 24.12 -19.49 -40.09
C4 NAG KA . 25.63 -19.62 -39.92
C5 NAG KA . 25.95 -20.73 -38.94
C6 NAG KA . 27.42 -20.84 -38.62
C7 NAG KA . 21.23 -18.48 -38.11
C8 NAG KA . 19.76 -18.52 -38.40
N2 NAG KA . 22.00 -19.24 -38.89
O3 NAG KA . 23.82 -18.36 -40.91
O4 NAG KA . 26.24 -19.90 -41.17
O5 NAG KA . 25.27 -20.51 -37.70
O6 NAG KA . 27.84 -19.77 -37.77
O7 NAG KA . 21.70 -17.78 -37.21
C1 NAG LA . 7.88 -22.51 -37.03
C2 NAG LA . 8.18 -24.00 -36.93
C3 NAG LA . 8.49 -24.57 -38.31
C4 NAG LA . 7.40 -24.20 -39.31
C5 NAG LA . 7.11 -22.70 -39.28
C6 NAG LA . 5.94 -22.30 -40.13
C7 NAG LA . 9.11 -24.58 -34.73
C8 NAG LA . 7.69 -24.67 -34.26
N2 NAG LA . 9.27 -24.26 -36.02
O3 NAG LA . 8.61 -25.98 -38.23
O4 NAG LA . 7.81 -24.55 -40.63
O5 NAG LA . 6.81 -22.30 -37.94
O6 NAG LA . 5.63 -20.92 -39.98
O7 NAG LA . 10.06 -24.79 -33.98
C1 NAG LA . 6.80 -25.38 -41.22
C2 NAG LA . 6.88 -25.28 -42.74
C3 NAG LA . 5.84 -26.17 -43.39
C4 NAG LA . 5.98 -27.60 -42.86
C5 NAG LA . 5.95 -27.62 -41.34
C6 NAG LA . 6.22 -28.99 -40.76
C7 NAG LA . 7.73 -23.12 -43.54
C8 NAG LA . 9.09 -23.74 -43.48
N2 NAG LA . 6.71 -23.89 -43.17
O3 NAG LA . 6.02 -26.16 -44.80
O4 NAG LA . 4.91 -28.41 -43.35
O5 NAG LA . 6.97 -26.75 -40.82
O6 NAG LA . 5.23 -29.93 -41.17
O7 NAG LA . 7.56 -21.96 -43.91
C1 NAG MA . 5.54 -31.80 -16.23
C2 NAG MA . 4.70 -32.62 -15.25
C3 NAG MA . 5.61 -33.51 -14.40
C4 NAG MA . 6.54 -34.33 -15.27
C5 NAG MA . 7.28 -33.43 -16.26
C6 NAG MA . 8.12 -34.21 -17.25
C7 NAG MA . 2.69 -32.11 -13.92
C8 NAG MA . 2.20 -33.46 -14.33
N2 NAG MA . 3.90 -31.76 -14.40
O3 NAG MA . 4.81 -34.38 -13.60
O4 NAG MA . 7.49 -35.01 -14.46
O5 NAG MA . 6.33 -32.67 -17.03
O6 NAG MA . 7.32 -34.75 -18.29
O7 NAG MA . 2.04 -31.36 -13.20
C1 NAG MA . 7.57 -36.38 -14.84
C2 NAG MA . 9.00 -36.86 -14.58
C3 NAG MA . 9.13 -38.33 -14.93
C4 NAG MA . 8.09 -39.15 -14.20
C5 NAG MA . 6.69 -38.59 -14.45
C6 NAG MA . 5.62 -39.27 -13.64
C7 NAG MA . 11.10 -35.61 -14.79
C8 NAG MA . 11.97 -34.81 -15.70
N2 NAG MA . 9.96 -36.06 -15.33
O3 NAG MA . 10.44 -38.78 -14.58
O4 NAG MA . 8.13 -40.51 -14.63
O5 NAG MA . 6.66 -37.19 -14.10
O6 NAG MA . 6.06 -40.53 -13.15
O7 NAG MA . 11.41 -35.84 -13.63
C1 NAG NA . 25.04 -26.88 25.38
C2 NAG NA . 25.11 -28.37 25.69
C3 NAG NA . 25.20 -28.61 27.19
C4 NAG NA . 26.34 -27.79 27.79
C5 NAG NA . 26.24 -26.33 27.36
C6 NAG NA . 27.44 -25.51 27.78
C7 NAG NA . 23.97 -30.32 24.69
C8 NAG NA . 22.68 -30.84 24.15
N2 NAG NA . 23.95 -29.05 25.14
O3 NAG NA . 25.44 -29.99 27.42
O4 NAG NA . 26.22 -27.80 29.21
O5 NAG NA . 26.17 -26.24 25.93
O6 NAG NA . 28.66 -26.14 27.43
O7 NAG NA . 24.99 -30.99 24.73
C1 NAG NA . 27.07 -28.77 29.84
C2 NAG NA . 27.48 -28.18 31.18
C3 NAG NA . 28.24 -29.19 32.02
C4 NAG NA . 27.48 -30.50 32.12
C5 NAG NA . 27.17 -30.99 30.72
C6 NAG NA . 26.34 -32.26 30.71
C7 NAG NA . 27.98 -25.80 31.54
C8 NAG NA . 28.91 -24.67 31.23
N2 NAG NA . 28.27 -26.97 30.99
O3 NAG NA . 28.46 -28.65 33.32
O4 NAG NA . 28.27 -31.46 32.79
O5 NAG NA . 26.39 -30.00 30.03
O6 NAG NA . 26.48 -32.96 29.47
O7 NAG NA . 26.98 -25.64 32.25
C1 BMA NA . 27.45 -32.18 33.74
C2 BMA NA . 28.16 -33.52 33.99
C3 BMA NA . 27.52 -34.26 35.15
C4 BMA NA . 27.33 -33.34 36.35
C5 BMA NA . 26.55 -32.10 35.95
C6 BMA NA . 26.40 -31.16 37.10
O2 BMA NA . 29.50 -33.30 34.36
O3 BMA NA . 28.33 -35.34 35.54
O4 BMA NA . 26.66 -34.03 37.38
O5 BMA NA . 27.30 -31.43 34.93
O6 BMA NA . 27.55 -31.32 37.90
C1 MAN NA . 27.84 -36.58 34.98
C2 MAN NA . 28.38 -37.66 35.90
C3 MAN NA . 29.88 -37.55 35.93
C4 MAN NA . 30.44 -37.70 34.51
C5 MAN NA . 29.77 -36.70 33.54
C6 MAN NA . 30.09 -36.98 32.10
O2 MAN NA . 28.11 -38.95 35.36
O3 MAN NA . 30.46 -38.52 36.79
O4 MAN NA . 31.84 -37.45 34.53
O5 MAN NA . 28.33 -36.76 33.68
O6 MAN NA . 29.18 -36.25 31.29
C1 MAN NA . 27.24 -39.64 36.27
C2 MAN NA . 27.35 -41.17 35.96
C3 MAN NA . 26.55 -41.54 34.72
C4 MAN NA . 25.16 -40.94 34.76
C5 MAN NA . 25.29 -39.42 34.89
C6 MAN NA . 23.96 -38.72 34.90
O2 MAN NA . 26.83 -41.95 37.03
O3 MAN NA . 26.47 -42.95 34.56
O4 MAN NA . 24.45 -41.25 33.57
O5 MAN NA . 25.91 -39.15 36.15
O6 MAN NA . 23.20 -39.23 35.99
C1 MAN NA . 27.96 -42.38 37.82
C2 MAN NA . 27.56 -43.71 38.54
C3 MAN NA . 26.68 -43.45 39.77
C4 MAN NA . 27.30 -42.36 40.64
C5 MAN NA . 27.41 -41.09 39.80
C6 MAN NA . 27.93 -39.90 40.59
O2 MAN NA . 28.71 -44.40 39.02
O3 MAN NA . 26.48 -44.63 40.53
O4 MAN NA . 26.47 -42.12 41.76
O5 MAN NA . 28.33 -41.35 38.74
O6 MAN NA . 27.49 -38.72 39.93
C1 MAN NA . 27.61 -30.27 38.88
C2 MAN NA . 28.97 -29.58 38.72
C3 MAN NA . 30.09 -30.56 39.11
C4 MAN NA . 29.83 -31.21 40.46
C5 MAN NA . 28.42 -31.83 40.51
C6 MAN NA . 28.08 -32.29 41.89
O2 MAN NA . 29.10 -28.47 39.60
O3 MAN NA . 31.35 -29.90 39.14
O4 MAN NA . 30.79 -32.22 40.69
O5 MAN NA . 27.46 -30.82 40.16
O6 MAN NA . 28.28 -31.17 42.72
C1 MAN NA . 27.94 -31.46 44.09
C2 MAN NA . 27.66 -30.12 44.73
C3 MAN NA . 28.90 -29.28 44.60
C4 MAN NA . 30.03 -29.97 45.36
C5 MAN NA . 30.25 -31.38 44.78
C6 MAN NA . 31.23 -32.20 45.59
O2 MAN NA . 27.52 -30.28 46.14
O3 MAN NA . 28.71 -27.96 45.08
O4 MAN NA . 31.22 -29.22 45.26
O5 MAN NA . 29.01 -32.11 44.74
O6 MAN NA . 31.27 -33.51 45.03
C1 MAN NA . 26.21 -29.87 46.55
C2 MAN NA . 26.26 -29.74 48.09
C3 MAN NA . 26.48 -31.12 48.69
C4 MAN NA . 25.41 -32.09 48.19
C5 MAN NA . 25.45 -32.14 46.66
C6 MAN NA . 24.36 -33.02 46.07
O2 MAN NA . 25.03 -29.26 48.61
O3 MAN NA . 26.47 -31.07 50.12
O4 MAN NA . 25.65 -33.38 48.71
O5 MAN NA . 25.25 -30.81 46.15
O6 MAN NA . 24.66 -33.24 44.70
C1 MAN NA . 32.19 -30.48 38.13
C2 MAN NA . 33.53 -30.89 38.80
C3 MAN NA . 34.28 -29.65 39.22
C4 MAN NA . 34.44 -28.68 38.04
C5 MAN NA . 33.05 -28.34 37.47
C6 MAN NA . 33.11 -27.47 36.24
O2 MAN NA . 34.38 -31.57 37.88
O3 MAN NA . 35.56 -29.97 39.75
O4 MAN NA . 35.08 -27.49 38.45
O5 MAN NA . 32.39 -29.56 37.08
O6 MAN NA . 33.48 -28.29 35.14
C1 NAG OA . 31.02 -14.17 -0.62
C2 NAG OA . 30.32 -14.12 -1.98
C3 NAG OA . 31.28 -13.62 -3.05
C4 NAG OA . 31.89 -12.29 -2.64
C5 NAG OA . 32.55 -12.43 -1.27
C6 NAG OA . 33.08 -11.12 -0.74
C7 NAG OA . 28.50 -15.74 -2.18
C8 NAG OA . 28.11 -17.13 -2.61
N2 NAG OA . 29.78 -15.42 -2.34
O3 NAG OA . 30.58 -13.46 -4.28
O4 NAG OA . 32.85 -11.87 -3.60
O5 NAG OA . 31.58 -12.89 -0.31
O6 NAG OA . 32.14 -10.47 0.09
O7 NAG OA . 27.67 -14.97 -1.72
C1 NAG OA . 32.23 -10.88 -4.45
C2 NAG OA . 33.29 -9.88 -4.90
C3 NAG OA . 32.67 -8.84 -5.82
C4 NAG OA . 31.97 -9.52 -6.99
C5 NAG OA . 30.97 -10.57 -6.48
C6 NAG OA . 30.35 -11.38 -7.58
C7 NAG OA . 35.09 -9.65 -3.24
C8 NAG OA . 35.59 -8.87 -2.06
N2 NAG OA . 33.92 -9.24 -3.75
O3 NAG OA . 33.68 -7.97 -6.31
O4 NAG OA . 31.26 -8.56 -7.76
O5 NAG OA . 31.64 -11.50 -5.60
O6 NAG OA . 31.35 -11.91 -8.46
O7 NAG OA . 35.71 -10.59 -3.72
C1 BMA OA . 31.70 -8.67 -9.13
C2 BMA OA . 30.82 -7.73 -9.99
C3 BMA OA . 31.38 -7.61 -11.42
C4 BMA OA . 32.90 -7.42 -11.43
C5 BMA OA . 33.60 -8.44 -10.54
C6 BMA OA . 35.10 -8.24 -10.47
O2 BMA OA . 30.78 -6.43 -9.45
O3 BMA OA . 30.77 -6.52 -12.10
O4 BMA OA . 33.38 -7.54 -12.76
O5 BMA OA . 33.07 -8.31 -9.23
O6 BMA OA . 35.36 -7.33 -9.40
C1 MAN OA . 29.54 -6.94 -12.73
C2 MAN OA . 29.34 -6.02 -13.95
C3 MAN OA . 29.05 -4.59 -13.48
C4 MAN OA . 27.90 -4.58 -12.47
C5 MAN OA . 28.23 -5.52 -11.30
C6 MAN OA . 27.11 -5.61 -10.28
O2 MAN OA . 28.21 -6.41 -14.72
O3 MAN OA . 28.76 -3.73 -14.57
O4 MAN OA . 27.70 -3.26 -11.98
O5 MAN OA . 28.47 -6.84 -11.81
O6 MAN OA . 26.16 -6.56 -10.76
C1 MAN OA . 36.05 -6.18 -9.93
C2 MAN OA . 37.44 -6.10 -9.24
C3 MAN OA . 37.28 -5.70 -7.79
C4 MAN OA . 36.44 -4.44 -7.66
C5 MAN OA . 35.08 -4.66 -8.31
C6 MAN OA . 34.19 -3.43 -8.27
O2 MAN OA . 38.24 -5.08 -9.84
O3 MAN OA . 38.55 -5.51 -7.15
O4 MAN OA . 36.26 -4.11 -6.29
O5 MAN OA . 35.28 -5.01 -9.70
O6 MAN OA . 34.80 -2.42 -9.08
C1 NAG PA . 41.39 -19.15 -4.39
C2 NAG PA . 42.61 -20.04 -4.20
C3 NAG PA . 43.69 -19.30 -3.39
C4 NAG PA . 43.98 -17.95 -4.01
C5 NAG PA . 42.69 -17.16 -4.21
C6 NAG PA . 42.89 -15.85 -4.93
C7 NAG PA . 41.77 -22.34 -4.19
C8 NAG PA . 41.44 -23.54 -3.35
N2 NAG PA . 42.24 -21.28 -3.54
O3 NAG PA . 44.86 -20.09 -3.36
O4 NAG PA . 44.85 -17.21 -3.16
O5 NAG PA . 41.78 -17.93 -5.01
O6 NAG PA . 41.66 -15.31 -5.38
O7 NAG PA . 41.62 -22.35 -5.41
C1 NAG PA . 46.19 -17.28 -3.66
C2 NAG PA . 46.89 -15.97 -3.31
C3 NAG PA . 48.35 -16.02 -3.74
C4 NAG PA . 49.04 -17.25 -3.19
C5 NAG PA . 48.25 -18.50 -3.55
C6 NAG PA . 48.81 -19.75 -2.94
C7 NAG PA . 45.44 -13.99 -3.26
C8 NAG PA . 44.81 -12.89 -4.05
N2 NAG PA . 46.21 -14.84 -3.93
O3 NAG PA . 49.01 -14.84 -3.28
O4 NAG PA . 50.35 -17.36 -3.72
O5 NAG PA . 46.90 -18.37 -3.08
O6 NAG PA . 49.10 -20.74 -3.93
O7 NAG PA . 45.26 -14.10 -2.04
C1 NAG QA . 34.59 -12.25 -23.92
C2 NAG QA . 35.93 -11.58 -23.60
C3 NAG QA . 35.90 -10.11 -23.96
C4 NAG QA . 35.47 -9.92 -25.41
C5 NAG QA . 34.13 -10.62 -25.63
C6 NAG QA . 33.67 -10.57 -27.08
C7 NAG QA . 37.30 -12.53 -21.79
C8 NAG QA . 37.50 -12.60 -20.30
N2 NAG QA . 36.28 -11.76 -22.20
O3 NAG QA . 37.18 -9.53 -23.77
O4 NAG QA . 35.35 -8.55 -25.74
O5 NAG QA . 34.25 -12.01 -25.29
O6 NAG QA . 32.25 -10.50 -27.17
O7 NAG QA . 38.00 -13.15 -22.58
C1 NAG QA . 36.32 -8.29 -26.78
C2 NAG QA . 35.92 -7.04 -27.56
C3 NAG QA . 36.97 -6.71 -28.62
C4 NAG QA . 38.34 -6.61 -27.98
C5 NAG QA . 38.65 -7.87 -27.18
C6 NAG QA . 39.96 -7.79 -26.42
C7 NAG QA . 33.47 -6.83 -27.59
C8 NAG QA . 32.22 -7.08 -28.36
N2 NAG QA . 34.61 -7.20 -28.17
O3 NAG QA . 36.63 -5.49 -29.26
O4 NAG QA . 39.34 -6.43 -28.99
O5 NAG QA . 37.62 -8.10 -26.20
O6 NAG QA . 39.77 -8.08 -25.04
O7 NAG QA . 33.46 -6.32 -26.47
C1 NAG RA . 40.69 -25.57 -9.82
C2 NAG RA . 41.13 -24.46 -10.76
C3 NAG RA . 41.49 -25.04 -12.13
C4 NAG RA . 42.48 -26.19 -12.00
C5 NAG RA . 42.02 -27.19 -10.94
C6 NAG RA . 43.05 -28.24 -10.64
C7 NAG RA . 39.89 -22.49 -9.99
C8 NAG RA . 38.77 -21.54 -10.28
N2 NAG RA . 40.10 -23.45 -10.89
O3 NAG RA . 42.06 -24.01 -12.93
O4 NAG RA . 42.59 -26.87 -13.24
O5 NAG RA . 41.73 -26.52 -9.70
O6 NAG RA . 44.22 -27.66 -10.07
O7 NAG RA . 40.59 -22.38 -8.99
C1 NAG RA . 43.70 -26.33 -13.98
C2 NAG RA . 44.05 -27.32 -15.06
C3 NAG RA . 45.23 -26.79 -15.86
C4 NAG RA . 44.92 -25.39 -16.40
C5 NAG RA . 44.41 -24.47 -15.29
C6 NAG RA . 43.87 -23.17 -15.83
C7 NAG RA . 45.39 -28.89 -13.74
C8 NAG RA . 45.52 -30.31 -13.27
N2 NAG RA . 44.34 -28.63 -14.53
O3 NAG RA . 45.50 -27.67 -16.95
O4 NAG RA . 46.12 -24.82 -16.91
O5 NAG RA . 43.34 -25.09 -14.56
O6 NAG RA . 42.74 -23.38 -16.66
O7 NAG RA . 46.19 -28.02 -13.42
C1 BMA RA . 46.28 -25.15 -18.30
C2 BMA RA . 46.34 -23.80 -19.04
C3 BMA RA . 47.04 -23.90 -20.40
C4 BMA RA . 48.24 -24.86 -20.38
C5 BMA RA . 47.83 -26.18 -19.77
C6 BMA RA . 48.95 -27.20 -19.76
O2 BMA RA . 47.08 -22.86 -18.28
O3 BMA RA . 47.47 -22.61 -20.80
O4 BMA RA . 48.74 -25.07 -21.69
O5 BMA RA . 47.45 -25.93 -18.43
O6 BMA RA . 49.99 -26.65 -18.98
C1 MAN RA . 47.62 -22.57 -22.22
C2 MAN RA . 48.48 -21.33 -22.54
C3 MAN RA . 47.69 -20.06 -22.28
C4 MAN RA . 46.38 -20.10 -23.05
C5 MAN RA . 45.57 -21.32 -22.60
C6 MAN RA . 44.27 -21.46 -23.34
O2 MAN RA . 48.79 -21.29 -23.92
O3 MAN RA . 48.44 -18.90 -22.64
O4 MAN RA . 45.63 -18.92 -22.80
O5 MAN RA . 46.35 -22.50 -22.86
O6 MAN RA . 44.04 -20.26 -24.08
C1 MAN RA . 50.22 -21.22 -24.07
C2 MAN RA . 50.49 -20.50 -25.40
C3 MAN RA . 50.10 -21.41 -26.57
C4 MAN RA . 50.74 -22.78 -26.43
C5 MAN RA . 50.33 -23.39 -25.09
C6 MAN RA . 50.95 -24.74 -24.85
O2 MAN RA . 51.87 -20.23 -25.58
O3 MAN RA . 50.46 -20.83 -27.82
O4 MAN RA . 50.31 -23.63 -27.47
O5 MAN RA . 50.78 -22.51 -24.04
O6 MAN RA . 52.35 -24.58 -24.77
C1 MAN RA . 52.09 -18.82 -25.41
C2 MAN RA . 53.61 -18.60 -25.50
C3 MAN RA . 54.29 -19.20 -24.28
C4 MAN RA . 53.68 -18.62 -23.00
C5 MAN RA . 52.18 -18.92 -22.98
C6 MAN RA . 51.49 -18.30 -21.78
O2 MAN RA . 53.94 -17.21 -25.46
O3 MAN RA . 55.70 -19.00 -24.29
O4 MAN RA . 54.30 -19.20 -21.86
O5 MAN RA . 51.56 -18.37 -24.16
O6 MAN RA . 52.43 -17.55 -21.05
C1 MAN RA . 50.92 -27.69 -18.59
C2 MAN RA . 51.86 -27.05 -17.56
C3 MAN RA . 52.67 -25.98 -18.25
C4 MAN RA . 53.43 -26.57 -19.45
C5 MAN RA . 52.41 -27.19 -20.42
C6 MAN RA . 53.06 -27.86 -21.63
O2 MAN RA . 52.81 -28.01 -17.07
O3 MAN RA . 53.56 -25.31 -17.36
O4 MAN RA . 54.16 -25.56 -20.11
O5 MAN RA . 51.62 -28.17 -19.72
O6 MAN RA . 53.44 -29.19 -21.28
C1 MAN RA . 52.85 -24.16 -16.84
C2 MAN RA . 53.79 -22.93 -16.96
C3 MAN RA . 54.87 -22.98 -15.90
C4 MAN RA . 54.26 -23.17 -14.51
C5 MAN RA . 53.47 -24.48 -14.50
C6 MAN RA . 52.81 -24.75 -13.17
O2 MAN RA . 53.08 -21.71 -16.71
O3 MAN RA . 55.69 -21.81 -15.92
O4 MAN RA . 55.30 -23.25 -13.54
O5 MAN RA . 52.42 -24.39 -15.49
O6 MAN RA . 52.16 -26.01 -13.24
C1 MAN RA . 54.24 -29.74 -22.36
C2 MAN RA . 54.17 -31.28 -22.28
C3 MAN RA . 54.94 -31.80 -21.06
C4 MAN RA . 56.35 -31.19 -21.01
C5 MAN RA . 56.27 -29.66 -21.06
C6 MAN RA . 57.63 -28.99 -21.09
O2 MAN RA . 54.80 -31.89 -23.40
O3 MAN RA . 55.02 -33.21 -21.03
O4 MAN RA . 57.00 -31.58 -19.81
O5 MAN RA . 55.57 -29.26 -22.25
O6 MAN RA . 57.44 -27.58 -21.10
C1 NAG SA . 26.50 -40.50 -4.15
C2 NAG SA . 25.71 -40.31 -5.43
C3 NAG SA . 25.15 -41.65 -5.90
C4 NAG SA . 26.24 -42.72 -5.95
C5 NAG SA . 27.12 -42.70 -4.70
C6 NAG SA . 28.37 -43.53 -4.85
C7 NAG SA . 24.84 -38.02 -5.24
C8 NAG SA . 23.62 -37.17 -5.04
N2 NAG SA . 24.64 -39.34 -5.26
O3 NAG SA . 24.58 -41.49 -7.20
O4 NAG SA . 25.63 -44.00 -5.99
O5 NAG SA . 27.56 -41.36 -4.40
O6 NAG SA . 29.54 -42.75 -4.68
O7 NAG SA . 25.95 -37.53 -5.37
C1 NAG SA . 25.23 -44.39 -7.31
C2 NAG SA . 25.72 -45.81 -7.55
C3 NAG SA . 25.25 -46.32 -8.90
C4 NAG SA . 23.74 -46.17 -9.03
C5 NAG SA . 23.33 -44.73 -8.74
C6 NAG SA . 21.83 -44.53 -8.71
C7 NAG SA . 27.82 -46.66 -6.58
C8 NAG SA . 29.32 -46.61 -6.63
N2 NAG SA . 27.18 -45.88 -7.46
O3 NAG SA . 25.62 -47.69 -9.04
O4 NAG SA . 23.32 -46.53 -10.34
O5 NAG SA . 23.81 -44.34 -7.44
O6 NAG SA . 21.47 -43.35 -9.40
O7 NAG SA . 27.22 -47.38 -5.80
C1 NAG TA . 28.49 -36.70 -8.66
C2 NAG TA . 27.78 -37.39 -9.82
C3 NAG TA . 27.69 -38.90 -9.55
C4 NAG TA . 29.08 -39.47 -9.27
C5 NAG TA . 29.76 -38.67 -8.16
C6 NAG TA . 31.20 -39.09 -7.93
C7 NAG TA . 25.45 -36.97 -9.18
C8 NAG TA . 24.16 -36.31 -9.57
N2 NAG TA . 26.47 -36.83 -10.03
O3 NAG TA . 27.12 -39.54 -10.67
O4 NAG TA . 28.96 -40.82 -8.84
O5 NAG TA . 29.78 -37.28 -8.49
O6 NAG TA . 32.10 -38.09 -8.36
O7 NAG TA . 25.57 -37.59 -8.12
C1 NAG TA . 28.94 -41.73 -9.96
C2 NAG TA . 30.00 -42.81 -9.74
C3 NAG TA . 29.94 -43.83 -10.87
C4 NAG TA . 28.54 -44.40 -10.99
C5 NAG TA . 27.52 -43.27 -11.15
C6 NAG TA . 26.10 -43.76 -11.15
C7 NAG TA . 32.14 -42.43 -8.60
C8 NAG TA . 33.48 -41.75 -8.67
N2 NAG TA . 31.33 -42.23 -9.66
O3 NAG TA . 30.88 -44.88 -10.61
O4 NAG TA . 28.46 -45.28 -12.11
O5 NAG TA . 27.65 -42.34 -10.07
O6 NAG TA . 25.33 -43.09 -10.16
O7 NAG TA . 31.80 -43.11 -7.65
C1 NAG UA . 35.77 -42.03 -2.27
C2 NAG UA . 35.54 -42.13 -3.78
C3 NAG UA . 35.94 -43.51 -4.28
C4 NAG UA . 37.36 -43.84 -3.85
C5 NAG UA . 37.53 -43.63 -2.35
C6 NAG UA . 38.97 -43.80 -1.89
C7 NAG UA . 33.74 -40.67 -4.59
C8 NAG UA . 32.27 -40.55 -4.87
N2 NAG UA . 34.15 -41.84 -4.10
O3 NAG UA . 35.83 -43.54 -5.69
O4 NAG UA . 37.65 -45.21 -4.13
O5 NAG UA . 37.14 -42.30 -1.99
O6 NAG UA . 39.40 -42.67 -1.14
O7 NAG UA . 34.51 -39.73 -4.79
C1 NAG UA . 37.91 -45.44 -5.53
C2 NAG UA . 39.41 -45.37 -5.78
C3 NAG UA . 39.73 -45.69 -7.24
C4 NAG UA . 39.10 -47.02 -7.62
C5 NAG UA . 37.61 -47.02 -7.31
C6 NAG UA . 36.95 -48.36 -7.56
C7 NAG UA . 41.17 -43.89 -4.89
C8 NAG UA . 41.55 -42.48 -4.59
N2 NAG UA . 39.95 -44.07 -5.42
O3 NAG UA . 41.13 -45.73 -7.43
O4 NAG UA . 39.29 -47.26 -9.02
O5 NAG UA . 37.41 -46.71 -5.92
O6 NAG UA . 36.84 -48.63 -8.95
O7 NAG UA . 41.91 -44.83 -4.66
C1 NAG VA . 36.85 -15.10 4.50
C2 NAG VA . 36.39 -13.64 4.34
C3 NAG VA . 37.57 -12.70 4.55
C4 NAG VA . 38.24 -12.97 5.88
C5 NAG VA . 38.66 -14.44 5.94
C6 NAG VA . 39.28 -14.83 7.26
C7 NAG VA . 34.46 -13.35 2.86
C8 NAG VA . 33.62 -13.49 4.10
N2 NAG VA . 35.78 -13.43 3.04
O3 NAG VA . 37.11 -11.35 4.50
O4 NAG VA . 39.38 -12.14 6.06
O5 NAG VA . 37.50 -15.27 5.76
O6 NAG VA . 40.17 -15.92 7.11
O7 NAG VA . 33.96 -13.17 1.75
C1 NAG VA . 39.28 -11.57 7.38
C2 NAG VA . 40.66 -11.02 7.79
C3 NAG VA . 40.58 -10.37 9.17
C4 NAG VA . 39.48 -9.32 9.19
C5 NAG VA . 38.15 -9.92 8.73
C6 NAG VA . 37.04 -8.91 8.62
C7 NAG VA . 42.34 -12.42 6.67
C8 NAG VA . 43.34 -13.53 6.84
N2 NAG VA . 41.66 -12.07 7.78
O3 NAG VA . 41.84 -9.78 9.48
O4 NAG VA . 39.34 -8.80 10.51
O5 NAG VA . 38.31 -10.51 7.43
O6 NAG VA . 36.04 -9.33 7.71
O7 NAG VA . 42.14 -11.87 5.59
C1 NAG WA . -20.04 -35.54 -21.65
C2 NAG WA . -20.28 -36.87 -20.95
C3 NAG WA . -19.01 -37.73 -20.97
C4 NAG WA . -18.47 -37.86 -22.39
C5 NAG WA . -18.30 -36.47 -23.00
C6 NAG WA . -17.86 -36.52 -24.44
C7 NAG WA . -22.01 -36.68 -19.21
C8 NAG WA . -22.28 -36.44 -17.75
N2 NAG WA . -20.72 -36.66 -19.58
O3 NAG WA . -19.30 -39.02 -20.43
O4 NAG WA . -17.22 -38.52 -22.37
O5 NAG WA . -19.57 -35.78 -22.98
O6 NAG WA . -17.09 -35.37 -24.77
O7 NAG WA . -22.91 -36.89 -20.00
C1 NAG WA . -17.33 -39.81 -23.00
C2 NAG WA . -15.93 -40.37 -23.20
C3 NAG WA . -15.99 -41.75 -23.83
C4 NAG WA . -16.87 -42.66 -23.00
C5 NAG WA . -18.25 -42.02 -22.79
C6 NAG WA . -19.14 -42.81 -21.86
C7 NAG WA . -14.29 -38.55 -23.50
C8 NAG WA . -13.53 -37.72 -24.49
N2 NAG WA . -15.12 -39.47 -24.02
O3 NAG WA . -14.68 -42.30 -23.92
O4 NAG WA . -17.04 -43.92 -23.65
O5 NAG WA . -18.10 -40.72 -22.21
O6 NAG WA . -18.68 -42.73 -20.51
O7 NAG WA . -14.16 -38.41 -22.29
C1 NAG XA . -11.49 -27.87 -32.11
C2 NAG XA . -12.90 -27.77 -32.69
C3 NAG XA . -13.10 -28.88 -33.73
C4 NAG XA . -11.98 -28.87 -34.76
C5 NAG XA . -10.62 -28.86 -34.07
C6 NAG XA . -9.47 -28.69 -35.03
C7 NAG XA . -14.50 -26.83 -31.08
C8 NAG XA . -14.07 -25.48 -31.60
N2 NAG XA . -13.90 -27.88 -31.64
O3 NAG XA . -14.36 -28.69 -34.38
O4 NAG XA . -12.06 -30.03 -35.58
O5 NAG XA . -10.54 -27.77 -33.15
O6 NAG XA . -8.22 -28.65 -34.35
O7 NAG XA . -15.35 -26.94 -30.20
C1 NAG XA . -12.07 -29.60 -36.96
C2 NAG XA . -11.57 -30.76 -37.83
C3 NAG XA . -11.61 -30.36 -39.29
C4 NAG XA . -12.99 -29.85 -39.68
C5 NAG XA . -13.44 -28.75 -38.72
C6 NAG XA . -14.87 -28.31 -38.96
C7 NAG XA . -9.98 -32.26 -36.72
C8 NAG XA . -11.18 -33.06 -36.31
N2 NAG XA . -10.23 -31.16 -37.44
O3 NAG XA . -11.26 -31.48 -40.10
O4 NAG XA . -12.98 -29.33 -41.00
O5 NAG XA . -13.39 -29.23 -37.37
O6 NAG XA . -15.02 -27.72 -40.25
O7 NAG XA . -8.84 -32.58 -36.40
C1 NAG YA . -24.09 -10.09 -25.06
C2 NAG YA . -24.63 -8.67 -25.29
C3 NAG YA . -26.04 -8.55 -24.71
C4 NAG YA . -26.94 -9.68 -25.20
C5 NAG YA . -26.27 -11.03 -24.98
C6 NAG YA . -27.05 -12.18 -25.57
C7 NAG YA . -23.58 -6.46 -25.22
C8 NAG YA . -24.35 -6.17 -26.48
N2 NAG YA . -23.75 -7.67 -24.70
O3 NAG YA . -26.60 -7.29 -25.10
O4 NAG YA . -28.16 -9.66 -24.48
O5 NAG YA . -24.98 -11.04 -25.61
O6 NAG YA . -26.74 -12.36 -26.94
O7 NAG YA . -22.83 -5.63 -24.71
C1 NAG YA . -29.23 -9.81 -25.43
C2 NAG YA . -30.38 -10.57 -24.78
C3 NAG YA . -31.56 -10.68 -25.75
C4 NAG YA . -31.94 -9.31 -26.28
C5 NAG YA . -30.73 -8.60 -26.86
C6 NAG YA . -31.01 -7.18 -27.30
C7 NAG YA . -30.30 -12.38 -23.13
C8 NAG YA . -29.77 -13.75 -22.83
N2 NAG YA . -29.96 -11.88 -24.32
O3 NAG YA . -32.67 -11.28 -25.09
O4 NAG YA . -32.93 -9.44 -27.30
O5 NAG YA . -29.68 -8.53 -25.87
O6 NAG YA . -32.40 -6.95 -27.46
O7 NAG YA . -30.99 -11.76 -22.34
C1 NAG ZA . -41.69 4.83 14.92
C2 NAG ZA . -43.05 5.20 14.35
C3 NAG ZA . -43.74 6.24 15.25
C4 NAG ZA . -43.77 5.78 16.69
C5 NAG ZA . -42.38 5.39 17.15
C6 NAG ZA . -42.36 4.78 18.53
C7 NAG ZA . -43.88 5.60 12.08
C8 NAG ZA . -43.58 6.17 10.73
N2 NAG ZA . -42.92 5.71 12.99
O3 NAG ZA . -45.07 6.44 14.77
O4 NAG ZA . -44.19 6.85 17.53
O5 NAG ZA . -41.84 4.40 16.27
O6 NAG ZA . -43.35 3.78 18.68
O7 NAG ZA . -44.96 5.07 12.33
C1 NAG ZA . -45.57 6.81 17.89
C2 NAG ZA . -45.66 7.37 19.31
C3 NAG ZA . -47.11 7.58 19.74
C4 NAG ZA . -47.86 8.39 18.69
C5 NAG ZA . -47.73 7.70 17.34
C6 NAG ZA . -48.40 8.46 16.21
C7 NAG ZA . -44.12 6.91 21.16
C8 NAG ZA . -43.52 5.86 22.05
N2 NAG ZA . -44.98 6.49 20.25
O3 NAG ZA . -47.14 8.26 20.98
O4 NAG ZA . -49.24 8.48 19.04
O5 NAG ZA . -46.34 7.60 17.01
O6 NAG ZA . -48.64 7.61 15.10
O7 NAG ZA . -43.81 8.09 21.27
C1 BMA ZA . -49.70 9.84 18.84
C2 BMA ZA . -51.22 9.74 18.63
C3 BMA ZA . -51.86 11.11 18.66
C4 BMA ZA . -51.38 11.91 19.86
C5 BMA ZA . -49.85 11.98 19.85
C6 BMA ZA . -49.34 12.74 21.04
O2 BMA ZA . -51.81 9.00 19.69
O3 BMA ZA . -53.27 10.99 18.76
O4 BMA ZA . -51.92 13.22 19.84
O5 BMA ZA . -49.37 10.65 19.94
O6 BMA ZA . -50.30 12.56 22.07
C1 MAN ZA . -53.89 11.15 17.48
C2 MAN ZA . -55.31 11.61 17.78
C3 MAN ZA . -55.96 10.56 18.65
C4 MAN ZA . -55.94 9.19 17.94
C5 MAN ZA . -54.51 8.83 17.49
C6 MAN ZA . -54.49 7.63 16.56
O2 MAN ZA . -56.10 11.61 16.58
O3 MAN ZA . -57.29 10.92 19.01
O4 MAN ZA . -56.43 8.20 18.83
O5 MAN ZA . -53.91 9.94 16.78
O6 MAN ZA . -53.22 7.61 15.91
C1 MAN ZA . -56.51 12.98 16.33
C2 MAN ZA . -57.73 12.92 15.35
C3 MAN ZA . -57.28 12.66 13.91
C4 MAN ZA . -56.09 13.54 13.53
C5 MAN ZA . -54.98 13.28 14.53
C6 MAN ZA . -53.72 14.06 14.22
O2 MAN ZA . -58.44 14.16 15.34
O3 MAN ZA . -58.35 12.87 12.99
O4 MAN ZA . -55.65 13.24 12.22
O5 MAN ZA . -55.42 13.71 15.82
O6 MAN ZA . -54.04 15.44 14.28
C1 MAN ZA . -59.57 14.01 16.21
C2 MAN ZA . -60.69 14.99 15.74
C3 MAN ZA . -60.42 16.42 16.20
C4 MAN ZA . -60.07 16.45 17.68
C5 MAN ZA . -58.83 15.59 17.90
C6 MAN ZA . -58.34 15.61 19.33
O2 MAN ZA . -61.96 14.63 16.29
O3 MAN ZA . -61.52 17.28 15.94
O4 MAN ZA . -59.80 17.78 18.09
O5 MAN ZA . -59.17 14.23 17.57
O6 MAN ZA . -56.96 15.27 19.33
C1 MAN ZA . -49.75 13.03 23.32
C2 MAN ZA . -49.82 11.87 24.31
C3 MAN ZA . -51.27 11.53 24.62
C4 MAN ZA . -52.08 12.78 25.00
C5 MAN ZA . -51.91 13.88 23.95
C6 MAN ZA . -52.51 15.18 24.40
O2 MAN ZA . -49.22 12.21 25.56
O3 MAN ZA . -51.38 10.58 25.67
O4 MAN ZA . -53.45 12.45 25.10
O5 MAN ZA . -50.50 14.13 23.77
O6 MAN ZA . -51.99 15.40 25.70
C1 MAN ZA . -52.45 16.65 26.23
C2 MAN ZA . -51.39 17.09 27.22
C3 MAN ZA . -51.26 16.01 28.25
C4 MAN ZA . -52.60 15.88 28.98
C5 MAN ZA . -53.71 15.53 27.97
C6 MAN ZA . -55.09 15.57 28.57
O2 MAN ZA . -51.85 18.20 27.97
O3 MAN ZA . -50.22 16.25 29.18
O4 MAN ZA . -52.53 14.86 29.96
O5 MAN ZA . -53.69 16.50 26.87
O6 MAN ZA . -56.02 15.34 27.51
C1 MAN ZA . -51.01 19.34 27.74
C2 MAN ZA . -51.37 20.37 28.83
C3 MAN ZA . -52.78 20.87 28.60
C4 MAN ZA . -52.93 21.40 27.18
C5 MAN ZA . -52.56 20.29 26.18
C6 MAN ZA . -52.61 20.73 24.74
O2 MAN ZA . -50.54 21.52 28.76
O3 MAN ZA . -53.16 21.87 29.54
O4 MAN ZA . -54.27 21.80 26.95
O5 MAN ZA . -51.22 19.86 26.45
O6 MAN ZA . -52.56 19.58 23.92
C1 MAN ZA . -51.97 9.38 25.12
C2 MAN ZA . -53.15 8.99 26.04
C3 MAN ZA . -52.63 8.57 27.41
C4 MAN ZA . -51.56 7.49 27.26
C5 MAN ZA . -50.43 7.99 26.35
C6 MAN ZA . -49.38 6.94 26.08
O2 MAN ZA . -53.84 7.86 25.53
O3 MAN ZA . -53.68 8.13 28.26
O4 MAN ZA . -51.02 7.17 28.54
O5 MAN ZA . -51.00 8.36 25.08
O6 MAN ZA . -49.91 6.03 25.12
C1 NAG AB . -26.59 -19.64 8.30
C2 NAG AB . -25.82 -20.11 7.07
C3 NAG AB . -25.56 -21.62 7.15
C4 NAG AB . -24.89 -21.97 8.47
C5 NAG AB . -25.72 -21.46 9.62
C6 NAG AB . -25.08 -21.68 10.97
C7 NAG AB . -26.24 -18.72 5.09
C8 NAG AB . -27.08 -18.54 3.87
N2 NAG AB . -26.54 -19.78 5.85
O3 NAG AB . -24.73 -22.00 6.06
O4 NAG AB . -24.74 -23.39 8.57
O5 NAG AB . -25.89 -20.04 9.49
O6 NAG AB . -24.39 -20.52 11.41
O7 NAG AB . -25.33 -17.95 5.38
C1 NAG AB . -23.38 -23.71 8.25
C2 NAG AB . -22.94 -24.92 9.08
C3 NAG AB . -21.51 -25.30 8.73
C4 NAG AB . -21.38 -25.53 7.23
C5 NAG AB . -21.88 -24.32 6.47
C6 NAG AB . -21.91 -24.55 4.97
C7 NAG AB . -24.11 -25.08 11.24
C8 NAG AB . -24.09 -24.72 12.68
N2 NAG AB . -23.07 -24.65 10.51
O3 NAG AB . -21.15 -26.48 9.44
O4 NAG AB . -20.01 -25.75 6.90
O5 NAG AB . -23.23 -24.02 6.85
O6 NAG AB . -22.65 -25.72 4.63
O7 NAG AB . -25.02 -25.74 10.74
C1 BMA AB . -19.91 -27.00 6.19
C2 BMA AB . -18.46 -27.15 5.67
C3 BMA AB . -18.21 -28.55 5.12
C4 BMA AB . -18.79 -29.65 6.01
C5 BMA AB . -20.24 -29.34 6.40
C6 BMA AB . -20.83 -30.36 7.35
O2 BMA AB . -17.52 -26.95 6.72
O3 BMA AB . -16.83 -28.79 4.94
O4 BMA AB . -18.74 -30.90 5.35
O5 BMA AB . -20.25 -28.08 7.05
O6 BMA AB . -20.53 -29.94 8.69
C1 MAN AB . -16.39 -28.31 3.66
C2 MAN AB . -15.18 -29.18 3.26
C3 MAN AB . -13.99 -28.86 4.18
C4 MAN AB . -13.72 -27.36 4.22
C5 MAN AB . -14.98 -26.62 4.66
C6 MAN AB . -14.82 -25.12 4.66
O2 MAN AB . -14.72 -28.87 1.93
O3 MAN AB . -12.82 -29.58 3.79
O4 MAN AB . -12.68 -27.09 5.14
O5 MAN AB . -16.05 -26.94 3.73
O6 MAN AB . -14.99 -24.65 3.32
C1 MAN AB . -19.76 -30.98 9.34
C2 MAN AB . -20.58 -31.47 10.55
C3 MAN AB . -20.62 -30.39 11.64
C4 MAN AB . -19.20 -29.93 11.97
C5 MAN AB . -18.51 -29.42 10.70
C6 MAN AB . -17.08 -28.98 10.94
O2 MAN AB . -19.98 -32.60 11.17
O3 MAN AB . -21.28 -30.85 12.81
O4 MAN AB . -19.25 -28.88 12.94
O5 MAN AB . -18.49 -30.49 9.73
O6 MAN AB . -16.32 -30.14 11.28
C1 NAG BB . -34.63 -28.69 8.63
C2 NAG BB . -36.00 -29.28 8.93
C3 NAG BB . -36.14 -29.58 10.42
C4 NAG BB . -34.97 -30.42 10.91
C5 NAG BB . -33.65 -29.77 10.51
C6 NAG BB . -32.45 -30.62 10.86
C7 NAG BB . -37.53 -28.36 7.24
C8 NAG BB . -38.62 -27.36 6.97
N2 NAG BB . -37.06 -28.38 8.50
O3 NAG BB . -37.37 -30.26 10.66
O4 NAG BB . -35.02 -30.54 12.33
O5 NAG BB . -33.62 -29.58 9.10
O6 NAG BB . -31.27 -30.11 10.24
O7 NAG BB . -37.11 -29.11 6.37
C1 NAG BB . -35.61 -31.80 12.68
C2 NAG BB . -34.99 -32.25 14.00
C3 NAG BB . -35.63 -33.55 14.47
C4 NAG BB . -37.15 -33.42 14.52
C5 NAG BB . -37.67 -32.93 13.17
C6 NAG BB . -39.16 -32.67 13.17
C7 NAG BB . -32.66 -31.55 14.37
C8 NAG BB . -31.22 -31.87 14.13
N2 NAG BB . -33.55 -32.41 13.86
O3 NAG BB . -35.14 -33.87 15.78
O4 NAG BB . -37.74 -34.68 14.82
O5 NAG BB . -37.03 -31.69 12.83
O6 NAG BB . -39.83 -33.51 12.26
O7 NAG BB . -33.02 -30.56 15.01
C1 NAG CB . -19.91 -38.83 -3.81
C2 NAG CB . -20.11 -39.64 -2.53
C3 NAG CB . -18.77 -40.10 -1.97
C4 NAG CB . -18.00 -40.86 -3.04
C5 NAG CB . -17.86 -40.00 -4.28
C6 NAG CB . -17.17 -40.71 -5.43
C7 NAG CB . -22.08 -39.15 -1.14
C8 NAG CB . -22.68 -38.24 -0.11
N2 NAG CB . -20.84 -38.86 -1.53
O3 NAG CB . -18.98 -40.94 -0.84
O4 NAG CB . -16.71 -41.23 -2.58
O5 NAG CB . -19.16 -39.62 -4.75
O6 NAG CB . -16.37 -39.81 -6.20
O7 NAG CB . -22.71 -40.09 -1.61
C1 NAG CB . -16.66 -42.67 -2.58
C2 NAG CB . -15.21 -43.14 -2.63
C3 NAG CB . -15.15 -44.67 -2.58
C4 NAG CB . -15.92 -45.19 -1.38
C5 NAG CB . -17.33 -44.64 -1.39
C6 NAG CB . -18.12 -45.03 -0.16
C7 NAG CB . -13.82 -41.51 -3.82
C8 NAG CB . -13.19 -41.13 -5.13
N2 NAG CB . -14.53 -42.64 -3.82
O3 NAG CB . -13.78 -45.08 -2.52
O4 NAG CB . -15.96 -46.62 -1.41
O5 NAG CB . -17.30 -43.21 -1.42
O6 NAG CB . -18.66 -43.89 0.49
O7 NAG CB . -13.70 -40.81 -2.82
C1 NAG DB . -37.99 -30.99 1.26
C2 NAG DB . -37.00 -32.13 1.48
C3 NAG DB . -37.25 -33.24 0.48
C4 NAG DB . -38.72 -33.66 0.49
C5 NAG DB . -39.64 -32.46 0.37
C6 NAG DB . -41.09 -32.79 0.57
C7 NAG DB . -35.01 -31.00 2.39
C8 NAG DB . -33.61 -30.58 2.12
N2 NAG DB . -35.63 -31.65 1.39
O3 NAG DB . -36.42 -34.36 0.82
O4 NAG DB . -38.96 -34.51 -0.63
O5 NAG DB . -39.30 -31.49 1.37
O6 NAG DB . -41.33 -33.33 1.86
O7 NAG DB . -35.57 -30.78 3.46
C1 NAG DB . -38.83 -35.88 -0.23
C2 NAG DB . -39.51 -36.74 -1.29
C3 NAG DB . -39.40 -38.20 -0.88
C4 NAG DB . -37.96 -38.59 -0.62
C5 NAG DB . -37.28 -37.61 0.33
C6 NAG DB . -35.78 -37.82 0.42
C7 NAG DB . -41.83 -36.48 -0.58
C8 NAG DB . -43.21 -36.02 -0.99
N2 NAG DB . -40.88 -36.36 -1.51
O3 NAG DB . -39.94 -39.02 -1.92
O4 NAG DB . -37.92 -39.87 0.00
O5 NAG DB . -37.47 -36.25 -0.10
O6 NAG DB . -35.17 -37.73 -0.86
O7 NAG DB . -41.61 -36.94 0.54
C1 BMA DB . -37.87 -40.91 -0.99
C2 BMA DB . -36.58 -41.71 -0.68
C3 BMA DB . -36.59 -43.11 -1.27
C4 BMA DB . -37.98 -43.78 -1.17
C5 BMA DB . -39.03 -42.84 -1.72
C6 BMA DB . -40.43 -43.44 -1.66
O2 BMA DB . -36.40 -41.85 0.71
O3 BMA DB . -35.64 -43.91 -0.59
O4 BMA DB . -38.01 -44.99 -1.91
O5 BMA DB . -39.03 -41.69 -0.89
O6 BMA DB . -40.73 -43.69 -0.31
C1 MAN DB . -35.26 -45.04 -1.41
C2 MAN DB . -34.57 -46.05 -0.48
C3 MAN DB . -33.21 -45.52 -0.04
C4 MAN DB . -32.39 -45.14 -1.26
C5 MAN DB . -33.15 -44.07 -2.06
C6 MAN DB . -32.42 -43.66 -3.32
O2 MAN DB . -34.28 -47.24 -1.19
O3 MAN DB . -32.51 -46.47 0.74
O4 MAN DB . -31.13 -44.62 -0.86
O5 MAN DB . -34.42 -44.62 -2.47
O6 MAN DB . -31.10 -44.20 -3.26
C1 MAN DB . -34.87 -48.36 -0.50
C2 MAN DB . -34.02 -49.60 -0.85
C3 MAN DB . -34.24 -49.98 -2.31
C4 MAN DB . -35.73 -50.09 -2.62
C5 MAN DB . -36.42 -48.78 -2.27
C6 MAN DB . -37.91 -48.81 -2.53
O2 MAN DB . -34.42 -50.73 -0.09
O3 MAN DB . -33.58 -51.20 -2.63
O4 MAN DB . -35.91 -50.37 -3.99
O5 MAN DB . -36.22 -48.51 -0.88
O6 MAN DB . -38.49 -49.77 -1.65
C1 MAN DB . -33.38 -51.02 0.88
C2 MAN DB . -33.88 -52.20 1.73
C3 MAN DB . -35.07 -51.75 2.57
C4 MAN DB . -34.68 -50.55 3.42
C5 MAN DB . -34.19 -49.41 2.50
C6 MAN DB . -33.68 -48.21 3.28
O2 MAN DB . -32.89 -52.63 2.66
O3 MAN DB . -35.57 -52.80 3.38
O4 MAN DB . -35.79 -50.10 4.18
O5 MAN DB . -33.10 -49.88 1.68
O6 MAN DB . -33.97 -48.43 4.66
C1 MAN DB . -42.14 -43.90 -0.15
C2 MAN DB . -42.37 -43.94 1.37
C3 MAN DB . -41.66 -45.16 1.94
C4 MAN DB . -42.16 -46.43 1.24
C5 MAN DB . -41.90 -46.31 -0.27
C6 MAN DB . -42.40 -47.50 -1.08
O2 MAN DB . -43.76 -44.12 1.68
O3 MAN DB . -41.81 -45.25 3.35
O4 MAN DB . -41.47 -47.56 1.75
O5 MAN DB . -42.53 -45.11 -0.77
O6 MAN DB . -43.78 -47.32 -1.35
C1 MAN DB . -40.68 -44.56 3.94
C2 MAN DB . -40.08 -45.49 5.04
C3 MAN DB . -40.96 -45.51 6.27
C4 MAN DB . -41.26 -44.07 6.74
C5 MAN DB . -41.95 -43.32 5.61
C6 MAN DB . -42.26 -41.88 5.97
O2 MAN DB . -38.81 -45.01 5.48
O3 MAN DB . -40.37 -46.25 7.34
O4 MAN DB . -42.10 -44.10 7.88
O5 MAN DB . -41.08 -43.29 4.46
O6 MAN DB . -42.97 -41.30 4.89
C1 MAN DB . -44.30 -48.56 -1.91
C2 MAN DB . -45.55 -48.22 -2.76
C3 MAN DB . -46.70 -47.80 -1.85
C4 MAN DB . -46.93 -48.82 -0.74
C5 MAN DB . -45.63 -49.05 0.04
C6 MAN DB . -45.74 -50.12 1.12
O2 MAN DB . -46.02 -49.37 -3.47
O3 MAN DB . -47.91 -47.60 -2.59
O4 MAN DB . -47.93 -48.35 0.16
O5 MAN DB . -44.60 -49.48 -0.87
O6 MAN DB . -44.50 -50.22 1.78
C1 NAG EB . -45.00 -14.83 -10.73
C2 NAG EB . -44.08 -15.21 -11.88
C3 NAG EB . -44.77 -14.93 -13.21
C4 NAG EB . -46.17 -15.54 -13.24
C5 NAG EB . -46.95 -15.29 -11.95
C6 NAG EB . -48.20 -16.13 -11.85
C7 NAG EB . -41.83 -14.82 -10.97
C8 NAG EB . -40.61 -13.95 -11.01
N2 NAG EB . -42.82 -14.47 -11.81
O3 NAG EB . -43.99 -15.44 -14.27
O4 NAG EB . -46.93 -14.95 -14.29
O5 NAG EB . -46.16 -15.60 -10.80
O6 NAG EB . -48.20 -16.94 -10.68
O7 NAG EB . -41.93 -15.76 -10.19
C1 NAG EB . -46.65 -15.52 -15.57
C2 NAG EB . -47.98 -15.80 -16.25
C3 NAG EB . -47.75 -16.33 -17.67
C4 NAG EB . -46.86 -15.38 -18.45
C5 NAG EB . -45.57 -15.14 -17.68
C6 NAG EB . -44.67 -14.11 -18.34
C7 NAG EB . -49.99 -16.44 -14.99
C8 NAG EB . -50.67 -17.53 -14.21
N2 NAG EB . -48.78 -16.74 -15.48
O3 NAG EB . -49.01 -16.46 -18.33
O4 NAG EB . -46.54 -15.94 -19.72
O5 NAG EB . -45.88 -14.63 -16.38
O6 NAG EB . -43.32 -14.55 -18.38
O7 NAG EB . -50.50 -15.35 -15.16
C1 NAG FB . -41.52 -19.98 -10.54
C2 NAG FB . -41.42 -20.17 -12.04
C3 NAG FB . -42.69 -19.68 -12.72
C4 NAG FB . -43.91 -20.35 -12.12
C5 NAG FB . -43.91 -20.17 -10.60
C6 NAG FB . -45.02 -20.94 -9.92
C7 NAG FB . -40.11 -18.18 -12.63
C8 NAG FB . -38.83 -17.67 -13.21
N2 NAG FB . -40.25 -19.51 -12.58
O3 NAG FB . -42.61 -19.96 -14.11
O4 NAG FB . -45.10 -19.76 -12.64
O5 NAG FB . -42.68 -20.65 -10.05
O6 NAG FB . -44.50 -22.03 -9.17
O7 NAG FB . -40.99 -17.42 -12.22
C1 NAG FB . -45.50 -20.38 -13.87
C2 NAG FB . -46.96 -20.82 -13.74
C3 NAG FB . -47.44 -21.40 -15.07
C4 NAG FB . -47.22 -20.41 -16.20
C5 NAG FB . -45.75 -19.99 -16.24
C6 NAG FB . -45.47 -18.91 -17.26
C7 NAG FB . -48.00 -21.59 -11.66
C8 NAG FB . -48.05 -22.68 -10.63
N2 NAG FB . -47.14 -21.77 -12.67
O3 NAG FB . -48.83 -21.72 -14.97
O4 NAG FB . -47.57 -21.01 -17.45
O5 NAG FB . -45.36 -19.45 -14.96
O6 NAG FB . -44.82 -17.80 -16.67
O7 NAG FB . -48.69 -20.58 -11.59
C1 NAG GB . -51.32 -19.64 -5.44
C2 NAG GB . -50.83 -20.52 -6.59
C3 NAG GB . -52.02 -20.94 -7.46
C4 NAG GB . -53.12 -21.56 -6.61
C5 NAG GB . -53.46 -20.66 -5.43
C6 NAG GB . -54.44 -21.30 -4.46
C7 NAG GB . -48.51 -20.09 -7.28
C8 NAG GB . -47.62 -19.30 -8.18
N2 NAG GB . -49.83 -19.85 -7.39
O3 NAG GB . -51.58 -21.86 -8.45
O4 NAG GB . -54.29 -21.74 -7.39
O5 NAG GB . -52.29 -20.34 -4.69
O6 NAG GB . -53.93 -21.25 -3.13
O7 NAG GB . -48.08 -20.92 -6.49
C1 NAG GB . -54.21 -22.87 -8.27
C2 NAG GB . -54.81 -24.10 -7.59
C3 NAG GB . -54.80 -25.29 -8.54
C4 NAG GB . -55.49 -24.92 -9.86
C5 NAG GB . -54.85 -23.67 -10.45
C6 NAG GB . -55.55 -23.17 -11.69
C7 NAG GB . -54.71 -24.91 -5.28
C8 NAG GB . -53.82 -25.19 -4.10
N2 NAG GB . -54.10 -24.42 -6.37
O3 NAG GB . -55.47 -26.39 -7.95
O4 NAG GB . -55.36 -25.99 -10.79
O5 NAG GB . -54.90 -22.60 -9.48
O6 NAG GB . -55.30 -24.01 -12.80
O7 NAG GB . -55.92 -25.11 -5.24
C1 NAG HB . -31.70 -19.95 14.23
C2 NAG HB . -30.23 -19.96 14.69
C3 NAG HB . -30.08 -20.79 15.95
C4 NAG HB . -31.03 -20.28 17.03
C5 NAG HB . -32.46 -20.31 16.49
C6 NAG HB . -33.46 -19.75 17.47
C7 NAG HB . -28.64 -19.68 12.84
C8 NAG HB . -28.76 -18.21 13.09
N2 NAG HB . -29.37 -20.48 13.63
O3 NAG HB . -28.74 -20.70 16.42
O4 NAG HB . -30.93 -21.08 18.21
O5 NAG HB . -32.52 -19.50 15.31
O6 NAG HB . -34.78 -20.21 17.16
O7 NAG HB . -27.92 -20.14 11.96
C1 NAG HB . -30.82 -20.18 19.33
C2 NAG HB . -31.16 -20.92 20.61
C3 NAG HB . -31.00 -20.01 21.82
C4 NAG HB . -29.60 -19.40 21.83
C5 NAG HB . -29.32 -18.71 20.51
C6 NAG HB . -27.90 -18.18 20.41
C7 NAG HB . -32.81 -22.64 19.99
C8 NAG HB . -34.25 -23.03 20.02
N2 NAG HB . -32.52 -21.46 20.55
O3 NAG HB . -31.23 -20.75 23.01
O4 NAG HB . -29.49 -18.47 22.89
O5 NAG HB . -29.48 -19.64 19.43
O6 NAG HB . -27.47 -18.12 19.06
O7 NAG HB . -31.95 -23.34 19.47
C1 NAG IB . -1.51 8.81 -49.28
C2 NAG IB . -1.11 7.74 -50.29
C3 NAG IB . 0.41 7.57 -50.33
C4 NAG IB . 1.06 8.91 -50.60
C5 NAG IB . 0.59 9.96 -49.59
C6 NAG IB . 1.11 11.35 -49.88
C7 NAG IB . -2.83 6.03 -50.67
C8 NAG IB . -3.38 4.70 -50.25
N2 NAG IB . -1.76 6.47 -49.99
O3 NAG IB . 0.76 6.64 -51.34
O4 NAG IB . 2.48 8.80 -50.51
O5 NAG IB . -0.85 10.05 -49.61
O6 NAG IB . 2.39 11.31 -50.47
O7 NAG IB . -3.32 6.68 -51.59
C1 NAG JB . 23.78 49.65 -21.12
C2 NAG JB . 23.97 48.37 -20.29
C3 NAG JB . 25.05 48.59 -19.23
C4 NAG JB . 26.32 49.12 -19.85
C5 NAG JB . 26.03 50.36 -20.69
C6 NAG JB . 27.24 50.88 -21.43
C7 NAG JB . 22.00 48.62 -18.81
C8 NAG JB . 22.55 49.97 -18.43
N2 NAG JB . 22.73 47.92 -19.70
O3 NAG JB . 25.31 47.35 -18.57
O4 NAG JB . 27.26 49.45 -18.83
O5 NAG JB . 25.04 50.06 -21.68
O6 NAG JB . 27.80 52.02 -20.78
O7 NAG JB . 20.96 48.20 -18.34
C1 NAG KB . 7.26 44.97 -34.41
C2 NAG KB . 8.37 45.52 -33.51
C3 NAG KB . 9.52 46.07 -34.35
C4 NAG KB . 9.99 45.04 -35.37
C5 NAG KB . 8.81 44.54 -36.18
C6 NAG KB . 9.18 43.42 -37.13
C7 NAG KB . 7.98 46.47 -31.27
C8 NAG KB . 7.39 47.60 -30.50
N2 NAG KB . 7.87 46.53 -32.61
O3 NAG KB . 10.60 46.45 -33.50
O4 NAG KB . 10.95 45.62 -36.24
O5 NAG KB . 7.81 44.01 -35.31
O6 NAG KB . 8.09 42.55 -37.37
O7 NAG KB . 8.56 45.52 -30.73
C1 NAG LB . 14.03 45.97 11.87
C2 NAG LB . 13.38 45.96 13.25
C3 NAG LB . 12.91 47.37 13.61
C4 NAG LB . 14.07 48.36 13.47
C5 NAG LB . 14.76 48.21 12.11
C6 NAG LB . 15.99 49.07 11.98
C7 NAG LB . 11.57 44.76 14.40
C8 NAG LB . 10.46 43.75 14.26
N2 NAG LB . 12.26 45.03 13.29
O3 NAG LB . 12.44 47.38 14.95
O4 NAG LB . 13.58 49.68 13.60
O5 NAG LB . 15.16 46.86 11.89
O6 NAG LB . 15.87 50.24 12.78
O7 NAG LB . 11.82 45.29 15.48
C10 83J MB . 4.35 14.93 -20.41
C13 83J MB . 2.01 15.83 -20.99
C15 83J MB . 2.41 16.11 -22.44
C17 83J MB . 3.23 8.62 -18.52
C20 83J MB . 2.48 17.49 -22.42
C21 83J MB . 2.68 15.41 -23.60
C22 83J MB . 3.04 8.73 -19.88
C24 83J MB . 3.03 16.09 -24.76
C26 83J MB . 3.10 17.47 -24.74
C01 83J MB . 2.87 13.43 -18.49
C04 83J MB . 2.73 14.93 -18.70
C07 83J MB . 4.73 13.48 -20.12
C12 83J MB . 4.70 11.62 -18.44
C14 83J MB . 4.06 10.89 -17.27
C16 83J MB . 3.62 9.46 -17.52
C18 83J MB . 3.65 8.87 -16.30
C19 83J MB . 3.01 7.46 -17.90
C23 83J MB . 2.83 18.17 -23.57
C25 83J MB . 2.62 7.66 -20.67
C27 83J MB . 2.06 10.24 -21.43
C29 83J MB . 2.59 6.43 -18.74
C31 83J MB . 1.89 4.09 -18.99
C33 83J MB . 2.03 3.43 -16.94
C35 83J MB . 1.98 2.55 -15.69
N02 83J MB . 4.09 12.83 -19.00
N05 83J MB . 2.99 15.26 -20.07
N08 83J MB . 3.26 7.60 -16.54
N28 83J MB . 2.39 6.47 -20.06
N30 83J MB . 2.29 5.10 -18.26
N32 83J MB . 1.72 3.05 -18.19
N34 83J MB . 2.38 4.69 -16.98
O03 83J MB . 5.70 11.20 -18.92
O06 83J MB . 0.91 16.06 -20.61
O09 83J MB . 3.91 11.41 -16.22
O11 83J MB . 3.20 9.80 -20.76
C1 NAG NB . 33.05 25.01 33.06
C2 NAG NB . 33.07 23.68 33.83
C3 NAG NB . 34.45 23.06 33.76
C4 NAG NB . 34.92 22.94 32.32
C5 NAG NB . 34.82 24.30 31.62
C6 NAG NB . 35.16 24.22 30.15
C7 NAG NB . 33.11 24.85 35.99
C8 NAG NB . 32.56 24.88 37.39
N2 NAG NB . 32.65 23.87 35.21
O3 NAG NB . 34.42 21.77 34.37
O4 NAG NB . 36.27 22.50 32.27
O5 NAG NB . 33.48 24.79 31.72
O6 NAG NB . 35.32 22.88 29.71
O7 NAG NB . 33.93 25.68 35.59
C1 NAG OB . 28.19 45.33 30.28
C2 NAG OB . 28.89 46.29 29.31
C3 NAG OB . 29.63 47.37 30.08
C4 NAG OB . 28.66 48.08 31.02
C5 NAG OB . 27.96 47.08 31.93
C6 NAG OB . 26.91 47.71 32.80
C7 NAG OB . 29.69 45.54 27.10
C8 NAG OB . 30.72 44.76 26.36
N2 NAG OB . 29.81 45.56 28.44
O3 NAG OB . 30.20 48.30 29.16
O4 NAG OB . 29.39 49.02 31.83
O5 NAG OB . 27.31 46.07 31.13
O6 NAG OB . 27.04 49.13 32.84
O7 NAG OB . 28.78 46.16 26.53
C1 NAG PB . 46.21 61.73 -2.68
C2 NAG PB . 46.87 62.67 -1.67
C3 NAG PB . 46.51 64.12 -1.97
C4 NAG PB . 46.84 64.45 -3.42
C5 NAG PB . 46.18 63.44 -4.36
C6 NAG PB . 46.57 63.64 -5.81
C7 NAG PB . 47.21 61.50 0.47
C8 NAG PB . 46.67 61.26 1.85
N2 NAG PB . 46.49 62.33 -0.30
O3 NAG PB . 47.22 64.98 -1.10
O4 NAG PB . 46.38 65.76 -3.74
O5 NAG PB . 46.59 62.11 -4.00
O6 NAG PB . 45.44 63.58 -6.65
O7 NAG PB . 48.24 60.98 0.07
C1 NAG QB . 22.45 -35.01 -27.94
C2 NAG QB . 21.67 -35.81 -28.98
C3 NAG QB . 20.80 -36.86 -28.28
C4 NAG QB . 21.65 -37.72 -27.36
C5 NAG QB . 22.45 -36.85 -26.40
C6 NAG QB . 23.42 -37.65 -25.55
C7 NAG QB . 21.21 -34.60 -31.05
C8 NAG QB . 20.27 -33.69 -31.78
N2 NAG QB . 20.86 -34.95 -29.81
O3 NAG QB . 20.15 -37.66 -29.26
O4 NAG QB . 20.82 -38.62 -26.63
O5 NAG QB . 23.23 -35.90 -27.12
O6 NAG QB . 22.92 -38.95 -25.27
O7 NAG QB . 22.26 -34.99 -31.57
C1 NAG RB . 35.40 -39.28 26.07
C2 NAG RB . 34.01 -38.63 26.02
C3 NAG RB . 33.35 -38.66 27.39
C4 NAG RB . 33.36 -40.08 27.96
C5 NAG RB . 34.77 -40.66 27.92
C6 NAG RB . 34.82 -42.10 28.36
C7 NAG RB . 34.74 -36.27 26.07
C8 NAG RB . 35.47 -36.59 27.34
N2 NAG RB . 34.07 -37.27 25.50
O3 NAG RB . 32.02 -38.18 27.30
O4 NAG RB . 32.89 -40.07 29.30
O5 NAG RB . 35.29 -40.62 26.59
O6 NAG RB . 35.28 -42.23 29.71
O7 NAG RB . 34.75 -35.14 25.58
C1 NAG SB . 43.53 -36.45 6.15
C2 NAG SB . 43.17 -36.67 7.62
C3 NAG SB . 43.32 -38.14 7.98
C4 NAG SB . 42.53 -39.01 7.01
C5 NAG SB . 42.94 -38.70 5.58
C6 NAG SB . 42.12 -39.44 4.55
C7 NAG SB . 43.50 -35.00 9.38
C8 NAG SB . 44.50 -34.23 10.19
N2 NAG SB . 44.00 -35.85 8.48
O3 NAG SB . 42.84 -38.35 9.31
O4 NAG SB . 42.79 -40.39 7.27
O5 NAG SB . 42.73 -37.31 5.32
O6 NAG SB . 42.08 -38.74 3.31
O7 NAG SB . 42.29 -34.87 9.55
C1 NAG TB . 27.15 -9.00 40.48
C2 NAG TB . 26.95 -7.49 40.75
C3 NAG TB . 28.30 -6.81 40.94
C4 NAG TB . 29.11 -7.52 42.02
C5 NAG TB . 29.26 -9.00 41.65
C6 NAG TB . 29.98 -9.79 42.70
C7 NAG TB . 26.10 -5.54 39.50
C8 NAG TB . 25.31 -5.08 38.31
N2 NAG TB . 26.21 -6.86 39.66
O3 NAG TB . 28.10 -5.46 41.34
O4 NAG TB . 30.41 -6.93 42.13
O5 NAG TB . 27.96 -9.58 41.52
O6 NAG TB . 29.55 -9.45 44.01
O7 NAG TB . 26.61 -4.75 40.28
C10 83J UB . 16.10 -19.75 -2.76
C13 83J UB . 18.17 -18.67 -3.86
C15 83J UB . 18.65 -20.01 -4.45
C17 83J UB . 10.92 -16.64 -5.55
C20 83J UB . 19.78 -20.23 -3.69
C21 83J UB . 18.27 -20.93 -5.41
C22 83J UB . 11.51 -17.47 -6.48
C24 83J UB . 19.02 -22.06 -5.62
C26 83J UB . 20.16 -22.27 -4.86
C01 83J UB . 15.02 -17.15 -3.12
C04 83J UB . 16.38 -17.43 -2.51
C07 83J UB . 14.65 -19.59 -3.17
C12 83J UB . 12.63 -18.10 -3.09
C14 83J UB . 11.99 -16.71 -3.06
C16 83J UB . 11.11 -16.35 -4.24
C18 83J UB . 10.24 -15.43 -3.74
C19 83J UB . 9.88 -15.88 -5.90
C23 83J UB . 20.53 -21.36 -3.89
C25 83J UB . 11.07 -17.56 -7.79
C27 83J UB . 13.67 -18.14 -7.21
C29 83J UB . 9.49 -16.00 -7.23
C31 83J UB . 7.96 -15.35 -9.03
C33 83J UB . 6.77 -13.87 -8.00
C35 83J UB . 5.72 -12.80 -7.70
N02 83J UB . 14.08 -18.26 -3.13
N05 83J UB . 16.95 -18.62 -3.08
N08 83J UB . 9.46 -15.13 -4.80
N28 83J UB . 10.03 -16.79 -8.17
N30 83J UB . 8.40 -15.25 -7.80
N32 83J UB . 6.95 -14.50 -9.17
N34 83J UB . 7.65 -14.33 -7.16
O03 83J UB . 11.94 -19.05 -3.10
O06 83J UB . 18.79 -17.67 -4.07
O09 83J UB . 12.18 -15.96 -2.17
O11 83J UB . 12.58 -18.36 -6.37
C1 NAG VB . -5.29 -3.69 52.65
C2 NAG VB . -6.60 -2.95 52.41
C3 NAG VB . -7.78 -3.84 52.77
C4 NAG VB . -7.68 -5.18 52.04
C5 NAG VB . -6.32 -5.82 52.28
C6 NAG VB . -6.12 -7.08 51.48
C7 NAG VB . -6.31 -1.63 54.46
C8 NAG VB . -6.43 -0.27 55.08
N2 NAG VB . -6.65 -1.71 53.17
O3 NAG VB . -8.99 -3.19 52.42
O4 NAG VB . -8.70 -6.07 52.49
O5 NAG VB . -5.28 -4.90 51.89
O6 NAG VB . -7.10 -7.23 50.46
O7 NAG VB . -5.94 -2.61 55.11
C1 NAG WB . 14.60 -5.51 59.34
C2 NAG WB . 15.32 -6.83 59.61
C3 NAG WB . 15.64 -6.97 61.09
C4 NAG WB . 16.42 -5.76 61.57
C5 NAG WB . 15.68 -4.48 61.24
C6 NAG WB . 16.46 -3.23 61.58
C7 NAG WB . 14.97 -8.81 58.19
C8 NAG WB . 14.04 -9.92 57.83
N2 NAG WB . 14.54 -7.97 59.14
O3 NAG WB . 16.39 -8.16 61.30
O4 NAG WB . 16.61 -5.83 62.99
O5 NAG WB . 15.40 -4.42 59.83
O6 NAG WB . 17.53 -3.51 62.47
O7 NAG WB . 16.06 -8.67 57.65
C1 NAG XB . 29.06 -43.71 56.41
C2 NAG XB . 29.14 -43.65 57.93
C3 NAG XB . 30.57 -43.87 58.40
C4 NAG XB . 31.12 -45.18 57.83
C5 NAG XB . 30.97 -45.18 56.30
C6 NAG XB . 31.39 -46.49 55.68
C7 NAG XB . 27.38 -42.23 58.90
C8 NAG XB . 27.02 -40.86 59.36
N2 NAG XB . 28.62 -42.38 58.43
O3 NAG XB . 30.60 -43.92 59.82
O4 NAG XB . 32.49 -45.31 58.16
O5 NAG XB . 29.60 -44.97 55.95
O6 NAG XB . 32.09 -46.28 54.46
O7 NAG XB . 26.59 -43.16 58.95
C1 NAG YB . -31.55 -29.65 -25.29
C2 NAG YB . -31.52 -29.69 -26.82
C3 NAG YB . -32.15 -28.42 -27.39
C4 NAG YB . -33.54 -28.23 -26.82
C5 NAG YB . -33.50 -28.25 -25.30
C6 NAG YB . -34.87 -28.19 -24.67
C7 NAG YB . -29.68 -31.03 -27.75
C8 NAG YB . -28.27 -31.03 -28.23
N2 NAG YB . -30.16 -29.86 -27.31
O3 NAG YB . -32.20 -28.52 -28.81
O4 NAG YB . -34.08 -26.98 -27.26
O5 NAG YB . -32.89 -29.47 -24.84
O6 NAG YB . -35.78 -27.43 -25.46
O7 NAG YB . -30.38 -32.04 -27.77
C1 NAG ZB . -57.21 0.08 14.24
C2 NAG ZB . -55.98 0.89 13.82
C3 NAG ZB . -56.09 2.32 14.34
C4 NAG ZB . -57.43 2.94 13.94
C5 NAG ZB . -58.58 2.04 14.35
C6 NAG ZB . -59.93 2.54 13.88
C7 NAG ZB . -54.41 0.05 15.54
C8 NAG ZB . -55.41 0.49 16.58
N2 NAG ZB . -54.74 0.27 14.26
O3 NAG ZB . -55.02 3.10 13.83
O4 NAG ZB . -57.58 4.21 14.56
O5 NAG ZB . -58.40 0.74 13.79
O6 NAG ZB . -60.65 3.16 14.93
O7 NAG ZB . -53.35 -0.47 15.85
C1 NAG AC . -53.00 -20.02 7.17
C2 NAG AC . -53.42 -18.70 7.81
C3 NAG AC . -54.82 -18.30 7.32
C4 NAG AC . -54.86 -18.31 5.79
C5 NAG AC . -54.38 -19.65 5.26
C6 NAG AC . -54.30 -19.70 3.76
C7 NAG AC . -52.76 -17.93 10.04
C8 NAG AC . -52.85 -18.17 11.52
N2 NAG AC . -53.41 -18.79 9.27
O3 NAG AC . -55.14 -17.00 7.81
O4 NAG AC . -56.20 -18.07 5.35
O5 NAG AC . -53.06 -19.92 5.77
O6 NAG AC . -53.28 -20.59 3.33
O7 NAG AC . -52.12 -16.98 9.58
C1 NAG BC . -32.55 11.09 35.71
C2 NAG BC . -31.29 11.18 36.61
C3 NAG BC . -31.45 10.29 37.84
C4 NAG BC . -32.75 10.59 38.57
C5 NAG BC . -33.91 10.46 37.61
C6 NAG BC . -35.24 10.83 38.23
C7 NAG BC . -28.91 10.57 36.42
C8 NAG BC . -27.81 10.20 35.48
N2 NAG BC . -30.10 10.82 35.86
O3 NAG BC . -30.35 10.50 38.73
O4 NAG BC . -32.93 9.70 39.66
O5 NAG BC . -33.72 11.35 36.50
O6 NAG BC . -35.12 11.96 39.09
O7 NAG BC . -28.74 10.62 37.64
C10 83J CC . -23.28 -9.95 -4.03
C13 83J CC . -23.07 -12.34 -3.04
C15 83J CC . -24.23 -12.86 -3.90
C17 83J CC . -17.39 -8.83 -6.88
C20 83J CC . -25.21 -13.04 -2.93
C21 83J CC . -24.50 -13.15 -5.23
C22 83J CC . -18.09 -9.75 -7.62
C24 83J CC . -25.74 -13.63 -5.59
C26 83J CC . -26.71 -13.81 -4.63
C01 83J CC . -20.51 -9.87 -3.40
C04 83J CC . -21.60 -10.33 -2.44
C07 83J CC . -22.31 -9.23 -4.96
C12 83J CC . -20.12 -8.03 -5.15
C14 83J CC . -18.68 -7.81 -4.73
C16 83J CC . -17.61 -8.08 -5.77
C18 83J CC . -16.58 -7.29 -5.42
C19 83J CC . -16.15 -8.49 -7.25
C23 83J CC . -26.45 -13.52 -3.31
C25 83J CC . -17.58 -10.36 -8.75
C27 83J CC . -19.50 -11.64 -7.30
C29 83J CC . -15.68 -9.13 -8.39
C31 83J CC . -13.85 -9.50 -9.99
C33 83J CC . -12.38 -8.15 -9.19
C35 83J CC . -11.09 -7.36 -8.98
N02 83J CC . -20.95 -9.04 -4.51
N05 83J CC . -22.68 -10.95 -3.17
N08 83J CC . -15.63 -7.55 -6.36
N28 83J CC . -16.33 -10.04 -9.15
N30 83J CC . -14.36 -8.91 -8.94
N32 83J CC . -12.62 -9.03 -10.15
N34 83J CC . -13.45 -8.07 -8.43
O03 83J CC . -20.57 -7.40 -6.04
O06 83J CC . -22.50 -13.05 -2.30
O09 83J CC . -18.40 -7.43 -3.65
O11 83J CC . -19.39 -10.26 -7.46
C1 NAG DC . -15.88 41.23 29.30
C2 NAG DC . -14.56 41.87 28.86
C3 NAG DC . -14.83 43.08 27.97
C4 NAG DC . -15.74 42.68 26.81
C5 NAG DC . -17.00 42.01 27.33
C6 NAG DC . -17.89 41.49 26.23
C7 NAG DC . -14.25 42.91 31.06
C8 NAG DC . -13.28 43.22 32.16
N2 NAG DC . -13.76 42.24 30.01
O3 NAG DC . -13.59 43.57 27.47
O4 NAG DC . -16.10 43.84 26.07
O5 NAG DC . -16.65 40.87 28.14
O6 NAG DC . -17.30 41.66 24.95
O7 NAG DC . -15.42 43.24 31.13
C1 NAG EC . -29.06 32.47 43.19
C2 NAG EC . -30.58 32.37 43.04
C3 NAG EC . -31.27 33.21 44.09
C4 NAG EC . -30.79 32.82 45.48
C5 NAG EC . -29.27 32.91 45.55
C6 NAG EC . -28.72 32.41 46.87
C7 NAG EC . -31.64 31.92 40.87
C8 NAG EC . -32.00 32.49 39.53
N2 NAG EC . -30.99 32.75 41.70
O3 NAG EC . -32.69 33.03 43.99
O4 NAG EC . -31.36 33.70 46.45
O5 NAG EC . -28.69 32.09 44.52
O6 NAG EC . -29.73 32.33 47.86
O7 NAG EC . -31.92 30.77 41.19
C1 NAG FC . -66.73 26.65 28.09
C2 NAG FC . -67.17 27.61 29.20
C3 NAG FC . -68.15 26.93 30.13
C4 NAG FC . -69.31 26.35 29.33
C5 NAG FC . -68.80 25.45 28.21
C6 NAG FC . -69.89 24.94 27.30
C7 NAG FC . -65.39 29.24 29.65
C8 NAG FC . -64.22 29.60 30.52
N2 NAG FC . -66.02 28.10 29.95
O3 NAG FC . -68.64 27.87 31.08
O4 NAG FC . -70.17 25.60 30.18
O5 NAG FC . -67.88 26.19 27.39
O6 NAG FC . -69.77 23.55 27.07
O7 NAG FC . -65.73 29.96 28.71
#